data_2LJY
#
_entry.id   2LJY
#
loop_
_entity.id
_entity.type
_entity.pdbx_description
1 polymer 'Protein E6'
2 non-polymer 'ZINC ION'
#
_entity_poly.entity_id   1
_entity_poly.type   'polypeptide(L)'
_entity_poly.pdbx_seq_one_letter_code
;GAMFQDPQERPRKLPQLCTELQTTIHDIILECVYCKQQLLRREVYDFAFRDLCIVYRDGNPYAVCDKCLKFYSKISEYRH
YSYS
;
_entity_poly.pdbx_strand_id   A,B
#
loop_
_chem_comp.id
_chem_comp.type
_chem_comp.name
_chem_comp.formula
ZN non-polymer 'ZINC ION' 'Zn 2'
#
# COMPACT_ATOMS: atom_id res chain seq x y z
N MET A 3 13.32 10.70 18.53
CA MET A 3 12.94 12.13 18.68
C MET A 3 12.80 12.78 17.31
N PHE A 4 12.16 13.94 17.28
CA PHE A 4 11.96 14.67 16.05
C PHE A 4 11.92 16.17 16.31
N GLN A 5 13.07 16.81 16.14
CA GLN A 5 13.20 18.25 16.36
C GLN A 5 13.95 18.88 15.19
N ASP A 6 14.31 20.16 15.32
CA ASP A 6 15.05 20.88 14.27
C ASP A 6 16.25 20.07 13.79
N PRO A 7 16.60 20.12 12.49
CA PRO A 7 15.92 20.95 11.48
C PRO A 7 14.55 20.43 11.05
N GLN A 8 14.17 19.26 11.56
CA GLN A 8 12.87 18.68 11.23
C GLN A 8 11.76 19.49 11.90
N GLU A 9 10.59 19.53 11.27
CA GLU A 9 9.48 20.31 11.80
C GLU A 9 8.32 19.40 12.22
N ARG A 10 8.45 18.11 11.95
CA ARG A 10 7.43 17.12 12.29
C ARG A 10 6.18 17.34 11.43
N PRO A 11 6.22 16.84 10.19
CA PRO A 11 5.10 16.98 9.25
C PRO A 11 3.81 16.33 9.74
N ARG A 12 2.70 16.84 9.27
CA ARG A 12 1.39 16.33 9.65
C ARG A 12 0.91 15.33 8.59
N LYS A 13 1.76 15.09 7.60
CA LYS A 13 1.44 14.17 6.52
C LYS A 13 2.42 13.00 6.50
N LEU A 14 1.90 11.81 6.26
CA LEU A 14 2.71 10.58 6.22
C LEU A 14 3.88 10.68 5.23
N PRO A 15 3.64 11.01 3.93
CA PRO A 15 4.72 11.11 2.94
C PRO A 15 5.82 12.09 3.36
N GLN A 16 5.42 13.25 3.86
CA GLN A 16 6.37 14.26 4.28
C GLN A 16 7.13 13.82 5.53
N LEU A 17 6.45 13.07 6.40
CA LEU A 17 7.07 12.56 7.62
C LEU A 17 8.25 11.66 7.26
N CYS A 18 8.08 10.89 6.20
CA CYS A 18 9.13 10.00 5.73
C CYS A 18 10.28 10.79 5.13
N THR A 19 9.95 11.93 4.51
CA THR A 19 10.97 12.78 3.89
C THR A 19 11.91 13.35 4.95
N GLU A 20 11.34 13.88 6.03
CA GLU A 20 12.14 14.46 7.10
C GLU A 20 12.92 13.38 7.84
N LEU A 21 12.35 12.18 7.92
CA LEU A 21 12.99 11.06 8.60
C LEU A 21 14.04 10.42 7.69
N GLN A 22 14.14 10.94 6.47
CA GLN A 22 15.10 10.44 5.48
C GLN A 22 14.87 8.96 5.19
N THR A 23 13.61 8.58 5.02
CA THR A 23 13.26 7.20 4.74
C THR A 23 12.05 7.11 3.81
N THR A 24 11.57 5.90 3.59
CA THR A 24 10.43 5.68 2.72
C THR A 24 9.23 5.20 3.53
N ILE A 25 8.05 5.22 2.91
CA ILE A 25 6.83 4.78 3.57
C ILE A 25 6.85 3.27 3.76
N HIS A 26 7.77 2.62 3.07
CA HIS A 26 7.90 1.17 3.14
C HIS A 26 8.81 0.75 4.30
N ASP A 27 9.53 1.72 4.86
CA ASP A 27 10.45 1.43 5.96
C ASP A 27 9.93 1.99 7.28
N ILE A 28 9.33 3.17 7.23
CA ILE A 28 8.82 3.80 8.45
C ILE A 28 7.64 3.01 9.03
N ILE A 29 7.76 2.67 10.30
CA ILE A 29 6.71 1.93 10.99
C ILE A 29 6.08 2.79 12.06
N LEU A 30 4.77 3.00 11.98
CA LEU A 30 4.07 3.82 12.95
C LEU A 30 3.32 2.95 13.95
N GLU A 31 2.98 3.52 15.09
CA GLU A 31 2.27 2.79 16.12
C GLU A 31 0.88 3.38 16.30
N CYS A 32 -0.03 2.58 16.82
CA CYS A 32 -1.40 3.03 17.05
C CYS A 32 -1.45 3.99 18.22
N VAL A 33 -2.33 4.97 18.13
CA VAL A 33 -2.50 5.96 19.18
C VAL A 33 -3.41 5.43 20.29
N TYR A 34 -4.25 4.45 19.95
CA TYR A 34 -5.19 3.91 20.93
C TYR A 34 -4.66 2.64 21.61
N CYS A 35 -4.40 1.59 20.83
CA CYS A 35 -3.90 0.34 21.42
C CYS A 35 -2.38 0.30 21.46
N LYS A 36 -1.74 1.27 20.79
CA LYS A 36 -0.29 1.38 20.75
C LYS A 36 0.36 0.16 20.10
N GLN A 37 -0.34 -0.43 19.13
CA GLN A 37 0.17 -1.59 18.42
C GLN A 37 0.96 -1.13 17.20
N GLN A 38 1.93 -1.94 16.78
CA GLN A 38 2.75 -1.60 15.63
C GLN A 38 1.97 -1.81 14.35
N LEU A 39 1.87 -0.79 13.52
CA LEU A 39 1.15 -0.88 12.27
C LEU A 39 2.03 -1.50 11.19
N LEU A 40 1.58 -2.63 10.64
CA LEU A 40 2.30 -3.30 9.58
C LEU A 40 2.42 -2.37 8.38
N ARG A 41 3.62 -2.30 7.79
CA ARG A 41 3.88 -1.42 6.65
C ARG A 41 2.81 -1.57 5.56
N ARG A 42 2.35 -2.79 5.33
CA ARG A 42 1.34 -3.07 4.32
C ARG A 42 0.05 -2.29 4.61
N GLU A 43 -0.31 -2.22 5.88
CA GLU A 43 -1.53 -1.52 6.28
C GLU A 43 -1.28 -0.02 6.42
N VAL A 44 -0.02 0.36 6.61
CA VAL A 44 0.35 1.76 6.73
C VAL A 44 0.01 2.50 5.44
N TYR A 45 0.12 1.80 4.31
CA TYR A 45 -0.17 2.38 3.01
C TYR A 45 -1.65 2.75 2.90
N ASP A 46 -2.48 2.09 3.69
CA ASP A 46 -3.91 2.34 3.68
C ASP A 46 -4.21 3.75 4.20
N PHE A 47 -3.28 4.28 4.99
CA PHE A 47 -3.40 5.61 5.55
C PHE A 47 -3.39 6.64 4.43
N ALA A 48 -2.55 6.41 3.44
CA ALA A 48 -2.44 7.30 2.28
C ALA A 48 -3.48 6.93 1.23
N PHE A 49 -3.83 5.65 1.21
CA PHE A 49 -4.81 5.14 0.26
C PHE A 49 -6.20 5.71 0.56
N ARG A 50 -6.54 5.74 1.84
CA ARG A 50 -7.82 6.27 2.29
C ARG A 50 -7.64 7.67 2.88
N ASP A 51 -8.70 8.22 3.44
CA ASP A 51 -8.63 9.56 4.05
C ASP A 51 -8.39 9.46 5.54
N LEU A 52 -7.14 9.56 5.93
CA LEU A 52 -6.76 9.49 7.33
C LEU A 52 -5.64 10.48 7.63
N CYS A 53 -5.71 11.10 8.80
CA CYS A 53 -4.70 12.06 9.21
C CYS A 53 -3.84 11.47 10.32
N ILE A 54 -2.63 11.99 10.48
CA ILE A 54 -1.74 11.49 11.51
C ILE A 54 -2.11 12.07 12.86
N VAL A 55 -2.38 11.19 13.81
CA VAL A 55 -2.75 11.59 15.15
C VAL A 55 -1.51 11.70 16.02
N TYR A 56 -1.26 12.87 16.55
CA TYR A 56 -0.10 13.10 17.39
C TYR A 56 -0.47 12.91 18.86
N ARG A 57 0.02 11.83 19.44
CA ARG A 57 -0.25 11.51 20.84
C ARG A 57 0.87 12.08 21.70
N ASP A 58 0.51 13.06 22.53
CA ASP A 58 1.47 13.72 23.43
C ASP A 58 2.44 14.61 22.65
N GLY A 59 3.30 13.98 21.86
CA GLY A 59 4.27 14.71 21.07
C GLY A 59 4.97 13.84 20.06
N ASN A 60 4.33 12.73 19.69
CA ASN A 60 4.89 11.80 18.72
C ASN A 60 3.85 11.44 17.66
N PRO A 61 4.29 11.18 16.41
CA PRO A 61 3.39 10.81 15.33
C PRO A 61 2.88 9.38 15.43
N TYR A 62 1.57 9.22 15.56
CA TYR A 62 0.96 7.91 15.66
C TYR A 62 -0.03 7.73 14.52
N ALA A 63 -0.43 6.50 14.29
CA ALA A 63 -1.38 6.20 13.22
C ALA A 63 -2.54 5.39 13.77
N VAL A 64 -3.57 5.23 12.96
CA VAL A 64 -4.75 4.47 13.34
C VAL A 64 -4.69 3.09 12.71
N CYS A 65 -4.65 2.05 13.53
CA CYS A 65 -4.58 0.69 13.03
C CYS A 65 -5.90 0.24 12.42
N ASP A 66 -5.87 -0.92 11.78
CA ASP A 66 -7.05 -1.49 11.14
C ASP A 66 -8.13 -1.79 12.18
N LYS A 67 -7.70 -1.95 13.42
CA LYS A 67 -8.60 -2.26 14.53
C LYS A 67 -9.36 -1.01 14.96
N CYS A 68 -8.61 0.02 15.32
CA CYS A 68 -9.18 1.28 15.78
C CYS A 68 -9.78 2.11 14.65
N LEU A 69 -9.44 1.76 13.41
CA LEU A 69 -9.93 2.45 12.23
C LEU A 69 -11.44 2.66 12.23
N LYS A 70 -12.19 1.62 12.59
CA LYS A 70 -13.65 1.72 12.60
C LYS A 70 -14.17 2.43 13.85
N PHE A 71 -13.30 2.64 14.83
CA PHE A 71 -13.71 3.33 16.05
C PHE A 71 -13.83 4.83 15.79
N TYR A 72 -12.96 5.36 14.93
CA TYR A 72 -12.97 6.77 14.60
C TYR A 72 -12.84 6.97 13.10
N MET B 3 -6.60 -14.79 -17.99
CA MET B 3 -5.98 -14.65 -19.34
C MET B 3 -6.45 -13.36 -19.99
N PHE B 4 -5.74 -12.94 -21.03
CA PHE B 4 -6.08 -11.72 -21.75
C PHE B 4 -5.81 -11.89 -23.24
N GLN B 5 -6.82 -11.61 -24.05
CA GLN B 5 -6.71 -11.73 -25.50
C GLN B 5 -7.22 -10.47 -26.18
N ASP B 6 -7.24 -10.48 -27.51
CA ASP B 6 -7.72 -9.34 -28.28
C ASP B 6 -9.25 -9.24 -28.16
N PRO B 7 -9.84 -8.06 -28.43
CA PRO B 7 -9.13 -6.84 -28.84
C PRO B 7 -8.64 -6.00 -27.66
N GLN B 8 -8.51 -6.61 -26.49
CA GLN B 8 -8.04 -5.90 -25.31
C GLN B 8 -6.63 -5.38 -25.55
N GLU B 9 -6.31 -4.21 -25.01
CA GLU B 9 -4.99 -3.62 -25.20
C GLU B 9 -3.99 -4.25 -24.24
N ARG B 10 -4.46 -4.54 -23.03
CA ARG B 10 -3.63 -5.18 -22.01
C ARG B 10 -2.37 -4.37 -21.72
N PRO B 11 -2.49 -3.26 -20.97
CA PRO B 11 -1.36 -2.41 -20.63
C PRO B 11 -0.48 -3.04 -19.56
N ARG B 12 0.63 -2.38 -19.24
CA ARG B 12 1.55 -2.89 -18.23
C ARG B 12 1.33 -2.19 -16.89
N LYS B 13 0.34 -1.29 -16.84
CA LYS B 13 0.03 -0.57 -15.63
C LYS B 13 -1.29 -1.05 -15.05
N LEU B 14 -1.26 -1.40 -13.77
CA LEU B 14 -2.43 -1.91 -13.06
C LEU B 14 -3.65 -0.98 -13.16
N PRO B 15 -3.52 0.32 -12.81
CA PRO B 15 -4.66 1.26 -12.88
C PRO B 15 -5.35 1.25 -14.23
N GLN B 16 -4.57 1.27 -15.31
CA GLN B 16 -5.11 1.26 -16.66
C GLN B 16 -5.79 -0.08 -16.98
N LEU B 17 -5.19 -1.16 -16.49
CA LEU B 17 -5.74 -2.49 -16.72
C LEU B 17 -7.11 -2.61 -16.09
N CYS B 18 -7.28 -2.00 -14.92
CA CYS B 18 -8.55 -2.02 -14.22
C CYS B 18 -9.62 -1.30 -15.05
N THR B 19 -9.24 -0.16 -15.62
CA THR B 19 -10.16 0.61 -16.44
C THR B 19 -10.56 -0.16 -17.70
N GLU B 20 -9.59 -0.88 -18.26
CA GLU B 20 -9.83 -1.67 -19.46
C GLU B 20 -10.73 -2.86 -19.15
N LEU B 21 -10.53 -3.45 -17.98
CA LEU B 21 -11.32 -4.59 -17.53
C LEU B 21 -12.70 -4.14 -17.04
N GLN B 22 -12.91 -2.82 -17.03
CA GLN B 22 -14.17 -2.23 -16.58
C GLN B 22 -14.44 -2.59 -15.12
N THR B 23 -13.40 -2.55 -14.31
CA THR B 23 -13.51 -2.86 -12.89
C THR B 23 -12.61 -1.94 -12.07
N THR B 24 -12.51 -2.21 -10.78
CA THR B 24 -11.69 -1.39 -9.90
C THR B 24 -10.49 -2.19 -9.39
N ILE B 25 -9.56 -1.49 -8.75
CA ILE B 25 -8.36 -2.12 -8.21
C ILE B 25 -8.72 -3.00 -7.02
N HIS B 26 -9.91 -2.79 -6.47
CA HIS B 26 -10.39 -3.55 -5.32
C HIS B 26 -10.98 -4.88 -5.77
N ASP B 27 -11.52 -4.91 -6.97
CA ASP B 27 -12.16 -6.10 -7.50
C ASP B 27 -11.24 -6.91 -8.41
N ILE B 28 -10.27 -6.25 -9.03
CA ILE B 28 -9.35 -6.93 -9.93
C ILE B 28 -8.58 -8.03 -9.21
N ILE B 29 -8.42 -9.17 -9.88
CA ILE B 29 -7.71 -10.30 -9.31
C ILE B 29 -6.39 -10.52 -10.05
N LEU B 30 -5.30 -10.46 -9.32
CA LEU B 30 -3.98 -10.65 -9.90
C LEU B 30 -3.31 -11.86 -9.23
N GLU B 31 -2.48 -12.56 -10.00
CA GLU B 31 -1.80 -13.73 -9.46
C GLU B 31 -0.30 -13.49 -9.42
N CYS B 32 0.38 -14.16 -8.49
CA CYS B 32 1.82 -14.00 -8.33
C CYS B 32 2.57 -14.77 -9.42
N VAL B 33 3.61 -14.15 -9.94
CA VAL B 33 4.43 -14.77 -10.97
C VAL B 33 5.35 -15.83 -10.37
N TYR B 34 5.55 -15.75 -9.07
CA TYR B 34 6.41 -16.70 -8.38
C TYR B 34 5.60 -17.74 -7.60
N CYS B 35 4.80 -17.26 -6.65
CA CYS B 35 3.99 -18.14 -5.82
C CYS B 35 2.88 -18.81 -6.64
N LYS B 36 2.51 -18.18 -7.75
CA LYS B 36 1.46 -18.68 -8.65
C LYS B 36 0.09 -18.65 -7.99
N GLN B 37 0.01 -18.01 -6.83
CA GLN B 37 -1.23 -17.91 -6.10
C GLN B 37 -1.89 -16.58 -6.38
N GLN B 38 -3.13 -16.42 -5.93
CA GLN B 38 -3.85 -15.18 -6.15
C GLN B 38 -3.50 -14.17 -5.06
N LEU B 39 -3.16 -12.96 -5.48
CA LEU B 39 -2.78 -11.89 -4.57
C LEU B 39 -3.96 -11.42 -3.73
N LEU B 40 -3.67 -11.07 -2.50
CA LEU B 40 -4.69 -10.58 -1.58
C LEU B 40 -5.05 -9.14 -1.94
N ARG B 41 -6.23 -8.70 -1.52
CA ARG B 41 -6.69 -7.35 -1.81
C ARG B 41 -5.68 -6.32 -1.31
N ARG B 42 -5.09 -6.61 -0.14
CA ARG B 42 -4.10 -5.71 0.45
C ARG B 42 -2.83 -5.68 -0.38
N GLU B 43 -2.47 -6.83 -0.97
CA GLU B 43 -1.26 -6.93 -1.78
C GLU B 43 -1.44 -6.18 -3.10
N VAL B 44 -2.64 -6.23 -3.65
CA VAL B 44 -2.93 -5.53 -4.91
C VAL B 44 -2.80 -4.02 -4.70
N TYR B 45 -3.20 -3.56 -3.51
CA TYR B 45 -3.11 -2.15 -3.17
C TYR B 45 -1.65 -1.71 -3.10
N ASP B 46 -0.81 -2.58 -2.57
CA ASP B 46 0.61 -2.30 -2.44
C ASP B 46 1.25 -2.20 -3.82
N PHE B 47 0.86 -3.12 -4.70
CA PHE B 47 1.38 -3.16 -6.07
C PHE B 47 1.05 -1.85 -6.80
N ALA B 48 -0.13 -1.31 -6.53
CA ALA B 48 -0.57 -0.07 -7.17
C ALA B 48 0.05 1.15 -6.49
N PHE B 49 0.53 0.95 -5.26
CA PHE B 49 1.15 2.03 -4.50
C PHE B 49 2.61 2.19 -4.90
N ARG B 50 3.25 1.08 -5.24
CA ARG B 50 4.64 1.09 -5.65
C ARG B 50 4.76 1.38 -7.14
N ASP B 51 5.93 1.82 -7.55
CA ASP B 51 6.19 2.15 -8.95
C ASP B 51 6.55 0.89 -9.76
N LEU B 52 5.79 -0.17 -9.55
CA LEU B 52 6.04 -1.42 -10.24
C LEU B 52 5.09 -1.59 -11.43
N CYS B 53 5.47 -2.48 -12.34
CA CYS B 53 4.66 -2.75 -13.51
C CYS B 53 4.25 -4.21 -13.51
N ILE B 54 3.24 -4.53 -14.29
CA ILE B 54 2.74 -5.89 -14.37
C ILE B 54 3.61 -6.73 -15.28
N VAL B 55 4.09 -7.85 -14.76
CA VAL B 55 4.92 -8.75 -15.53
C VAL B 55 4.05 -9.80 -16.23
N TYR B 56 4.12 -9.81 -17.54
CA TYR B 56 3.34 -10.74 -18.32
C TYR B 56 4.14 -11.98 -18.62
N ARG B 57 3.73 -13.09 -18.00
CA ARG B 57 4.39 -14.36 -18.18
C ARG B 57 3.39 -15.37 -18.68
N ASP B 58 3.75 -16.09 -19.74
CA ASP B 58 2.88 -17.11 -20.33
C ASP B 58 1.71 -16.49 -21.10
N GLY B 59 1.32 -15.28 -20.71
CA GLY B 59 0.23 -14.59 -21.38
C GLY B 59 -0.77 -14.05 -20.38
N ASN B 60 -0.57 -14.40 -19.12
CA ASN B 60 -1.45 -13.95 -18.05
C ASN B 60 -0.76 -12.83 -17.27
N PRO B 61 -1.49 -11.76 -16.92
CA PRO B 61 -0.93 -10.65 -16.16
C PRO B 61 -0.59 -11.07 -14.73
N TYR B 62 0.67 -11.40 -14.51
CA TYR B 62 1.12 -11.82 -13.20
C TYR B 62 1.73 -10.64 -12.45
N ALA B 63 1.75 -10.72 -11.14
CA ALA B 63 2.31 -9.67 -10.32
C ALA B 63 3.27 -10.23 -9.29
N VAL B 64 3.76 -9.37 -8.43
CA VAL B 64 4.68 -9.76 -7.38
C VAL B 64 4.12 -9.34 -6.03
N CYS B 65 3.83 -10.32 -5.18
CA CYS B 65 3.29 -10.02 -3.87
C CYS B 65 4.39 -9.54 -2.93
N ASP B 66 3.98 -9.05 -1.76
CA ASP B 66 4.93 -8.55 -0.76
C ASP B 66 5.95 -9.62 -0.36
N LYS B 67 5.55 -10.88 -0.50
CA LYS B 67 6.41 -11.99 -0.16
C LYS B 67 7.66 -12.02 -1.04
N CYS B 68 7.46 -12.09 -2.34
CA CYS B 68 8.56 -12.11 -3.29
C CYS B 68 9.19 -10.72 -3.43
N LEU B 69 8.36 -9.69 -3.28
CA LEU B 69 8.80 -8.30 -3.40
C LEU B 69 9.93 -7.94 -2.44
N LYS B 70 9.93 -8.51 -1.25
CA LYS B 70 10.96 -8.20 -0.27
C LYS B 70 12.30 -8.84 -0.64
N PHE B 71 12.26 -9.87 -1.47
CA PHE B 71 13.46 -10.55 -1.89
C PHE B 71 14.20 -9.76 -2.98
N TYR B 72 13.45 -8.96 -3.72
CA TYR B 72 14.04 -8.17 -4.80
C TYR B 72 14.15 -6.69 -4.41
ZN ZN C . -5.29 0.76 17.38
ZN ZN D . 4.63 -14.17 -4.67
N MET A 3 9.06 10.12 20.92
CA MET A 3 10.42 10.15 20.33
C MET A 3 10.57 11.33 19.37
N PHE A 4 9.51 12.13 19.21
CA PHE A 4 9.57 13.28 18.32
C PHE A 4 9.99 14.52 19.09
N GLN A 5 10.77 15.38 18.45
CA GLN A 5 11.25 16.59 19.09
C GLN A 5 10.46 17.81 18.62
N ASP A 6 10.89 18.98 19.03
CA ASP A 6 10.22 20.22 18.67
C ASP A 6 11.22 21.19 18.07
N PRO A 7 10.84 21.92 17.00
CA PRO A 7 9.52 21.82 16.38
C PRO A 7 9.45 20.73 15.32
N GLN A 8 10.36 20.81 14.34
CA GLN A 8 10.41 19.85 13.23
C GLN A 8 9.18 19.94 12.35
N GLU A 9 8.36 20.96 12.58
CA GLU A 9 7.12 21.19 11.82
C GLU A 9 6.04 20.15 12.16
N ARG A 10 6.45 18.87 12.19
CA ARG A 10 5.55 17.76 12.49
C ARG A 10 4.48 17.62 11.41
N PRO A 11 4.88 17.07 10.24
CA PRO A 11 3.96 16.88 9.11
C PRO A 11 2.78 15.99 9.48
N ARG A 12 1.61 16.34 8.97
CA ARG A 12 0.40 15.57 9.25
C ARG A 12 0.12 14.58 8.14
N LYS A 13 1.11 14.34 7.29
CA LYS A 13 0.99 13.41 6.18
C LYS A 13 2.00 12.28 6.32
N LEU A 14 1.50 11.05 6.22
CA LEU A 14 2.33 9.85 6.36
C LEU A 14 3.54 9.84 5.40
N PRO A 15 3.34 10.06 4.08
CA PRO A 15 4.46 10.06 3.11
C PRO A 15 5.59 11.01 3.50
N GLN A 16 5.25 12.13 4.09
CA GLN A 16 6.24 13.13 4.50
C GLN A 16 6.85 12.76 5.85
N LEU A 17 6.08 12.10 6.70
CA LEU A 17 6.54 11.69 8.01
C LEU A 17 7.66 10.66 7.90
N CYS A 18 7.57 9.83 6.87
CA CYS A 18 8.58 8.80 6.62
C CYS A 18 9.96 9.43 6.49
N THR A 19 10.02 10.61 5.88
CA THR A 19 11.28 11.32 5.71
C THR A 19 11.84 11.78 7.05
N GLU A 20 10.95 12.14 7.97
CA GLU A 20 11.36 12.58 9.29
C GLU A 20 12.01 11.44 10.06
N LEU A 21 11.41 10.26 9.96
CA LEU A 21 11.91 9.08 10.66
C LEU A 21 13.05 8.42 9.89
N GLN A 22 13.35 8.94 8.70
CA GLN A 22 14.41 8.41 7.86
C GLN A 22 14.14 6.95 7.51
N THR A 23 12.94 6.69 7.03
CA THR A 23 12.52 5.35 6.67
C THR A 23 11.47 5.39 5.56
N THR A 24 11.01 4.23 5.13
CA THR A 24 10.01 4.14 4.08
C THR A 24 8.65 3.75 4.67
N ILE A 25 7.63 3.73 3.82
CA ILE A 25 6.27 3.38 4.25
C ILE A 25 6.17 1.88 4.51
N HIS A 26 7.21 1.15 4.14
CA HIS A 26 7.24 -0.30 4.32
C HIS A 26 8.04 -0.66 5.56
N ASP A 27 8.61 0.34 6.21
CA ASP A 27 9.43 0.11 7.40
C ASP A 27 9.06 1.06 8.54
N ILE A 28 8.10 1.95 8.29
CA ILE A 28 7.69 2.90 9.30
C ILE A 28 6.81 2.23 10.36
N ILE A 29 7.35 2.11 11.56
CA ILE A 29 6.63 1.49 12.67
C ILE A 29 5.83 2.54 13.42
N LEU A 30 4.59 2.75 13.00
CA LEU A 30 3.71 3.72 13.63
C LEU A 30 2.73 3.02 14.56
N GLU A 31 2.43 3.65 15.68
CA GLU A 31 1.50 3.07 16.65
C GLU A 31 0.16 3.78 16.61
N CYS A 32 -0.88 3.08 17.05
CA CYS A 32 -2.23 3.61 17.08
C CYS A 32 -2.37 4.68 18.16
N VAL A 33 -3.16 5.69 17.87
CA VAL A 33 -3.39 6.80 18.78
C VAL A 33 -4.12 6.34 20.05
N TYR A 34 -5.01 5.37 19.92
CA TYR A 34 -5.78 4.88 21.06
C TYR A 34 -5.30 3.52 21.54
N CYS A 35 -5.12 2.57 20.63
CA CYS A 35 -4.68 1.23 21.00
C CYS A 35 -3.18 1.23 21.31
N LYS A 36 -2.46 2.17 20.71
CA LYS A 36 -1.02 2.31 20.89
C LYS A 36 -0.29 1.08 20.36
N GLN A 37 -0.95 0.34 19.48
CA GLN A 37 -0.38 -0.86 18.90
C GLN A 37 0.34 -0.52 17.61
N GLN A 38 1.36 -1.31 17.29
CA GLN A 38 2.13 -1.09 16.08
C GLN A 38 1.32 -1.51 14.86
N LEU A 39 1.10 -0.57 13.96
CA LEU A 39 0.34 -0.83 12.74
C LEU A 39 1.14 -1.67 11.77
N LEU A 40 0.47 -2.66 11.18
CA LEU A 40 1.12 -3.52 10.20
C LEU A 40 1.25 -2.80 8.88
N ARG A 41 2.17 -3.28 8.05
CA ARG A 41 2.44 -2.66 6.75
C ARG A 41 1.21 -2.65 5.84
N ARG A 42 0.21 -3.48 6.16
CA ARG A 42 -1.02 -3.56 5.38
C ARG A 42 -1.88 -2.30 5.62
N GLU A 43 -2.11 -1.99 6.91
CA GLU A 43 -2.90 -0.84 7.29
C GLU A 43 -2.18 0.47 6.95
N VAL A 44 -0.85 0.43 7.06
CA VAL A 44 -0.04 1.61 6.76
C VAL A 44 -0.21 2.00 5.29
N TYR A 45 -0.30 1.00 4.42
CA TYR A 45 -0.48 1.24 2.98
C TYR A 45 -1.80 1.96 2.74
N ASP A 46 -2.84 1.51 3.42
CA ASP A 46 -4.17 2.12 3.27
C ASP A 46 -4.15 3.57 3.75
N PHE A 47 -3.35 3.82 4.79
CA PHE A 47 -3.20 5.16 5.35
C PHE A 47 -2.45 6.08 4.38
N ALA A 48 -1.52 5.50 3.63
CA ALA A 48 -0.73 6.26 2.67
C ALA A 48 -1.50 6.48 1.38
N PHE A 49 -2.34 5.52 1.03
CA PHE A 49 -3.15 5.61 -0.18
C PHE A 49 -4.28 6.63 -0.01
N ARG A 50 -5.05 6.48 1.06
CA ARG A 50 -6.15 7.40 1.32
C ARG A 50 -5.61 8.65 1.99
N ASP A 51 -6.07 9.81 1.55
CA ASP A 51 -5.61 11.07 2.14
C ASP A 51 -6.23 11.28 3.50
N LEU A 52 -5.49 10.92 4.53
CA LEU A 52 -5.96 11.08 5.90
C LEU A 52 -5.08 12.09 6.63
N CYS A 53 -5.33 12.25 7.91
CA CYS A 53 -4.55 13.17 8.71
C CYS A 53 -3.92 12.44 9.90
N ILE A 54 -2.66 12.71 10.14
CA ILE A 54 -1.97 12.08 11.25
C ILE A 54 -2.31 12.81 12.55
N VAL A 55 -2.74 12.04 13.52
CA VAL A 55 -3.09 12.59 14.83
C VAL A 55 -1.88 12.54 15.76
N TYR A 56 -1.45 13.70 16.20
CA TYR A 56 -0.30 13.76 17.09
C TYR A 56 -0.77 13.76 18.53
N ARG A 57 -0.53 12.66 19.22
CA ARG A 57 -0.90 12.51 20.62
C ARG A 57 0.16 13.15 21.48
N ASP A 58 -0.15 14.33 22.01
CA ASP A 58 0.77 15.10 22.86
C ASP A 58 1.84 15.77 22.01
N GLY A 59 2.44 15.00 21.11
CA GLY A 59 3.48 15.53 20.25
C GLY A 59 4.05 14.46 19.34
N ASN A 60 3.77 13.21 19.68
CA ASN A 60 4.26 12.08 18.88
C ASN A 60 3.27 11.74 17.76
N PRO A 61 3.79 11.40 16.58
CA PRO A 61 2.96 11.04 15.43
C PRO A 61 2.29 9.68 15.62
N TYR A 62 0.99 9.70 15.82
CA TYR A 62 0.24 8.48 16.01
C TYR A 62 -0.68 8.24 14.82
N ALA A 63 -0.90 6.97 14.51
CA ALA A 63 -1.76 6.61 13.41
C ALA A 63 -3.09 6.08 13.90
N VAL A 64 -4.04 5.99 13.00
CA VAL A 64 -5.36 5.50 13.33
C VAL A 64 -5.53 4.10 12.76
N CYS A 65 -5.61 3.11 13.63
CA CYS A 65 -5.76 1.73 13.19
C CYS A 65 -7.14 1.52 12.59
N ASP A 66 -7.33 0.36 11.96
CA ASP A 66 -8.62 0.03 11.35
C ASP A 66 -9.71 -0.04 12.40
N LYS A 67 -9.31 -0.24 13.64
CA LYS A 67 -10.22 -0.32 14.77
C LYS A 67 -10.71 1.08 15.16
N CYS A 68 -9.76 1.95 15.48
CA CYS A 68 -10.06 3.31 15.90
C CYS A 68 -10.58 4.15 14.72
N LEU A 69 -10.33 3.68 13.51
CA LEU A 69 -10.80 4.37 12.31
C LEU A 69 -12.33 4.44 12.30
N LYS A 70 -12.96 3.44 12.91
CA LYS A 70 -14.40 3.38 12.99
C LYS A 70 -14.92 4.24 14.14
N PHE A 71 -14.01 4.65 15.02
CA PHE A 71 -14.37 5.47 16.17
C PHE A 71 -14.59 6.92 15.78
N TYR A 72 -13.62 7.50 15.08
CA TYR A 72 -13.71 8.90 14.66
C TYR A 72 -13.83 9.00 13.15
N MET B 3 -8.05 -14.22 -16.28
CA MET B 3 -7.48 -14.29 -17.64
C MET B 3 -8.20 -13.31 -18.56
N PHE B 4 -7.52 -12.89 -19.63
CA PHE B 4 -8.09 -11.96 -20.58
C PHE B 4 -8.29 -12.65 -21.93
N GLN B 5 -8.97 -11.98 -22.84
CA GLN B 5 -9.21 -12.54 -24.17
C GLN B 5 -9.19 -11.45 -25.24
N ASP B 6 -9.22 -11.87 -26.49
CA ASP B 6 -9.21 -10.95 -27.61
C ASP B 6 -10.51 -10.15 -27.65
N PRO B 7 -10.48 -8.88 -28.09
CA PRO B 7 -9.28 -8.19 -28.55
C PRO B 7 -8.63 -7.31 -27.48
N GLN B 8 -8.65 -7.76 -26.23
CA GLN B 8 -8.03 -7.01 -25.14
C GLN B 8 -6.52 -7.18 -25.18
N GLU B 9 -5.82 -6.09 -25.52
CA GLU B 9 -4.36 -6.12 -25.61
C GLU B 9 -3.71 -6.07 -24.23
N ARG B 10 -4.48 -5.62 -23.23
CA ARG B 10 -4.02 -5.51 -21.84
C ARG B 10 -3.03 -4.36 -21.65
N PRO B 11 -3.25 -3.54 -20.61
CA PRO B 11 -2.37 -2.41 -20.30
C PRO B 11 -1.06 -2.84 -19.64
N ARG B 12 -0.32 -1.90 -19.06
CA ARG B 12 0.94 -2.23 -18.41
C ARG B 12 0.98 -1.71 -16.98
N LYS B 13 -0.10 -1.06 -16.55
CA LYS B 13 -0.17 -0.52 -15.20
C LYS B 13 -1.40 -1.08 -14.48
N LEU B 14 -1.23 -1.41 -13.20
CA LEU B 14 -2.30 -1.97 -12.38
C LEU B 14 -3.60 -1.13 -12.42
N PRO B 15 -3.54 0.19 -12.13
CA PRO B 15 -4.72 1.05 -12.15
C PRO B 15 -5.54 0.94 -13.44
N GLN B 16 -4.85 0.72 -14.56
CA GLN B 16 -5.52 0.60 -15.85
C GLN B 16 -6.11 -0.80 -16.03
N LEU B 17 -5.47 -1.79 -15.43
CA LEU B 17 -5.92 -3.18 -15.52
C LEU B 17 -7.23 -3.37 -14.77
N CYS B 18 -7.36 -2.71 -13.63
CA CYS B 18 -8.57 -2.80 -12.82
C CYS B 18 -9.80 -2.34 -13.62
N THR B 19 -9.63 -1.28 -14.40
CA THR B 19 -10.71 -0.76 -15.21
C THR B 19 -11.11 -1.75 -16.30
N GLU B 20 -10.13 -2.47 -16.84
CA GLU B 20 -10.40 -3.46 -17.88
C GLU B 20 -11.20 -4.63 -17.31
N LEU B 21 -11.00 -4.92 -16.04
CA LEU B 21 -11.73 -5.99 -15.39
C LEU B 21 -12.99 -5.47 -14.72
N GLN B 22 -13.23 -4.16 -14.87
CA GLN B 22 -14.40 -3.50 -14.30
C GLN B 22 -14.46 -3.70 -12.79
N THR B 23 -13.34 -3.47 -12.12
CA THR B 23 -13.26 -3.63 -10.69
C THR B 23 -12.23 -2.67 -10.11
N THR B 24 -12.04 -2.69 -8.80
CA THR B 24 -11.08 -1.82 -8.15
C THR B 24 -9.83 -2.59 -7.76
N ILE B 25 -8.88 -1.91 -7.16
CA ILE B 25 -7.63 -2.52 -6.73
C ILE B 25 -7.82 -3.25 -5.40
N HIS B 26 -9.00 -3.10 -4.81
CA HIS B 26 -9.31 -3.73 -3.54
C HIS B 26 -9.76 -5.18 -3.75
N ASP B 27 -10.21 -5.48 -4.96
CA ASP B 27 -10.67 -6.82 -5.29
C ASP B 27 -10.39 -7.14 -6.75
N ILE B 28 -9.21 -7.67 -7.02
CA ILE B 28 -8.80 -8.02 -8.36
C ILE B 28 -8.06 -9.36 -8.37
N ILE B 29 -8.32 -10.19 -9.37
CA ILE B 29 -7.66 -11.49 -9.47
C ILE B 29 -6.27 -11.32 -10.07
N LEU B 30 -5.28 -11.20 -9.20
CA LEU B 30 -3.90 -11.02 -9.63
C LEU B 30 -2.99 -12.06 -8.97
N GLU B 31 -2.13 -12.68 -9.77
CA GLU B 31 -1.22 -13.70 -9.26
C GLU B 31 0.22 -13.38 -9.67
N CYS B 32 1.16 -14.12 -9.09
CA CYS B 32 2.57 -13.93 -9.38
C CYS B 32 2.94 -14.62 -10.69
N VAL B 33 3.85 -14.00 -11.42
CA VAL B 33 4.31 -14.53 -12.70
C VAL B 33 5.28 -15.71 -12.53
N TYR B 34 5.99 -15.73 -11.40
CA TYR B 34 6.97 -16.78 -11.16
C TYR B 34 6.47 -17.77 -10.10
N CYS B 35 6.05 -17.26 -8.96
CA CYS B 35 5.58 -18.10 -7.86
C CYS B 35 4.17 -18.62 -8.14
N LYS B 36 3.44 -17.91 -9.00
CA LYS B 36 2.07 -18.26 -9.37
C LYS B 36 1.14 -18.16 -8.15
N GLN B 37 1.60 -17.46 -7.14
CA GLN B 37 0.84 -17.26 -5.91
C GLN B 37 -0.07 -16.05 -6.06
N GLN B 38 -1.32 -16.17 -5.61
CA GLN B 38 -2.25 -15.05 -5.68
C GLN B 38 -1.81 -13.97 -4.70
N LEU B 39 -1.63 -12.76 -5.23
CA LEU B 39 -1.18 -11.65 -4.40
C LEU B 39 -2.28 -11.20 -3.45
N LEU B 40 -1.89 -10.88 -2.23
CA LEU B 40 -2.84 -10.41 -1.23
C LEU B 40 -3.03 -8.91 -1.42
N ARG B 41 -4.10 -8.36 -0.85
CA ARG B 41 -4.36 -6.92 -0.99
C ARG B 41 -3.16 -6.11 -0.48
N ARG B 42 -2.49 -6.65 0.53
CA ARG B 42 -1.31 -6.01 1.10
C ARG B 42 -0.20 -5.88 0.06
N GLU B 43 -0.07 -6.89 -0.80
CA GLU B 43 0.95 -6.90 -1.83
C GLU B 43 0.49 -6.10 -3.04
N VAL B 44 -0.80 -6.22 -3.37
CA VAL B 44 -1.37 -5.52 -4.51
C VAL B 44 -1.34 -4.01 -4.26
N TYR B 45 -1.54 -3.62 -3.00
CA TYR B 45 -1.54 -2.22 -2.61
C TYR B 45 -0.18 -1.57 -2.89
N ASP B 46 0.89 -2.34 -2.73
CA ASP B 46 2.22 -1.83 -2.99
C ASP B 46 2.43 -1.61 -4.47
N PHE B 47 1.91 -2.53 -5.27
CA PHE B 47 2.01 -2.46 -6.73
C PHE B 47 1.21 -1.26 -7.26
N ALA B 48 0.12 -0.95 -6.58
CA ALA B 48 -0.73 0.16 -6.98
C ALA B 48 -0.11 1.50 -6.55
N PHE B 49 0.64 1.47 -5.46
CA PHE B 49 1.29 2.67 -4.95
C PHE B 49 2.57 2.97 -5.72
N ARG B 50 3.45 1.99 -5.78
CA ARG B 50 4.72 2.14 -6.48
C ARG B 50 4.57 1.77 -7.95
N ASP B 51 4.84 2.74 -8.82
CA ASP B 51 4.71 2.55 -10.27
C ASP B 51 5.57 1.39 -10.75
N LEU B 52 4.92 0.29 -11.08
CA LEU B 52 5.59 -0.91 -11.58
C LEU B 52 4.86 -1.42 -12.82
N CYS B 53 5.55 -2.22 -13.60
CA CYS B 53 4.98 -2.78 -14.82
C CYS B 53 4.46 -4.19 -14.60
N ILE B 54 3.30 -4.47 -15.20
CA ILE B 54 2.69 -5.78 -15.09
C ILE B 54 3.31 -6.75 -16.09
N VAL B 55 3.60 -7.96 -15.63
CA VAL B 55 4.21 -8.96 -16.48
C VAL B 55 3.14 -9.95 -16.96
N TYR B 56 2.88 -9.95 -18.25
CA TYR B 56 1.88 -10.83 -18.82
C TYR B 56 2.51 -12.07 -19.42
N ARG B 57 2.29 -13.20 -18.79
CA ARG B 57 2.84 -14.47 -19.26
C ARG B 57 1.83 -15.09 -20.23
N ASP B 58 2.18 -15.08 -21.51
CA ASP B 58 1.34 -15.64 -22.58
C ASP B 58 0.16 -14.72 -22.85
N GLY B 59 -0.79 -14.70 -21.91
CA GLY B 59 -1.96 -13.86 -22.05
C GLY B 59 -2.71 -13.72 -20.74
N ASN B 60 -2.00 -13.95 -19.65
CA ASN B 60 -2.59 -13.84 -18.32
C ASN B 60 -1.91 -12.74 -17.51
N PRO B 61 -2.68 -11.90 -16.79
CA PRO B 61 -2.12 -10.81 -15.99
C PRO B 61 -1.44 -11.31 -14.72
N TYR B 62 -0.14 -11.04 -14.62
CA TYR B 62 0.63 -11.44 -13.46
C TYR B 62 1.39 -10.25 -12.90
N ALA B 63 1.53 -10.21 -11.59
CA ALA B 63 2.25 -9.12 -10.96
C ALA B 63 3.48 -9.65 -10.25
N VAL B 64 4.25 -8.73 -9.69
CA VAL B 64 5.46 -9.11 -8.98
C VAL B 64 5.15 -9.18 -7.49
N CYS B 65 5.19 -10.38 -6.94
CA CYS B 65 4.89 -10.58 -5.53
C CYS B 65 6.02 -10.05 -4.66
N ASP B 66 5.76 -10.04 -3.36
CA ASP B 66 6.74 -9.58 -2.38
C ASP B 66 7.99 -10.45 -2.43
N LYS B 67 7.80 -11.70 -2.86
CA LYS B 67 8.91 -12.65 -2.97
C LYS B 67 9.79 -12.29 -4.16
N CYS B 68 9.17 -12.14 -5.32
CA CYS B 68 9.89 -11.80 -6.54
C CYS B 68 10.48 -10.40 -6.45
N LEU B 69 9.79 -9.51 -5.75
CA LEU B 69 10.28 -8.15 -5.57
C LEU B 69 11.59 -8.16 -4.80
N LYS B 70 11.73 -9.14 -3.93
CA LYS B 70 12.93 -9.30 -3.15
C LYS B 70 14.03 -9.99 -3.98
N PHE B 71 13.60 -10.74 -4.99
CA PHE B 71 14.53 -11.44 -5.87
C PHE B 71 15.17 -10.47 -6.87
N TYR B 72 14.34 -9.69 -7.54
CA TYR B 72 14.81 -8.75 -8.54
C TYR B 72 14.82 -7.32 -7.99
ZN ZN C . -6.60 2.01 17.44
ZN ZN D . 6.67 -14.23 -7.15
N MET A 3 8.35 7.01 20.13
CA MET A 3 8.10 8.27 20.87
C MET A 3 9.06 9.36 20.40
N PHE A 4 8.53 10.56 20.16
CA PHE A 4 9.36 11.68 19.72
C PHE A 4 9.78 12.51 20.92
N GLN A 5 10.86 13.27 20.75
CA GLN A 5 11.36 14.10 21.82
C GLN A 5 11.76 15.49 21.31
N ASP A 6 11.88 16.43 22.23
CA ASP A 6 12.25 17.80 21.90
C ASP A 6 13.66 17.82 21.27
N PRO A 7 13.92 18.74 20.32
CA PRO A 7 12.97 19.73 19.85
C PRO A 7 12.18 19.31 18.62
N GLN A 8 11.99 18.01 18.45
CA GLN A 8 11.24 17.49 17.32
C GLN A 8 9.75 17.67 17.57
N GLU A 9 9.18 18.71 16.98
CA GLU A 9 7.77 19.02 17.17
C GLU A 9 6.87 18.19 16.27
N ARG A 10 7.44 17.17 15.63
CA ARG A 10 6.70 16.26 14.75
C ARG A 10 6.24 16.96 13.47
N PRO A 11 6.24 16.25 12.34
CA PRO A 11 5.82 16.80 11.05
C PRO A 11 4.29 16.84 10.93
N ARG A 12 3.79 16.78 9.70
CA ARG A 12 2.36 16.81 9.47
C ARG A 12 1.87 15.58 8.71
N LYS A 13 2.59 15.22 7.64
CA LYS A 13 2.19 14.08 6.82
C LYS A 13 3.11 12.88 7.04
N LEU A 14 2.64 11.72 6.60
CA LEU A 14 3.38 10.46 6.73
C LEU A 14 4.73 10.48 6.02
N PRO A 15 4.80 10.89 4.73
CA PRO A 15 6.07 10.94 3.99
C PRO A 15 7.18 11.68 4.75
N GLN A 16 6.79 12.72 5.46
CA GLN A 16 7.73 13.51 6.23
C GLN A 16 8.17 12.74 7.47
N LEU A 17 7.21 12.14 8.16
CA LEU A 17 7.47 11.38 9.38
C LEU A 17 8.46 10.27 9.13
N CYS A 18 8.40 9.67 7.94
CA CYS A 18 9.31 8.59 7.60
C CYS A 18 10.76 9.10 7.63
N THR A 19 10.96 10.31 7.12
CA THR A 19 12.27 10.91 7.10
C THR A 19 12.73 11.29 8.50
N GLU A 20 11.79 11.83 9.29
CA GLU A 20 12.09 12.23 10.68
C GLU A 20 12.51 11.00 11.49
N LEU A 21 11.90 9.86 11.17
CA LEU A 21 12.19 8.61 11.86
C LEU A 21 13.39 7.91 11.24
N GLN A 22 13.96 8.53 10.21
CA GLN A 22 15.13 7.99 9.52
C GLN A 22 14.83 6.61 8.93
N THR A 23 13.69 6.48 8.28
CA THR A 23 13.30 5.22 7.67
C THR A 23 12.39 5.47 6.46
N THR A 24 11.82 4.41 5.92
CA THR A 24 10.94 4.52 4.77
C THR A 24 9.52 4.16 5.15
N ILE A 25 8.61 4.31 4.19
CA ILE A 25 7.20 4.00 4.41
C ILE A 25 6.96 2.48 4.40
N HIS A 26 8.03 1.74 4.12
CA HIS A 26 7.94 0.28 4.06
C HIS A 26 8.36 -0.35 5.38
N ASP A 27 9.10 0.40 6.19
CA ASP A 27 9.58 -0.11 7.47
C ASP A 27 9.24 0.85 8.61
N ILE A 28 8.26 1.70 8.39
CA ILE A 28 7.85 2.65 9.41
C ILE A 28 6.89 2.00 10.41
N ILE A 29 7.16 2.19 11.69
CA ILE A 29 6.34 1.62 12.74
C ILE A 29 5.39 2.67 13.30
N LEU A 30 4.09 2.45 13.12
CA LEU A 30 3.08 3.38 13.61
C LEU A 30 2.03 2.63 14.41
N GLU A 31 1.41 3.30 15.36
CA GLU A 31 0.38 2.67 16.19
C GLU A 31 -0.91 3.48 16.13
N CYS A 32 -2.02 2.84 16.47
CA CYS A 32 -3.31 3.49 16.47
C CYS A 32 -3.44 4.49 17.62
N VAL A 33 -4.11 5.59 17.36
CA VAL A 33 -4.31 6.63 18.36
C VAL A 33 -5.40 6.21 19.36
N TYR A 34 -6.28 5.32 18.95
CA TYR A 34 -7.37 4.88 19.81
C TYR A 34 -7.15 3.47 20.33
N CYS A 35 -6.92 2.54 19.41
CA CYS A 35 -6.73 1.14 19.76
C CYS A 35 -5.32 0.88 20.29
N LYS A 36 -4.39 1.77 19.97
CA LYS A 36 -2.99 1.65 20.38
C LYS A 36 -2.35 0.41 19.74
N GLN A 37 -3.04 -0.13 18.75
CA GLN A 37 -2.59 -1.31 18.05
C GLN A 37 -1.51 -0.93 17.04
N GLN A 38 -0.51 -1.77 16.88
CA GLN A 38 0.57 -1.52 15.94
C GLN A 38 0.06 -1.71 14.51
N LEU A 39 0.11 -0.64 13.73
CA LEU A 39 -0.35 -0.68 12.35
C LEU A 39 0.62 -1.45 11.48
N LEU A 40 0.10 -2.39 10.71
CA LEU A 40 0.90 -3.20 9.81
C LEU A 40 1.14 -2.44 8.50
N ARG A 41 2.03 -2.96 7.67
CA ARG A 41 2.35 -2.33 6.39
C ARG A 41 1.12 -2.23 5.48
N ARG A 42 0.12 -3.05 5.74
CA ARG A 42 -1.10 -3.04 4.92
C ARG A 42 -1.85 -1.74 5.12
N GLU A 43 -2.13 -1.41 6.38
CA GLU A 43 -2.84 -0.18 6.72
C GLU A 43 -1.98 1.03 6.44
N VAL A 44 -0.66 0.86 6.56
CA VAL A 44 0.27 1.95 6.28
C VAL A 44 0.15 2.35 4.80
N TYR A 45 0.06 1.34 3.93
CA TYR A 45 -0.10 1.58 2.51
C TYR A 45 -1.47 2.18 2.23
N ASP A 46 -2.47 1.71 2.96
CA ASP A 46 -3.84 2.20 2.82
C ASP A 46 -3.89 3.68 3.20
N PHE A 47 -3.07 4.04 4.19
CA PHE A 47 -2.99 5.42 4.67
C PHE A 47 -2.32 6.29 3.60
N ALA A 48 -1.20 5.81 3.08
CA ALA A 48 -0.45 6.52 2.04
C ALA A 48 -1.23 6.59 0.73
N PHE A 49 -2.20 5.71 0.58
CA PHE A 49 -3.02 5.66 -0.63
C PHE A 49 -4.00 6.84 -0.65
N ARG A 50 -4.15 7.50 0.50
CA ARG A 50 -5.04 8.63 0.62
C ARG A 50 -4.27 9.83 1.18
N ASP A 51 -4.98 10.95 1.35
CA ASP A 51 -4.34 12.15 1.87
C ASP A 51 -4.89 12.49 3.26
N LEU A 52 -4.53 11.66 4.23
CA LEU A 52 -4.98 11.84 5.60
C LEU A 52 -3.88 12.47 6.44
N CYS A 53 -4.28 13.06 7.56
CA CYS A 53 -3.33 13.69 8.46
C CYS A 53 -3.02 12.76 9.62
N ILE A 54 -1.80 12.84 10.11
CA ILE A 54 -1.38 12.02 11.23
C ILE A 54 -1.85 12.63 12.53
N VAL A 55 -2.34 11.80 13.43
CA VAL A 55 -2.81 12.27 14.72
C VAL A 55 -1.76 12.04 15.79
N TYR A 56 -1.18 13.12 16.28
CA TYR A 56 -0.16 13.01 17.31
C TYR A 56 -0.77 13.22 18.68
N ARG A 57 -0.85 12.14 19.45
CA ARG A 57 -1.42 12.20 20.78
C ARG A 57 -0.31 12.19 21.82
N ASP A 58 -0.19 13.31 22.54
CA ASP A 58 0.81 13.49 23.60
C ASP A 58 2.22 13.63 23.04
N GLY A 59 2.36 13.43 21.73
CA GLY A 59 3.65 13.55 21.10
C GLY A 59 4.08 12.27 20.40
N ASN A 60 3.31 11.22 20.61
CA ASN A 60 3.60 9.93 20.00
C ASN A 60 2.97 9.87 18.61
N PRO A 61 3.66 9.26 17.62
CA PRO A 61 3.15 9.16 16.25
C PRO A 61 2.06 8.11 16.11
N TYR A 62 0.81 8.56 16.17
CA TYR A 62 -0.31 7.66 16.06
C TYR A 62 -1.08 7.91 14.76
N ALA A 63 -1.87 6.94 14.37
CA ALA A 63 -2.67 7.04 13.17
C ALA A 63 -3.99 6.32 13.36
N VAL A 64 -4.81 6.31 12.32
CA VAL A 64 -6.09 5.64 12.37
C VAL A 64 -5.98 4.27 11.71
N CYS A 65 -6.33 3.23 12.46
CA CYS A 65 -6.25 1.88 11.94
C CYS A 65 -7.39 1.61 10.98
N ASP A 66 -7.40 0.42 10.40
CA ASP A 66 -8.43 0.02 9.46
C ASP A 66 -9.80 0.07 10.13
N LYS A 67 -9.80 -0.06 11.46
CA LYS A 67 -11.02 -0.02 12.24
C LYS A 67 -11.49 1.42 12.42
N CYS A 68 -10.61 2.25 13.00
CA CYS A 68 -10.93 3.65 13.26
C CYS A 68 -11.31 4.39 11.98
N LEU A 69 -10.64 4.05 10.88
CA LEU A 69 -10.93 4.67 9.59
C LEU A 69 -12.41 4.55 9.23
N LYS A 70 -12.96 3.37 9.48
CA LYS A 70 -14.35 3.10 9.19
C LYS A 70 -15.29 3.62 10.28
N PHE A 71 -14.83 3.58 11.53
CA PHE A 71 -15.66 4.03 12.66
C PHE A 71 -15.76 5.55 12.74
N TYR A 72 -14.74 6.25 12.27
CA TYR A 72 -14.73 7.70 12.32
C TYR A 72 -14.85 8.29 10.91
N MET B 3 -8.90 -16.77 -17.33
CA MET B 3 -8.20 -15.96 -18.35
C MET B 3 -8.94 -14.66 -18.58
N PHE B 4 -8.26 -13.70 -19.20
CA PHE B 4 -8.87 -12.40 -19.48
C PHE B 4 -9.10 -12.23 -20.97
N GLN B 5 -10.35 -12.03 -21.34
CA GLN B 5 -10.73 -11.86 -22.74
C GLN B 5 -11.79 -10.77 -22.87
N ASP B 6 -12.27 -10.57 -24.10
CA ASP B 6 -13.31 -9.56 -24.39
C ASP B 6 -14.45 -9.60 -23.36
N PRO B 7 -14.97 -8.43 -22.96
CA PRO B 7 -14.55 -7.11 -23.47
C PRO B 7 -13.26 -6.59 -22.84
N GLN B 8 -12.74 -7.32 -21.86
CA GLN B 8 -11.50 -6.91 -21.19
C GLN B 8 -10.35 -6.92 -22.18
N GLU B 9 -9.71 -5.76 -22.35
CA GLU B 9 -8.61 -5.62 -23.30
C GLU B 9 -7.28 -5.99 -22.65
N ARG B 10 -7.25 -6.03 -21.33
CA ARG B 10 -6.06 -6.37 -20.56
C ARG B 10 -5.00 -5.29 -20.68
N PRO B 11 -5.05 -4.27 -19.82
CA PRO B 11 -4.09 -3.18 -19.81
C PRO B 11 -2.79 -3.59 -19.12
N ARG B 12 -1.81 -2.70 -19.10
CA ARG B 12 -0.53 -3.01 -18.47
C ARG B 12 -0.37 -2.24 -17.17
N LYS B 13 -1.46 -1.61 -16.71
CA LYS B 13 -1.45 -0.86 -15.47
C LYS B 13 -2.55 -1.36 -14.54
N LEU B 14 -2.16 -1.65 -13.29
CA LEU B 14 -3.07 -2.18 -12.27
C LEU B 14 -4.36 -1.36 -12.09
N PRO B 15 -4.29 -0.03 -11.88
CA PRO B 15 -5.50 0.81 -11.68
C PRO B 15 -6.52 0.63 -12.80
N GLN B 16 -6.03 0.45 -14.02
CA GLN B 16 -6.90 0.29 -15.18
C GLN B 16 -7.44 -1.15 -15.26
N LEU B 17 -6.66 -2.10 -14.78
CA LEU B 17 -7.04 -3.50 -14.78
C LEU B 17 -8.22 -3.72 -13.82
N CYS B 18 -8.20 -2.99 -12.72
CA CYS B 18 -9.26 -3.09 -11.72
C CYS B 18 -10.61 -2.72 -12.32
N THR B 19 -10.63 -1.67 -13.13
CA THR B 19 -11.86 -1.21 -13.77
C THR B 19 -12.42 -2.29 -14.70
N GLU B 20 -11.53 -2.98 -15.40
CA GLU B 20 -11.94 -4.04 -16.32
C GLU B 20 -12.56 -5.21 -15.55
N LEU B 21 -11.96 -5.54 -14.42
CA LEU B 21 -12.45 -6.63 -13.58
C LEU B 21 -13.68 -6.18 -12.79
N GLN B 22 -13.96 -4.87 -12.86
CA GLN B 22 -15.10 -4.26 -12.18
C GLN B 22 -14.97 -4.33 -10.66
N THR B 23 -13.74 -4.15 -10.17
CA THR B 23 -13.48 -4.17 -8.74
C THR B 23 -12.40 -3.15 -8.38
N THR B 24 -11.96 -3.15 -7.14
CA THR B 24 -10.96 -2.20 -6.69
C THR B 24 -9.66 -2.89 -6.28
N ILE B 25 -8.63 -2.10 -6.01
CA ILE B 25 -7.33 -2.60 -5.61
C ILE B 25 -7.37 -3.17 -4.19
N HIS B 26 -8.50 -3.02 -3.53
CA HIS B 26 -8.66 -3.51 -2.17
C HIS B 26 -9.36 -4.87 -2.16
N ASP B 27 -9.75 -5.35 -3.34
CA ASP B 27 -10.44 -6.63 -3.45
C ASP B 27 -9.77 -7.55 -4.48
N ILE B 28 -9.24 -6.96 -5.54
CA ILE B 28 -8.58 -7.73 -6.60
C ILE B 28 -7.35 -8.48 -6.06
N ILE B 29 -7.31 -9.78 -6.30
CA ILE B 29 -6.19 -10.61 -5.87
C ILE B 29 -5.45 -11.15 -7.09
N LEU B 30 -4.17 -10.84 -7.19
CA LEU B 30 -3.36 -11.28 -8.30
C LEU B 30 -2.30 -12.28 -7.83
N GLU B 31 -1.75 -13.05 -8.75
CA GLU B 31 -0.74 -14.04 -8.41
C GLU B 31 0.62 -13.64 -8.97
N CYS B 32 1.69 -14.14 -8.36
CA CYS B 32 3.03 -13.83 -8.81
C CYS B 32 3.32 -14.53 -10.13
N VAL B 33 4.07 -13.86 -10.99
CA VAL B 33 4.41 -14.43 -12.28
C VAL B 33 5.57 -15.43 -12.16
N TYR B 34 6.37 -15.28 -11.11
CA TYR B 34 7.51 -16.17 -10.91
C TYR B 34 7.25 -17.17 -9.79
N CYS B 35 6.80 -16.69 -8.65
CA CYS B 35 6.52 -17.56 -7.52
C CYS B 35 5.15 -18.21 -7.66
N LYS B 36 4.29 -17.56 -8.45
CA LYS B 36 2.93 -18.04 -8.71
C LYS B 36 2.10 -18.07 -7.42
N GLN B 37 2.54 -17.32 -6.42
CA GLN B 37 1.84 -17.26 -5.15
C GLN B 37 0.87 -16.10 -5.17
N GLN B 38 -0.16 -16.17 -4.33
CA GLN B 38 -1.17 -15.12 -4.27
C GLN B 38 -0.63 -13.88 -3.56
N LEU B 39 -0.75 -12.74 -4.24
CA LEU B 39 -0.29 -11.47 -3.68
C LEU B 39 -1.37 -10.87 -2.80
N LEU B 40 -0.97 -10.48 -1.59
CA LEU B 40 -1.90 -9.87 -0.66
C LEU B 40 -2.13 -8.42 -1.04
N ARG B 41 -3.26 -7.85 -0.63
CA ARG B 41 -3.60 -6.47 -0.96
C ARG B 41 -2.46 -5.52 -0.59
N ARG B 42 -1.70 -5.89 0.43
CA ARG B 42 -0.56 -5.09 0.88
C ARG B 42 0.45 -4.93 -0.25
N GLU B 43 0.80 -6.04 -0.88
CA GLU B 43 1.78 -6.03 -1.98
C GLU B 43 1.15 -5.38 -3.21
N VAL B 44 -0.16 -5.57 -3.35
CA VAL B 44 -0.90 -5.01 -4.48
C VAL B 44 -0.89 -3.48 -4.42
N TYR B 45 -0.93 -2.93 -3.21
CA TYR B 45 -0.90 -1.49 -3.02
C TYR B 45 0.45 -0.93 -3.46
N ASP B 46 1.50 -1.68 -3.18
CA ASP B 46 2.85 -1.27 -3.56
C ASP B 46 3.00 -1.27 -5.07
N PHE B 47 2.26 -2.18 -5.71
CA PHE B 47 2.28 -2.28 -7.17
C PHE B 47 1.75 -0.99 -7.80
N ALA B 48 0.79 -0.38 -7.12
CA ALA B 48 0.21 0.89 -7.57
C ALA B 48 1.02 2.07 -7.05
N PHE B 49 1.73 1.84 -5.95
CA PHE B 49 2.57 2.87 -5.32
C PHE B 49 3.84 3.10 -6.13
N ARG B 50 4.44 2.02 -6.59
CA ARG B 50 5.65 2.10 -7.39
C ARG B 50 5.30 1.94 -8.87
N ASP B 51 6.22 2.33 -9.75
CA ASP B 51 5.97 2.22 -11.18
C ASP B 51 6.25 0.81 -11.65
N LEU B 52 5.19 0.05 -11.91
CA LEU B 52 5.32 -1.33 -12.35
C LEU B 52 4.38 -1.60 -13.52
N CYS B 53 4.55 -2.76 -14.12
CA CYS B 53 3.71 -3.18 -15.24
C CYS B 53 3.12 -4.55 -14.97
N ILE B 54 1.98 -4.84 -15.55
CA ILE B 54 1.33 -6.12 -15.35
C ILE B 54 1.97 -7.19 -16.23
N VAL B 55 2.33 -8.30 -15.62
CA VAL B 55 2.94 -9.41 -16.34
C VAL B 55 1.86 -10.41 -16.71
N TYR B 56 1.86 -10.84 -17.97
CA TYR B 56 0.85 -11.78 -18.43
C TYR B 56 1.46 -13.13 -18.74
N ARG B 57 1.04 -14.13 -17.97
CA ARG B 57 1.51 -15.48 -18.15
C ARG B 57 0.43 -16.29 -18.84
N ASP B 58 0.70 -16.70 -20.08
CA ASP B 58 -0.24 -17.47 -20.89
C ASP B 58 -1.41 -16.60 -21.34
N GLY B 59 -2.34 -16.37 -20.42
CA GLY B 59 -3.50 -15.54 -20.72
C GLY B 59 -4.15 -15.01 -19.45
N ASN B 60 -3.36 -14.93 -18.38
CA ASN B 60 -3.86 -14.45 -17.10
C ASN B 60 -2.98 -13.30 -16.59
N PRO B 61 -3.62 -12.26 -16.02
CA PRO B 61 -2.89 -11.11 -15.47
C PRO B 61 -2.23 -11.45 -14.13
N TYR B 62 -0.91 -11.37 -14.10
CA TYR B 62 -0.17 -11.67 -12.88
C TYR B 62 0.53 -10.41 -12.39
N ALA B 63 1.11 -10.50 -11.20
CA ALA B 63 1.81 -9.38 -10.60
C ALA B 63 3.19 -9.81 -10.15
N VAL B 64 3.94 -8.88 -9.58
CA VAL B 64 5.27 -9.14 -9.09
C VAL B 64 5.31 -8.96 -7.58
N CYS B 65 5.71 -9.99 -6.86
CA CYS B 65 5.77 -9.94 -5.41
C CYS B 65 7.00 -9.16 -4.95
N ASP B 66 7.10 -8.97 -3.63
CA ASP B 66 8.22 -8.26 -3.04
C ASP B 66 9.54 -8.96 -3.33
N LYS B 67 9.47 -10.26 -3.54
CA LYS B 67 10.66 -11.07 -3.82
C LYS B 67 11.22 -10.80 -5.21
N CYS B 68 10.39 -11.02 -6.22
CA CYS B 68 10.79 -10.83 -7.60
C CYS B 68 10.90 -9.35 -7.99
N LEU B 69 10.20 -8.49 -7.25
CA LEU B 69 10.20 -7.05 -7.52
C LEU B 69 11.62 -6.49 -7.66
N LYS B 70 12.49 -6.82 -6.72
CA LYS B 70 13.86 -6.33 -6.74
C LYS B 70 14.74 -7.10 -7.71
N PHE B 71 14.36 -8.33 -8.02
CA PHE B 71 15.12 -9.16 -8.94
C PHE B 71 14.88 -8.75 -10.38
N TYR B 72 13.62 -8.52 -10.72
CA TYR B 72 13.25 -8.13 -12.07
C TYR B 72 12.64 -6.74 -12.10
ZN ZN C . -7.86 2.21 15.87
ZN ZN D . 7.41 -13.64 -6.94
N MET A 3 10.89 9.01 20.84
CA MET A 3 10.94 10.45 21.18
C MET A 3 10.86 11.28 19.91
N PHE A 4 10.20 12.43 19.98
CA PHE A 4 10.05 13.30 18.83
C PHE A 4 10.33 14.74 19.21
N GLN A 5 11.60 15.11 19.15
CA GLN A 5 12.04 16.46 19.48
C GLN A 5 12.84 17.03 18.30
N ASP A 6 13.56 18.12 18.54
CA ASP A 6 14.38 18.77 17.51
C ASP A 6 15.32 17.76 16.84
N PRO A 7 15.56 17.89 15.53
CA PRO A 7 14.98 18.94 14.70
C PRO A 7 13.61 18.57 14.15
N GLN A 8 13.15 17.37 14.49
CA GLN A 8 11.85 16.88 14.04
C GLN A 8 10.74 17.81 14.51
N GLU A 9 9.93 18.27 13.58
CA GLU A 9 8.85 19.20 13.89
C GLU A 9 7.54 18.47 14.07
N ARG A 10 7.57 17.15 13.83
CA ARG A 10 6.39 16.29 13.97
C ARG A 10 5.35 16.65 12.89
N PRO A 11 5.60 16.26 11.64
CA PRO A 11 4.69 16.53 10.53
C PRO A 11 3.33 15.87 10.72
N ARG A 12 2.32 16.40 10.05
CA ARG A 12 0.97 15.87 10.16
C ARG A 12 0.68 14.92 9.00
N LYS A 13 1.68 14.73 8.15
CA LYS A 13 1.54 13.83 7.00
C LYS A 13 2.55 12.69 7.10
N LEU A 14 2.07 11.48 6.81
CA LEU A 14 2.89 10.26 6.88
C LEU A 14 4.18 10.33 6.04
N PRO A 15 4.11 10.71 4.74
CA PRO A 15 5.31 10.77 3.88
C PRO A 15 6.42 11.66 4.47
N GLN A 16 6.03 12.81 5.00
CA GLN A 16 7.00 13.73 5.57
C GLN A 16 7.54 13.20 6.90
N LEU A 17 6.71 12.45 7.61
CA LEU A 17 7.10 11.87 8.89
C LEU A 17 8.23 10.86 8.67
N CYS A 18 8.18 10.17 7.53
CA CYS A 18 9.19 9.18 7.19
C CYS A 18 10.56 9.85 7.08
N THR A 19 10.59 11.05 6.52
CA THR A 19 11.82 11.80 6.37
C THR A 19 12.38 12.18 7.74
N GLU A 20 11.48 12.47 8.69
CA GLU A 20 11.87 12.84 10.05
C GLU A 20 12.49 11.64 10.75
N LEU A 21 11.96 10.46 10.49
CA LEU A 21 12.46 9.23 11.08
C LEU A 21 13.70 8.74 10.33
N GLN A 22 14.00 9.40 9.22
CA GLN A 22 15.15 9.06 8.38
C GLN A 22 15.01 7.66 7.80
N THR A 23 13.79 7.32 7.39
CA THR A 23 13.50 6.03 6.82
C THR A 23 12.44 6.16 5.73
N THR A 24 11.96 5.05 5.20
CA THR A 24 10.94 5.08 4.17
C THR A 24 9.58 4.67 4.71
N ILE A 25 8.55 4.76 3.88
CA ILE A 25 7.19 4.41 4.27
C ILE A 25 7.03 2.89 4.42
N HIS A 26 8.11 2.16 4.21
CA HIS A 26 8.08 0.71 4.32
C HIS A 26 8.66 0.25 5.66
N ASP A 27 9.22 1.17 6.41
CA ASP A 27 9.83 0.83 7.68
C ASP A 27 9.24 1.63 8.84
N ILE A 28 8.46 2.67 8.51
CA ILE A 28 7.84 3.49 9.54
C ILE A 28 6.75 2.72 10.29
N ILE A 29 6.94 2.55 11.59
CA ILE A 29 5.98 1.82 12.41
C ILE A 29 5.26 2.76 13.37
N LEU A 30 3.95 2.85 13.22
CA LEU A 30 3.13 3.71 14.06
C LEU A 30 2.02 2.87 14.71
N GLU A 31 1.44 3.38 15.79
CA GLU A 31 0.38 2.67 16.48
C GLU A 31 -0.93 3.44 16.39
N CYS A 32 -2.05 2.72 16.53
CA CYS A 32 -3.37 3.34 16.46
C CYS A 32 -3.59 4.24 17.67
N VAL A 33 -4.21 5.38 17.43
CA VAL A 33 -4.50 6.34 18.48
C VAL A 33 -5.59 5.85 19.42
N TYR A 34 -6.53 5.08 18.88
CA TYR A 34 -7.65 4.60 19.69
C TYR A 34 -7.40 3.20 20.24
N CYS A 35 -6.95 2.29 19.37
CA CYS A 35 -6.71 0.91 19.77
C CYS A 35 -5.33 0.74 20.42
N LYS A 36 -4.43 1.66 20.13
CA LYS A 36 -3.06 1.63 20.66
C LYS A 36 -2.35 0.34 20.26
N GLN A 37 -2.50 -0.01 18.99
CA GLN A 37 -1.86 -1.20 18.45
C GLN A 37 -0.97 -0.82 17.28
N GLN A 38 0.20 -1.44 17.19
CA GLN A 38 1.13 -1.16 16.13
C GLN A 38 0.56 -1.57 14.78
N LEU A 39 0.58 -0.64 13.84
CA LEU A 39 0.07 -0.87 12.50
C LEU A 39 1.12 -1.54 11.63
N LEU A 40 0.66 -2.45 10.77
CA LEU A 40 1.54 -3.15 9.87
C LEU A 40 1.74 -2.30 8.62
N ARG A 41 2.76 -2.61 7.82
CA ARG A 41 3.04 -1.84 6.62
C ARG A 41 1.85 -1.88 5.65
N ARG A 42 0.98 -2.86 5.83
CA ARG A 42 -0.21 -3.02 4.99
C ARG A 42 -1.12 -1.80 5.12
N GLU A 43 -1.42 -1.42 6.35
CA GLU A 43 -2.30 -0.28 6.60
C GLU A 43 -1.55 1.03 6.38
N VAL A 44 -0.23 0.98 6.58
CA VAL A 44 0.60 2.16 6.38
C VAL A 44 0.51 2.65 4.93
N TYR A 45 0.49 1.71 4.00
CA TYR A 45 0.41 2.05 2.59
C TYR A 45 -0.97 2.63 2.27
N ASP A 46 -1.98 2.14 2.97
CA ASP A 46 -3.35 2.63 2.76
C ASP A 46 -3.45 4.08 3.22
N PHE A 47 -2.79 4.35 4.35
CA PHE A 47 -2.76 5.69 4.93
C PHE A 47 -2.09 6.68 3.98
N ALA A 48 -1.10 6.19 3.23
CA ALA A 48 -0.39 7.02 2.27
C ALA A 48 -1.15 7.10 0.95
N PHE A 49 -1.96 6.08 0.67
CA PHE A 49 -2.76 6.04 -0.54
C PHE A 49 -3.92 7.04 -0.43
N ARG A 50 -4.69 6.89 0.64
CA ARG A 50 -5.83 7.77 0.87
C ARG A 50 -5.35 9.05 1.55
N ASP A 51 -6.16 10.08 1.53
CA ASP A 51 -5.79 11.35 2.15
C ASP A 51 -6.27 11.40 3.60
N LEU A 52 -5.35 11.20 4.52
CA LEU A 52 -5.66 11.22 5.94
C LEU A 52 -4.67 12.12 6.67
N CYS A 53 -4.89 12.31 7.96
CA CYS A 53 -4.02 13.13 8.77
C CYS A 53 -3.51 12.35 9.97
N ILE A 54 -2.30 12.66 10.41
CA ILE A 54 -1.72 11.98 11.55
C ILE A 54 -2.23 12.58 12.85
N VAL A 55 -2.77 11.73 13.71
CA VAL A 55 -3.29 12.17 14.99
C VAL A 55 -2.22 12.09 16.05
N TYR A 56 -2.04 13.17 16.78
CA TYR A 56 -1.02 13.22 17.82
C TYR A 56 -1.65 13.16 19.19
N ARG A 57 -1.43 12.05 19.89
CA ARG A 57 -1.97 11.86 21.23
C ARG A 57 -0.89 12.21 22.24
N ASP A 58 -1.13 13.29 22.98
CA ASP A 58 -0.18 13.78 24.00
C ASP A 58 1.12 14.22 23.32
N GLY A 59 1.04 14.48 22.03
CA GLY A 59 2.20 14.90 21.27
C GLY A 59 2.90 13.74 20.59
N ASN A 60 2.48 12.53 20.91
CA ASN A 60 3.08 11.34 20.31
C ASN A 60 2.38 11.00 18.99
N PRO A 61 3.15 10.72 17.94
CA PRO A 61 2.60 10.40 16.62
C PRO A 61 1.85 9.07 16.59
N TYR A 62 0.56 9.15 16.32
CA TYR A 62 -0.28 7.97 16.24
C TYR A 62 -0.93 7.88 14.87
N ALA A 63 -1.45 6.72 14.53
CA ALA A 63 -2.10 6.52 13.26
C ALA A 63 -3.51 5.98 13.43
N VAL A 64 -4.18 5.72 12.31
CA VAL A 64 -5.52 5.18 12.32
C VAL A 64 -5.51 3.79 11.74
N CYS A 65 -5.97 2.81 12.51
CA CYS A 65 -5.99 1.43 12.06
C CYS A 65 -7.11 1.17 11.06
N ASP A 66 -7.20 -0.07 10.60
CA ASP A 66 -8.23 -0.47 9.64
C ASP A 66 -9.61 -0.50 10.31
N LYS A 67 -9.61 -0.51 11.64
CA LYS A 67 -10.85 -0.53 12.40
C LYS A 67 -11.39 0.89 12.55
N CYS A 68 -10.54 1.79 13.03
CA CYS A 68 -10.91 3.18 13.23
C CYS A 68 -11.02 3.93 11.91
N LEU A 69 -10.42 3.36 10.86
CA LEU A 69 -10.43 3.95 9.52
C LEU A 69 -11.85 4.35 9.06
N LYS A 70 -12.80 3.43 9.20
CA LYS A 70 -14.18 3.68 8.79
C LYS A 70 -14.95 4.51 9.82
N PHE A 71 -14.39 4.66 11.01
CA PHE A 71 -15.04 5.42 12.06
C PHE A 71 -14.96 6.92 11.83
N TYR A 72 -13.78 7.39 11.45
CA TYR A 72 -13.57 8.81 11.22
C TYR A 72 -13.01 9.06 9.82
N MET B 3 -11.03 -15.35 -18.87
CA MET B 3 -10.24 -14.69 -19.94
C MET B 3 -10.84 -13.32 -20.26
N PHE B 4 -9.98 -12.34 -20.46
CA PHE B 4 -10.42 -10.98 -20.76
C PHE B 4 -10.40 -10.72 -22.26
N GLN B 5 -11.59 -10.48 -22.81
CA GLN B 5 -11.75 -10.20 -24.23
C GLN B 5 -12.59 -8.94 -24.40
N ASP B 6 -12.92 -8.59 -25.64
CA ASP B 6 -13.73 -7.39 -25.93
C ASP B 6 -15.04 -7.43 -25.13
N PRO B 7 -15.55 -6.25 -24.69
CA PRO B 7 -14.95 -4.93 -24.96
C PRO B 7 -13.79 -4.59 -24.02
N GLN B 8 -13.42 -5.52 -23.16
CA GLN B 8 -12.31 -5.28 -22.23
C GLN B 8 -11.00 -5.19 -23.01
N GLU B 9 -10.29 -4.10 -22.80
CA GLU B 9 -9.03 -3.87 -23.50
C GLU B 9 -7.86 -4.30 -22.63
N ARG B 10 -8.11 -4.54 -21.36
CA ARG B 10 -7.08 -4.94 -20.41
C ARG B 10 -5.99 -3.87 -20.36
N PRO B 11 -6.30 -2.69 -19.81
CA PRO B 11 -5.36 -1.58 -19.72
C PRO B 11 -4.05 -2.01 -19.07
N ARG B 12 -2.96 -1.46 -19.55
CA ARG B 12 -1.63 -1.79 -19.04
C ARG B 12 -1.36 -1.07 -17.71
N LYS B 13 -2.43 -0.63 -17.06
CA LYS B 13 -2.33 0.06 -15.78
C LYS B 13 -3.31 -0.56 -14.79
N LEU B 14 -2.80 -1.01 -13.65
CA LEU B 14 -3.62 -1.66 -12.62
C LEU B 14 -4.85 -0.84 -12.21
N PRO B 15 -4.71 0.47 -11.89
CA PRO B 15 -5.85 1.31 -11.48
C PRO B 15 -7.01 1.29 -12.49
N GLN B 16 -6.68 1.21 -13.77
CA GLN B 16 -7.70 1.19 -14.81
C GLN B 16 -8.20 -0.23 -15.06
N LEU B 17 -7.34 -1.21 -14.80
CA LEU B 17 -7.68 -2.62 -14.98
C LEU B 17 -8.79 -3.01 -14.01
N CYS B 18 -8.76 -2.43 -12.82
CA CYS B 18 -9.76 -2.71 -11.81
C CYS B 18 -11.14 -2.23 -12.26
N THR B 19 -11.16 -1.19 -13.08
CA THR B 19 -12.42 -0.65 -13.59
C THR B 19 -13.07 -1.62 -14.56
N GLU B 20 -12.26 -2.28 -15.38
CA GLU B 20 -12.78 -3.25 -16.34
C GLU B 20 -13.30 -4.48 -15.62
N LEU B 21 -12.80 -4.68 -14.41
CA LEU B 21 -13.21 -5.79 -13.57
C LEU B 21 -14.32 -5.35 -12.63
N GLN B 22 -14.67 -4.07 -12.71
CA GLN B 22 -15.72 -3.46 -11.88
C GLN B 22 -15.43 -3.64 -10.39
N THR B 23 -14.19 -3.40 -10.00
CA THR B 23 -13.78 -3.53 -8.61
C THR B 23 -12.68 -2.52 -8.27
N THR B 24 -12.12 -2.63 -7.08
CA THR B 24 -11.07 -1.72 -6.65
C THR B 24 -9.77 -2.47 -6.37
N ILE B 25 -8.70 -1.72 -6.12
CA ILE B 25 -7.38 -2.30 -5.84
C ILE B 25 -7.34 -2.93 -4.44
N HIS B 26 -8.44 -2.80 -3.71
CA HIS B 26 -8.52 -3.36 -2.36
C HIS B 26 -9.33 -4.65 -2.39
N ASP B 27 -9.66 -5.11 -3.59
CA ASP B 27 -10.44 -6.33 -3.75
C ASP B 27 -9.79 -7.27 -4.76
N ILE B 28 -9.24 -6.71 -5.82
CA ILE B 28 -8.58 -7.49 -6.86
C ILE B 28 -7.32 -8.18 -6.33
N ILE B 29 -7.19 -9.47 -6.65
CA ILE B 29 -6.04 -10.26 -6.21
C ILE B 29 -5.35 -10.88 -7.42
N LEU B 30 -4.03 -10.69 -7.51
CA LEU B 30 -3.26 -11.24 -8.61
C LEU B 30 -2.29 -12.30 -8.10
N GLU B 31 -1.85 -13.18 -9.00
CA GLU B 31 -0.91 -14.24 -8.64
C GLU B 31 0.48 -13.89 -9.16
N CYS B 32 1.50 -14.49 -8.57
CA CYS B 32 2.88 -14.27 -9.00
C CYS B 32 3.13 -14.99 -10.31
N VAL B 33 3.80 -14.32 -11.22
CA VAL B 33 4.11 -14.88 -12.53
C VAL B 33 5.08 -16.06 -12.43
N TYR B 34 5.85 -16.12 -11.35
CA TYR B 34 6.83 -17.20 -11.19
C TYR B 34 6.41 -18.17 -10.08
N CYS B 35 6.15 -17.65 -8.90
CA CYS B 35 5.75 -18.48 -7.76
C CYS B 35 4.32 -18.97 -7.91
N LYS B 36 3.54 -18.25 -8.70
CA LYS B 36 2.14 -18.58 -8.96
C LYS B 36 1.32 -18.53 -7.66
N GLN B 37 1.78 -17.72 -6.73
CA GLN B 37 1.11 -17.54 -5.45
C GLN B 37 0.27 -16.27 -5.47
N GLN B 38 -0.82 -16.25 -4.72
CA GLN B 38 -1.68 -15.08 -4.67
C GLN B 38 -1.06 -13.97 -3.84
N LEU B 39 -0.92 -12.80 -4.44
CA LEU B 39 -0.34 -11.66 -3.77
C LEU B 39 -1.35 -11.02 -2.83
N LEU B 40 -0.94 -10.78 -1.60
CA LEU B 40 -1.80 -10.16 -0.61
C LEU B 40 -1.97 -8.68 -0.94
N ARG B 41 -3.05 -8.08 -0.46
CA ARG B 41 -3.32 -6.66 -0.71
C ARG B 41 -2.14 -5.80 -0.26
N ARG B 42 -1.44 -6.28 0.76
CA ARG B 42 -0.27 -5.57 1.30
C ARG B 42 0.78 -5.38 0.21
N GLU B 43 1.06 -6.45 -0.52
CA GLU B 43 2.06 -6.43 -1.58
C GLU B 43 1.53 -5.71 -2.82
N VAL B 44 0.23 -5.84 -3.06
CA VAL B 44 -0.40 -5.19 -4.20
C VAL B 44 -0.28 -3.67 -4.12
N TYR B 45 -0.39 -3.13 -2.92
CA TYR B 45 -0.28 -1.69 -2.72
C TYR B 45 1.13 -1.21 -3.05
N ASP B 46 2.14 -1.98 -2.66
CA ASP B 46 3.52 -1.64 -2.95
C ASP B 46 3.77 -1.76 -4.45
N PHE B 47 3.13 -2.77 -5.05
CA PHE B 47 3.24 -3.01 -6.48
C PHE B 47 2.75 -1.80 -7.28
N ALA B 48 1.65 -1.22 -6.83
CA ALA B 48 1.06 -0.06 -7.51
C ALA B 48 1.80 1.22 -7.12
N PHE B 49 2.40 1.20 -5.95
CA PHE B 49 3.15 2.36 -5.47
C PHE B 49 4.42 2.56 -6.28
N ARG B 50 5.13 1.47 -6.54
CA ARG B 50 6.36 1.54 -7.33
C ARG B 50 6.03 1.60 -8.81
N ASP B 51 7.00 2.02 -9.62
CA ASP B 51 6.80 2.09 -11.05
C ASP B 51 7.09 0.72 -11.67
N LEU B 52 6.11 -0.17 -11.54
CA LEU B 52 6.24 -1.52 -12.06
C LEU B 52 5.31 -1.72 -13.24
N CYS B 53 5.13 -2.96 -13.65
CA CYS B 53 4.27 -3.28 -14.78
C CYS B 53 3.62 -4.64 -14.56
N ILE B 54 2.44 -4.83 -15.14
CA ILE B 54 1.73 -6.09 -15.01
C ILE B 54 2.32 -7.10 -15.98
N VAL B 55 2.77 -8.23 -15.46
CA VAL B 55 3.35 -9.27 -16.28
C VAL B 55 2.26 -10.24 -16.73
N TYR B 56 2.19 -10.49 -18.03
CA TYR B 56 1.17 -11.37 -18.56
C TYR B 56 1.68 -12.80 -18.69
N ARG B 57 1.14 -13.68 -17.86
CA ARG B 57 1.52 -15.08 -17.91
C ARG B 57 0.52 -15.84 -18.75
N ASP B 58 0.98 -16.36 -19.88
CA ASP B 58 0.13 -17.09 -20.82
C ASP B 58 -0.86 -16.14 -21.49
N GLY B 59 -1.91 -15.78 -20.76
CA GLY B 59 -2.91 -14.87 -21.28
C GLY B 59 -3.71 -14.21 -20.18
N ASN B 60 -3.12 -14.13 -19.00
CA ASN B 60 -3.79 -13.53 -17.85
C ASN B 60 -2.86 -12.57 -17.12
N PRO B 61 -3.41 -11.48 -16.56
CA PRO B 61 -2.64 -10.49 -15.82
C PRO B 61 -2.06 -11.05 -14.52
N TYR B 62 -0.74 -11.08 -14.43
CA TYR B 62 -0.08 -11.59 -13.24
C TYR B 62 0.78 -10.49 -12.61
N ALA B 63 1.16 -10.68 -11.37
CA ALA B 63 1.97 -9.71 -10.66
C ALA B 63 3.30 -10.30 -10.23
N VAL B 64 4.11 -9.48 -9.59
CA VAL B 64 5.41 -9.92 -9.11
C VAL B 64 5.44 -9.88 -7.59
N CYS B 65 5.68 -11.03 -6.98
CA CYS B 65 5.73 -11.13 -5.53
C CYS B 65 6.99 -10.48 -4.97
N ASP B 66 7.07 -10.44 -3.65
CA ASP B 66 8.21 -9.86 -2.96
C ASP B 66 9.49 -10.65 -3.24
N LYS B 67 9.32 -11.91 -3.62
CA LYS B 67 10.44 -12.79 -3.91
C LYS B 67 11.01 -12.48 -5.29
N CYS B 68 10.17 -12.58 -6.31
CA CYS B 68 10.59 -12.34 -7.68
C CYS B 68 10.90 -10.87 -7.94
N LEU B 69 10.31 -9.99 -7.14
CA LEU B 69 10.52 -8.56 -7.28
C LEU B 69 12.00 -8.19 -7.20
N LYS B 70 12.69 -8.74 -6.22
CA LYS B 70 14.12 -8.47 -6.04
C LYS B 70 14.97 -9.31 -6.99
N PHE B 71 14.42 -10.44 -7.41
CA PHE B 71 15.13 -11.34 -8.31
C PHE B 71 15.15 -10.83 -9.76
N TYR B 72 14.00 -10.39 -10.25
CA TYR B 72 13.90 -9.92 -11.63
C TYR B 72 13.67 -8.42 -11.68
ZN ZN C . -7.82 1.83 15.86
ZN ZN D . 7.24 -14.77 -7.20
N MET A 3 7.36 11.54 21.06
CA MET A 3 6.44 12.69 21.00
C MET A 3 6.89 13.66 19.92
N PHE A 4 5.95 14.38 19.33
CA PHE A 4 6.26 15.36 18.29
C PHE A 4 5.72 16.72 18.67
N GLN A 5 6.59 17.60 19.11
CA GLN A 5 6.21 18.94 19.52
C GLN A 5 7.04 19.99 18.80
N ASP A 6 7.02 21.22 19.30
CA ASP A 6 7.79 22.33 18.72
C ASP A 6 9.27 21.97 18.62
N PRO A 7 10.02 22.63 17.71
CA PRO A 7 9.49 23.68 16.81
C PRO A 7 8.81 23.12 15.57
N GLN A 8 8.55 21.82 15.58
CA GLN A 8 7.90 21.17 14.45
C GLN A 8 6.48 21.69 14.29
N GLU A 9 6.00 21.66 13.06
CA GLU A 9 4.67 22.15 12.75
C GLU A 9 3.61 21.09 13.03
N ARG A 10 3.99 19.82 12.83
CA ARG A 10 3.10 18.68 13.04
C ARG A 10 1.99 18.68 11.98
N PRO A 11 2.33 18.33 10.74
CA PRO A 11 1.36 18.30 9.64
C PRO A 11 0.34 17.17 9.81
N ARG A 12 -0.75 17.25 9.07
CA ARG A 12 -1.80 16.25 9.16
C ARG A 12 -1.67 15.19 8.07
N LYS A 13 -0.69 15.36 7.19
CA LYS A 13 -0.45 14.41 6.11
C LYS A 13 0.81 13.61 6.37
N LEU A 14 0.72 12.29 6.19
CA LEU A 14 1.84 11.37 6.44
C LEU A 14 3.12 11.78 5.69
N PRO A 15 3.08 12.03 4.35
CA PRO A 15 4.28 12.42 3.60
C PRO A 15 4.96 13.65 4.17
N GLN A 16 4.15 14.62 4.60
CA GLN A 16 4.68 15.87 5.16
C GLN A 16 5.33 15.61 6.52
N LEU A 17 4.78 14.67 7.27
CA LEU A 17 5.32 14.31 8.57
C LEU A 17 6.71 13.74 8.41
N CYS A 18 6.91 12.99 7.32
CA CYS A 18 8.20 12.39 7.03
C CYS A 18 9.24 13.48 6.80
N THR A 19 8.84 14.54 6.09
CA THR A 19 9.72 15.65 5.80
C THR A 19 10.17 16.33 7.10
N GLU A 20 9.22 16.54 8.01
CA GLU A 20 9.52 17.16 9.29
C GLU A 20 10.47 16.30 10.11
N LEU A 21 10.31 14.98 9.97
CA LEU A 21 11.15 14.02 10.67
C LEU A 21 12.47 13.80 9.92
N GLN A 22 12.58 14.46 8.77
CA GLN A 22 13.78 14.37 7.93
C GLN A 22 14.03 12.92 7.49
N THR A 23 12.96 12.24 7.09
CA THR A 23 13.06 10.86 6.67
C THR A 23 11.97 10.55 5.63
N THR A 24 11.86 9.29 5.25
CA THR A 24 10.87 8.87 4.26
C THR A 24 9.79 8.00 4.91
N ILE A 25 8.78 7.65 4.12
CA ILE A 25 7.68 6.81 4.58
C ILE A 25 8.16 5.37 4.83
N HIS A 26 9.35 5.05 4.36
CA HIS A 26 9.90 3.72 4.52
C HIS A 26 10.69 3.59 5.81
N ASP A 27 10.88 4.72 6.50
CA ASP A 27 11.64 4.73 7.74
C ASP A 27 10.80 5.23 8.91
N ILE A 28 9.81 6.07 8.61
CA ILE A 28 8.95 6.63 9.65
C ILE A 28 8.24 5.54 10.46
N ILE A 29 8.43 5.59 11.78
CA ILE A 29 7.82 4.61 12.66
C ILE A 29 6.67 5.24 13.43
N LEU A 30 5.47 4.73 13.22
CA LEU A 30 4.29 5.23 13.90
C LEU A 30 3.59 4.08 14.63
N GLU A 31 2.96 4.39 15.74
CA GLU A 31 2.27 3.39 16.54
C GLU A 31 0.76 3.59 16.44
N CYS A 32 0.00 2.54 16.72
CA CYS A 32 -1.46 2.59 16.67
C CYS A 32 -2.01 3.51 17.75
N VAL A 33 -3.02 4.28 17.39
CA VAL A 33 -3.65 5.19 18.32
C VAL A 33 -4.47 4.43 19.37
N TYR A 34 -4.87 3.20 19.05
CA TYR A 34 -5.68 2.41 19.97
C TYR A 34 -4.85 1.31 20.66
N CYS A 35 -4.33 0.38 19.88
CA CYS A 35 -3.54 -0.72 20.41
C CYS A 35 -2.20 -0.24 20.97
N LYS A 36 -1.78 0.94 20.51
CA LYS A 36 -0.52 1.56 20.96
C LYS A 36 0.70 0.76 20.49
N GLN A 37 0.46 -0.22 19.62
CA GLN A 37 1.54 -1.06 19.09
C GLN A 37 2.15 -0.42 17.86
N GLN A 38 3.42 -0.70 17.62
CA GLN A 38 4.11 -0.16 16.46
C GLN A 38 3.57 -0.78 15.18
N LEU A 39 3.31 0.05 14.18
CA LEU A 39 2.80 -0.41 12.91
C LEU A 39 3.91 -0.97 12.04
N LEU A 40 3.63 -2.05 11.32
CA LEU A 40 4.62 -2.66 10.46
C LEU A 40 4.69 -1.90 9.14
N ARG A 41 5.72 -2.19 8.36
CA ARG A 41 5.93 -1.52 7.07
C ARG A 41 4.78 -1.80 6.10
N ARG A 42 3.97 -2.80 6.42
CA ARG A 42 2.83 -3.16 5.59
C ARG A 42 1.71 -2.15 5.78
N GLU A 43 1.40 -1.85 7.03
CA GLU A 43 0.34 -0.93 7.36
C GLU A 43 0.72 0.52 7.02
N VAL A 44 2.00 0.84 7.15
CA VAL A 44 2.48 2.19 6.85
C VAL A 44 2.26 2.54 5.38
N TYR A 45 2.49 1.55 4.51
CA TYR A 45 2.31 1.74 3.08
C TYR A 45 0.84 1.96 2.74
N ASP A 46 -0.01 1.13 3.33
CA ASP A 46 -1.45 1.20 3.11
C ASP A 46 -1.99 2.56 3.59
N PHE A 47 -1.47 3.03 4.71
CA PHE A 47 -1.89 4.32 5.28
C PHE A 47 -1.60 5.47 4.31
N ALA A 48 -0.49 5.37 3.60
CA ALA A 48 -0.09 6.40 2.64
C ALA A 48 -0.89 6.30 1.35
N PHE A 49 -1.40 5.11 1.07
CA PHE A 49 -2.17 4.88 -0.15
C PHE A 49 -3.59 5.40 0.03
N ARG A 50 -4.04 5.50 1.27
CA ARG A 50 -5.38 5.99 1.56
C ARG A 50 -5.38 7.51 1.68
N ASP A 51 -6.56 8.09 1.84
CA ASP A 51 -6.70 9.55 1.94
C ASP A 51 -6.97 9.95 3.39
N LEU A 52 -6.60 9.08 4.31
CA LEU A 52 -6.79 9.34 5.72
C LEU A 52 -5.68 10.25 6.26
N CYS A 53 -5.97 10.96 7.33
CA CYS A 53 -4.99 11.86 7.91
C CYS A 53 -4.39 11.27 9.18
N ILE A 54 -3.37 11.93 9.71
CA ILE A 54 -2.70 11.46 10.91
C ILE A 54 -3.52 11.84 12.14
N VAL A 55 -3.75 10.87 13.02
CA VAL A 55 -4.52 11.12 14.23
C VAL A 55 -3.57 11.49 15.37
N TYR A 56 -3.66 12.73 15.82
CA TYR A 56 -2.83 13.19 16.90
C TYR A 56 -3.56 13.02 18.22
N ARG A 57 -3.11 12.06 19.01
CA ARG A 57 -3.71 11.79 20.29
C ARG A 57 -2.84 12.37 21.38
N ASP A 58 -3.41 13.34 22.11
CA ASP A 58 -2.71 14.03 23.20
C ASP A 58 -1.66 14.99 22.63
N GLY A 59 -0.59 14.42 22.10
CA GLY A 59 0.47 15.21 21.52
C GLY A 59 1.47 14.34 20.79
N ASN A 60 0.99 13.22 20.27
CA ASN A 60 1.83 12.27 19.56
C ASN A 60 1.16 11.85 18.26
N PRO A 61 1.91 11.81 17.14
CA PRO A 61 1.37 11.40 15.85
C PRO A 61 1.16 9.89 15.81
N TYR A 62 -0.08 9.47 16.02
CA TYR A 62 -0.40 8.06 16.01
C TYR A 62 -0.97 7.66 14.66
N ALA A 63 -0.91 6.38 14.36
CA ALA A 63 -1.43 5.88 13.10
C ALA A 63 -2.58 4.91 13.36
N VAL A 64 -3.28 4.58 12.30
CA VAL A 64 -4.40 3.66 12.39
C VAL A 64 -4.09 2.42 11.59
N CYS A 65 -3.95 1.29 12.26
CA CYS A 65 -3.66 0.04 11.59
C CYS A 65 -4.88 -0.44 10.82
N ASP A 66 -4.67 -1.40 9.91
CA ASP A 66 -5.75 -1.94 9.10
C ASP A 66 -6.92 -2.44 9.95
N LYS A 67 -6.60 -2.91 11.16
CA LYS A 67 -7.60 -3.43 12.09
C LYS A 67 -8.66 -2.37 12.39
N CYS A 68 -8.23 -1.23 12.92
CA CYS A 68 -9.13 -0.16 13.27
C CYS A 68 -9.64 0.55 12.01
N LEU A 69 -8.81 0.56 10.97
CA LEU A 69 -9.15 1.21 9.70
C LEU A 69 -10.41 0.64 9.06
N LYS A 70 -10.62 -0.67 9.18
CA LYS A 70 -11.79 -1.29 8.57
C LYS A 70 -13.04 -1.08 9.42
N PHE A 71 -12.85 -0.91 10.72
CA PHE A 71 -13.98 -0.71 11.62
C PHE A 71 -14.49 0.73 11.56
N TYR A 72 -13.62 1.65 11.19
CA TYR A 72 -13.97 3.06 11.13
C TYR A 72 -14.35 3.50 9.72
N MET B 3 -10.07 -14.25 -17.69
CA MET B 3 -10.00 -13.92 -19.13
C MET B 3 -9.86 -12.42 -19.31
N PHE B 4 -9.03 -12.01 -20.26
CA PHE B 4 -8.82 -10.60 -20.55
C PHE B 4 -8.43 -10.42 -22.01
N GLN B 5 -9.41 -10.03 -22.82
CA GLN B 5 -9.19 -9.81 -24.24
C GLN B 5 -9.87 -8.53 -24.70
N ASP B 6 -9.88 -8.30 -26.01
CA ASP B 6 -10.50 -7.11 -26.62
C ASP B 6 -11.89 -6.84 -26.03
N PRO B 7 -12.26 -5.57 -25.80
CA PRO B 7 -11.42 -4.40 -26.12
C PRO B 7 -10.26 -4.17 -25.15
N GLN B 8 -10.18 -4.96 -24.08
CA GLN B 8 -9.11 -4.81 -23.11
C GLN B 8 -7.77 -5.17 -23.75
N GLU B 9 -6.91 -4.18 -23.93
CA GLU B 9 -5.61 -4.38 -24.56
C GLU B 9 -4.63 -5.04 -23.61
N ARG B 10 -5.00 -5.11 -22.33
CA ARG B 10 -4.15 -5.72 -21.30
C ARG B 10 -2.91 -4.87 -21.04
N PRO B 11 -3.05 -3.82 -20.23
CA PRO B 11 -1.94 -2.92 -19.89
C PRO B 11 -0.91 -3.61 -19.00
N ARG B 12 0.29 -3.05 -18.95
CA ARG B 12 1.36 -3.62 -18.14
C ARG B 12 1.51 -2.90 -16.80
N LYS B 13 0.60 -1.98 -16.52
CA LYS B 13 0.63 -1.24 -15.26
C LYS B 13 -0.65 -1.45 -14.47
N LEU B 14 -0.51 -1.55 -13.16
CA LEU B 14 -1.64 -1.78 -12.26
C LEU B 14 -2.76 -0.74 -12.40
N PRO B 15 -2.46 0.58 -12.31
CA PRO B 15 -3.49 1.63 -12.44
C PRO B 15 -4.28 1.51 -13.75
N GLN B 16 -3.56 1.25 -14.84
CA GLN B 16 -4.17 1.12 -16.15
C GLN B 16 -5.04 -0.14 -16.22
N LEU B 17 -4.53 -1.22 -15.62
CA LEU B 17 -5.25 -2.49 -15.60
C LEU B 17 -6.58 -2.34 -14.88
N CYS B 18 -6.58 -1.57 -13.81
CA CYS B 18 -7.79 -1.33 -13.05
C CYS B 18 -8.85 -0.64 -13.91
N THR B 19 -8.41 0.31 -14.72
CA THR B 19 -9.31 1.04 -15.60
C THR B 19 -9.94 0.09 -16.63
N GLU B 20 -9.12 -0.81 -17.16
CA GLU B 20 -9.58 -1.78 -18.15
C GLU B 20 -10.55 -2.78 -17.51
N LEU B 21 -10.29 -3.10 -16.25
CA LEU B 21 -11.12 -4.04 -15.51
C LEU B 21 -12.35 -3.34 -14.93
N GLN B 22 -12.42 -2.02 -15.14
CA GLN B 22 -13.54 -1.20 -14.67
C GLN B 22 -13.63 -1.21 -13.13
N THR B 23 -12.47 -1.25 -12.49
CA THR B 23 -12.42 -1.26 -11.03
C THR B 23 -11.27 -0.39 -10.52
N THR B 24 -11.02 -0.43 -9.22
CA THR B 24 -9.96 0.35 -8.62
C THR B 24 -8.96 -0.57 -7.92
N ILE B 25 -7.79 -0.04 -7.59
CA ILE B 25 -6.73 -0.80 -6.92
C ILE B 25 -7.19 -1.35 -5.56
N HIS B 26 -8.23 -0.75 -4.99
CA HIS B 26 -8.74 -1.17 -3.69
C HIS B 26 -9.76 -2.30 -3.83
N ASP B 27 -10.13 -2.65 -5.06
CA ASP B 27 -11.11 -3.70 -5.29
C ASP B 27 -10.55 -4.83 -6.14
N ILE B 28 -9.63 -4.49 -7.04
CA ILE B 28 -9.01 -5.47 -7.93
C ILE B 28 -8.30 -6.58 -7.15
N ILE B 29 -8.53 -7.82 -7.59
CA ILE B 29 -7.91 -8.98 -6.95
C ILE B 29 -7.09 -9.75 -7.97
N LEU B 30 -5.78 -9.78 -7.77
CA LEU B 30 -4.88 -10.48 -8.67
C LEU B 30 -4.23 -11.66 -7.96
N GLU B 31 -3.78 -12.63 -8.73
CA GLU B 31 -3.15 -13.81 -8.18
C GLU B 31 -1.70 -13.89 -8.61
N CYS B 32 -0.89 -14.64 -7.88
CA CYS B 32 0.51 -14.81 -8.22
C CYS B 32 0.63 -15.63 -9.50
N VAL B 33 1.53 -15.21 -10.38
CA VAL B 33 1.73 -15.91 -11.64
C VAL B 33 2.32 -17.31 -11.43
N TYR B 34 2.99 -17.50 -10.31
CA TYR B 34 3.61 -18.79 -10.01
C TYR B 34 2.78 -19.58 -9.01
N CYS B 35 2.71 -19.07 -7.78
CA CYS B 35 1.98 -19.73 -6.71
C CYS B 35 0.47 -19.72 -6.95
N LYS B 36 0.02 -18.83 -7.84
CA LYS B 36 -1.40 -18.71 -8.17
C LYS B 36 -2.24 -18.46 -6.92
N GLN B 37 -1.67 -17.68 -6.01
CA GLN B 37 -2.32 -17.33 -4.77
C GLN B 37 -2.97 -15.96 -4.90
N GLN B 38 -4.17 -15.81 -4.36
CA GLN B 38 -4.87 -14.54 -4.43
C GLN B 38 -4.18 -13.52 -3.52
N LEU B 39 -3.57 -12.53 -4.12
CA LEU B 39 -2.87 -11.49 -3.37
C LEU B 39 -3.87 -10.57 -2.71
N LEU B 40 -3.67 -10.34 -1.41
CA LEU B 40 -4.55 -9.46 -0.67
C LEU B 40 -4.42 -8.04 -1.18
N ARG B 41 -5.50 -7.27 -1.08
CA ARG B 41 -5.51 -5.87 -1.54
C ARG B 41 -4.31 -5.08 -1.02
N ARG B 42 -3.94 -5.32 0.23
CA ARG B 42 -2.81 -4.63 0.85
C ARG B 42 -1.51 -4.91 0.09
N GLU B 43 -1.30 -6.17 -0.27
CA GLU B 43 -0.09 -6.56 -0.99
C GLU B 43 -0.08 -5.97 -2.39
N VAL B 44 -1.27 -5.81 -2.96
CA VAL B 44 -1.41 -5.24 -4.29
C VAL B 44 -0.92 -3.79 -4.33
N TYR B 45 -1.11 -3.07 -3.23
CA TYR B 45 -0.68 -1.68 -3.15
C TYR B 45 0.84 -1.57 -3.26
N ASP B 46 1.55 -2.62 -2.87
CA ASP B 46 3.00 -2.62 -2.94
C ASP B 46 3.47 -2.61 -4.38
N PHE B 47 2.63 -3.15 -5.26
CA PHE B 47 2.91 -3.19 -6.70
C PHE B 47 2.86 -1.79 -7.29
N ALA B 48 2.01 -0.96 -6.71
CA ALA B 48 1.87 0.43 -7.15
C ALA B 48 2.91 1.31 -6.44
N PHE B 49 3.22 0.95 -5.21
CA PHE B 49 4.21 1.69 -4.41
C PHE B 49 5.58 1.63 -5.09
N ARG B 50 5.99 0.43 -5.47
CA ARG B 50 7.27 0.25 -6.15
C ARG B 50 7.05 0.18 -7.64
N ASP B 51 8.07 0.49 -8.42
CA ASP B 51 7.92 0.44 -9.87
C ASP B 51 8.18 -0.98 -10.37
N LEU B 52 7.10 -1.71 -10.59
CA LEU B 52 7.18 -3.08 -11.05
C LEU B 52 6.34 -3.26 -12.31
N CYS B 53 6.50 -4.40 -12.96
CA CYS B 53 5.75 -4.70 -14.17
C CYS B 53 4.81 -5.87 -13.92
N ILE B 54 3.64 -5.84 -14.56
CA ILE B 54 2.67 -6.91 -14.41
C ILE B 54 2.99 -8.07 -15.34
N VAL B 55 2.91 -9.28 -14.79
CA VAL B 55 3.18 -10.49 -15.55
C VAL B 55 1.87 -11.10 -16.04
N TYR B 56 1.86 -11.54 -17.29
CA TYR B 56 0.67 -12.13 -17.86
C TYR B 56 0.86 -13.62 -18.11
N ARG B 57 0.07 -14.43 -17.43
CA ARG B 57 0.13 -15.87 -17.60
C ARG B 57 -0.77 -16.24 -18.76
N ASP B 58 -0.15 -16.55 -19.90
CA ASP B 58 -0.87 -16.90 -21.12
C ASP B 58 -1.62 -15.68 -21.67
N GLY B 59 -2.74 -15.36 -21.05
CA GLY B 59 -3.54 -14.23 -21.48
C GLY B 59 -4.33 -13.64 -20.32
N ASN B 60 -3.87 -13.91 -19.11
CA ASN B 60 -4.54 -13.40 -17.91
C ASN B 60 -3.58 -12.56 -17.08
N PRO B 61 -4.06 -11.43 -16.54
CA PRO B 61 -3.25 -10.55 -15.72
C PRO B 61 -2.95 -11.15 -14.35
N TYR B 62 -1.67 -11.35 -14.05
CA TYR B 62 -1.27 -11.93 -12.79
C TYR B 62 -0.28 -11.00 -12.09
N ALA B 63 -0.08 -11.26 -10.80
CA ALA B 63 0.83 -10.45 -10.01
C ALA B 63 1.97 -11.33 -9.49
N VAL B 64 2.80 -10.74 -8.66
CA VAL B 64 3.93 -11.45 -8.08
C VAL B 64 3.85 -11.38 -6.56
N CYS B 65 3.81 -12.53 -5.91
CA CYS B 65 3.72 -12.58 -4.45
C CYS B 65 5.02 -12.11 -3.82
N ASP B 66 4.99 -11.93 -2.50
CA ASP B 66 6.15 -11.48 -1.74
C ASP B 66 7.33 -12.44 -1.90
N LYS B 67 7.02 -13.71 -2.14
CA LYS B 67 8.05 -14.73 -2.31
C LYS B 67 8.68 -14.67 -3.70
N CYS B 68 7.83 -14.69 -4.72
CA CYS B 68 8.30 -14.64 -6.10
C CYS B 68 8.92 -13.29 -6.44
N LEU B 69 8.52 -12.26 -5.69
CA LEU B 69 9.02 -10.91 -5.88
C LEU B 69 10.55 -10.88 -5.81
N LYS B 70 11.09 -11.41 -4.72
CA LYS B 70 12.53 -11.45 -4.53
C LYS B 70 13.18 -12.59 -5.31
N PHE B 71 12.34 -13.52 -5.78
CA PHE B 71 12.83 -14.65 -6.55
C PHE B 71 13.13 -14.25 -7.99
N TYR B 72 12.20 -13.51 -8.60
CA TYR B 72 12.35 -13.08 -9.98
C TYR B 72 12.42 -11.55 -10.07
ZN ZN C . -5.05 0.24 15.47
ZN ZN D . 4.45 -16.36 -6.06
N MET A 3 8.41 9.00 20.78
CA MET A 3 8.49 10.46 20.99
C MET A 3 8.80 11.15 19.67
N PHE A 4 8.38 12.40 19.53
CA PHE A 4 8.63 13.16 18.32
C PHE A 4 8.70 14.65 18.63
N GLN A 5 9.91 15.17 18.67
CA GLN A 5 10.16 16.57 18.96
C GLN A 5 11.13 17.14 17.93
N ASP A 6 11.70 18.32 18.23
CA ASP A 6 12.66 18.96 17.32
C ASP A 6 13.84 18.02 17.05
N PRO A 7 14.45 18.06 15.84
CA PRO A 7 14.07 18.96 14.74
C PRO A 7 12.80 18.55 14.00
N GLN A 8 12.29 17.37 14.29
CA GLN A 8 11.08 16.89 13.63
C GLN A 8 9.92 17.85 13.90
N GLU A 9 9.22 18.22 12.85
CA GLU A 9 8.12 19.15 12.96
C GLU A 9 6.80 18.42 13.17
N ARG A 10 6.81 17.12 12.91
CA ARG A 10 5.62 16.28 13.07
C ARG A 10 4.57 16.65 12.02
N PRO A 11 4.73 16.14 10.79
CA PRO A 11 3.80 16.43 9.69
C PRO A 11 2.51 15.63 9.83
N ARG A 12 1.49 16.04 9.10
CA ARG A 12 0.21 15.35 9.14
C ARG A 12 0.11 14.35 7.99
N LYS A 13 1.10 14.35 7.12
CA LYS A 13 1.13 13.43 5.99
C LYS A 13 2.15 12.35 6.23
N LEU A 14 1.71 11.09 6.08
CA LEU A 14 2.57 9.92 6.28
C LEU A 14 3.86 9.97 5.44
N PRO A 15 3.79 10.25 4.12
CA PRO A 15 4.99 10.33 3.27
C PRO A 15 6.06 11.26 3.84
N GLN A 16 5.62 12.39 4.40
CA GLN A 16 6.53 13.36 4.98
C GLN A 16 7.05 12.87 6.33
N LEU A 17 6.23 12.12 7.04
CA LEU A 17 6.61 11.57 8.34
C LEU A 17 7.75 10.59 8.17
N CYS A 18 7.72 9.85 7.07
CA CYS A 18 8.76 8.88 6.76
C CYS A 18 10.08 9.60 6.54
N THR A 19 10.02 10.80 5.99
CA THR A 19 11.21 11.59 5.73
C THR A 19 11.80 12.10 7.05
N GLU A 20 10.93 12.50 7.97
CA GLU A 20 11.38 12.98 9.27
C GLU A 20 12.04 11.86 10.06
N LEU A 21 11.48 10.66 9.95
CA LEU A 21 12.02 9.50 10.64
C LEU A 21 13.20 8.91 9.88
N GLN A 22 13.43 9.42 8.67
CA GLN A 22 14.52 8.97 7.81
C GLN A 22 14.39 7.48 7.50
N THR A 23 13.20 7.06 7.10
CA THR A 23 12.96 5.67 6.78
C THR A 23 11.92 5.55 5.65
N THR A 24 11.60 4.33 5.27
CA THR A 24 10.66 4.09 4.20
C THR A 24 9.29 3.70 4.76
N ILE A 25 8.27 3.79 3.90
CA ILE A 25 6.89 3.48 4.28
C ILE A 25 6.72 1.97 4.54
N HIS A 26 7.70 1.19 4.13
CA HIS A 26 7.65 -0.26 4.34
C HIS A 26 8.33 -0.65 5.64
N ASP A 27 8.91 0.33 6.32
CA ASP A 27 9.60 0.09 7.58
C ASP A 27 8.92 0.79 8.74
N ILE A 28 8.38 1.97 8.47
CA ILE A 28 7.70 2.75 9.50
C ILE A 28 6.49 1.99 10.09
N ILE A 29 6.51 1.80 11.39
CA ILE A 29 5.42 1.11 12.07
C ILE A 29 4.72 2.06 13.02
N LEU A 30 3.54 2.51 12.63
CA LEU A 30 2.78 3.43 13.45
C LEU A 30 1.76 2.67 14.29
N GLU A 31 1.38 3.24 15.41
CA GLU A 31 0.43 2.61 16.30
C GLU A 31 -0.89 3.37 16.31
N CYS A 32 -1.99 2.67 16.58
CA CYS A 32 -3.29 3.29 16.64
C CYS A 32 -3.39 4.15 17.89
N VAL A 33 -3.99 5.31 17.74
CA VAL A 33 -4.15 6.24 18.84
C VAL A 33 -5.34 5.85 19.73
N TYR A 34 -6.25 5.06 19.19
CA TYR A 34 -7.44 4.66 19.92
C TYR A 34 -7.24 3.33 20.66
N CYS A 35 -7.10 2.25 19.91
CA CYS A 35 -6.95 0.92 20.50
C CYS A 35 -5.49 0.61 20.86
N LYS A 36 -4.57 1.47 20.42
CA LYS A 36 -3.15 1.28 20.70
C LYS A 36 -2.66 -0.04 20.12
N GLN A 37 -2.76 -0.16 18.80
CA GLN A 37 -2.35 -1.36 18.08
C GLN A 37 -1.34 -0.99 16.99
N GLN A 38 -0.27 -1.77 16.87
CA GLN A 38 0.75 -1.52 15.87
C GLN A 38 0.24 -1.88 14.48
N LEU A 39 0.24 -0.90 13.59
CA LEU A 39 -0.24 -1.10 12.22
C LEU A 39 0.89 -1.62 11.34
N LEU A 40 0.58 -2.66 10.57
CA LEU A 40 1.56 -3.23 9.66
C LEU A 40 1.64 -2.39 8.39
N ARG A 41 2.73 -2.51 7.64
CA ARG A 41 2.90 -1.72 6.41
C ARG A 41 1.70 -1.89 5.47
N ARG A 42 0.98 -3.00 5.62
CA ARG A 42 -0.19 -3.27 4.79
C ARG A 42 -1.24 -2.18 4.98
N GLU A 43 -1.47 -1.81 6.24
CA GLU A 43 -2.45 -0.78 6.57
C GLU A 43 -1.84 0.61 6.40
N VAL A 44 -0.54 0.68 6.61
CA VAL A 44 0.20 1.94 6.47
C VAL A 44 0.07 2.46 5.03
N TYR A 45 0.09 1.55 4.07
CA TYR A 45 -0.04 1.90 2.67
C TYR A 45 -1.42 2.49 2.39
N ASP A 46 -2.43 1.97 3.06
CA ASP A 46 -3.79 2.44 2.88
C ASP A 46 -3.94 3.86 3.41
N PHE A 47 -3.21 4.16 4.47
CA PHE A 47 -3.24 5.49 5.08
C PHE A 47 -2.69 6.54 4.10
N ALA A 48 -1.71 6.14 3.30
CA ALA A 48 -1.10 7.03 2.33
C ALA A 48 -1.88 7.06 1.02
N PHE A 49 -2.58 5.96 0.73
CA PHE A 49 -3.37 5.84 -0.49
C PHE A 49 -4.61 6.74 -0.43
N ARG A 50 -5.01 7.10 0.78
CA ARG A 50 -6.17 7.95 0.99
C ARG A 50 -5.72 9.27 1.60
N ASP A 51 -6.51 10.32 1.41
CA ASP A 51 -6.16 11.63 1.96
C ASP A 51 -6.54 11.70 3.43
N LEU A 52 -5.66 11.21 4.28
CA LEU A 52 -5.88 11.22 5.71
C LEU A 52 -4.82 12.05 6.39
N CYS A 53 -4.94 12.19 7.70
CA CYS A 53 -3.99 12.97 8.48
C CYS A 53 -3.55 12.19 9.71
N ILE A 54 -2.30 12.38 10.11
CA ILE A 54 -1.74 11.70 11.26
C ILE A 54 -2.16 12.39 12.56
N VAL A 55 -2.56 11.59 13.54
CA VAL A 55 -2.98 12.09 14.83
C VAL A 55 -1.84 11.94 15.84
N TYR A 56 -1.63 12.97 16.65
CA TYR A 56 -0.56 12.95 17.62
C TYR A 56 -1.09 12.96 19.04
N ARG A 57 -0.93 11.84 19.73
CA ARG A 57 -1.36 11.72 21.11
C ARG A 57 -0.21 12.12 22.02
N ASP A 58 -0.38 13.26 22.71
CA ASP A 58 0.64 13.79 23.62
C ASP A 58 1.83 14.35 22.85
N GLY A 59 2.60 13.45 22.23
CA GLY A 59 3.76 13.87 21.46
C GLY A 59 4.35 12.72 20.67
N ASN A 60 3.50 11.84 20.18
CA ASN A 60 3.94 10.70 19.41
C ASN A 60 3.03 10.49 18.21
N PRO A 61 3.61 10.27 17.02
CA PRO A 61 2.82 10.06 15.79
C PRO A 61 2.06 8.74 15.81
N TYR A 62 0.75 8.83 15.70
CA TYR A 62 -0.08 7.64 15.71
C TYR A 62 -1.00 7.62 14.50
N ALA A 63 -1.46 6.44 14.14
CA ALA A 63 -2.32 6.27 12.99
C ALA A 63 -3.70 5.80 13.42
N VAL A 64 -4.51 5.44 12.44
CA VAL A 64 -5.85 4.96 12.68
C VAL A 64 -6.04 3.63 11.96
N CYS A 65 -6.33 2.57 12.71
CA CYS A 65 -6.53 1.26 12.12
C CYS A 65 -7.86 1.18 11.37
N ASP A 66 -8.06 0.08 10.67
CA ASP A 66 -9.28 -0.15 9.88
C ASP A 66 -10.54 -0.09 10.73
N LYS A 67 -10.41 -0.34 12.03
CA LYS A 67 -11.56 -0.31 12.93
C LYS A 67 -12.01 1.13 13.19
N CYS A 68 -11.11 1.95 13.73
CA CYS A 68 -11.42 3.34 14.04
C CYS A 68 -11.51 4.20 12.77
N LEU A 69 -10.95 3.69 11.68
CA LEU A 69 -10.96 4.39 10.40
C LEU A 69 -12.36 4.82 9.97
N LYS A 70 -13.35 3.97 10.21
CA LYS A 70 -14.73 4.28 9.84
C LYS A 70 -15.39 5.18 10.88
N PHE A 71 -14.79 5.30 12.04
CA PHE A 71 -15.33 6.14 13.09
C PHE A 71 -15.07 7.62 12.80
N TYR A 72 -13.82 7.95 12.52
CA TYR A 72 -13.44 9.32 12.24
C TYR A 72 -12.97 9.46 10.79
N MET B 3 -11.02 -15.54 -16.68
CA MET B 3 -11.15 -15.15 -18.09
C MET B 3 -11.39 -13.66 -18.22
N PHE B 4 -10.63 -13.02 -19.10
CA PHE B 4 -10.78 -11.59 -19.32
C PHE B 4 -10.64 -11.29 -20.81
N GLN B 5 -11.73 -10.84 -21.40
CA GLN B 5 -11.76 -10.51 -22.82
C GLN B 5 -12.61 -9.28 -23.09
N ASP B 6 -12.90 -9.05 -24.38
CA ASP B 6 -13.70 -7.91 -24.84
C ASP B 6 -14.93 -7.66 -23.95
N PRO B 7 -15.25 -6.38 -23.66
CA PRO B 7 -14.50 -5.22 -24.17
C PRO B 7 -13.22 -4.93 -23.41
N GLN B 8 -12.92 -5.74 -22.40
CA GLN B 8 -11.71 -5.57 -21.61
C GLN B 8 -10.48 -5.94 -22.43
N GLU B 9 -9.69 -4.95 -22.79
CA GLU B 9 -8.49 -5.18 -23.58
C GLU B 9 -7.33 -5.64 -22.70
N ARG B 10 -7.50 -5.44 -21.39
CA ARG B 10 -6.49 -5.83 -20.40
C ARG B 10 -5.23 -4.98 -20.54
N PRO B 11 -5.17 -3.85 -19.82
CA PRO B 11 -4.04 -2.93 -19.85
C PRO B 11 -2.80 -3.51 -19.17
N ARG B 12 -1.71 -2.76 -19.21
CA ARG B 12 -0.46 -3.20 -18.60
C ARG B 12 -0.22 -2.52 -17.26
N LYS B 13 -1.10 -1.62 -16.88
CA LYS B 13 -0.97 -0.91 -15.60
C LYS B 13 -1.95 -1.50 -14.58
N LEU B 14 -1.48 -1.70 -13.36
CA LEU B 14 -2.30 -2.28 -12.29
C LEU B 14 -3.57 -1.45 -12.01
N PRO B 15 -3.46 -0.12 -11.74
CA PRO B 15 -4.62 0.73 -11.47
C PRO B 15 -5.64 0.69 -12.60
N GLN B 16 -5.15 0.58 -13.84
CA GLN B 16 -5.99 0.53 -15.01
C GLN B 16 -6.75 -0.79 -15.07
N LEU B 17 -6.12 -1.87 -14.63
CA LEU B 17 -6.74 -3.18 -14.61
C LEU B 17 -7.92 -3.18 -13.64
N CYS B 18 -7.78 -2.44 -12.55
CA CYS B 18 -8.82 -2.34 -11.54
C CYS B 18 -10.09 -1.75 -12.14
N THR B 19 -9.92 -0.85 -13.11
CA THR B 19 -11.03 -0.21 -13.79
C THR B 19 -11.76 -1.23 -14.66
N GLU B 20 -10.98 -2.04 -15.39
CA GLU B 20 -11.53 -3.07 -16.25
C GLU B 20 -12.25 -4.13 -15.42
N LEU B 21 -11.68 -4.45 -14.26
CA LEU B 21 -12.28 -5.45 -13.37
C LEU B 21 -13.46 -4.86 -12.59
N GLN B 22 -13.67 -3.55 -12.74
CA GLN B 22 -14.77 -2.85 -12.09
C GLN B 22 -14.72 -2.98 -10.56
N THR B 23 -13.53 -2.82 -10.00
CA THR B 23 -13.37 -2.92 -8.56
C THR B 23 -12.22 -2.03 -8.09
N THR B 24 -11.94 -2.03 -6.80
CA THR B 24 -10.87 -1.22 -6.24
C THR B 24 -9.63 -2.06 -6.03
N ILE B 25 -8.54 -1.41 -5.64
CA ILE B 25 -7.27 -2.10 -5.40
C ILE B 25 -7.30 -2.79 -4.04
N HIS B 26 -8.44 -2.70 -3.37
CA HIS B 26 -8.62 -3.32 -2.06
C HIS B 26 -9.47 -4.57 -2.18
N ASP B 27 -9.74 -4.97 -3.41
CA ASP B 27 -10.57 -6.14 -3.67
C ASP B 27 -9.93 -7.08 -4.70
N ILE B 28 -9.20 -6.51 -5.65
CA ILE B 28 -8.56 -7.31 -6.69
C ILE B 28 -7.29 -8.00 -6.16
N ILE B 29 -7.24 -9.33 -6.31
CA ILE B 29 -6.10 -10.11 -5.86
C ILE B 29 -5.40 -10.75 -7.06
N LEU B 30 -4.09 -10.56 -7.15
CA LEU B 30 -3.32 -11.11 -8.26
C LEU B 30 -2.30 -12.12 -7.73
N GLU B 31 -1.80 -12.97 -8.62
CA GLU B 31 -0.83 -13.99 -8.24
C GLU B 31 0.53 -13.69 -8.87
N CYS B 32 1.58 -14.23 -8.25
CA CYS B 32 2.94 -14.03 -8.74
C CYS B 32 3.13 -14.78 -10.06
N VAL B 33 3.83 -14.13 -10.98
CA VAL B 33 4.09 -14.72 -12.28
C VAL B 33 5.15 -15.84 -12.18
N TYR B 34 5.97 -15.79 -11.14
CA TYR B 34 7.01 -16.79 -10.94
C TYR B 34 6.62 -17.81 -9.89
N CYS B 35 6.40 -17.33 -8.67
CA CYS B 35 6.05 -18.20 -7.55
C CYS B 35 4.63 -18.74 -7.68
N LYS B 36 3.82 -18.04 -8.47
CA LYS B 36 2.42 -18.43 -8.70
C LYS B 36 1.60 -18.36 -7.42
N GLN B 37 2.14 -17.64 -6.43
CA GLN B 37 1.47 -17.49 -5.14
C GLN B 37 0.56 -16.25 -5.15
N GLN B 38 -0.41 -16.22 -4.26
CA GLN B 38 -1.34 -15.11 -4.17
C GLN B 38 -0.70 -13.91 -3.49
N LEU B 39 -0.84 -12.75 -4.09
CA LEU B 39 -0.30 -11.53 -3.52
C LEU B 39 -1.39 -10.79 -2.75
N LEU B 40 -1.24 -10.73 -1.44
CA LEU B 40 -2.21 -10.05 -0.59
C LEU B 40 -2.16 -8.54 -0.86
N ARG B 41 -3.17 -7.81 -0.39
CA ARG B 41 -3.25 -6.37 -0.61
C ARG B 41 -1.97 -5.65 -0.15
N ARG B 42 -1.24 -6.30 0.76
CA ARG B 42 0.01 -5.76 1.29
C ARG B 42 1.02 -5.51 0.17
N GLU B 43 1.20 -6.52 -0.68
CA GLU B 43 2.17 -6.42 -1.78
C GLU B 43 1.54 -5.70 -2.97
N VAL B 44 0.21 -5.76 -3.06
CA VAL B 44 -0.50 -5.11 -4.16
C VAL B 44 -0.27 -3.60 -4.10
N TYR B 45 -0.39 -3.02 -2.91
CA TYR B 45 -0.17 -1.59 -2.73
C TYR B 45 1.30 -1.26 -2.92
N ASP B 46 2.16 -2.21 -2.56
CA ASP B 46 3.59 -2.03 -2.71
C ASP B 46 3.94 -1.92 -4.19
N PHE B 47 3.25 -2.73 -4.98
CA PHE B 47 3.43 -2.75 -6.43
C PHE B 47 2.86 -1.47 -7.06
N ALA B 48 1.69 -1.05 -6.59
CA ALA B 48 1.04 0.14 -7.10
C ALA B 48 1.69 1.43 -6.61
N PHE B 49 2.38 1.35 -5.46
CA PHE B 49 3.04 2.52 -4.90
C PHE B 49 4.13 3.02 -5.82
N ARG B 50 4.81 2.08 -6.47
CA ARG B 50 5.86 2.42 -7.41
C ARG B 50 5.27 2.50 -8.81
N ASP B 51 5.99 2.01 -9.80
CA ASP B 51 5.52 2.03 -11.17
C ASP B 51 6.02 0.80 -11.92
N LEU B 52 5.30 -0.29 -11.79
CA LEU B 52 5.67 -1.52 -12.44
C LEU B 52 4.54 -1.97 -13.36
N CYS B 53 4.88 -2.68 -14.41
CA CYS B 53 3.89 -3.16 -15.36
C CYS B 53 3.44 -4.56 -14.99
N ILE B 54 2.26 -4.93 -15.43
CA ILE B 54 1.72 -6.24 -15.16
C ILE B 54 2.31 -7.27 -16.10
N VAL B 55 2.78 -8.38 -15.56
CA VAL B 55 3.37 -9.44 -16.35
C VAL B 55 2.28 -10.42 -16.75
N TYR B 56 2.04 -10.54 -18.03
CA TYR B 56 1.00 -11.45 -18.53
C TYR B 56 1.57 -12.81 -18.88
N ARG B 57 1.21 -13.80 -18.09
CA ARG B 57 1.66 -15.16 -18.33
C ARG B 57 0.55 -15.90 -19.07
N ASP B 58 0.86 -16.32 -20.29
CA ASP B 58 -0.08 -17.05 -21.14
C ASP B 58 -1.19 -16.13 -21.63
N GLY B 59 -2.09 -15.75 -20.74
CA GLY B 59 -3.18 -14.87 -21.11
C GLY B 59 -3.92 -14.34 -19.90
N ASN B 60 -3.24 -14.32 -18.76
CA ASN B 60 -3.84 -13.83 -17.54
C ASN B 60 -2.89 -12.88 -16.83
N PRO B 61 -3.42 -11.83 -16.19
CA PRO B 61 -2.60 -10.83 -15.48
C PRO B 61 -1.95 -11.40 -14.22
N TYR B 62 -0.62 -11.32 -14.16
CA TYR B 62 0.13 -11.78 -13.01
C TYR B 62 0.94 -10.64 -12.44
N ALA B 63 1.25 -10.71 -11.16
CA ALA B 63 2.00 -9.66 -10.50
C ALA B 63 3.37 -10.17 -10.07
N VAL B 64 4.14 -9.27 -9.46
CA VAL B 64 5.47 -9.60 -8.98
C VAL B 64 5.52 -9.39 -7.48
N CYS B 65 5.89 -10.42 -6.74
CA CYS B 65 5.98 -10.33 -5.30
C CYS B 65 7.26 -9.62 -4.88
N ASP B 66 7.35 -9.34 -3.58
CA ASP B 66 8.52 -8.66 -3.01
C ASP B 66 9.81 -9.44 -3.31
N LYS B 67 9.69 -10.76 -3.39
CA LYS B 67 10.83 -11.62 -3.65
C LYS B 67 11.32 -11.45 -5.07
N CYS B 68 10.42 -11.67 -6.03
CA CYS B 68 10.76 -11.57 -7.45
C CYS B 68 11.03 -10.13 -7.89
N LEU B 69 10.58 -9.18 -7.07
CA LEU B 69 10.78 -7.75 -7.38
C LEU B 69 12.25 -7.43 -7.63
N LYS B 70 13.12 -7.90 -6.75
CA LYS B 70 14.56 -7.66 -6.88
C LYS B 70 15.22 -8.65 -7.84
N PHE B 71 14.47 -9.68 -8.22
CA PHE B 71 14.99 -10.69 -9.12
C PHE B 71 15.13 -10.17 -10.55
N TYR B 72 14.05 -9.60 -11.07
CA TYR B 72 14.04 -9.09 -12.43
C TYR B 72 13.66 -7.61 -12.46
ZN ZN C . -7.77 1.85 16.30
ZN ZN D . 7.39 -14.22 -7.05
N MET A 3 7.87 10.08 21.87
CA MET A 3 7.32 11.44 21.66
C MET A 3 7.88 12.04 20.38
N PHE A 4 7.10 12.89 19.74
CA PHE A 4 7.53 13.53 18.50
C PHE A 4 7.39 15.05 18.64
N GLN A 5 8.49 15.71 18.95
CA GLN A 5 8.51 17.15 19.12
C GLN A 5 9.67 17.76 18.35
N ASP A 6 9.98 19.01 18.65
CA ASP A 6 11.07 19.76 18.00
C ASP A 6 12.37 18.93 17.98
N PRO A 7 13.18 19.06 16.90
CA PRO A 7 12.91 19.95 15.77
C PRO A 7 11.95 19.36 14.74
N GLN A 8 11.36 18.21 15.06
CA GLN A 8 10.42 17.57 14.16
C GLN A 8 9.16 18.40 14.06
N GLU A 9 8.68 18.60 12.84
CA GLU A 9 7.49 19.41 12.59
C GLU A 9 6.22 18.61 12.82
N ARG A 10 6.34 17.29 12.75
CA ARG A 10 5.19 16.39 12.92
C ARG A 10 4.17 16.63 11.82
N PRO A 11 4.49 16.19 10.59
CA PRO A 11 3.62 16.39 9.43
C PRO A 11 2.30 15.63 9.56
N ARG A 12 1.32 16.04 8.77
CA ARG A 12 0.00 15.42 8.80
C ARG A 12 -0.10 14.32 7.74
N LYS A 13 0.94 14.18 6.93
CA LYS A 13 0.98 13.16 5.90
C LYS A 13 2.09 12.14 6.18
N LEU A 14 1.73 10.86 6.07
CA LEU A 14 2.65 9.75 6.33
C LEU A 14 3.97 9.84 5.53
N PRO A 15 3.92 10.03 4.19
CA PRO A 15 5.14 10.13 3.37
C PRO A 15 6.14 11.14 3.91
N GLN A 16 5.63 12.26 4.42
CA GLN A 16 6.47 13.32 4.97
C GLN A 16 7.04 12.89 6.32
N LEU A 17 6.23 12.17 7.09
CA LEU A 17 6.63 11.69 8.42
C LEU A 17 7.81 10.72 8.31
N CYS A 18 7.83 9.93 7.25
CA CYS A 18 8.89 8.96 7.02
C CYS A 18 10.27 9.62 7.06
N THR A 19 10.35 10.85 6.53
CA THR A 19 11.60 11.58 6.51
C THR A 19 12.00 12.02 7.91
N GLU A 20 11.04 12.50 8.68
CA GLU A 20 11.30 12.96 10.05
C GLU A 20 11.68 11.78 10.95
N LEU A 21 11.08 10.63 10.67
CA LEU A 21 11.38 9.43 11.46
C LEU A 21 12.60 8.71 10.91
N GLN A 22 13.15 9.24 9.82
CA GLN A 22 14.33 8.68 9.17
C GLN A 22 14.10 7.21 8.80
N THR A 23 13.07 6.97 8.00
CA THR A 23 12.75 5.63 7.57
C THR A 23 11.89 5.68 6.31
N THR A 24 11.43 4.53 5.85
CA THR A 24 10.62 4.45 4.65
C THR A 24 9.25 3.86 4.97
N ILE A 25 8.34 3.93 4.00
CA ILE A 25 6.98 3.41 4.17
C ILE A 25 6.97 1.88 4.29
N HIS A 26 8.13 1.27 4.06
CA HIS A 26 8.26 -0.18 4.14
C HIS A 26 8.76 -0.60 5.52
N ASP A 27 9.18 0.37 6.31
CA ASP A 27 9.72 0.10 7.64
C ASP A 27 8.96 0.83 8.74
N ILE A 28 8.41 2.00 8.41
CA ILE A 28 7.68 2.81 9.38
C ILE A 28 6.50 2.04 9.98
N ILE A 29 6.48 1.98 11.31
CA ILE A 29 5.42 1.30 12.04
C ILE A 29 4.79 2.25 13.04
N LEU A 30 3.49 2.47 12.89
CA LEU A 30 2.76 3.36 13.78
C LEU A 30 1.67 2.60 14.52
N GLU A 31 1.19 3.17 15.61
CA GLU A 31 0.16 2.54 16.41
C GLU A 31 -1.15 3.33 16.29
N CYS A 32 -2.27 2.66 16.54
CA CYS A 32 -3.57 3.29 16.47
C CYS A 32 -3.75 4.32 17.57
N VAL A 33 -4.36 5.44 17.23
CA VAL A 33 -4.60 6.52 18.18
C VAL A 33 -5.58 6.09 19.28
N TYR A 34 -6.52 5.21 18.93
CA TYR A 34 -7.51 4.77 19.90
C TYR A 34 -7.25 3.35 20.39
N CYS A 35 -7.04 2.42 19.46
CA CYS A 35 -6.79 1.04 19.82
C CYS A 35 -5.36 0.82 20.33
N LYS A 36 -4.46 1.72 19.92
CA LYS A 36 -3.05 1.64 20.30
C LYS A 36 -2.41 0.35 19.81
N GLN A 37 -2.99 -0.22 18.76
CA GLN A 37 -2.49 -1.45 18.18
C GLN A 37 -1.45 -1.13 17.11
N GLN A 38 -0.57 -2.07 16.84
CA GLN A 38 0.46 -1.87 15.84
C GLN A 38 -0.09 -1.99 14.43
N LEU A 39 0.03 -0.92 13.67
CA LEU A 39 -0.44 -0.90 12.30
C LEU A 39 0.64 -1.44 11.37
N LEU A 40 0.38 -2.59 10.77
CA LEU A 40 1.32 -3.21 9.85
C LEU A 40 1.47 -2.32 8.61
N ARG A 41 2.57 -2.50 7.89
CA ARG A 41 2.84 -1.70 6.68
C ARG A 41 1.68 -1.77 5.69
N ARG A 42 0.86 -2.82 5.80
CA ARG A 42 -0.29 -2.99 4.91
C ARG A 42 -1.23 -1.80 5.04
N GLU A 43 -1.54 -1.43 6.27
CA GLU A 43 -2.42 -0.30 6.54
C GLU A 43 -1.69 1.00 6.29
N VAL A 44 -0.38 0.97 6.54
CA VAL A 44 0.47 2.13 6.34
C VAL A 44 0.41 2.60 4.88
N TYR A 45 0.41 1.64 3.95
CA TYR A 45 0.33 1.96 2.53
C TYR A 45 -1.02 2.60 2.22
N ASP A 46 -2.07 2.06 2.80
CA ASP A 46 -3.42 2.58 2.59
C ASP A 46 -3.54 4.01 3.09
N PHE A 47 -2.75 4.33 4.11
CA PHE A 47 -2.73 5.67 4.68
C PHE A 47 -2.21 6.67 3.66
N ALA A 48 -1.26 6.22 2.84
CA ALA A 48 -0.67 7.07 1.81
C ALA A 48 -1.51 7.05 0.54
N PHE A 49 -2.10 5.89 0.26
CA PHE A 49 -2.94 5.73 -0.93
C PHE A 49 -4.23 6.51 -0.79
N ARG A 50 -4.77 6.53 0.42
CA ARG A 50 -5.99 7.26 0.70
C ARG A 50 -5.66 8.67 1.21
N ASP A 51 -6.67 9.47 1.42
CA ASP A 51 -6.45 10.82 1.92
C ASP A 51 -6.74 10.87 3.41
N LEU A 52 -5.75 10.46 4.19
CA LEU A 52 -5.89 10.46 5.64
C LEU A 52 -4.87 11.38 6.26
N CYS A 53 -5.14 11.85 7.46
CA CYS A 53 -4.25 12.72 8.17
C CYS A 53 -3.74 12.05 9.44
N ILE A 54 -2.53 12.38 9.82
CA ILE A 54 -1.94 11.80 11.01
C ILE A 54 -2.43 12.53 12.26
N VAL A 55 -2.74 11.76 13.28
CA VAL A 55 -3.22 12.30 14.54
C VAL A 55 -2.22 12.00 15.64
N TYR A 56 -1.63 13.03 16.20
CA TYR A 56 -0.65 12.87 17.25
C TYR A 56 -1.32 12.96 18.60
N ARG A 57 -1.39 11.84 19.29
CA ARG A 57 -2.03 11.76 20.60
C ARG A 57 -0.99 12.00 21.69
N ASP A 58 -1.12 13.13 22.37
CA ASP A 58 -0.21 13.51 23.45
C ASP A 58 1.20 13.75 22.92
N GLY A 59 1.30 14.13 21.66
CA GLY A 59 2.60 14.38 21.07
C GLY A 59 3.33 13.11 20.68
N ASN A 60 2.58 12.09 20.32
CA ASN A 60 3.15 10.81 19.92
C ASN A 60 2.64 10.42 18.53
N PRO A 61 3.49 9.80 17.70
CA PRO A 61 3.10 9.38 16.35
C PRO A 61 2.04 8.27 16.37
N TYR A 62 0.81 8.65 16.04
CA TYR A 62 -0.29 7.70 16.01
C TYR A 62 -0.98 7.74 14.65
N ALA A 63 -1.63 6.64 14.29
CA ALA A 63 -2.33 6.54 13.03
C ALA A 63 -3.74 6.02 13.25
N VAL A 64 -4.50 5.88 12.18
CA VAL A 64 -5.87 5.40 12.25
C VAL A 64 -5.93 3.97 11.71
N CYS A 65 -6.32 3.03 12.56
CA CYS A 65 -6.39 1.64 12.17
C CYS A 65 -7.57 1.38 11.25
N ASP A 66 -7.67 0.14 10.76
CA ASP A 66 -8.74 -0.27 9.87
C ASP A 66 -10.10 -0.17 10.56
N LYS A 67 -10.07 -0.24 11.89
CA LYS A 67 -11.29 -0.17 12.68
C LYS A 67 -11.74 1.28 12.85
N CYS A 68 -10.87 2.11 13.40
CA CYS A 68 -11.17 3.52 13.63
C CYS A 68 -11.31 4.31 12.35
N LEU A 69 -10.80 3.75 11.26
CA LEU A 69 -10.85 4.40 9.94
C LEU A 69 -12.25 4.87 9.58
N LYS A 70 -13.23 4.00 9.74
CA LYS A 70 -14.62 4.33 9.41
C LYS A 70 -15.31 5.07 10.55
N PHE A 71 -14.68 5.09 11.71
CA PHE A 71 -15.25 5.75 12.88
C PHE A 71 -15.10 7.27 12.84
N TYR A 72 -13.88 7.75 12.62
CA TYR A 72 -13.61 9.18 12.60
C TYR A 72 -12.80 9.59 11.38
N MET B 3 -10.81 -15.83 -15.25
CA MET B 3 -10.86 -15.45 -16.67
C MET B 3 -11.46 -14.06 -16.82
N PHE B 4 -10.96 -13.31 -17.79
CA PHE B 4 -11.46 -11.97 -18.04
C PHE B 4 -11.52 -11.71 -19.54
N GLN B 5 -12.72 -11.50 -20.04
CA GLN B 5 -12.94 -11.25 -21.46
C GLN B 5 -13.71 -9.95 -21.66
N ASP B 6 -14.18 -9.72 -22.89
CA ASP B 6 -14.94 -8.53 -23.23
C ASP B 6 -16.22 -8.44 -22.40
N PRO B 7 -16.80 -7.24 -22.24
CA PRO B 7 -16.31 -5.97 -22.83
C PRO B 7 -14.95 -5.52 -22.28
N GLN B 8 -14.49 -6.16 -21.21
CA GLN B 8 -13.21 -5.81 -20.61
C GLN B 8 -12.06 -6.16 -21.57
N GLU B 9 -11.00 -5.37 -21.53
CA GLU B 9 -9.87 -5.59 -22.41
C GLU B 9 -8.63 -5.98 -21.61
N ARG B 10 -8.71 -5.81 -20.28
CA ARG B 10 -7.61 -6.14 -19.38
C ARG B 10 -6.40 -5.24 -19.66
N PRO B 11 -6.43 -4.00 -19.16
CA PRO B 11 -5.34 -3.06 -19.36
C PRO B 11 -4.05 -3.53 -18.70
N ARG B 12 -2.93 -2.99 -19.17
CA ARG B 12 -1.63 -3.38 -18.64
C ARG B 12 -1.27 -2.57 -17.40
N LYS B 13 -2.19 -1.72 -16.96
CA LYS B 13 -1.98 -0.91 -15.77
C LYS B 13 -2.94 -1.31 -14.67
N LEU B 14 -2.39 -1.58 -13.50
CA LEU B 14 -3.16 -2.01 -12.34
C LEU B 14 -4.35 -1.09 -12.02
N PRO B 15 -4.14 0.25 -11.89
CA PRO B 15 -5.23 1.19 -11.58
C PRO B 15 -6.40 1.10 -12.56
N GLN B 16 -6.09 0.90 -13.83
CA GLN B 16 -7.11 0.81 -14.86
C GLN B 16 -7.78 -0.57 -14.84
N LEU B 17 -7.01 -1.59 -14.48
CA LEU B 17 -7.53 -2.95 -14.41
C LEU B 17 -8.57 -3.06 -13.30
N CYS B 18 -8.35 -2.32 -12.23
CA CYS B 18 -9.26 -2.31 -11.09
C CYS B 18 -10.64 -1.77 -11.51
N THR B 19 -10.64 -0.79 -12.41
CA THR B 19 -11.88 -0.21 -12.87
C THR B 19 -12.67 -1.22 -13.70
N GLU B 20 -11.96 -1.98 -14.54
CA GLU B 20 -12.60 -2.99 -15.38
C GLU B 20 -13.17 -4.10 -14.50
N LEU B 21 -12.46 -4.40 -13.42
CA LEU B 21 -12.87 -5.42 -12.47
C LEU B 21 -13.98 -4.90 -11.57
N GLN B 22 -14.27 -3.60 -11.70
CA GLN B 22 -15.30 -2.94 -10.92
C GLN B 22 -14.98 -3.03 -9.43
N THR B 23 -13.73 -2.83 -9.09
CA THR B 23 -13.29 -2.90 -7.70
C THR B 23 -12.13 -1.94 -7.46
N THR B 24 -11.52 -2.02 -6.27
CA THR B 24 -10.42 -1.16 -5.92
C THR B 24 -9.12 -1.95 -5.77
N ILE B 25 -8.02 -1.23 -5.61
CA ILE B 25 -6.70 -1.86 -5.44
C ILE B 25 -6.61 -2.59 -4.10
N HIS B 26 -7.51 -2.24 -3.19
CA HIS B 26 -7.53 -2.85 -1.87
C HIS B 26 -8.21 -4.22 -1.91
N ASP B 27 -9.02 -4.45 -2.94
CA ASP B 27 -9.74 -5.72 -3.08
C ASP B 27 -9.19 -6.58 -4.22
N ILE B 28 -8.46 -5.96 -5.14
CA ILE B 28 -7.90 -6.70 -6.26
C ILE B 28 -6.88 -7.73 -5.79
N ILE B 29 -6.97 -8.94 -6.35
CA ILE B 29 -6.06 -10.02 -5.99
C ILE B 29 -5.35 -10.56 -7.22
N LEU B 30 -4.04 -10.63 -7.14
CA LEU B 30 -3.22 -11.15 -8.23
C LEU B 30 -2.22 -12.16 -7.68
N GLU B 31 -1.69 -13.01 -8.54
CA GLU B 31 -0.72 -14.01 -8.11
C GLU B 31 0.64 -13.76 -8.78
N CYS B 32 1.70 -14.27 -8.17
CA CYS B 32 3.04 -14.10 -8.71
C CYS B 32 3.19 -14.87 -10.02
N VAL B 33 3.82 -14.22 -10.98
CA VAL B 33 4.05 -14.79 -12.29
C VAL B 33 5.03 -15.98 -12.23
N TYR B 34 5.87 -16.00 -11.21
CA TYR B 34 6.87 -17.06 -11.08
C TYR B 34 6.51 -18.03 -9.94
N CYS B 35 6.22 -17.49 -8.77
CA CYS B 35 5.90 -18.31 -7.61
C CYS B 35 4.45 -18.79 -7.64
N LYS B 36 3.60 -18.07 -8.39
CA LYS B 36 2.18 -18.39 -8.50
C LYS B 36 1.47 -18.24 -7.16
N GLN B 37 2.09 -17.52 -6.25
CA GLN B 37 1.53 -17.29 -4.93
C GLN B 37 0.63 -16.06 -4.95
N GLN B 38 -0.43 -16.09 -4.17
CA GLN B 38 -1.37 -14.98 -4.12
C GLN B 38 -0.73 -13.77 -3.43
N LEU B 39 -0.68 -12.66 -4.15
CA LEU B 39 -0.09 -11.44 -3.63
C LEU B 39 -1.11 -10.68 -2.80
N LEU B 40 -0.77 -10.45 -1.54
CA LEU B 40 -1.65 -9.72 -0.64
C LEU B 40 -1.65 -8.26 -1.03
N ARG B 41 -2.70 -7.52 -0.66
CA ARG B 41 -2.79 -6.10 -0.99
C ARG B 41 -1.55 -5.33 -0.51
N ARG B 42 -0.87 -5.88 0.50
CA ARG B 42 0.35 -5.26 1.03
C ARG B 42 1.39 -5.11 -0.08
N GLU B 43 1.54 -6.15 -0.88
CA GLU B 43 2.50 -6.15 -1.98
C GLU B 43 1.92 -5.42 -3.17
N VAL B 44 0.61 -5.55 -3.35
CA VAL B 44 -0.10 -4.90 -4.45
C VAL B 44 0.06 -3.38 -4.35
N TYR B 45 0.04 -2.86 -3.12
CA TYR B 45 0.21 -1.44 -2.89
C TYR B 45 1.61 -1.01 -3.31
N ASP B 46 2.59 -1.83 -2.96
CA ASP B 46 3.98 -1.57 -3.30
C ASP B 46 4.16 -1.59 -4.82
N PHE B 47 3.46 -2.52 -5.46
CA PHE B 47 3.51 -2.68 -6.91
C PHE B 47 2.94 -1.45 -7.61
N ALA B 48 1.91 -0.86 -7.01
CA ALA B 48 1.27 0.32 -7.58
C ALA B 48 2.02 1.58 -7.20
N PHE B 49 2.71 1.55 -6.08
CA PHE B 49 3.48 2.70 -5.61
C PHE B 49 4.68 2.93 -6.51
N ARG B 50 5.29 1.84 -6.96
CA ARG B 50 6.43 1.92 -7.86
C ARG B 50 5.93 1.99 -9.30
N ASP B 51 6.84 2.02 -10.24
CA ASP B 51 6.49 2.06 -11.65
C ASP B 51 6.84 0.73 -12.30
N LEU B 52 5.92 -0.22 -12.20
CA LEU B 52 6.14 -1.55 -12.74
C LEU B 52 5.00 -1.92 -13.69
N CYS B 53 5.25 -2.94 -14.51
CA CYS B 53 4.25 -3.40 -15.46
C CYS B 53 3.70 -4.76 -15.06
N ILE B 54 2.47 -5.02 -15.46
CA ILE B 54 1.83 -6.29 -15.15
C ILE B 54 2.23 -7.34 -16.17
N VAL B 55 2.80 -8.43 -15.69
CA VAL B 55 3.23 -9.51 -16.56
C VAL B 55 2.09 -10.53 -16.73
N TYR B 56 1.57 -10.63 -17.93
CA TYR B 56 0.48 -11.55 -18.20
C TYR B 56 1.02 -12.88 -18.68
N ARG B 57 0.91 -13.90 -17.83
CA ARG B 57 1.37 -15.23 -18.19
C ARG B 57 0.32 -15.91 -19.03
N ASP B 58 0.62 -16.06 -20.33
CA ASP B 58 -0.29 -16.67 -21.28
C ASP B 58 -1.50 -15.77 -21.54
N GLY B 59 -2.43 -15.75 -20.60
CA GLY B 59 -3.61 -14.93 -20.72
C GLY B 59 -4.29 -14.68 -19.41
N ASN B 60 -3.51 -14.62 -18.34
CA ASN B 60 -4.05 -14.39 -17.00
C ASN B 60 -3.24 -13.32 -16.28
N PRO B 61 -3.91 -12.39 -15.58
CA PRO B 61 -3.24 -11.32 -14.84
C PRO B 61 -2.30 -11.85 -13.75
N TYR B 62 -1.02 -11.60 -13.93
CA TYR B 62 -0.02 -12.05 -12.97
C TYR B 62 0.85 -10.87 -12.54
N ALA B 63 1.31 -10.91 -11.31
CA ALA B 63 2.13 -9.85 -10.78
C ALA B 63 3.48 -10.39 -10.33
N VAL B 64 4.34 -9.51 -9.88
CA VAL B 64 5.67 -9.89 -9.42
C VAL B 64 5.77 -9.70 -7.90
N CYS B 65 6.07 -10.77 -7.19
CA CYS B 65 6.20 -10.69 -5.74
C CYS B 65 7.46 -9.94 -5.35
N ASP B 66 7.57 -9.61 -4.06
CA ASP B 66 8.73 -8.89 -3.57
C ASP B 66 10.01 -9.67 -3.82
N LYS B 67 9.89 -10.98 -3.85
CA LYS B 67 11.03 -11.86 -4.09
C LYS B 67 11.52 -11.72 -5.53
N CYS B 68 10.62 -11.99 -6.47
CA CYS B 68 10.96 -11.92 -7.89
C CYS B 68 11.27 -10.50 -8.34
N LEU B 69 10.76 -9.51 -7.60
CA LEU B 69 11.00 -8.10 -7.93
C LEU B 69 12.49 -7.78 -7.95
N LYS B 70 13.22 -8.34 -7.01
CA LYS B 70 14.66 -8.12 -6.94
C LYS B 70 15.42 -9.04 -7.89
N PHE B 71 14.82 -10.17 -8.21
CA PHE B 71 15.44 -11.16 -9.10
C PHE B 71 15.33 -10.78 -10.58
N TYR B 72 14.16 -10.31 -10.97
CA TYR B 72 13.91 -9.94 -12.36
C TYR B 72 13.67 -8.45 -12.51
ZN ZN C . -8.17 2.04 16.06
ZN ZN D . 7.60 -14.48 -7.22
N MET A 3 8.52 13.05 21.04
CA MET A 3 8.27 14.51 21.06
C MET A 3 8.22 15.07 19.65
N PHE A 4 7.10 15.71 19.32
CA PHE A 4 6.92 16.30 17.99
C PHE A 4 6.23 17.66 18.11
N GLN A 5 7.01 18.69 18.40
CA GLN A 5 6.49 20.04 18.53
C GLN A 5 6.99 20.91 17.39
N ASP A 6 6.98 22.23 17.59
CA ASP A 6 7.44 23.19 16.58
C ASP A 6 8.92 22.96 16.25
N PRO A 7 9.39 23.39 15.06
CA PRO A 7 8.58 24.09 14.05
C PRO A 7 7.61 23.17 13.31
N GLN A 8 7.64 21.88 13.62
CA GLN A 8 6.75 20.94 12.98
C GLN A 8 5.30 21.28 13.32
N GLU A 9 4.48 21.42 12.29
CA GLU A 9 3.07 21.77 12.47
C GLU A 9 2.26 20.53 12.81
N ARG A 10 2.87 19.37 12.66
CA ARG A 10 2.22 18.10 12.95
C ARG A 10 1.00 17.94 12.05
N PRO A 11 1.22 17.69 10.76
CA PRO A 11 0.13 17.53 9.80
C PRO A 11 -0.68 16.28 10.05
N ARG A 12 -1.94 16.28 9.63
CA ARG A 12 -2.80 15.13 9.81
C ARG A 12 -2.70 14.19 8.63
N LYS A 13 -1.82 14.51 7.70
CA LYS A 13 -1.63 13.68 6.52
C LYS A 13 -0.23 13.08 6.50
N LEU A 14 -0.17 11.76 6.35
CA LEU A 14 1.08 11.02 6.32
C LEU A 14 2.11 11.56 5.32
N PRO A 15 1.72 11.82 4.04
CA PRO A 15 2.64 12.35 3.03
C PRO A 15 3.39 13.60 3.48
N GLN A 16 2.73 14.43 4.28
CA GLN A 16 3.34 15.64 4.78
C GLN A 16 4.23 15.35 5.99
N LEU A 17 3.79 14.40 6.81
CA LEU A 17 4.54 14.01 8.00
C LEU A 17 5.93 13.50 7.62
N CYS A 18 6.00 12.81 6.49
CA CYS A 18 7.26 12.27 5.99
C CYS A 18 8.26 13.39 5.78
N THR A 19 7.80 14.53 5.28
CA THR A 19 8.65 15.67 5.05
C THR A 19 9.11 16.29 6.36
N GLU A 20 8.22 16.29 7.35
CA GLU A 20 8.51 16.85 8.67
C GLU A 20 9.60 16.02 9.37
N LEU A 21 9.52 14.70 9.20
CA LEU A 21 10.49 13.79 9.80
C LEU A 21 11.70 13.61 8.89
N GLN A 22 11.67 14.28 7.74
CA GLN A 22 12.75 14.23 6.76
C GLN A 22 13.06 12.80 6.32
N THR A 23 12.03 12.07 5.90
CA THR A 23 12.20 10.71 5.45
C THR A 23 11.09 10.35 4.46
N THR A 24 11.04 9.10 4.03
CA THR A 24 10.02 8.66 3.07
C THR A 24 9.03 7.71 3.70
N ILE A 25 7.95 7.44 2.98
CA ILE A 25 6.89 6.54 3.44
C ILE A 25 7.41 5.11 3.54
N HIS A 26 8.55 4.86 2.91
CA HIS A 26 9.15 3.53 2.90
C HIS A 26 10.16 3.38 4.03
N ASP A 27 10.29 4.41 4.86
CA ASP A 27 11.25 4.36 5.97
C ASP A 27 10.62 4.84 7.28
N ILE A 28 9.62 5.70 7.18
CA ILE A 28 8.95 6.22 8.38
C ILE A 28 8.23 5.10 9.13
N ILE A 29 8.49 5.00 10.42
CA ILE A 29 7.87 3.99 11.25
C ILE A 29 7.02 4.64 12.33
N LEU A 30 5.78 4.21 12.43
CA LEU A 30 4.85 4.75 13.40
C LEU A 30 4.18 3.61 14.16
N GLU A 31 3.83 3.84 15.42
CA GLU A 31 3.18 2.83 16.23
C GLU A 31 1.72 3.18 16.43
N CYS A 32 0.91 2.18 16.77
CA CYS A 32 -0.51 2.39 16.98
C CYS A 32 -0.76 3.25 18.21
N VAL A 33 -1.76 4.11 18.13
CA VAL A 33 -2.11 4.99 19.22
C VAL A 33 -2.72 4.22 20.40
N TYR A 34 -3.38 3.10 20.11
CA TYR A 34 -4.01 2.32 21.16
C TYR A 34 -3.23 1.04 21.47
N CYS A 35 -2.82 0.33 20.44
CA CYS A 35 -2.08 -0.92 20.62
C CYS A 35 -0.59 -0.66 20.87
N LYS A 36 -0.11 0.49 20.40
CA LYS A 36 1.29 0.89 20.53
C LYS A 36 2.22 -0.08 19.80
N GLN A 37 1.65 -0.81 18.83
CA GLN A 37 2.43 -1.75 18.06
C GLN A 37 3.05 -1.06 16.85
N GLN A 38 4.25 -1.49 16.49
CA GLN A 38 4.96 -0.90 15.36
C GLN A 38 4.29 -1.30 14.05
N LEU A 39 3.72 -0.33 13.35
CA LEU A 39 3.07 -0.58 12.08
C LEU A 39 4.09 -0.96 11.03
N LEU A 40 3.78 -1.98 10.25
CA LEU A 40 4.66 -2.46 9.20
C LEU A 40 4.64 -1.49 8.04
N ARG A 41 5.69 -1.54 7.20
CA ARG A 41 5.80 -0.65 6.04
C ARG A 41 4.55 -0.71 5.17
N ARG A 42 3.96 -1.89 5.03
CA ARG A 42 2.76 -2.08 4.22
C ARG A 42 1.59 -1.31 4.82
N GLU A 43 1.49 -1.32 6.14
CA GLU A 43 0.41 -0.63 6.84
C GLU A 43 0.55 0.87 6.63
N VAL A 44 1.79 1.33 6.55
CA VAL A 44 2.08 2.74 6.35
C VAL A 44 1.63 3.17 4.94
N TYR A 45 1.80 2.28 3.97
CA TYR A 45 1.40 2.56 2.60
C TYR A 45 -0.12 2.64 2.51
N ASP A 46 -0.79 1.73 3.21
CA ASP A 46 -2.24 1.68 3.24
C ASP A 46 -2.79 2.96 3.86
N PHE A 47 -2.05 3.51 4.82
CA PHE A 47 -2.43 4.75 5.51
C PHE A 47 -2.50 5.91 4.52
N ALA A 48 -1.64 5.87 3.51
CA ALA A 48 -1.61 6.90 2.49
C ALA A 48 -2.63 6.62 1.38
N PHE A 49 -2.97 5.34 1.22
CA PHE A 49 -3.95 4.94 0.21
C PHE A 49 -5.36 5.28 0.69
N ARG A 50 -5.67 4.88 1.92
CA ARG A 50 -6.96 5.18 2.52
C ARG A 50 -6.96 6.60 3.06
N ASP A 51 -8.08 7.31 2.94
CA ASP A 51 -8.14 8.68 3.44
C ASP A 51 -8.28 8.68 4.95
N LEU A 52 -7.16 8.81 5.63
CA LEU A 52 -7.15 8.81 7.09
C LEU A 52 -6.42 10.03 7.62
N CYS A 53 -6.35 10.13 8.94
CA CYS A 53 -5.68 11.24 9.59
C CYS A 53 -4.73 10.72 10.65
N ILE A 54 -3.67 11.47 10.92
CA ILE A 54 -2.70 11.10 11.93
C ILE A 54 -3.15 11.56 13.30
N VAL A 55 -3.17 10.64 14.26
CA VAL A 55 -3.57 10.95 15.62
C VAL A 55 -2.34 11.08 16.51
N TYR A 56 -2.12 12.29 17.00
CA TYR A 56 -0.97 12.54 17.85
C TYR A 56 -1.36 12.41 19.31
N ARG A 57 -0.87 11.37 19.96
CA ARG A 57 -1.15 11.15 21.36
C ARG A 57 -0.16 11.95 22.20
N ASP A 58 -0.69 12.94 22.91
CA ASP A 58 0.11 13.83 23.76
C ASP A 58 0.97 14.76 22.91
N GLY A 59 2.10 14.23 22.46
CA GLY A 59 3.01 15.00 21.64
C GLY A 59 3.93 14.10 20.85
N ASN A 60 3.36 13.00 20.36
CA ASN A 60 4.12 12.02 19.58
C ASN A 60 3.30 11.55 18.38
N PRO A 61 3.96 11.28 17.25
CA PRO A 61 3.26 10.81 16.04
C PRO A 61 2.82 9.37 16.15
N TYR A 62 1.51 9.16 16.31
CA TYR A 62 0.97 7.83 16.42
C TYR A 62 0.08 7.52 15.22
N ALA A 63 -0.05 6.26 14.90
CA ALA A 63 -0.87 5.84 13.77
C ALA A 63 -1.98 4.93 14.23
N VAL A 64 -2.81 4.51 13.29
CA VAL A 64 -3.92 3.61 13.57
C VAL A 64 -3.73 2.31 12.81
N CYS A 65 -3.63 1.20 13.53
CA CYS A 65 -3.44 -0.09 12.90
C CYS A 65 -4.73 -0.54 12.25
N ASP A 66 -4.65 -1.61 11.46
CA ASP A 66 -5.82 -2.15 10.77
C ASP A 66 -6.89 -2.63 11.76
N LYS A 67 -6.49 -2.80 13.02
CA LYS A 67 -7.43 -3.25 14.05
C LYS A 67 -8.33 -2.09 14.47
N CYS A 68 -7.70 -1.02 14.94
CA CYS A 68 -8.42 0.15 15.41
C CYS A 68 -9.02 0.95 14.25
N LEU A 69 -8.47 0.76 13.05
CA LEU A 69 -8.94 1.46 11.85
C LEU A 69 -10.43 1.25 11.60
N LYS A 70 -10.95 0.08 11.96
CA LYS A 70 -12.37 -0.20 11.75
C LYS A 70 -13.19 0.40 12.89
N PHE A 71 -12.57 0.55 14.05
CA PHE A 71 -13.25 1.11 15.21
C PHE A 71 -13.35 2.64 15.14
N TYR A 72 -12.26 3.28 14.74
CA TYR A 72 -12.21 4.73 14.68
C TYR A 72 -11.86 5.20 13.28
N MET B 3 -7.11 -14.25 -16.46
CA MET B 3 -6.84 -14.67 -17.85
C MET B 3 -6.99 -13.47 -18.79
N PHE B 4 -6.24 -13.48 -19.89
CA PHE B 4 -6.30 -12.39 -20.87
C PHE B 4 -5.89 -12.91 -22.24
N GLN B 5 -6.61 -12.47 -23.27
CA GLN B 5 -6.32 -12.90 -24.63
C GLN B 5 -6.17 -11.70 -25.56
N ASP B 6 -6.07 -11.98 -26.85
CA ASP B 6 -5.93 -10.94 -27.87
C ASP B 6 -7.26 -10.21 -28.05
N PRO B 7 -7.26 -9.00 -28.66
CA PRO B 7 -6.08 -8.34 -29.20
C PRO B 7 -5.42 -7.38 -28.22
N GLN B 8 -5.53 -7.65 -26.93
CA GLN B 8 -4.93 -6.80 -25.93
C GLN B 8 -3.42 -7.03 -25.88
N GLU B 9 -2.65 -5.98 -26.12
CA GLU B 9 -1.20 -6.07 -26.14
C GLU B 9 -0.63 -6.30 -24.73
N ARG B 10 -1.48 -6.07 -23.72
CA ARG B 10 -1.11 -6.26 -22.32
C ARG B 10 -0.08 -5.23 -21.85
N PRO B 11 -0.53 -4.20 -21.11
CA PRO B 11 0.35 -3.15 -20.59
C PRO B 11 1.15 -3.63 -19.38
N ARG B 12 2.21 -2.88 -19.04
CA ARG B 12 3.05 -3.26 -17.90
C ARG B 12 2.69 -2.48 -16.64
N LYS B 13 1.71 -1.60 -16.75
CA LYS B 13 1.29 -0.79 -15.61
C LYS B 13 -0.07 -1.23 -15.09
N LEU B 14 -0.19 -1.35 -13.77
CA LEU B 14 -1.43 -1.78 -13.13
C LEU B 14 -2.62 -0.90 -13.52
N PRO B 15 -2.54 0.45 -13.38
CA PRO B 15 -3.65 1.35 -13.75
C PRO B 15 -4.09 1.16 -15.19
N GLN B 16 -3.13 0.94 -16.08
CA GLN B 16 -3.41 0.74 -17.49
C GLN B 16 -4.20 -0.55 -17.71
N LEU B 17 -3.82 -1.59 -16.97
CA LEU B 17 -4.48 -2.88 -17.07
C LEU B 17 -5.93 -2.78 -16.57
N CYS B 18 -6.14 -1.94 -15.56
CA CYS B 18 -7.46 -1.73 -15.01
C CYS B 18 -8.42 -1.19 -16.06
N THR B 19 -7.90 -0.31 -16.91
CA THR B 19 -8.71 0.29 -17.98
C THR B 19 -9.01 -0.74 -19.06
N GLU B 20 -8.08 -1.69 -19.26
CA GLU B 20 -8.26 -2.74 -20.24
C GLU B 20 -9.43 -3.64 -19.86
N LEU B 21 -9.53 -3.93 -18.57
CA LEU B 21 -10.60 -4.76 -18.04
C LEU B 21 -11.84 -3.91 -17.76
N GLN B 22 -11.70 -2.60 -17.95
CA GLN B 22 -12.77 -1.64 -17.74
C GLN B 22 -13.27 -1.67 -16.30
N THR B 23 -12.34 -1.55 -15.35
CA THR B 23 -12.69 -1.57 -13.95
C THR B 23 -11.69 -0.73 -13.14
N THR B 24 -11.81 -0.75 -11.82
CA THR B 24 -10.94 0.02 -10.95
C THR B 24 -9.86 -0.86 -10.31
N ILE B 25 -8.86 -0.21 -9.72
CA ILE B 25 -7.76 -0.90 -9.07
C ILE B 25 -8.27 -1.69 -7.85
N HIS B 26 -9.38 -1.24 -7.28
CA HIS B 26 -9.96 -1.89 -6.11
C HIS B 26 -10.94 -3.00 -6.52
N ASP B 27 -10.98 -3.31 -7.81
CA ASP B 27 -11.88 -4.34 -8.30
C ASP B 27 -11.15 -5.37 -9.14
N ILE B 28 -10.11 -4.95 -9.84
CA ILE B 28 -9.32 -5.85 -10.68
C ILE B 28 -8.74 -7.00 -9.87
N ILE B 29 -9.15 -8.22 -10.21
CA ILE B 29 -8.68 -9.40 -9.50
C ILE B 29 -7.44 -9.99 -10.17
N LEU B 30 -6.30 -9.83 -9.53
CA LEU B 30 -5.05 -10.37 -10.05
C LEU B 30 -4.61 -11.55 -9.20
N GLU B 31 -3.85 -12.45 -9.81
CA GLU B 31 -3.37 -13.63 -9.11
C GLU B 31 -1.85 -13.63 -9.02
N CYS B 32 -1.32 -14.23 -7.96
CA CYS B 32 0.12 -14.30 -7.76
C CYS B 32 0.78 -15.17 -8.83
N VAL B 33 1.89 -14.69 -9.36
CA VAL B 33 2.62 -15.39 -10.42
C VAL B 33 3.11 -16.78 -9.97
N TYR B 34 3.64 -16.88 -8.76
CA TYR B 34 4.14 -18.15 -8.27
C TYR B 34 3.18 -18.82 -7.29
N CYS B 35 2.63 -18.04 -6.37
CA CYS B 35 1.70 -18.55 -5.37
C CYS B 35 0.40 -19.03 -6.02
N LYS B 36 0.04 -18.40 -7.14
CA LYS B 36 -1.16 -18.75 -7.90
C LYS B 36 -2.43 -18.60 -7.03
N GLN B 37 -2.50 -17.50 -6.30
CA GLN B 37 -3.66 -17.24 -5.45
C GLN B 37 -4.16 -15.83 -5.74
N GLN B 38 -5.33 -15.49 -5.23
CA GLN B 38 -5.88 -14.16 -5.46
C GLN B 38 -5.19 -13.14 -4.58
N LEU B 39 -4.62 -12.12 -5.20
CA LEU B 39 -3.93 -11.07 -4.49
C LEU B 39 -4.91 -10.35 -3.54
N LEU B 40 -4.48 -10.13 -2.31
CA LEU B 40 -5.33 -9.47 -1.34
C LEU B 40 -5.51 -8.00 -1.67
N ARG B 41 -6.67 -7.46 -1.29
CA ARG B 41 -7.01 -6.06 -1.56
C ARG B 41 -5.93 -5.09 -1.09
N ARG B 42 -5.36 -5.36 0.07
CA ARG B 42 -4.32 -4.50 0.63
C ARG B 42 -3.01 -4.65 -0.16
N GLU B 43 -2.76 -5.87 -0.65
CA GLU B 43 -1.55 -6.15 -1.41
C GLU B 43 -1.57 -5.41 -2.74
N VAL B 44 -2.77 -5.25 -3.31
CA VAL B 44 -2.93 -4.55 -4.58
C VAL B 44 -2.45 -3.11 -4.45
N TYR B 45 -2.66 -2.54 -3.27
CA TYR B 45 -2.25 -1.16 -3.00
C TYR B 45 -0.74 -1.01 -3.08
N ASP B 46 0.00 -1.99 -2.59
CA ASP B 46 1.47 -1.95 -2.63
C ASP B 46 1.95 -1.96 -4.08
N PHE B 47 1.25 -2.72 -4.91
CA PHE B 47 1.58 -2.83 -6.33
C PHE B 47 1.41 -1.49 -7.03
N ALA B 48 0.43 -0.71 -6.59
CA ALA B 48 0.16 0.59 -7.17
C ALA B 48 1.01 1.68 -6.51
N PHE B 49 1.61 1.33 -5.38
CA PHE B 49 2.45 2.25 -4.62
C PHE B 49 3.88 2.23 -5.13
N ARG B 50 4.45 1.03 -5.22
CA ARG B 50 5.82 0.87 -5.69
C ARG B 50 5.85 0.40 -7.14
N ASP B 51 7.05 0.22 -7.68
CA ASP B 51 7.20 -0.22 -9.05
C ASP B 51 7.63 -1.68 -9.09
N LEU B 52 6.65 -2.57 -9.28
CA LEU B 52 6.93 -3.99 -9.32
C LEU B 52 6.82 -4.53 -10.75
N CYS B 53 5.96 -3.88 -11.54
CA CYS B 53 5.72 -4.26 -12.94
C CYS B 53 4.87 -5.53 -13.00
N ILE B 54 3.96 -5.58 -13.97
CA ILE B 54 3.10 -6.73 -14.12
C ILE B 54 3.83 -7.86 -14.84
N VAL B 55 3.88 -9.02 -14.20
CA VAL B 55 4.51 -10.18 -14.78
C VAL B 55 3.48 -11.02 -15.52
N TYR B 56 3.75 -11.27 -16.78
CA TYR B 56 2.83 -12.04 -17.59
C TYR B 56 3.36 -13.45 -17.84
N ARG B 57 2.71 -14.42 -17.22
CA ARG B 57 3.08 -15.82 -17.37
C ARG B 57 2.13 -16.46 -18.37
N ASP B 58 2.70 -16.96 -19.48
CA ASP B 58 1.93 -17.60 -20.55
C ASP B 58 1.16 -16.56 -21.38
N GLY B 59 0.69 -15.53 -20.71
CA GLY B 59 -0.05 -14.47 -21.37
C GLY B 59 -1.10 -13.88 -20.46
N ASN B 60 -1.20 -14.41 -19.25
CA ASN B 60 -2.15 -13.93 -18.27
C ASN B 60 -1.48 -12.95 -17.32
N PRO B 61 -2.19 -11.88 -16.93
CA PRO B 61 -1.65 -10.88 -16.00
C PRO B 61 -1.53 -11.42 -14.58
N TYR B 62 -0.31 -11.53 -14.10
CA TYR B 62 -0.05 -12.03 -12.76
C TYR B 62 0.52 -10.91 -11.89
N ALA B 63 0.33 -11.03 -10.60
CA ALA B 63 0.82 -10.02 -9.66
C ALA B 63 2.00 -10.55 -8.87
N VAL B 64 2.73 -9.65 -8.26
CA VAL B 64 3.88 -9.99 -7.45
C VAL B 64 3.64 -9.51 -6.02
N CYS B 65 3.49 -10.45 -5.11
CA CYS B 65 3.25 -10.13 -3.72
C CYS B 65 4.56 -10.07 -2.96
N ASP B 66 4.48 -9.64 -1.69
CA ASP B 66 5.65 -9.56 -0.84
C ASP B 66 6.27 -10.94 -0.68
N LYS B 67 5.42 -11.96 -0.85
CA LYS B 67 5.84 -13.35 -0.76
C LYS B 67 6.78 -13.68 -1.92
N CYS B 68 6.34 -13.36 -3.14
CA CYS B 68 7.14 -13.63 -4.33
C CYS B 68 8.41 -12.79 -4.33
N LEU B 69 8.29 -11.55 -3.85
CA LEU B 69 9.42 -10.64 -3.78
C LEU B 69 10.55 -11.19 -2.89
N LYS B 70 10.17 -11.78 -1.77
CA LYS B 70 11.15 -12.33 -0.85
C LYS B 70 11.63 -13.71 -1.31
N PHE B 71 10.81 -14.35 -2.13
CA PHE B 71 11.13 -15.67 -2.65
C PHE B 71 12.15 -15.60 -3.79
N TYR B 72 11.91 -14.70 -4.74
CA TYR B 72 12.80 -14.54 -5.88
C TYR B 72 13.44 -13.17 -5.87
ZN ZN C . -4.33 -0.35 17.12
ZN ZN D . 3.27 -14.46 -4.62
N MET A 3 11.05 9.71 20.08
CA MET A 3 10.78 11.16 20.22
C MET A 3 11.03 11.87 18.89
N PHE A 4 10.28 12.94 18.67
CA PHE A 4 10.41 13.73 17.46
C PHE A 4 10.19 15.20 17.77
N GLN A 5 11.25 15.99 17.68
CA GLN A 5 11.19 17.41 17.96
C GLN A 5 11.92 18.19 16.87
N ASP A 6 12.29 19.44 17.17
CA ASP A 6 13.02 20.31 16.23
C ASP A 6 14.22 19.58 15.61
N PRO A 7 14.53 19.85 14.33
CA PRO A 7 13.81 20.80 13.48
C PRO A 7 12.57 20.22 12.80
N GLN A 8 12.17 19.04 13.22
CA GLN A 8 11.00 18.39 12.67
C GLN A 8 9.74 19.01 13.27
N GLU A 9 8.94 19.62 12.43
CA GLU A 9 7.71 20.26 12.88
C GLU A 9 6.65 19.22 13.19
N ARG A 10 6.68 18.14 12.41
CA ARG A 10 5.73 17.01 12.56
C ARG A 10 4.37 17.35 11.96
N PRO A 11 4.22 17.12 10.65
CA PRO A 11 2.96 17.37 9.95
C PRO A 11 1.90 16.34 10.32
N ARG A 12 0.66 16.59 9.93
CA ARG A 12 -0.43 15.67 10.25
C ARG A 12 -0.67 14.68 9.11
N LYS A 13 0.21 14.71 8.12
CA LYS A 13 0.09 13.80 6.99
C LYS A 13 1.34 12.95 6.86
N LEU A 14 1.11 11.67 6.61
CA LEU A 14 2.17 10.67 6.48
C LEU A 14 3.22 11.01 5.41
N PRO A 15 2.81 11.35 4.15
CA PRO A 15 3.75 11.67 3.06
C PRO A 15 4.84 12.67 3.46
N GLN A 16 4.46 13.75 4.11
CA GLN A 16 5.41 14.78 4.52
C GLN A 16 6.22 14.34 5.76
N LEU A 17 5.59 13.56 6.63
CA LEU A 17 6.26 13.10 7.84
C LEU A 17 7.47 12.24 7.49
N CYS A 18 7.36 11.47 6.41
CA CYS A 18 8.45 10.61 5.97
C CYS A 18 9.69 11.44 5.63
N THR A 19 9.47 12.59 5.01
CA THR A 19 10.58 13.48 4.63
C THR A 19 11.30 13.99 5.87
N GLU A 20 10.54 14.31 6.91
CA GLU A 20 11.12 14.82 8.15
C GLU A 20 11.94 13.71 8.84
N LEU A 21 11.49 12.48 8.67
CA LEU A 21 12.17 11.33 9.24
C LEU A 21 13.31 10.89 8.31
N GLN A 22 13.42 11.58 7.18
CA GLN A 22 14.45 11.32 6.18
C GLN A 22 14.34 9.90 5.64
N THR A 23 13.13 9.38 5.58
CA THR A 23 12.92 8.03 5.08
C THR A 23 11.69 7.98 4.17
N THR A 24 11.40 6.79 3.65
CA THR A 24 10.27 6.61 2.75
C THR A 24 9.06 6.04 3.49
N ILE A 25 7.92 6.00 2.81
CA ILE A 25 6.68 5.47 3.38
C ILE A 25 6.81 3.95 3.58
N HIS A 26 7.81 3.36 2.95
CA HIS A 26 8.04 1.93 3.05
C HIS A 26 8.90 1.58 4.27
N ASP A 27 9.55 2.59 4.85
CA ASP A 27 10.40 2.36 6.02
C ASP A 27 9.81 2.99 7.28
N ILE A 28 8.98 4.01 7.10
CA ILE A 28 8.38 4.70 8.25
C ILE A 28 7.46 3.76 9.05
N ILE A 29 7.77 3.60 10.32
CA ILE A 29 6.99 2.75 11.20
C ILE A 29 6.33 3.59 12.29
N LEU A 30 5.00 3.49 12.38
CA LEU A 30 4.26 4.24 13.39
C LEU A 30 3.50 3.29 14.30
N GLU A 31 3.26 3.73 15.53
CA GLU A 31 2.53 2.92 16.50
C GLU A 31 1.15 3.51 16.74
N CYS A 32 0.21 2.66 17.13
CA CYS A 32 -1.16 3.09 17.38
C CYS A 32 -1.23 3.98 18.62
N VAL A 33 -2.12 4.96 18.58
CA VAL A 33 -2.28 5.89 19.69
C VAL A 33 -3.17 5.28 20.78
N TYR A 34 -4.06 4.37 20.40
CA TYR A 34 -4.97 3.77 21.36
C TYR A 34 -4.38 2.51 22.01
N CYS A 35 -4.09 1.50 21.22
CA CYS A 35 -3.55 0.25 21.74
C CYS A 35 -2.03 0.26 21.79
N LYS A 36 -1.42 1.29 21.20
CA LYS A 36 0.03 1.44 21.17
C LYS A 36 0.72 0.27 20.46
N GLN A 37 0.02 -0.33 19.50
CA GLN A 37 0.56 -1.45 18.76
C GLN A 37 1.40 -0.95 17.58
N GLN A 38 2.41 -1.70 17.21
CA GLN A 38 3.27 -1.34 16.10
C GLN A 38 2.60 -1.71 14.78
N LEU A 39 2.25 -0.69 14.00
CA LEU A 39 1.59 -0.90 12.71
C LEU A 39 2.59 -1.33 11.64
N LEU A 40 2.25 -2.39 10.92
CA LEU A 40 3.10 -2.89 9.86
C LEU A 40 2.98 -1.97 8.64
N ARG A 41 4.03 -1.96 7.81
CA ARG A 41 4.05 -1.12 6.62
C ARG A 41 2.82 -1.37 5.73
N ARG A 42 2.31 -2.60 5.78
CA ARG A 42 1.16 -2.99 5.00
C ARG A 42 -0.05 -2.11 5.31
N GLU A 43 -0.32 -1.91 6.59
CA GLU A 43 -1.45 -1.09 7.03
C GLU A 43 -1.14 0.39 6.80
N VAL A 44 0.14 0.73 6.90
CA VAL A 44 0.58 2.12 6.71
C VAL A 44 0.25 2.61 5.30
N TYR A 45 0.35 1.72 4.32
CA TYR A 45 0.06 2.09 2.94
C TYR A 45 -1.42 2.41 2.77
N ASP A 46 -2.26 1.71 3.51
CA ASP A 46 -3.71 1.92 3.42
C ASP A 46 -4.09 3.23 4.09
N PHE A 47 -3.26 3.67 5.03
CA PHE A 47 -3.46 4.92 5.74
C PHE A 47 -3.42 6.10 4.77
N ALA A 48 -2.56 5.98 3.75
CA ALA A 48 -2.42 7.02 2.75
C ALA A 48 -3.47 6.86 1.66
N PHE A 49 -3.92 5.62 1.47
CA PHE A 49 -4.93 5.31 0.46
C PHE A 49 -6.27 5.92 0.84
N ARG A 50 -6.61 5.85 2.12
CA ARG A 50 -7.87 6.40 2.62
C ARG A 50 -7.66 7.82 3.12
N ASP A 51 -8.72 8.47 3.57
CA ASP A 51 -8.62 9.83 4.08
C ASP A 51 -8.48 9.80 5.60
N LEU A 52 -7.24 9.81 6.06
CA LEU A 52 -6.95 9.78 7.49
C LEU A 52 -5.87 10.78 7.83
N CYS A 53 -5.80 11.14 9.10
CA CYS A 53 -4.81 12.09 9.59
C CYS A 53 -4.00 11.45 10.70
N ILE A 54 -2.78 11.92 10.88
CA ILE A 54 -1.91 11.38 11.92
C ILE A 54 -2.26 11.97 13.28
N VAL A 55 -2.50 11.10 14.24
CA VAL A 55 -2.84 11.51 15.59
C VAL A 55 -1.58 11.63 16.43
N TYR A 56 -1.37 12.79 17.01
CA TYR A 56 -0.18 13.03 17.82
C TYR A 56 -0.50 12.99 19.30
N ARG A 57 -0.02 11.95 19.97
CA ARG A 57 -0.22 11.80 21.40
C ARG A 57 0.95 12.41 22.13
N ASP A 58 0.67 13.47 22.91
CA ASP A 58 1.69 14.19 23.69
C ASP A 58 2.55 15.05 22.77
N GLY A 59 3.22 14.40 21.83
CA GLY A 59 4.08 15.10 20.90
C GLY A 59 4.85 14.13 20.04
N ASN A 60 4.27 12.96 19.81
CA ASN A 60 4.91 11.92 19.00
C ASN A 60 3.94 11.45 17.93
N PRO A 61 4.45 11.01 16.77
CA PRO A 61 3.61 10.54 15.66
C PRO A 61 3.02 9.15 15.92
N TYR A 62 1.70 9.10 15.97
CA TYR A 62 0.99 7.84 16.19
C TYR A 62 0.04 7.58 15.03
N ALA A 63 -0.32 6.33 14.86
CA ALA A 63 -1.22 5.93 13.79
C ALA A 63 -2.46 5.25 14.35
N VAL A 64 -3.29 4.72 13.47
CA VAL A 64 -4.51 4.03 13.86
C VAL A 64 -4.58 2.67 13.17
N CYS A 65 -4.60 1.60 13.95
CA CYS A 65 -4.67 0.26 13.38
C CYS A 65 -6.10 -0.06 12.94
N ASP A 66 -6.27 -1.19 12.25
CA ASP A 66 -7.58 -1.61 11.75
C ASP A 66 -8.63 -1.66 12.86
N LYS A 67 -8.21 -2.09 14.05
CA LYS A 67 -9.10 -2.21 15.19
C LYS A 67 -9.63 -0.85 15.63
N CYS A 68 -8.71 0.06 15.95
CA CYS A 68 -9.07 1.40 16.39
C CYS A 68 -9.64 2.23 15.25
N LEU A 69 -9.35 1.83 14.02
CA LEU A 69 -9.83 2.53 12.84
C LEU A 69 -11.35 2.61 12.85
N LYS A 70 -12.02 1.48 13.04
CA LYS A 70 -13.48 1.45 13.06
C LYS A 70 -14.01 1.91 14.41
N PHE A 71 -13.13 1.97 15.40
CA PHE A 71 -13.52 2.42 16.74
C PHE A 71 -13.65 3.94 16.79
N TYR A 72 -12.61 4.64 16.35
CA TYR A 72 -12.62 6.10 16.36
C TYR A 72 -12.05 6.66 15.06
N MET B 3 -6.11 -15.00 -18.12
CA MET B 3 -5.64 -14.99 -19.52
C MET B 3 -6.03 -13.67 -20.18
N PHE B 4 -5.10 -13.07 -20.91
CA PHE B 4 -5.36 -11.81 -21.60
C PHE B 4 -4.76 -11.84 -22.99
N GLN B 5 -5.63 -11.86 -23.99
CA GLN B 5 -5.21 -11.89 -25.38
C GLN B 5 -5.96 -10.83 -26.17
N ASP B 6 -5.87 -10.88 -27.49
CA ASP B 6 -6.57 -9.92 -28.35
C ASP B 6 -8.07 -9.94 -28.03
N PRO B 7 -8.78 -8.83 -28.28
CA PRO B 7 -8.20 -7.61 -28.84
C PRO B 7 -7.62 -6.66 -27.79
N GLN B 8 -7.33 -7.20 -26.61
CA GLN B 8 -6.76 -6.39 -25.53
C GLN B 8 -5.34 -5.99 -25.88
N GLU B 9 -4.97 -4.78 -25.50
CA GLU B 9 -3.64 -4.28 -25.80
C GLU B 9 -2.60 -4.85 -24.85
N ARG B 10 -3.02 -5.07 -23.60
CA ARG B 10 -2.15 -5.61 -22.56
C ARG B 10 -1.09 -4.59 -22.17
N PRO B 11 -1.47 -3.65 -21.28
CA PRO B 11 -0.56 -2.60 -20.82
C PRO B 11 0.45 -3.10 -19.79
N ARG B 12 1.38 -2.25 -19.40
CA ARG B 12 2.41 -2.62 -18.44
C ARG B 12 2.08 -2.10 -17.03
N LYS B 13 1.11 -1.20 -16.93
CA LYS B 13 0.72 -0.64 -15.65
C LYS B 13 -0.60 -1.23 -15.17
N LEU B 14 -0.66 -1.53 -13.88
CA LEU B 14 -1.85 -2.11 -13.26
C LEU B 14 -3.09 -1.24 -13.48
N PRO B 15 -3.04 0.09 -13.18
CA PRO B 15 -4.19 0.98 -13.37
C PRO B 15 -4.74 0.91 -14.79
N GLN B 16 -3.85 0.79 -15.77
CA GLN B 16 -4.25 0.70 -17.16
C GLN B 16 -4.90 -0.65 -17.44
N LEU B 17 -4.36 -1.70 -16.83
CA LEU B 17 -4.89 -3.05 -16.99
C LEU B 17 -6.33 -3.11 -16.49
N CYS B 18 -6.59 -2.36 -15.42
CA CYS B 18 -7.92 -2.30 -14.83
C CYS B 18 -8.91 -1.71 -15.83
N THR B 19 -8.45 -0.70 -16.58
CA THR B 19 -9.29 -0.05 -17.58
C THR B 19 -9.62 -1.02 -18.72
N GLU B 20 -8.62 -1.80 -19.13
CA GLU B 20 -8.82 -2.77 -20.20
C GLU B 20 -9.77 -3.87 -19.75
N LEU B 21 -9.69 -4.23 -18.47
CA LEU B 21 -10.55 -5.26 -17.89
C LEU B 21 -11.91 -4.68 -17.51
N GLN B 22 -12.06 -3.36 -17.70
CA GLN B 22 -13.29 -2.65 -17.40
C GLN B 22 -13.64 -2.73 -15.91
N THR B 23 -12.64 -2.57 -15.06
CA THR B 23 -12.83 -2.61 -13.62
C THR B 23 -11.83 -1.68 -12.94
N THR B 24 -11.80 -1.69 -11.61
CA THR B 24 -10.89 -0.84 -10.87
C THR B 24 -9.90 -1.67 -10.05
N ILE B 25 -8.94 -0.99 -9.44
CA ILE B 25 -7.91 -1.63 -8.61
C ILE B 25 -8.51 -2.21 -7.34
N HIS B 26 -9.77 -1.93 -7.10
CA HIS B 26 -10.47 -2.41 -5.92
C HIS B 26 -11.24 -3.70 -6.20
N ASP B 27 -11.16 -4.16 -7.45
CA ASP B 27 -11.88 -5.38 -7.84
C ASP B 27 -11.00 -6.34 -8.63
N ILE B 28 -10.07 -5.79 -9.41
CA ILE B 28 -9.19 -6.62 -10.22
C ILE B 28 -8.37 -7.59 -9.36
N ILE B 29 -8.57 -8.87 -9.60
CA ILE B 29 -7.85 -9.91 -8.87
C ILE B 29 -6.76 -10.50 -9.74
N LEU B 30 -5.52 -10.24 -9.39
CA LEU B 30 -4.39 -10.77 -10.13
C LEU B 30 -3.69 -11.83 -9.31
N GLU B 31 -3.13 -12.83 -9.97
CA GLU B 31 -2.45 -13.90 -9.29
C GLU B 31 -0.93 -13.73 -9.38
N CYS B 32 -0.22 -14.35 -8.46
CA CYS B 32 1.24 -14.28 -8.45
C CYS B 32 1.81 -15.19 -9.52
N VAL B 33 2.89 -14.74 -10.14
CA VAL B 33 3.55 -15.52 -11.18
C VAL B 33 4.37 -16.66 -10.60
N TYR B 34 4.80 -16.50 -9.35
CA TYR B 34 5.60 -17.53 -8.70
C TYR B 34 4.77 -18.42 -7.79
N CYS B 35 4.20 -17.83 -6.75
CA CYS B 35 3.39 -18.56 -5.79
C CYS B 35 2.06 -19.01 -6.39
N LYS B 36 1.63 -18.34 -7.45
CA LYS B 36 0.37 -18.65 -8.13
C LYS B 36 -0.82 -18.38 -7.22
N GLN B 37 -0.64 -17.49 -6.25
CA GLN B 37 -1.69 -17.16 -5.32
C GLN B 37 -2.43 -15.91 -5.79
N GLN B 38 -3.71 -15.81 -5.47
CA GLN B 38 -4.51 -14.65 -5.85
C GLN B 38 -4.22 -13.52 -4.87
N LEU B 39 -3.58 -12.47 -5.37
CA LEU B 39 -3.21 -11.32 -4.56
C LEU B 39 -4.40 -10.72 -3.83
N LEU B 40 -4.22 -10.50 -2.54
CA LEU B 40 -5.26 -9.90 -1.70
C LEU B 40 -5.39 -8.42 -2.01
N ARG B 41 -6.43 -7.79 -1.48
CA ARG B 41 -6.66 -6.36 -1.71
C ARG B 41 -5.42 -5.53 -1.39
N ARG B 42 -4.79 -5.81 -0.25
CA ARG B 42 -3.59 -5.09 0.16
C ARG B 42 -2.46 -5.29 -0.83
N GLU B 43 -2.31 -6.52 -1.31
CA GLU B 43 -1.26 -6.86 -2.27
C GLU B 43 -1.46 -6.12 -3.59
N VAL B 44 -2.71 -6.04 -4.04
CA VAL B 44 -3.04 -5.34 -5.28
C VAL B 44 -2.78 -3.84 -5.11
N TYR B 45 -3.15 -3.33 -3.95
CA TYR B 45 -2.95 -1.91 -3.63
C TYR B 45 -1.47 -1.58 -3.60
N ASP B 46 -0.67 -2.52 -3.12
CA ASP B 46 0.78 -2.34 -3.02
C ASP B 46 1.41 -2.24 -4.41
N PHE B 47 0.92 -3.05 -5.33
CA PHE B 47 1.42 -3.07 -6.70
C PHE B 47 1.27 -1.70 -7.36
N ALA B 48 0.14 -1.05 -7.12
CA ALA B 48 -0.13 0.27 -7.69
C ALA B 48 0.54 1.38 -6.89
N PHE B 49 0.87 1.09 -5.64
CA PHE B 49 1.51 2.06 -4.77
C PHE B 49 2.99 2.20 -5.10
N ARG B 50 3.56 1.14 -5.67
CA ARG B 50 4.97 1.15 -6.04
C ARG B 50 5.13 1.24 -7.55
N ASP B 51 6.36 1.37 -8.00
CA ASP B 51 6.64 1.44 -9.43
C ASP B 51 6.98 0.05 -9.95
N LEU B 52 5.95 -0.68 -10.35
CA LEU B 52 6.12 -2.03 -10.87
C LEU B 52 5.43 -2.20 -12.20
N CYS B 53 5.80 -3.25 -12.91
CA CYS B 53 5.22 -3.55 -14.20
C CYS B 53 4.56 -4.92 -14.13
N ILE B 54 3.59 -5.17 -14.99
CA ILE B 54 2.88 -6.43 -15.00
C ILE B 54 3.70 -7.50 -15.74
N VAL B 55 3.88 -8.64 -15.10
CA VAL B 55 4.62 -9.74 -15.69
C VAL B 55 3.66 -10.71 -16.37
N TYR B 56 3.76 -10.79 -17.68
CA TYR B 56 2.90 -11.66 -18.45
C TYR B 56 3.56 -13.01 -18.69
N ARG B 57 3.04 -14.04 -18.04
CA ARG B 57 3.57 -15.39 -18.20
C ARG B 57 2.77 -16.08 -19.30
N ASP B 58 3.38 -16.22 -20.47
CA ASP B 58 2.75 -16.84 -21.64
C ASP B 58 1.64 -15.95 -22.19
N GLY B 59 0.54 -15.87 -21.47
CA GLY B 59 -0.58 -15.05 -21.88
C GLY B 59 -1.44 -14.67 -20.69
N ASN B 60 -0.88 -14.82 -19.51
CA ASN B 60 -1.59 -14.52 -18.28
C ASN B 60 -0.90 -13.39 -17.53
N PRO B 61 -1.63 -12.28 -17.27
CA PRO B 61 -1.09 -11.14 -16.53
C PRO B 61 -0.98 -11.45 -15.05
N TYR B 62 0.22 -11.75 -14.60
CA TYR B 62 0.46 -12.06 -13.20
C TYR B 62 1.05 -10.87 -12.47
N ALA B 63 1.03 -10.92 -11.15
CA ALA B 63 1.57 -9.86 -10.33
C ALA B 63 2.66 -10.38 -9.42
N VAL B 64 3.30 -9.47 -8.69
CA VAL B 64 4.37 -9.82 -7.78
C VAL B 64 3.98 -9.44 -6.35
N CYS B 65 3.85 -10.43 -5.50
CA CYS B 65 3.48 -10.21 -4.10
C CYS B 65 4.68 -9.75 -3.27
N ASP B 66 4.42 -9.38 -2.02
CA ASP B 66 5.45 -8.91 -1.10
C ASP B 66 6.56 -9.96 -0.92
N LYS B 67 6.14 -11.23 -0.90
CA LYS B 67 7.09 -12.33 -0.71
C LYS B 67 8.12 -12.35 -1.83
N CYS B 68 7.65 -12.29 -3.07
CA CYS B 68 8.56 -12.29 -4.21
C CYS B 68 9.32 -10.97 -4.32
N LEU B 69 8.67 -9.89 -3.88
CA LEU B 69 9.27 -8.56 -3.93
C LEU B 69 10.48 -8.46 -3.01
N LYS B 70 10.40 -9.04 -1.81
CA LYS B 70 11.50 -8.97 -0.86
C LYS B 70 12.71 -9.77 -1.35
N PHE B 71 12.46 -10.74 -2.22
CA PHE B 71 13.52 -11.56 -2.78
C PHE B 71 14.29 -10.81 -3.85
N TYR B 72 13.62 -9.86 -4.48
CA TYR B 72 14.23 -9.06 -5.55
C TYR B 72 15.20 -8.04 -4.96
ZN ZN C . -4.96 0.66 17.71
ZN ZN D . 4.59 -14.17 -5.40
N MET A 3 8.58 10.89 21.62
CA MET A 3 8.52 12.37 21.51
C MET A 3 9.05 12.81 20.16
N PHE A 4 8.50 13.90 19.63
CA PHE A 4 8.91 14.42 18.35
C PHE A 4 8.88 15.95 18.38
N GLN A 5 10.05 16.54 18.50
CA GLN A 5 10.19 17.99 18.58
C GLN A 5 11.29 18.46 17.62
N ASP A 6 11.93 19.58 17.95
CA ASP A 6 13.00 20.13 17.11
C ASP A 6 14.13 19.10 16.93
N PRO A 7 14.84 19.14 15.79
CA PRO A 7 14.61 20.11 14.71
C PRO A 7 13.52 19.67 13.73
N GLN A 8 12.89 18.54 14.03
CA GLN A 8 11.81 18.03 13.18
C GLN A 8 10.62 18.98 13.24
N GLU A 9 10.00 19.22 12.09
CA GLU A 9 8.86 20.12 12.04
C GLU A 9 7.57 19.36 12.29
N ARG A 10 7.63 18.04 12.15
CA ARG A 10 6.46 17.18 12.37
C ARG A 10 5.40 17.44 11.31
N PRO A 11 5.52 16.79 10.14
CA PRO A 11 4.56 16.95 9.05
C PRO A 11 3.21 16.30 9.37
N ARG A 12 2.19 16.67 8.63
CA ARG A 12 0.86 16.11 8.85
C ARG A 12 0.62 14.92 7.95
N LYS A 13 1.51 14.73 6.97
CA LYS A 13 1.42 13.61 6.05
C LYS A 13 2.53 12.61 6.34
N LEU A 14 2.15 11.34 6.43
CA LEU A 14 3.08 10.24 6.72
C LEU A 14 4.31 10.20 5.80
N PRO A 15 4.13 10.29 4.45
CA PRO A 15 5.25 10.26 3.49
C PRO A 15 6.40 11.21 3.84
N GLN A 16 6.08 12.37 4.40
CA GLN A 16 7.10 13.36 4.76
C GLN A 16 7.65 13.10 6.15
N LEU A 17 6.82 12.55 7.03
CA LEU A 17 7.23 12.26 8.40
C LEU A 17 8.36 11.24 8.41
N CYS A 18 8.28 10.28 7.50
CA CYS A 18 9.30 9.24 7.37
C CYS A 18 10.65 9.84 7.02
N THR A 19 10.63 10.90 6.22
CA THR A 19 11.86 11.56 5.80
C THR A 19 12.56 12.23 6.97
N GLU A 20 11.77 12.87 7.86
CA GLU A 20 12.33 13.53 9.03
C GLU A 20 12.97 12.51 9.96
N LEU A 21 12.37 11.32 10.02
CA LEU A 21 12.89 10.25 10.87
C LEU A 21 13.99 9.48 10.16
N GLN A 22 14.30 9.89 8.93
CA GLN A 22 15.34 9.25 8.12
C GLN A 22 15.05 7.78 7.87
N THR A 23 13.77 7.46 7.68
CA THR A 23 13.35 6.11 7.43
C THR A 23 12.35 6.06 6.27
N THR A 24 11.82 4.88 6.00
CA THR A 24 10.86 4.71 4.92
C THR A 24 9.52 4.22 5.45
N ILE A 25 8.49 4.32 4.61
CA ILE A 25 7.14 3.90 4.97
C ILE A 25 7.06 2.37 4.98
N HIS A 26 8.19 1.74 4.70
CA HIS A 26 8.28 0.28 4.66
C HIS A 26 8.92 -0.26 5.93
N ASP A 27 9.27 0.63 6.84
CA ASP A 27 9.91 0.23 8.09
C ASP A 27 9.33 0.98 9.28
N ILE A 28 8.90 2.22 9.08
CA ILE A 28 8.33 3.02 10.16
C ILE A 28 7.03 2.39 10.67
N ILE A 29 7.00 2.07 11.97
CA ILE A 29 5.84 1.48 12.58
C ILE A 29 5.18 2.46 13.54
N LEU A 30 4.05 3.01 13.14
CA LEU A 30 3.32 3.95 13.96
C LEU A 30 2.26 3.22 14.78
N GLU A 31 1.86 3.82 15.88
CA GLU A 31 0.85 3.23 16.74
C GLU A 31 -0.45 4.02 16.63
N CYS A 32 -1.55 3.37 16.98
CA CYS A 32 -2.86 4.00 16.93
C CYS A 32 -2.96 5.08 18.00
N VAL A 33 -3.63 6.17 17.68
CA VAL A 33 -3.81 7.27 18.62
C VAL A 33 -4.83 6.89 19.70
N TYR A 34 -5.76 6.01 19.35
CA TYR A 34 -6.79 5.59 20.29
C TYR A 34 -6.46 4.24 20.90
N CYS A 35 -6.28 3.22 20.06
CA CYS A 35 -5.97 1.88 20.54
C CYS A 35 -4.57 1.81 21.12
N LYS A 36 -3.71 2.73 20.67
CA LYS A 36 -2.32 2.80 21.13
C LYS A 36 -1.59 1.48 20.88
N GLN A 37 -1.85 0.90 19.71
CA GLN A 37 -1.22 -0.35 19.32
C GLN A 37 -0.42 -0.16 18.04
N GLN A 38 0.62 -0.99 17.87
CA GLN A 38 1.48 -0.90 16.69
C GLN A 38 0.75 -1.36 15.43
N LEU A 39 0.71 -0.49 14.43
CA LEU A 39 0.05 -0.79 13.16
C LEU A 39 1.00 -1.55 12.24
N LEU A 40 0.49 -2.62 11.63
CA LEU A 40 1.29 -3.40 10.71
C LEU A 40 1.46 -2.61 9.42
N ARG A 41 2.51 -2.93 8.65
CA ARG A 41 2.78 -2.23 7.39
C ARG A 41 1.60 -2.31 6.43
N ARG A 42 0.76 -3.34 6.59
CA ARG A 42 -0.40 -3.52 5.74
C ARG A 42 -1.35 -2.32 5.86
N GLU A 43 -1.72 -1.97 7.09
CA GLU A 43 -2.60 -0.85 7.34
C GLU A 43 -1.86 0.47 7.17
N VAL A 44 -0.54 0.45 7.33
CA VAL A 44 0.27 1.65 7.17
C VAL A 44 0.15 2.15 5.72
N TYR A 45 0.22 1.21 4.77
CA TYR A 45 0.10 1.56 3.36
C TYR A 45 -1.35 1.94 3.06
N ASP A 46 -2.27 1.25 3.71
CA ASP A 46 -3.70 1.49 3.55
C ASP A 46 -4.04 2.91 4.02
N PHE A 47 -3.35 3.33 5.08
CA PHE A 47 -3.53 4.66 5.66
C PHE A 47 -3.01 5.73 4.70
N ALA A 48 -1.83 5.48 4.15
CA ALA A 48 -1.21 6.42 3.21
C ALA A 48 -1.86 6.37 1.83
N PHE A 49 -2.68 5.34 1.59
CA PHE A 49 -3.36 5.20 0.32
C PHE A 49 -4.47 6.23 0.20
N ARG A 50 -5.01 6.64 1.34
CA ARG A 50 -6.06 7.64 1.39
C ARG A 50 -5.47 8.96 1.86
N ASP A 51 -6.18 10.06 1.62
CA ASP A 51 -5.67 11.36 2.02
C ASP A 51 -5.94 11.63 3.49
N LEU A 52 -5.36 10.79 4.34
CA LEU A 52 -5.51 10.93 5.76
C LEU A 52 -4.38 11.78 6.34
N CYS A 53 -4.46 12.08 7.62
CA CYS A 53 -3.45 12.90 8.27
C CYS A 53 -3.01 12.27 9.57
N ILE A 54 -1.82 12.64 10.03
CA ILE A 54 -1.26 12.12 11.27
C ILE A 54 -1.85 12.84 12.47
N VAL A 55 -2.23 12.08 13.48
CA VAL A 55 -2.78 12.64 14.70
C VAL A 55 -1.68 12.69 15.75
N TYR A 56 -1.46 13.84 16.34
CA TYR A 56 -0.42 13.99 17.33
C TYR A 56 -0.99 13.94 18.75
N ARG A 57 -0.71 12.86 19.44
CA ARG A 57 -1.18 12.68 20.80
C ARG A 57 -0.19 13.35 21.76
N ASP A 58 -0.59 14.51 22.28
CA ASP A 58 0.24 15.29 23.22
C ASP A 58 1.42 15.95 22.50
N GLY A 59 2.25 15.13 21.85
CA GLY A 59 3.40 15.65 21.13
C GLY A 59 4.16 14.54 20.44
N ASN A 60 3.42 13.55 19.96
CA ASN A 60 4.03 12.40 19.29
C ASN A 60 3.12 11.96 18.14
N PRO A 61 3.71 11.65 16.97
CA PRO A 61 2.95 11.22 15.79
C PRO A 61 2.30 9.84 15.96
N TYR A 62 0.99 9.80 15.80
CA TYR A 62 0.23 8.57 15.90
C TYR A 62 -0.62 8.37 14.65
N ALA A 63 -0.92 7.14 14.34
CA ALA A 63 -1.71 6.83 13.16
C ALA A 63 -3.10 6.34 13.54
N VAL A 64 -3.87 5.99 12.53
CA VAL A 64 -5.21 5.49 12.73
C VAL A 64 -5.28 4.04 12.26
N CYS A 65 -5.66 3.15 13.16
CA CYS A 65 -5.74 1.73 12.85
C CYS A 65 -6.92 1.41 11.94
N ASP A 66 -7.05 0.14 11.60
CA ASP A 66 -8.12 -0.34 10.74
C ASP A 66 -9.47 -0.20 11.42
N LYS A 67 -9.45 -0.16 12.75
CA LYS A 67 -10.67 -0.03 13.54
C LYS A 67 -11.11 1.43 13.61
N CYS A 68 -10.22 2.28 14.10
CA CYS A 68 -10.48 3.71 14.25
C CYS A 68 -10.65 4.42 12.91
N LEU A 69 -10.20 3.76 11.84
CA LEU A 69 -10.30 4.31 10.49
C LEU A 69 -11.71 4.81 10.16
N LYS A 70 -12.70 4.01 10.50
CA LYS A 70 -14.10 4.37 10.25
C LYS A 70 -14.66 5.30 11.31
N PHE A 71 -13.92 5.48 12.39
CA PHE A 71 -14.39 6.34 13.47
C PHE A 71 -14.28 7.82 13.13
N TYR A 72 -13.10 8.25 12.69
CA TYR A 72 -12.90 9.66 12.37
C TYR A 72 -12.33 9.82 10.96
N MET B 3 -8.68 -15.13 -18.16
CA MET B 3 -9.97 -14.52 -17.77
C MET B 3 -10.21 -13.22 -18.51
N PHE B 4 -9.43 -12.98 -19.56
CA PHE B 4 -9.55 -11.76 -20.35
C PHE B 4 -10.04 -12.11 -21.75
N GLN B 5 -10.70 -11.17 -22.40
CA GLN B 5 -11.21 -11.38 -23.75
C GLN B 5 -10.48 -10.46 -24.72
N ASP B 6 -11.01 -10.35 -25.93
CA ASP B 6 -10.39 -9.50 -26.96
C ASP B 6 -11.36 -8.43 -27.43
N PRO B 7 -10.90 -7.17 -27.58
CA PRO B 7 -9.51 -6.77 -27.29
C PRO B 7 -9.35 -6.25 -25.85
N GLN B 8 -10.07 -5.17 -25.53
CA GLN B 8 -10.05 -4.54 -24.19
C GLN B 8 -8.75 -3.78 -23.92
N GLU B 9 -7.90 -3.66 -24.94
CA GLU B 9 -6.63 -2.94 -24.84
C GLU B 9 -5.61 -3.68 -23.96
N ARG B 10 -6.01 -3.96 -22.72
CA ARG B 10 -5.17 -4.64 -21.73
C ARG B 10 -4.04 -3.72 -21.27
N PRO B 11 -4.32 -2.87 -20.28
CA PRO B 11 -3.35 -1.92 -19.75
C PRO B 11 -2.26 -2.61 -18.91
N ARG B 12 -1.12 -1.94 -18.77
CA ARG B 12 -0.01 -2.49 -18.00
C ARG B 12 0.04 -1.91 -16.60
N LYS B 13 -1.01 -1.17 -16.24
CA LYS B 13 -1.08 -0.56 -14.91
C LYS B 13 -2.24 -1.16 -14.14
N LEU B 14 -1.97 -1.52 -12.89
CA LEU B 14 -2.98 -2.14 -12.01
C LEU B 14 -4.26 -1.31 -11.88
N PRO B 15 -4.18 -0.01 -11.53
CA PRO B 15 -5.38 0.84 -11.38
C PRO B 15 -6.29 0.81 -12.60
N GLN B 16 -5.69 0.80 -13.79
CA GLN B 16 -6.46 0.78 -15.03
C GLN B 16 -7.02 -0.61 -15.29
N LEU B 17 -6.28 -1.64 -14.90
CA LEU B 17 -6.69 -3.02 -15.10
C LEU B 17 -7.94 -3.34 -14.27
N CYS B 18 -8.02 -2.75 -13.09
CA CYS B 18 -9.15 -2.97 -12.19
C CYS B 18 -10.46 -2.55 -12.86
N THR B 19 -10.40 -1.44 -13.60
CA THR B 19 -11.58 -0.92 -14.28
C THR B 19 -12.04 -1.86 -15.41
N GLU B 20 -11.10 -2.59 -15.99
CA GLU B 20 -11.43 -3.50 -17.09
C GLU B 20 -12.26 -4.68 -16.59
N LEU B 21 -12.06 -5.05 -15.33
CA LEU B 21 -12.80 -6.17 -14.74
C LEU B 21 -13.89 -5.67 -13.81
N GLN B 22 -14.17 -4.35 -13.88
CA GLN B 22 -15.21 -3.73 -13.05
C GLN B 22 -15.00 -4.02 -11.56
N THR B 23 -13.79 -3.77 -11.07
CA THR B 23 -13.48 -4.02 -9.67
C THR B 23 -12.43 -3.03 -9.17
N THR B 24 -12.02 -3.20 -7.92
CA THR B 24 -11.04 -2.34 -7.31
C THR B 24 -9.79 -3.13 -6.93
N ILE B 25 -8.75 -2.43 -6.50
CA ILE B 25 -7.48 -3.05 -6.11
C ILE B 25 -7.67 -4.09 -5.01
N HIS B 26 -8.49 -3.77 -4.02
CA HIS B 26 -8.74 -4.67 -2.90
C HIS B 26 -9.86 -5.66 -3.22
N ASP B 27 -9.73 -6.33 -4.36
CA ASP B 27 -10.71 -7.33 -4.81
C ASP B 27 -10.16 -8.12 -5.99
N ILE B 28 -9.48 -7.42 -6.88
CA ILE B 28 -8.89 -8.07 -8.04
C ILE B 28 -7.69 -8.90 -7.62
N ILE B 29 -7.66 -10.16 -8.06
CA ILE B 29 -6.58 -11.07 -7.71
C ILE B 29 -5.76 -11.45 -8.94
N LEU B 30 -4.44 -11.35 -8.81
CA LEU B 30 -3.53 -11.68 -9.89
C LEU B 30 -2.56 -12.76 -9.43
N GLU B 31 -2.11 -13.59 -10.35
CA GLU B 31 -1.17 -14.65 -10.02
C GLU B 31 0.25 -14.20 -10.33
N CYS B 32 1.23 -14.82 -9.67
CA CYS B 32 2.63 -14.50 -9.87
C CYS B 32 3.09 -14.97 -11.25
N VAL B 33 3.98 -14.22 -11.87
CA VAL B 33 4.49 -14.58 -13.19
C VAL B 33 5.29 -15.89 -13.15
N TYR B 34 5.94 -16.15 -12.02
CA TYR B 34 6.75 -17.36 -11.90
C TYR B 34 6.03 -18.43 -11.06
N CYS B 35 5.94 -18.19 -9.76
CA CYS B 35 5.31 -19.13 -8.84
C CYS B 35 3.83 -19.30 -9.17
N LYS B 36 3.25 -18.26 -9.75
CA LYS B 36 1.84 -18.25 -10.14
C LYS B 36 0.93 -18.36 -8.92
N GLN B 37 1.41 -17.85 -7.81
CA GLN B 37 0.64 -17.86 -6.58
C GLN B 37 -0.38 -16.72 -6.60
N GLN B 38 -1.50 -16.91 -5.94
CA GLN B 38 -2.54 -15.89 -5.90
C GLN B 38 -2.15 -14.79 -4.93
N LEU B 39 -1.72 -13.66 -5.46
CA LEU B 39 -1.32 -12.52 -4.64
C LEU B 39 -2.48 -12.02 -3.80
N LEU B 40 -2.29 -11.99 -2.49
CA LEU B 40 -3.31 -11.52 -1.57
C LEU B 40 -3.46 -10.00 -1.65
N ARG B 41 -4.53 -9.48 -1.03
CA ARG B 41 -4.79 -8.04 -1.04
C ARG B 41 -3.60 -7.24 -0.53
N ARG B 42 -2.80 -7.84 0.35
CA ARG B 42 -1.64 -7.15 0.90
C ARG B 42 -0.58 -6.95 -0.18
N GLU B 43 -0.30 -8.02 -0.92
CA GLU B 43 0.70 -7.97 -1.99
C GLU B 43 0.24 -7.03 -3.10
N VAL B 44 -1.05 -7.11 -3.44
CA VAL B 44 -1.62 -6.27 -4.48
C VAL B 44 -1.54 -4.79 -4.09
N TYR B 45 -1.76 -4.52 -2.81
CA TYR B 45 -1.70 -3.16 -2.29
C TYR B 45 -0.27 -2.62 -2.34
N ASP B 46 0.68 -3.49 -2.03
CA ASP B 46 2.09 -3.11 -2.06
C ASP B 46 2.49 -2.72 -3.48
N PHE B 47 1.92 -3.43 -4.44
CA PHE B 47 2.18 -3.17 -5.85
C PHE B 47 1.59 -1.82 -6.26
N ALA B 48 0.35 -1.57 -5.85
CA ALA B 48 -0.35 -0.34 -6.19
C ALA B 48 0.19 0.87 -5.43
N PHE B 49 0.97 0.61 -4.38
CA PHE B 49 1.56 1.67 -3.58
C PHE B 49 2.60 2.46 -4.36
N ARG B 50 3.11 1.87 -5.43
CA ARG B 50 4.11 2.51 -6.28
C ARG B 50 3.74 2.36 -7.74
N ASP B 51 4.51 2.98 -8.62
CA ASP B 51 4.26 2.89 -10.04
C ASP B 51 5.04 1.74 -10.65
N LEU B 52 4.47 0.55 -10.60
CA LEU B 52 5.11 -0.64 -11.12
C LEU B 52 4.34 -1.15 -12.33
N CYS B 53 5.06 -1.75 -13.27
CA CYS B 53 4.46 -2.28 -14.47
C CYS B 53 4.06 -3.74 -14.28
N ILE B 54 2.92 -4.11 -14.82
CA ILE B 54 2.42 -5.47 -14.73
C ILE B 54 3.12 -6.35 -15.76
N VAL B 55 3.52 -7.55 -15.34
CA VAL B 55 4.21 -8.46 -16.24
C VAL B 55 3.18 -9.37 -16.92
N TYR B 56 3.20 -9.37 -18.23
CA TYR B 56 2.27 -10.17 -19.00
C TYR B 56 2.94 -11.46 -19.47
N ARG B 57 2.49 -12.58 -18.92
CA ARG B 57 3.03 -13.88 -19.30
C ARG B 57 2.12 -14.52 -20.33
N ASP B 58 2.61 -14.60 -21.56
CA ASP B 58 1.86 -15.20 -22.68
C ASP B 58 0.76 -14.26 -23.20
N GLY B 59 0.10 -13.58 -22.28
CA GLY B 59 -0.96 -12.67 -22.64
C GLY B 59 -1.80 -12.30 -21.45
N ASN B 60 -1.72 -13.11 -20.40
CA ASN B 60 -2.47 -12.88 -19.18
C ASN B 60 -1.69 -11.93 -18.26
N PRO B 61 -2.40 -11.02 -17.58
CA PRO B 61 -1.78 -10.08 -16.66
C PRO B 61 -1.34 -10.75 -15.35
N TYR B 62 -0.04 -10.86 -15.16
CA TYR B 62 0.50 -11.48 -13.97
C TYR B 62 1.14 -10.42 -13.09
N ALA B 63 1.16 -10.68 -11.79
CA ALA B 63 1.72 -9.73 -10.85
C ALA B 63 3.06 -10.22 -10.31
N VAL B 64 3.78 -9.30 -9.69
CA VAL B 64 5.08 -9.61 -9.10
C VAL B 64 4.92 -9.75 -7.59
N CYS B 65 5.08 -10.95 -7.09
CA CYS B 65 4.95 -11.22 -5.68
C CYS B 65 6.16 -10.74 -4.89
N ASP B 66 6.07 -10.87 -3.57
CA ASP B 66 7.14 -10.47 -2.66
C ASP B 66 8.45 -11.18 -3.00
N LYS B 67 8.32 -12.42 -3.45
CA LYS B 67 9.48 -13.24 -3.80
C LYS B 67 10.17 -12.70 -5.05
N CYS B 68 9.41 -12.56 -6.13
CA CYS B 68 9.95 -12.08 -7.40
C CYS B 68 10.32 -10.60 -7.35
N LEU B 69 9.70 -9.85 -6.44
CA LEU B 69 9.98 -8.42 -6.31
C LEU B 69 11.46 -8.16 -6.02
N LYS B 70 12.01 -8.89 -5.06
CA LYS B 70 13.39 -8.71 -4.66
C LYS B 70 14.34 -9.42 -5.63
N PHE B 71 13.85 -10.45 -6.33
CA PHE B 71 14.68 -11.17 -7.28
C PHE B 71 14.85 -10.43 -8.60
N TYR B 72 13.75 -9.87 -9.11
CA TYR B 72 13.78 -9.15 -10.38
C TYR B 72 13.31 -7.72 -10.19
ZN ZN C . -7.37 2.47 16.71
ZN ZN D . 6.58 -14.53 -7.86
N MET A 3 13.23 10.90 16.92
CA MET A 3 12.74 11.96 17.82
C MET A 3 12.50 13.24 17.03
N PHE A 4 11.72 14.15 17.60
CA PHE A 4 11.42 15.41 16.93
C PHE A 4 11.28 16.51 17.96
N GLN A 5 11.93 17.64 17.70
CA GLN A 5 11.89 18.78 18.59
C GLN A 5 10.61 19.58 18.41
N ASP A 6 10.32 20.43 19.37
CA ASP A 6 9.14 21.29 19.32
C ASP A 6 9.55 22.68 18.84
N PRO A 7 8.59 23.58 18.54
CA PRO A 7 7.16 23.31 18.64
C PRO A 7 6.58 22.59 17.43
N GLN A 8 7.30 22.61 16.29
CA GLN A 8 6.81 21.95 15.09
C GLN A 8 7.94 21.62 14.13
N GLU A 9 8.78 20.67 14.51
CA GLU A 9 9.88 20.24 13.66
C GLU A 9 9.41 19.13 12.72
N ARG A 10 8.25 18.57 13.05
CA ARG A 10 7.67 17.49 12.27
C ARG A 10 6.45 17.98 11.48
N PRO A 11 6.25 17.45 10.27
CA PRO A 11 5.10 17.81 9.43
C PRO A 11 3.82 17.12 9.90
N ARG A 12 2.72 17.37 9.19
CA ARG A 12 1.43 16.78 9.57
C ARG A 12 1.00 15.70 8.56
N LYS A 13 1.87 15.35 7.63
CA LYS A 13 1.56 14.35 6.63
C LYS A 13 2.52 13.17 6.70
N LEU A 14 1.97 11.97 6.55
CA LEU A 14 2.77 10.73 6.62
C LEU A 14 3.91 10.71 5.59
N PRO A 15 3.64 10.95 4.28
CA PRO A 15 4.69 10.95 3.26
C PRO A 15 5.81 11.93 3.58
N GLN A 16 5.44 13.09 4.10
CA GLN A 16 6.42 14.10 4.46
C GLN A 16 7.21 13.66 5.69
N LEU A 17 6.52 13.12 6.68
CA LEU A 17 7.14 12.65 7.91
C LEU A 17 8.20 11.61 7.63
N CYS A 18 7.86 10.64 6.79
CA CYS A 18 8.79 9.57 6.42
C CYS A 18 10.04 10.17 5.78
N THR A 19 9.83 11.10 4.85
CA THR A 19 10.92 11.76 4.16
C THR A 19 11.82 12.54 5.13
N GLU A 20 11.18 13.23 6.08
CA GLU A 20 11.91 14.02 7.08
C GLU A 20 12.68 13.11 8.03
N LEU A 21 12.14 11.91 8.25
CA LEU A 21 12.76 10.93 9.13
C LEU A 21 13.88 10.18 8.42
N GLN A 22 14.09 10.54 7.16
CA GLN A 22 15.14 9.93 6.32
C GLN A 22 14.83 8.46 6.07
N THR A 23 13.56 8.13 5.99
CA THR A 23 13.13 6.76 5.75
C THR A 23 11.93 6.74 4.80
N THR A 24 11.31 5.58 4.65
CA THR A 24 10.16 5.42 3.78
C THR A 24 8.94 4.96 4.57
N ILE A 25 7.82 4.83 3.88
CA ILE A 25 6.57 4.39 4.50
C ILE A 25 6.58 2.89 4.78
N HIS A 26 7.70 2.24 4.48
CA HIS A 26 7.83 0.81 4.70
C HIS A 26 8.79 0.53 5.85
N ASP A 27 9.28 1.60 6.47
CA ASP A 27 10.23 1.47 7.57
C ASP A 27 9.85 2.36 8.76
N ILE A 28 9.02 3.37 8.50
CA ILE A 28 8.59 4.29 9.54
C ILE A 28 7.85 3.56 10.67
N ILE A 29 8.24 3.83 11.91
CA ILE A 29 7.62 3.19 13.06
C ILE A 29 6.64 4.14 13.75
N LEU A 30 5.35 3.85 13.61
CA LEU A 30 4.32 4.67 14.23
C LEU A 30 3.38 3.80 15.05
N GLU A 31 2.86 4.34 16.14
CA GLU A 31 1.96 3.60 17.02
C GLU A 31 0.59 4.24 17.06
N CYS A 32 -0.39 3.47 17.52
CA CYS A 32 -1.77 3.94 17.61
C CYS A 32 -1.91 4.97 18.72
N VAL A 33 -2.77 5.95 18.48
CA VAL A 33 -3.02 7.00 19.43
C VAL A 33 -3.96 6.53 20.54
N TYR A 34 -4.76 5.51 20.23
CA TYR A 34 -5.72 4.99 21.20
C TYR A 34 -5.23 3.72 21.87
N CYS A 35 -4.66 2.81 21.09
CA CYS A 35 -4.18 1.54 21.63
C CYS A 35 -2.72 1.64 22.10
N LYS A 36 -2.00 2.65 21.61
CA LYS A 36 -0.60 2.84 21.96
C LYS A 36 0.23 1.63 21.52
N GLN A 37 -0.21 1.03 20.42
CA GLN A 37 0.44 -0.15 19.87
C GLN A 37 0.99 0.17 18.49
N GLN A 38 2.22 -0.26 18.21
CA GLN A 38 2.86 -0.02 16.93
C GLN A 38 2.06 -0.65 15.80
N LEU A 39 1.82 0.13 14.74
CA LEU A 39 1.08 -0.33 13.58
C LEU A 39 1.97 -1.16 12.67
N LEU A 40 1.39 -2.14 11.99
CA LEU A 40 2.15 -2.98 11.08
C LEU A 40 2.20 -2.32 9.71
N ARG A 41 3.13 -2.76 8.87
CA ARG A 41 3.32 -2.20 7.53
C ARG A 41 2.05 -2.28 6.66
N ARG A 42 1.14 -3.17 7.02
CA ARG A 42 -0.10 -3.34 6.24
C ARG A 42 -1.04 -2.15 6.47
N GLU A 43 -1.31 -1.86 7.73
CA GLU A 43 -2.21 -0.76 8.09
C GLU A 43 -1.56 0.58 7.77
N VAL A 44 -0.23 0.62 7.78
CA VAL A 44 0.48 1.85 7.45
C VAL A 44 0.21 2.20 5.99
N TYR A 45 0.11 1.17 5.16
CA TYR A 45 -0.20 1.35 3.74
C TYR A 45 -1.60 1.91 3.60
N ASP A 46 -2.51 1.40 4.41
CA ASP A 46 -3.91 1.84 4.39
C ASP A 46 -4.01 3.32 4.74
N PHE A 47 -3.18 3.76 5.68
CA PHE A 47 -3.18 5.16 6.10
C PHE A 47 -2.80 6.08 4.94
N ALA A 48 -1.91 5.62 4.08
CA ALA A 48 -1.47 6.41 2.94
C ALA A 48 -2.40 6.18 1.73
N PHE A 49 -3.08 5.03 1.71
CA PHE A 49 -3.98 4.68 0.62
C PHE A 49 -5.29 5.46 0.74
N ARG A 50 -5.63 5.84 1.97
CA ARG A 50 -6.84 6.59 2.23
C ARG A 50 -6.50 8.04 2.58
N ASP A 51 -7.49 8.91 2.55
CA ASP A 51 -7.28 10.31 2.88
C ASP A 51 -7.36 10.49 4.40
N LEU A 52 -6.22 10.43 5.05
CA LEU A 52 -6.16 10.57 6.50
C LEU A 52 -4.93 11.39 6.92
N CYS A 53 -5.01 11.97 8.10
CA CYS A 53 -3.91 12.76 8.65
C CYS A 53 -3.38 12.10 9.91
N ILE A 54 -2.17 12.46 10.30
CA ILE A 54 -1.56 11.89 11.49
C ILE A 54 -2.07 12.62 12.74
N VAL A 55 -2.40 11.84 13.76
CA VAL A 55 -2.87 12.40 15.02
C VAL A 55 -1.69 12.63 15.94
N TYR A 56 -1.40 13.88 16.23
CA TYR A 56 -0.28 14.22 17.08
C TYR A 56 -0.73 14.52 18.50
N ARG A 57 -0.38 13.62 19.41
CA ARG A 57 -0.71 13.80 20.82
C ARG A 57 0.54 14.13 21.59
N ASP A 58 0.55 15.31 22.21
CA ASP A 58 1.67 15.80 23.02
C ASP A 58 2.85 16.23 22.15
N GLY A 59 2.86 15.78 20.89
CA GLY A 59 3.93 16.13 19.99
C GLY A 59 4.48 14.92 19.26
N ASN A 60 4.04 13.73 19.65
CA ASN A 60 4.49 12.50 19.01
C ASN A 60 3.53 12.09 17.90
N PRO A 61 4.05 11.50 16.81
CA PRO A 61 3.23 11.06 15.69
C PRO A 61 2.51 9.74 15.97
N TYR A 62 1.19 9.80 16.06
CA TYR A 62 0.39 8.62 16.31
C TYR A 62 -0.52 8.33 15.13
N ALA A 63 -0.66 7.06 14.81
CA ALA A 63 -1.51 6.65 13.71
C ALA A 63 -2.76 5.96 14.23
N VAL A 64 -3.61 5.54 13.31
CA VAL A 64 -4.84 4.86 13.66
C VAL A 64 -4.85 3.49 13.00
N CYS A 65 -4.90 2.44 13.82
CA CYS A 65 -4.91 1.09 13.30
C CYS A 65 -6.25 0.74 12.70
N ASP A 66 -6.32 -0.43 12.08
CA ASP A 66 -7.54 -0.91 11.42
C ASP A 66 -8.73 -0.92 12.38
N LYS A 67 -8.46 -1.26 13.63
CA LYS A 67 -9.50 -1.34 14.66
C LYS A 67 -10.21 -0.01 14.85
N CYS A 68 -9.44 1.02 15.22
CA CYS A 68 -9.99 2.33 15.49
C CYS A 68 -10.45 3.05 14.20
N LEU A 69 -9.82 2.72 13.09
CA LEU A 69 -10.16 3.34 11.81
C LEU A 69 -11.63 3.16 11.45
N LYS A 70 -12.14 1.94 11.62
CA LYS A 70 -13.54 1.66 11.32
C LYS A 70 -14.45 2.09 12.47
N PHE A 71 -13.88 2.21 13.66
CA PHE A 71 -14.64 2.59 14.85
C PHE A 71 -14.89 4.10 14.90
N TYR A 72 -13.97 4.88 14.34
CA TYR A 72 -14.09 6.33 14.36
C TYR A 72 -14.27 6.87 12.96
N MET B 3 -7.31 -14.02 -18.87
CA MET B 3 -7.27 -13.88 -20.35
C MET B 3 -7.53 -12.44 -20.74
N PHE B 4 -7.08 -12.03 -21.92
CA PHE B 4 -7.29 -10.67 -22.38
C PHE B 4 -7.60 -10.63 -23.87
N GLN B 5 -8.08 -9.49 -24.34
CA GLN B 5 -8.44 -9.31 -25.75
C GLN B 5 -7.20 -9.06 -26.61
N ASP B 6 -7.40 -9.11 -27.93
CA ASP B 6 -6.33 -8.90 -28.90
C ASP B 6 -6.56 -7.59 -29.64
N PRO B 7 -5.50 -6.92 -30.14
CA PRO B 7 -4.13 -7.39 -30.02
C PRO B 7 -3.47 -7.01 -28.70
N GLN B 8 -2.61 -5.99 -28.72
CA GLN B 8 -1.90 -5.58 -27.51
C GLN B 8 -2.58 -4.39 -26.84
N GLU B 9 -3.88 -4.50 -26.63
CA GLU B 9 -4.64 -3.44 -25.96
C GLU B 9 -4.57 -3.65 -24.46
N ARG B 10 -3.36 -3.88 -23.96
CA ARG B 10 -3.13 -4.12 -22.55
C ARG B 10 -2.04 -3.20 -22.01
N PRO B 11 -2.38 -2.32 -21.08
CA PRO B 11 -1.43 -1.38 -20.48
C PRO B 11 -0.54 -2.05 -19.44
N ARG B 12 0.41 -1.29 -18.89
CA ARG B 12 1.32 -1.80 -17.88
C ARG B 12 0.97 -1.22 -16.51
N LYS B 13 -0.06 -0.39 -16.49
CA LYS B 13 -0.51 0.24 -15.25
C LYS B 13 -1.72 -0.51 -14.70
N LEU B 14 -1.57 -1.03 -13.49
CA LEU B 14 -2.64 -1.79 -12.82
C LEU B 14 -3.96 -1.00 -12.72
N PRO B 15 -3.94 0.26 -12.21
CA PRO B 15 -5.16 1.06 -12.07
C PRO B 15 -5.92 1.21 -13.39
N GLN B 16 -5.19 1.28 -14.49
CA GLN B 16 -5.83 1.43 -15.80
C GLN B 16 -6.27 0.07 -16.34
N LEU B 17 -5.55 -0.99 -15.96
CA LEU B 17 -5.88 -2.33 -16.39
C LEU B 17 -7.25 -2.74 -15.85
N CYS B 18 -7.56 -2.27 -14.66
CA CYS B 18 -8.83 -2.56 -14.01
C CYS B 18 -9.99 -1.96 -14.82
N THR B 19 -9.78 -0.75 -15.33
CA THR B 19 -10.79 -0.06 -16.11
C THR B 19 -11.18 -0.85 -17.36
N GLU B 20 -10.17 -1.46 -18.00
CA GLU B 20 -10.40 -2.23 -19.22
C GLU B 20 -11.14 -3.53 -18.90
N LEU B 21 -11.03 -3.97 -17.66
CA LEU B 21 -11.69 -5.19 -17.21
C LEU B 21 -13.01 -4.86 -16.54
N GLN B 22 -13.37 -3.57 -16.56
CA GLN B 22 -14.61 -3.08 -15.96
C GLN B 22 -14.65 -3.38 -14.47
N THR B 23 -13.50 -3.29 -13.82
CA THR B 23 -13.38 -3.56 -12.41
C THR B 23 -12.45 -2.56 -11.73
N THR B 24 -12.13 -2.81 -10.46
CA THR B 24 -11.25 -1.94 -9.71
C THR B 24 -10.11 -2.74 -9.09
N ILE B 25 -9.21 -2.03 -8.41
CA ILE B 25 -8.05 -2.67 -7.77
C ILE B 25 -8.50 -3.48 -6.55
N HIS B 26 -9.77 -3.36 -6.20
CA HIS B 26 -10.32 -4.07 -5.04
C HIS B 26 -11.00 -5.37 -5.46
N ASP B 27 -11.15 -5.56 -6.77
CA ASP B 27 -11.79 -6.78 -7.28
C ASP B 27 -10.90 -7.53 -8.27
N ILE B 28 -10.15 -6.79 -9.08
CA ILE B 28 -9.26 -7.40 -10.09
C ILE B 28 -8.41 -8.52 -9.49
N ILE B 29 -8.42 -9.67 -10.14
CA ILE B 29 -7.67 -10.83 -9.67
C ILE B 29 -6.44 -11.10 -10.51
N LEU B 30 -5.28 -10.98 -9.89
CA LEU B 30 -4.01 -11.22 -10.56
C LEU B 30 -3.24 -12.29 -9.81
N GLU B 31 -2.52 -13.13 -10.55
CA GLU B 31 -1.75 -14.21 -9.95
C GLU B 31 -0.25 -13.92 -10.08
N CYS B 32 0.57 -14.64 -9.32
CA CYS B 32 2.01 -14.46 -9.39
C CYS B 32 2.56 -14.93 -10.74
N VAL B 33 3.51 -14.18 -11.28
CA VAL B 33 4.10 -14.52 -12.56
C VAL B 33 5.01 -15.75 -12.43
N TYR B 34 5.45 -16.04 -11.23
CA TYR B 34 6.34 -17.18 -10.99
C TYR B 34 5.60 -18.36 -10.36
N CYS B 35 4.89 -18.10 -9.27
CA CYS B 35 4.15 -19.15 -8.57
C CYS B 35 2.80 -19.41 -9.23
N LYS B 36 2.28 -18.41 -9.93
CA LYS B 36 0.99 -18.52 -10.62
C LYS B 36 -0.17 -18.69 -9.64
N GLN B 37 0.05 -18.29 -8.38
CA GLN B 37 -0.98 -18.39 -7.37
C GLN B 37 -1.67 -17.04 -7.20
N GLN B 38 -2.91 -17.07 -6.74
CA GLN B 38 -3.69 -15.84 -6.55
C GLN B 38 -3.06 -14.95 -5.49
N LEU B 39 -2.84 -13.69 -5.85
CA LEU B 39 -2.25 -12.73 -4.95
C LEU B 39 -3.27 -12.21 -3.94
N LEU B 40 -2.83 -12.01 -2.71
CA LEU B 40 -3.69 -11.50 -1.67
C LEU B 40 -3.96 -10.02 -1.93
N ARG B 41 -5.19 -9.57 -1.66
CA ARG B 41 -5.57 -8.18 -1.89
C ARG B 41 -4.62 -7.22 -1.19
N ARG B 42 -4.13 -7.61 -0.02
CA ARG B 42 -3.20 -6.79 0.73
C ARG B 42 -1.91 -6.56 -0.05
N GLU B 43 -1.42 -7.62 -0.69
CA GLU B 43 -0.18 -7.53 -1.48
C GLU B 43 -0.41 -6.74 -2.76
N VAL B 44 -1.65 -6.77 -3.25
CA VAL B 44 -2.01 -6.03 -4.45
C VAL B 44 -1.83 -4.53 -4.20
N TYR B 45 -2.10 -4.12 -2.96
CA TYR B 45 -1.96 -2.73 -2.56
C TYR B 45 -0.49 -2.34 -2.53
N ASP B 46 0.35 -3.28 -2.09
CA ASP B 46 1.79 -3.07 -2.01
C ASP B 46 2.38 -2.90 -3.42
N PHE B 47 1.86 -3.69 -4.35
CA PHE B 47 2.29 -3.65 -5.74
C PHE B 47 2.00 -2.28 -6.35
N ALA B 48 0.82 -1.75 -6.04
CA ALA B 48 0.41 -0.44 -6.57
C ALA B 48 0.96 0.70 -5.70
N PHE B 49 1.46 0.34 -4.52
CA PHE B 49 2.02 1.32 -3.60
C PHE B 49 3.42 1.72 -4.05
N ARG B 50 4.20 0.72 -4.42
CA ARG B 50 5.57 0.97 -4.88
C ARG B 50 5.56 1.21 -6.39
N ASP B 51 6.71 1.04 -7.03
CA ASP B 51 6.81 1.23 -8.46
C ASP B 51 7.20 -0.06 -9.14
N LEU B 52 6.19 -0.84 -9.50
CA LEU B 52 6.40 -2.12 -10.17
C LEU B 52 5.47 -2.22 -11.36
N CYS B 53 5.99 -2.73 -12.46
CA CYS B 53 5.20 -2.88 -13.67
C CYS B 53 4.54 -4.25 -13.70
N ILE B 54 3.51 -4.40 -14.53
CA ILE B 54 2.79 -5.66 -14.63
C ILE B 54 3.56 -6.64 -15.52
N VAL B 55 3.75 -7.83 -15.00
CA VAL B 55 4.47 -8.88 -15.72
C VAL B 55 3.48 -9.72 -16.51
N TYR B 56 3.57 -9.66 -17.82
CA TYR B 56 2.67 -10.42 -18.67
C TYR B 56 3.30 -11.73 -19.08
N ARG B 57 2.78 -12.82 -18.55
CA ARG B 57 3.30 -14.13 -18.90
C ARG B 57 2.59 -14.62 -20.15
N ASP B 58 3.30 -14.52 -21.26
CA ASP B 58 2.80 -14.92 -22.58
C ASP B 58 1.68 -14.00 -23.06
N GLY B 59 0.45 -14.27 -22.63
CA GLY B 59 -0.67 -13.45 -23.04
C GLY B 59 -1.63 -13.16 -21.91
N ASN B 60 -1.17 -13.30 -20.68
CA ASN B 60 -2.02 -13.04 -19.53
C ASN B 60 -1.30 -12.17 -18.51
N PRO B 61 -1.99 -11.14 -17.98
CA PRO B 61 -1.42 -10.23 -16.98
C PRO B 61 -1.22 -10.91 -15.62
N TYR B 62 0.01 -10.89 -15.14
CA TYR B 62 0.34 -11.48 -13.86
C TYR B 62 0.98 -10.43 -12.95
N ALA B 63 1.02 -10.72 -11.67
CA ALA B 63 1.59 -9.79 -10.70
C ALA B 63 2.78 -10.43 -10.00
N VAL B 64 3.28 -9.74 -8.99
CA VAL B 64 4.41 -10.21 -8.21
C VAL B 64 3.98 -10.46 -6.77
N CYS B 65 4.13 -11.70 -6.29
CA CYS B 65 3.73 -12.04 -4.93
C CYS B 65 4.78 -11.57 -3.94
N ASP B 66 4.43 -11.64 -2.66
CA ASP B 66 5.31 -11.21 -1.56
C ASP B 66 6.72 -11.78 -1.69
N LYS B 67 6.81 -13.03 -2.15
CA LYS B 67 8.11 -13.70 -2.29
C LYS B 67 9.02 -12.97 -3.26
N CYS B 68 8.57 -12.82 -4.50
CA CYS B 68 9.36 -12.16 -5.52
C CYS B 68 9.38 -10.64 -5.31
N LEU B 69 8.33 -10.11 -4.70
CA LEU B 69 8.20 -8.66 -4.45
C LEU B 69 9.43 -8.09 -3.73
N LYS B 70 9.87 -8.76 -2.68
CA LYS B 70 11.03 -8.29 -1.92
C LYS B 70 12.34 -8.69 -2.60
N PHE B 71 12.30 -9.76 -3.39
CA PHE B 71 13.51 -10.23 -4.08
C PHE B 71 13.85 -9.39 -5.31
N TYR B 72 12.84 -8.80 -5.92
CA TYR B 72 13.05 -7.99 -7.11
C TYR B 72 12.99 -6.50 -6.80
ZN ZN C . -5.78 1.98 17.34
ZN ZN D . 5.72 -14.60 -6.80
N MET A 3 5.85 12.77 21.08
CA MET A 3 5.20 14.09 21.01
C MET A 3 5.83 14.91 19.89
N PHE A 4 5.09 15.88 19.36
CA PHE A 4 5.59 16.73 18.30
C PHE A 4 5.18 18.17 18.57
N GLN A 5 6.15 19.04 18.77
CA GLN A 5 5.90 20.43 19.08
C GLN A 5 6.51 21.36 18.03
N ASP A 6 6.65 22.64 18.40
CA ASP A 6 7.21 23.64 17.51
C ASP A 6 8.65 23.30 17.12
N PRO A 7 9.15 23.85 16.01
CA PRO A 7 8.39 24.77 15.15
C PRO A 7 7.51 24.04 14.13
N GLN A 8 7.26 22.77 14.37
CA GLN A 8 6.43 21.99 13.47
C GLN A 8 4.96 22.19 13.77
N GLU A 9 4.22 22.66 12.77
CA GLU A 9 2.79 22.91 12.92
C GLU A 9 2.00 21.60 12.91
N ARG A 10 2.71 20.50 12.69
CA ARG A 10 2.12 19.15 12.66
C ARG A 10 1.14 19.01 11.50
N PRO A 11 1.64 18.62 10.32
CA PRO A 11 0.81 18.44 9.13
C PRO A 11 -0.11 17.23 9.24
N ARG A 12 -1.19 17.24 8.46
CA ARG A 12 -2.15 16.15 8.48
C ARG A 12 -1.79 15.09 7.43
N LYS A 13 -0.99 15.47 6.45
CA LYS A 13 -0.59 14.54 5.40
C LYS A 13 0.62 13.72 5.84
N LEU A 14 0.52 12.40 5.64
CA LEU A 14 1.60 11.48 6.00
C LEU A 14 2.93 11.85 5.33
N PRO A 15 2.96 12.06 3.99
CA PRO A 15 4.19 12.43 3.28
C PRO A 15 4.85 13.68 3.88
N GLN A 16 4.03 14.62 4.34
CA GLN A 16 4.54 15.85 4.94
C GLN A 16 5.20 15.55 6.28
N LEU A 17 4.56 14.73 7.10
CA LEU A 17 5.12 14.39 8.40
C LEU A 17 6.50 13.76 8.22
N CYS A 18 6.66 13.01 7.14
CA CYS A 18 7.93 12.37 6.83
C CYS A 18 9.01 13.41 6.57
N THR A 19 8.72 14.38 5.71
CA THR A 19 9.68 15.43 5.37
C THR A 19 9.97 16.31 6.58
N GLU A 20 8.94 16.63 7.34
CA GLU A 20 9.07 17.48 8.52
C GLU A 20 9.83 16.76 9.62
N LEU A 21 9.68 15.44 9.70
CA LEU A 21 10.38 14.65 10.71
C LEU A 21 11.78 14.28 10.22
N GLN A 22 12.07 14.67 8.98
CA GLN A 22 13.36 14.40 8.35
C GLN A 22 13.60 12.90 8.20
N THR A 23 12.59 12.20 7.72
CA THR A 23 12.67 10.76 7.53
C THR A 23 11.75 10.32 6.39
N THR A 24 11.58 9.01 6.23
CA THR A 24 10.73 8.47 5.19
C THR A 24 9.65 7.56 5.77
N ILE A 25 8.82 7.01 4.89
CA ILE A 25 7.73 6.13 5.32
C ILE A 25 8.26 4.75 5.76
N HIS A 26 9.57 4.59 5.70
CA HIS A 26 10.19 3.32 6.08
C HIS A 26 10.87 3.43 7.44
N ASP A 27 10.89 4.64 7.99
CA ASP A 27 11.54 4.87 9.28
C ASP A 27 10.67 5.70 10.21
N ILE A 28 9.57 6.23 9.68
CA ILE A 28 8.66 7.07 10.45
C ILE A 28 8.02 6.27 11.60
N ILE A 29 8.23 6.74 12.82
CA ILE A 29 7.69 6.08 13.99
C ILE A 29 6.25 6.55 14.26
N LEU A 30 5.31 5.78 13.74
CA LEU A 30 3.90 6.09 13.91
C LEU A 30 3.19 4.92 14.57
N GLU A 31 2.47 5.19 15.65
CA GLU A 31 1.75 4.17 16.39
C GLU A 31 0.25 4.39 16.30
N CYS A 32 -0.51 3.42 16.80
CA CYS A 32 -1.97 3.50 16.79
C CYS A 32 -2.47 4.60 17.71
N VAL A 33 -3.52 5.27 17.27
CA VAL A 33 -4.11 6.35 18.04
C VAL A 33 -5.01 5.78 19.14
N TYR A 34 -5.44 4.53 18.97
CA TYR A 34 -6.32 3.89 19.93
C TYR A 34 -5.56 2.94 20.84
N CYS A 35 -5.13 1.82 20.27
CA CYS A 35 -4.42 0.79 21.01
C CYS A 35 -2.99 1.21 21.38
N LYS A 36 -2.51 2.26 20.74
CA LYS A 36 -1.16 2.81 20.98
C LYS A 36 -0.07 1.81 20.58
N GLN A 37 -0.41 0.88 19.70
CA GLN A 37 0.55 -0.11 19.23
C GLN A 37 1.30 0.44 18.03
N GLN A 38 2.59 0.13 17.93
CA GLN A 38 3.39 0.61 16.82
C GLN A 38 3.00 -0.12 15.53
N LEU A 39 2.67 0.64 14.51
CA LEU A 39 2.27 0.07 13.22
C LEU A 39 3.43 -0.63 12.53
N LEU A 40 3.12 -1.71 11.82
CA LEU A 40 4.13 -2.47 11.10
C LEU A 40 4.40 -1.80 9.75
N ARG A 41 5.54 -2.14 9.14
CA ARG A 41 5.95 -1.58 7.86
C ARG A 41 4.81 -1.58 6.84
N ARG A 42 4.06 -2.68 6.80
CA ARG A 42 2.95 -2.80 5.84
C ARG A 42 1.81 -1.85 6.18
N GLU A 43 1.44 -1.79 7.45
CA GLU A 43 0.36 -0.91 7.90
C GLU A 43 0.65 0.54 7.58
N VAL A 44 1.93 0.92 7.70
CA VAL A 44 2.34 2.29 7.40
C VAL A 44 2.14 2.58 5.91
N TYR A 45 2.43 1.58 5.07
CA TYR A 45 2.26 1.72 3.64
C TYR A 45 0.78 1.76 3.28
N ASP A 46 -0.01 1.01 4.04
CA ASP A 46 -1.46 0.96 3.84
C ASP A 46 -2.06 2.32 4.10
N PHE A 47 -1.42 3.07 5.00
CA PHE A 47 -1.85 4.41 5.36
C PHE A 47 -1.58 5.38 4.21
N ALA A 48 -0.46 5.18 3.53
CA ALA A 48 -0.06 6.04 2.41
C ALA A 48 -0.89 5.75 1.17
N PHE A 49 -1.43 4.53 1.11
CA PHE A 49 -2.25 4.10 -0.02
C PHE A 49 -3.63 4.75 0.01
N ARG A 50 -4.05 5.22 1.17
CA ARG A 50 -5.36 5.84 1.32
C ARG A 50 -5.21 7.33 1.60
N ASP A 51 -6.31 8.06 1.52
CA ASP A 51 -6.29 9.51 1.77
C ASP A 51 -6.37 9.81 3.26
N LEU A 52 -6.53 8.75 4.05
CA LEU A 52 -6.63 8.85 5.50
C LEU A 52 -5.44 9.61 6.07
N CYS A 53 -5.70 10.82 6.54
CA CYS A 53 -4.67 11.68 7.11
C CYS A 53 -4.14 11.15 8.44
N ILE A 54 -3.33 11.95 9.10
CA ILE A 54 -2.76 11.61 10.39
C ILE A 54 -3.72 12.03 11.51
N VAL A 55 -3.85 11.19 12.52
CA VAL A 55 -4.73 11.50 13.64
C VAL A 55 -3.89 11.95 14.83
N TYR A 56 -4.06 13.22 15.18
CA TYR A 56 -3.32 13.79 16.29
C TYR A 56 -4.11 13.72 17.58
N ARG A 57 -3.64 12.90 18.50
CA ARG A 57 -4.29 12.76 19.80
C ARG A 57 -3.56 13.63 20.81
N ASP A 58 -4.23 14.69 21.26
CA ASP A 58 -3.67 15.64 22.23
C ASP A 58 -2.55 16.46 21.60
N GLY A 59 -1.40 15.82 21.39
CA GLY A 59 -0.28 16.48 20.77
C GLY A 59 0.72 15.47 20.23
N ASN A 60 0.23 14.27 19.96
CA ASN A 60 1.08 13.19 19.45
C ASN A 60 0.60 12.72 18.09
N PRO A 61 1.53 12.60 17.12
CA PRO A 61 1.20 12.14 15.77
C PRO A 61 1.00 10.63 15.74
N TYR A 62 -0.25 10.21 15.67
CA TYR A 62 -0.56 8.79 15.65
C TYR A 62 -1.23 8.41 14.33
N ALA A 63 -1.33 7.12 14.11
CA ALA A 63 -1.93 6.59 12.91
C ALA A 63 -3.03 5.60 13.27
N VAL A 64 -3.51 4.87 12.29
CA VAL A 64 -4.56 3.89 12.50
C VAL A 64 -4.22 2.61 11.77
N CYS A 65 -4.10 1.50 12.50
CA CYS A 65 -3.79 0.23 11.90
C CYS A 65 -5.02 -0.37 11.21
N ASP A 66 -4.80 -1.48 10.54
CA ASP A 66 -5.86 -2.17 9.78
C ASP A 66 -7.14 -2.42 10.58
N LYS A 67 -7.02 -2.67 11.88
CA LYS A 67 -8.20 -2.97 12.70
C LYS A 67 -9.22 -1.84 12.67
N CYS A 68 -8.82 -0.68 13.15
CA CYS A 68 -9.70 0.47 13.18
C CYS A 68 -9.86 1.12 11.80
N LEU A 69 -8.85 0.93 10.96
CA LEU A 69 -8.82 1.51 9.61
C LEU A 69 -10.09 1.20 8.81
N LYS A 70 -10.47 -0.06 8.78
CA LYS A 70 -11.66 -0.47 8.01
C LYS A 70 -12.95 -0.17 8.76
N PHE A 71 -12.86 -0.03 10.07
CA PHE A 71 -14.04 0.25 10.87
C PHE A 71 -14.46 1.72 10.77
N TYR A 72 -13.48 2.61 10.69
CA TYR A 72 -13.76 4.04 10.62
C TYR A 72 -13.41 4.61 9.24
N MET B 3 -12.89 -12.50 -18.50
CA MET B 3 -11.98 -12.14 -19.61
C MET B 3 -11.62 -10.65 -19.55
N PHE B 4 -10.52 -10.27 -20.18
CA PHE B 4 -10.09 -8.87 -20.18
C PHE B 4 -9.64 -8.46 -21.58
N GLN B 5 -10.53 -7.75 -22.26
CA GLN B 5 -10.27 -7.27 -23.62
C GLN B 5 -10.79 -5.84 -23.76
N ASP B 6 -11.03 -5.41 -25.00
CA ASP B 6 -11.53 -4.07 -25.30
C ASP B 6 -12.77 -3.73 -24.45
N PRO B 7 -12.91 -2.48 -23.98
CA PRO B 7 -11.98 -1.37 -24.26
C PRO B 7 -10.77 -1.35 -23.34
N GLN B 8 -10.66 -2.35 -22.48
CA GLN B 8 -9.54 -2.44 -21.56
C GLN B 8 -8.28 -2.83 -22.33
N GLU B 9 -7.40 -1.85 -22.53
CA GLU B 9 -6.16 -2.07 -23.27
C GLU B 9 -5.18 -2.93 -22.48
N ARG B 10 -5.43 -3.06 -21.18
CA ARG B 10 -4.59 -3.86 -20.29
C ARG B 10 -3.19 -3.27 -20.14
N PRO B 11 -3.03 -2.29 -19.24
CA PRO B 11 -1.74 -1.64 -18.99
C PRO B 11 -0.76 -2.55 -18.25
N ARG B 12 0.51 -2.17 -18.25
CA ARG B 12 1.53 -2.98 -17.59
C ARG B 12 1.76 -2.53 -16.14
N LYS B 13 0.92 -1.63 -15.65
CA LYS B 13 1.03 -1.14 -14.28
C LYS B 13 -0.24 -1.46 -13.49
N LEU B 14 -0.04 -2.03 -12.29
CA LEU B 14 -1.16 -2.42 -11.43
C LEU B 14 -2.14 -1.26 -11.13
N PRO B 15 -1.65 -0.08 -10.67
CA PRO B 15 -2.52 1.06 -10.37
C PRO B 15 -3.43 1.43 -11.54
N GLN B 16 -2.91 1.26 -12.76
CA GLN B 16 -3.66 1.59 -13.95
C GLN B 16 -4.62 0.47 -14.33
N LEU B 17 -4.26 -0.76 -13.95
CA LEU B 17 -5.11 -1.92 -14.23
C LEU B 17 -6.38 -1.82 -13.41
N CYS B 18 -6.26 -1.26 -12.20
CA CYS B 18 -7.39 -1.09 -11.30
C CYS B 18 -8.44 -0.19 -11.95
N THR B 19 -7.97 0.79 -12.71
CA THR B 19 -8.85 1.72 -13.41
C THR B 19 -9.63 0.99 -14.50
N GLU B 20 -9.00 -0.01 -15.12
CA GLU B 20 -9.65 -0.79 -16.16
C GLU B 20 -10.82 -1.58 -15.56
N LEU B 21 -10.65 -1.98 -14.32
CA LEU B 21 -11.68 -2.72 -13.60
C LEU B 21 -12.64 -1.76 -12.91
N GLN B 22 -12.39 -0.46 -13.09
CA GLN B 22 -13.21 0.60 -12.51
C GLN B 22 -13.29 0.45 -10.99
N THR B 23 -12.17 0.09 -10.38
CA THR B 23 -12.10 -0.09 -8.95
C THR B 23 -10.75 0.38 -8.42
N THR B 24 -10.49 0.15 -7.14
CA THR B 24 -9.24 0.57 -6.53
C THR B 24 -8.32 -0.63 -6.32
N ILE B 25 -7.08 -0.36 -5.93
CA ILE B 25 -6.12 -1.44 -5.68
C ILE B 25 -6.52 -2.24 -4.45
N HIS B 26 -7.47 -1.70 -3.70
CA HIS B 26 -7.97 -2.34 -2.49
C HIS B 26 -9.04 -3.38 -2.82
N ASP B 27 -9.42 -3.46 -4.09
CA ASP B 27 -10.46 -4.40 -4.50
C ASP B 27 -10.01 -5.25 -5.69
N ILE B 28 -8.89 -4.90 -6.29
CA ILE B 28 -8.39 -5.65 -7.44
C ILE B 28 -7.89 -7.04 -7.01
N ILE B 29 -8.27 -8.04 -7.78
CA ILE B 29 -7.87 -9.42 -7.50
C ILE B 29 -7.01 -9.98 -8.63
N LEU B 30 -5.75 -10.24 -8.34
CA LEU B 30 -4.84 -10.79 -9.33
C LEU B 30 -4.16 -12.04 -8.78
N GLU B 31 -3.90 -12.99 -9.65
CA GLU B 31 -3.26 -14.24 -9.26
C GLU B 31 -1.82 -14.29 -9.77
N CYS B 32 -1.01 -15.15 -9.16
CA CYS B 32 0.38 -15.28 -9.55
C CYS B 32 0.50 -15.86 -10.96
N VAL B 33 1.47 -15.36 -11.70
CA VAL B 33 1.70 -15.78 -13.07
C VAL B 33 2.13 -17.25 -13.15
N TYR B 34 2.88 -17.72 -12.15
CA TYR B 34 3.36 -19.10 -12.18
C TYR B 34 2.68 -19.97 -11.14
N CYS B 35 2.39 -19.43 -9.96
CA CYS B 35 1.74 -20.20 -8.90
C CYS B 35 0.23 -20.22 -9.09
N LYS B 36 -0.29 -19.25 -9.85
CA LYS B 36 -1.71 -19.12 -10.12
C LYS B 36 -2.51 -18.95 -8.83
N GLN B 37 -1.85 -18.45 -7.79
CA GLN B 37 -2.49 -18.23 -6.51
C GLN B 37 -2.86 -16.76 -6.38
N GLN B 38 -4.03 -16.50 -5.83
CA GLN B 38 -4.49 -15.11 -5.65
C GLN B 38 -3.62 -14.39 -4.64
N LEU B 39 -3.08 -13.26 -5.05
CA LEU B 39 -2.23 -12.47 -4.19
C LEU B 39 -3.06 -11.73 -3.14
N LEU B 40 -2.67 -11.86 -1.89
CA LEU B 40 -3.38 -11.20 -0.80
C LEU B 40 -3.27 -9.68 -0.95
N ARG B 41 -4.35 -8.97 -0.65
CA ARG B 41 -4.42 -7.52 -0.77
C ARG B 41 -3.18 -6.82 -0.20
N ARG B 42 -2.67 -7.33 0.92
CA ARG B 42 -1.51 -6.74 1.56
C ARG B 42 -0.28 -6.78 0.65
N GLU B 43 -0.01 -7.94 0.07
CA GLU B 43 1.13 -8.11 -0.81
C GLU B 43 0.93 -7.34 -2.11
N VAL B 44 -0.32 -7.23 -2.52
CA VAL B 44 -0.68 -6.51 -3.74
C VAL B 44 -0.26 -5.05 -3.66
N TYR B 45 -0.40 -4.46 -2.48
CA TYR B 45 -0.02 -3.07 -2.26
C TYR B 45 1.49 -2.90 -2.33
N ASP B 46 2.22 -3.91 -1.86
CA ASP B 46 3.67 -3.87 -1.87
C ASP B 46 4.18 -3.99 -3.30
N PHE B 47 3.38 -4.66 -4.14
CA PHE B 47 3.69 -4.85 -5.54
C PHE B 47 3.63 -3.52 -6.28
N ALA B 48 2.66 -2.69 -5.89
CA ALA B 48 2.48 -1.38 -6.51
C ALA B 48 3.40 -0.33 -5.87
N PHE B 49 3.81 -0.59 -4.63
CA PHE B 49 4.70 0.32 -3.92
C PHE B 49 6.12 0.21 -4.51
N ARG B 50 6.39 -0.91 -5.14
CA ARG B 50 7.68 -1.15 -5.77
C ARG B 50 7.54 -0.97 -7.27
N ASP B 51 8.65 -0.65 -7.94
CA ASP B 51 8.63 -0.45 -9.38
C ASP B 51 8.67 -1.78 -10.11
N LEU B 52 7.53 -2.45 -10.18
CA LEU B 52 7.42 -3.73 -10.86
C LEU B 52 6.50 -3.59 -12.07
N CYS B 53 6.32 -4.68 -12.79
CA CYS B 53 5.47 -4.68 -13.99
C CYS B 53 4.50 -5.86 -13.94
N ILE B 54 3.37 -5.71 -14.62
CA ILE B 54 2.38 -6.77 -14.67
C ILE B 54 2.76 -7.81 -15.72
N VAL B 55 2.78 -9.06 -15.31
CA VAL B 55 3.10 -10.15 -16.21
C VAL B 55 1.83 -10.69 -16.84
N TYR B 56 1.70 -10.49 -18.14
CA TYR B 56 0.52 -10.97 -18.84
C TYR B 56 0.78 -12.34 -19.45
N ARG B 57 0.13 -13.34 -18.90
CA ARG B 57 0.28 -14.70 -19.38
C ARG B 57 -0.96 -15.10 -20.17
N ASP B 58 -0.78 -15.18 -21.48
CA ASP B 58 -1.86 -15.57 -22.40
C ASP B 58 -2.92 -14.47 -22.50
N GLY B 59 -2.52 -13.24 -22.17
CA GLY B 59 -3.43 -12.12 -22.24
C GLY B 59 -4.10 -11.82 -20.91
N ASN B 60 -4.21 -12.84 -20.08
CA ASN B 60 -4.84 -12.68 -18.78
C ASN B 60 -3.90 -11.95 -17.82
N PRO B 61 -4.45 -11.06 -16.99
CA PRO B 61 -3.66 -10.29 -16.03
C PRO B 61 -3.19 -11.14 -14.85
N TYR B 62 -1.88 -11.22 -14.70
CA TYR B 62 -1.27 -11.99 -13.61
C TYR B 62 -0.33 -11.09 -12.82
N ALA B 63 -0.11 -11.45 -11.57
CA ALA B 63 0.78 -10.70 -10.71
C ALA B 63 1.96 -11.55 -10.31
N VAL B 64 2.86 -10.98 -9.53
CA VAL B 64 4.04 -11.69 -9.08
C VAL B 64 3.99 -11.85 -7.56
N CYS B 65 3.90 -13.10 -7.11
CA CYS B 65 3.85 -13.37 -5.68
C CYS B 65 5.21 -13.12 -5.04
N ASP B 66 5.23 -13.14 -3.72
CA ASP B 66 6.47 -12.91 -2.97
C ASP B 66 7.54 -13.93 -3.36
N LYS B 67 7.09 -15.13 -3.70
CA LYS B 67 7.99 -16.21 -4.09
C LYS B 67 8.61 -15.93 -5.45
N CYS B 68 7.75 -15.75 -6.46
CA CYS B 68 8.20 -15.49 -7.81
C CYS B 68 8.93 -14.14 -7.92
N LEU B 69 8.60 -13.23 -7.02
CA LEU B 69 9.21 -11.90 -6.98
C LEU B 69 10.73 -12.00 -6.95
N LYS B 70 11.25 -12.74 -5.99
CA LYS B 70 12.70 -12.91 -5.84
C LYS B 70 13.22 -13.98 -6.80
N PHE B 71 12.33 -14.75 -7.39
CA PHE B 71 12.74 -15.80 -8.33
C PHE B 71 13.12 -15.20 -9.69
N TYR B 72 12.26 -14.35 -10.22
CA TYR B 72 12.48 -13.75 -11.54
C TYR B 72 12.62 -12.24 -11.43
ZN ZN C . -4.04 8.71 7.79
ZN ZN D . 4.39 -16.99 -7.89
N MET A 3 8.81 10.09 20.93
CA MET A 3 8.39 11.51 21.01
C MET A 3 8.67 12.22 19.70
N PHE A 4 7.90 13.25 19.41
CA PHE A 4 8.08 14.01 18.18
C PHE A 4 7.95 15.51 18.45
N GLN A 5 9.08 16.16 18.55
CA GLN A 5 9.16 17.59 18.79
C GLN A 5 10.28 18.18 17.95
N ASP A 6 10.71 19.40 18.27
CA ASP A 6 11.80 20.07 17.55
C ASP A 6 12.99 19.13 17.36
N PRO A 7 13.66 19.16 16.19
CA PRO A 7 13.33 20.05 15.08
C PRO A 7 12.21 19.53 14.18
N GLN A 8 11.63 18.40 14.54
CA GLN A 8 10.53 17.83 13.77
C GLN A 8 9.29 18.69 13.95
N GLU A 9 8.76 19.19 12.84
CA GLU A 9 7.58 20.05 12.87
C GLU A 9 6.30 19.23 13.01
N ARG A 10 6.41 17.92 12.76
CA ARG A 10 5.28 17.00 12.85
C ARG A 10 4.24 17.27 11.76
N PRO A 11 4.43 16.68 10.58
CA PRO A 11 3.51 16.84 9.46
C PRO A 11 2.30 15.93 9.60
N ARG A 12 1.18 16.31 9.01
CA ARG A 12 -0.04 15.53 9.10
C ARG A 12 -0.11 14.50 7.98
N LYS A 13 0.90 14.49 7.11
CA LYS A 13 0.95 13.55 6.00
C LYS A 13 2.05 12.51 6.21
N LEU A 14 1.69 11.24 6.06
CA LEU A 14 2.62 10.12 6.23
C LEU A 14 3.87 10.24 5.34
N PRO A 15 3.74 10.51 4.02
CA PRO A 15 4.89 10.65 3.13
C PRO A 15 5.90 11.68 3.63
N GLN A 16 5.42 12.73 4.28
CA GLN A 16 6.29 13.76 4.80
C GLN A 16 6.84 13.38 6.18
N LEU A 17 6.06 12.62 6.93
CA LEU A 17 6.48 12.17 8.26
C LEU A 17 7.73 11.32 8.17
N CYS A 18 7.80 10.50 7.13
CA CYS A 18 8.94 9.64 6.89
C CYS A 18 10.22 10.47 6.73
N THR A 19 10.08 11.65 6.14
CA THR A 19 11.21 12.54 5.95
C THR A 19 11.72 13.06 7.30
N GLU A 20 10.78 13.37 8.19
CA GLU A 20 11.11 13.87 9.52
C GLU A 20 11.79 12.79 10.35
N LEU A 21 11.29 11.56 10.23
CA LEU A 21 11.85 10.43 10.96
C LEU A 21 13.11 9.90 10.27
N GLN A 22 13.44 10.48 9.12
CA GLN A 22 14.62 10.10 8.35
C GLN A 22 14.57 8.62 7.93
N THR A 23 13.44 8.22 7.36
CA THR A 23 13.25 6.85 6.93
C THR A 23 12.22 6.78 5.80
N THR A 24 11.85 5.58 5.38
CA THR A 24 10.88 5.41 4.32
C THR A 24 9.54 4.90 4.87
N ILE A 25 8.52 4.92 4.01
CA ILE A 25 7.18 4.47 4.39
C ILE A 25 7.13 2.94 4.43
N HIS A 26 8.26 2.32 4.17
CA HIS A 26 8.34 0.86 4.18
C HIS A 26 9.12 0.38 5.39
N ASP A 27 9.41 1.31 6.30
CA ASP A 27 10.17 1.00 7.51
C ASP A 27 9.51 1.58 8.76
N ILE A 28 8.95 2.79 8.63
CA ILE A 28 8.32 3.46 9.75
C ILE A 28 7.08 2.71 10.25
N ILE A 29 7.04 2.47 11.55
CA ILE A 29 5.91 1.78 12.17
C ILE A 29 5.18 2.72 13.12
N LEU A 30 3.91 2.96 12.84
CA LEU A 30 3.10 3.85 13.67
C LEU A 30 2.12 3.06 14.52
N GLU A 31 1.62 3.68 15.57
CA GLU A 31 0.66 3.04 16.46
C GLU A 31 -0.65 3.83 16.44
N CYS A 32 -1.75 3.15 16.74
CA CYS A 32 -3.07 3.80 16.76
C CYS A 32 -3.18 4.80 17.90
N VAL A 33 -3.90 5.88 17.65
CA VAL A 33 -4.09 6.93 18.64
C VAL A 33 -5.02 6.48 19.77
N TYR A 34 -5.95 5.59 19.46
CA TYR A 34 -6.91 5.12 20.46
C TYR A 34 -6.56 3.73 20.99
N CYS A 35 -6.26 2.82 20.08
CA CYS A 35 -5.92 1.45 20.46
C CYS A 35 -4.48 1.32 20.93
N LYS A 36 -3.62 2.23 20.46
CA LYS A 36 -2.20 2.24 20.81
C LYS A 36 -1.49 0.99 20.32
N GLN A 37 -2.07 0.35 19.31
CA GLN A 37 -1.51 -0.85 18.73
C GLN A 37 -0.69 -0.50 17.50
N GLN A 38 0.36 -1.27 17.27
CA GLN A 38 1.23 -1.02 16.12
C GLN A 38 0.55 -1.44 14.82
N LEU A 39 0.50 -0.52 13.88
CA LEU A 39 -0.11 -0.80 12.60
C LEU A 39 0.81 -1.68 11.77
N LEU A 40 0.21 -2.65 11.09
CA LEU A 40 0.98 -3.56 10.25
C LEU A 40 1.42 -2.85 8.98
N ARG A 41 2.48 -3.37 8.35
CA ARG A 41 3.01 -2.79 7.11
C ARG A 41 1.91 -2.63 6.06
N ARG A 42 0.97 -3.58 6.05
CA ARG A 42 -0.15 -3.56 5.12
C ARG A 42 -1.05 -2.34 5.34
N GLU A 43 -1.28 -2.01 6.61
CA GLU A 43 -2.15 -0.89 6.96
C GLU A 43 -1.47 0.45 6.66
N VAL A 44 -0.15 0.47 6.81
CA VAL A 44 0.63 1.67 6.55
C VAL A 44 0.43 2.16 5.12
N TYR A 45 0.37 1.22 4.18
CA TYR A 45 0.17 1.56 2.77
C TYR A 45 -1.25 2.04 2.53
N ASP A 46 -2.20 1.48 3.25
CA ASP A 46 -3.60 1.87 3.10
C ASP A 46 -3.79 3.30 3.61
N PHE A 47 -3.09 3.61 4.69
CA PHE A 47 -3.14 4.93 5.31
C PHE A 47 -2.54 5.99 4.38
N ALA A 48 -1.51 5.60 3.63
CA ALA A 48 -0.84 6.53 2.71
C ALA A 48 -1.58 6.63 1.38
N PHE A 49 -2.18 5.53 0.94
CA PHE A 49 -2.92 5.51 -0.31
C PHE A 49 -4.19 6.35 -0.21
N ARG A 50 -4.82 6.32 0.96
CA ARG A 50 -6.02 7.09 1.18
C ARG A 50 -5.65 8.47 1.72
N ASP A 51 -6.52 9.44 1.51
CA ASP A 51 -6.24 10.79 1.98
C ASP A 51 -6.60 10.92 3.45
N LEU A 52 -5.71 10.43 4.30
CA LEU A 52 -5.90 10.50 5.74
C LEU A 52 -4.86 11.45 6.35
N CYS A 53 -5.02 11.74 7.62
CA CYS A 53 -4.10 12.64 8.31
C CYS A 53 -3.61 12.01 9.60
N ILE A 54 -2.40 12.37 9.98
CA ILE A 54 -1.80 11.86 11.20
C ILE A 54 -2.22 12.69 12.40
N VAL A 55 -2.56 12.02 13.49
CA VAL A 55 -2.97 12.69 14.71
C VAL A 55 -1.92 12.49 15.78
N TYR A 56 -1.35 13.58 16.26
CA TYR A 56 -0.32 13.49 17.28
C TYR A 56 -0.92 13.64 18.68
N ARG A 57 -0.91 12.55 19.43
CA ARG A 57 -1.42 12.56 20.79
C ARG A 57 -0.32 13.05 21.71
N ASP A 58 -0.54 14.22 22.32
CA ASP A 58 0.42 14.84 23.24
C ASP A 58 1.63 15.37 22.46
N GLY A 59 2.45 14.45 21.98
CA GLY A 59 3.63 14.81 21.23
C GLY A 59 4.29 13.59 20.63
N ASN A 60 3.48 12.72 20.05
CA ASN A 60 3.98 11.49 19.44
C ASN A 60 3.18 11.18 18.17
N PRO A 61 3.81 10.57 17.16
CA PRO A 61 3.14 10.23 15.90
C PRO A 61 2.20 9.05 16.06
N TYR A 62 0.91 9.31 15.99
CA TYR A 62 -0.10 8.27 16.09
C TYR A 62 -0.88 8.18 14.80
N ALA A 63 -1.19 6.97 14.38
CA ALA A 63 -1.92 6.77 13.15
C ALA A 63 -3.32 6.28 13.45
N VAL A 64 -4.07 5.98 12.41
CA VAL A 64 -5.43 5.49 12.54
C VAL A 64 -5.52 4.07 12.03
N CYS A 65 -5.88 3.14 12.91
CA CYS A 65 -6.00 1.73 12.55
C CYS A 65 -7.26 1.52 11.72
N ASP A 66 -7.44 0.30 11.24
CA ASP A 66 -8.63 -0.02 10.44
C ASP A 66 -9.88 0.01 11.32
N LYS A 67 -9.66 -0.03 12.63
CA LYS A 67 -10.76 0.00 13.60
C LYS A 67 -11.27 1.43 13.75
N CYS A 68 -10.36 2.33 14.12
CA CYS A 68 -10.68 3.73 14.32
C CYS A 68 -10.91 4.45 12.98
N LEU A 69 -10.49 3.81 11.91
CA LEU A 69 -10.62 4.34 10.55
C LEU A 69 -12.04 4.83 10.25
N LYS A 70 -13.03 4.06 10.67
CA LYS A 70 -14.43 4.43 10.42
C LYS A 70 -14.93 5.44 11.45
N PHE A 71 -14.22 5.58 12.55
CA PHE A 71 -14.60 6.53 13.60
C PHE A 71 -14.26 7.97 13.23
N TYR A 72 -13.03 8.19 12.81
CA TYR A 72 -12.57 9.53 12.45
C TYR A 72 -11.89 9.52 11.09
N MET B 3 -7.38 -15.43 -18.30
CA MET B 3 -8.70 -14.90 -17.91
C MET B 3 -8.96 -13.53 -18.54
N PHE B 4 -8.14 -13.14 -19.50
CA PHE B 4 -8.32 -11.84 -20.15
C PHE B 4 -8.47 -12.01 -21.66
N GLN B 5 -9.46 -11.34 -22.23
CA GLN B 5 -9.70 -11.43 -23.67
C GLN B 5 -9.28 -10.14 -24.36
N ASP B 6 -9.19 -10.20 -25.69
CA ASP B 6 -8.80 -9.05 -26.48
C ASP B 6 -10.02 -8.25 -26.93
N PRO B 7 -9.87 -6.94 -27.12
CA PRO B 7 -8.61 -6.23 -26.93
C PRO B 7 -8.41 -5.73 -25.50
N GLN B 8 -9.18 -4.70 -25.11
CA GLN B 8 -9.13 -4.10 -23.78
C GLN B 8 -7.83 -3.32 -23.52
N GLU B 9 -6.88 -3.44 -24.44
CA GLU B 9 -5.57 -2.77 -24.35
C GLU B 9 -4.70 -3.41 -23.28
N ARG B 10 -5.25 -3.53 -22.07
CA ARG B 10 -4.55 -4.11 -20.93
C ARG B 10 -3.40 -3.22 -20.47
N PRO B 11 -3.71 -2.24 -19.59
CA PRO B 11 -2.70 -1.32 -19.05
C PRO B 11 -1.68 -2.05 -18.20
N ARG B 12 -0.47 -1.51 -18.13
CA ARG B 12 0.60 -2.12 -17.35
C ARG B 12 0.64 -1.57 -15.93
N LYS B 13 -0.46 -0.97 -15.52
CA LYS B 13 -0.57 -0.40 -14.18
C LYS B 13 -1.76 -1.01 -13.45
N LEU B 14 -1.50 -1.51 -12.23
CA LEU B 14 -2.51 -2.17 -11.41
C LEU B 14 -3.80 -1.36 -11.22
N PRO B 15 -3.72 -0.08 -10.78
CA PRO B 15 -4.91 0.76 -10.58
C PRO B 15 -5.82 0.79 -11.81
N GLN B 16 -5.24 0.97 -12.99
CA GLN B 16 -6.00 1.02 -14.23
C GLN B 16 -6.53 -0.37 -14.62
N LEU B 17 -5.80 -1.41 -14.22
CA LEU B 17 -6.20 -2.77 -14.51
C LEU B 17 -7.45 -3.14 -13.72
N CYS B 18 -7.57 -2.60 -12.52
CA CYS B 18 -8.72 -2.85 -11.66
C CYS B 18 -10.01 -2.40 -12.33
N THR B 19 -9.92 -1.31 -13.10
CA THR B 19 -11.08 -0.78 -13.81
C THR B 19 -11.52 -1.73 -14.92
N GLU B 20 -10.57 -2.47 -15.49
CA GLU B 20 -10.88 -3.43 -16.55
C GLU B 20 -11.64 -4.61 -15.97
N LEU B 21 -11.28 -4.96 -14.74
CA LEU B 21 -11.89 -6.09 -14.05
C LEU B 21 -13.15 -5.63 -13.31
N GLN B 22 -13.43 -4.33 -13.40
CA GLN B 22 -14.61 -3.74 -12.78
C GLN B 22 -14.59 -3.91 -11.26
N THR B 23 -13.41 -3.80 -10.67
CA THR B 23 -13.25 -3.94 -9.24
C THR B 23 -12.27 -2.89 -8.70
N THR B 24 -11.88 -3.05 -7.44
CA THR B 24 -10.95 -2.13 -6.81
C THR B 24 -9.66 -2.82 -6.44
N ILE B 25 -8.70 -2.05 -5.93
CA ILE B 25 -7.39 -2.60 -5.55
C ILE B 25 -7.49 -3.43 -4.26
N HIS B 26 -8.66 -3.41 -3.64
CA HIS B 26 -8.87 -4.16 -2.41
C HIS B 26 -9.59 -5.47 -2.69
N ASP B 27 -9.99 -5.68 -3.95
CA ASP B 27 -10.72 -6.89 -4.33
C ASP B 27 -10.08 -7.57 -5.55
N ILE B 28 -9.16 -6.88 -6.21
CA ILE B 28 -8.50 -7.44 -7.39
C ILE B 28 -7.66 -8.66 -7.01
N ILE B 29 -7.96 -9.79 -7.65
CA ILE B 29 -7.23 -11.02 -7.39
C ILE B 29 -6.30 -11.35 -8.54
N LEU B 30 -5.02 -11.15 -8.32
CA LEU B 30 -4.02 -11.43 -9.33
C LEU B 30 -2.99 -12.41 -8.77
N GLU B 31 -2.61 -13.39 -9.58
CA GLU B 31 -1.64 -14.38 -9.15
C GLU B 31 -0.23 -14.02 -9.62
N CYS B 32 0.75 -14.71 -9.04
CA CYS B 32 2.14 -14.49 -9.39
C CYS B 32 2.43 -15.11 -10.75
N VAL B 33 3.28 -14.46 -11.51
CA VAL B 33 3.64 -14.93 -12.83
C VAL B 33 4.53 -16.18 -12.75
N TYR B 34 5.23 -16.34 -11.63
CA TYR B 34 6.12 -17.49 -11.44
C TYR B 34 5.55 -18.48 -10.43
N CYS B 35 5.24 -18.00 -9.24
CA CYS B 35 4.72 -18.84 -8.17
C CYS B 35 3.30 -19.31 -8.46
N LYS B 36 2.58 -18.56 -9.30
CA LYS B 36 1.21 -18.88 -9.69
C LYS B 36 0.28 -18.92 -8.48
N GLN B 37 0.59 -18.10 -7.48
CA GLN B 37 -0.23 -18.03 -6.27
C GLN B 37 -0.92 -16.68 -6.20
N GLN B 38 -2.08 -16.64 -5.56
CA GLN B 38 -2.85 -15.41 -5.43
C GLN B 38 -2.15 -14.45 -4.49
N LEU B 39 -1.93 -13.21 -4.95
CA LEU B 39 -1.28 -12.19 -4.14
C LEU B 39 -2.26 -11.63 -3.13
N LEU B 40 -1.80 -11.46 -1.90
CA LEU B 40 -2.65 -10.93 -0.84
C LEU B 40 -2.73 -9.41 -0.92
N ARG B 41 -3.65 -8.83 -0.14
CA ARG B 41 -3.88 -7.39 -0.12
C ARG B 41 -2.60 -6.60 0.22
N ARG B 42 -1.68 -7.22 0.94
CA ARG B 42 -0.44 -6.57 1.32
C ARG B 42 0.47 -6.32 0.11
N GLU B 43 0.71 -7.36 -0.67
CA GLU B 43 1.55 -7.25 -1.85
C GLU B 43 0.86 -6.48 -2.95
N VAL B 44 -0.47 -6.62 -3.04
CA VAL B 44 -1.24 -5.91 -4.04
C VAL B 44 -1.12 -4.40 -3.82
N TYR B 45 -1.15 -4.01 -2.55
CA TYR B 45 -1.03 -2.60 -2.18
C TYR B 45 0.34 -2.06 -2.59
N ASP B 46 1.38 -2.83 -2.30
CA ASP B 46 2.75 -2.44 -2.62
C ASP B 46 2.92 -2.23 -4.11
N PHE B 47 2.31 -3.11 -4.90
CA PHE B 47 2.38 -3.04 -6.35
C PHE B 47 1.71 -1.79 -6.89
N ALA B 48 0.64 -1.34 -6.22
CA ALA B 48 -0.09 -0.16 -6.64
C ALA B 48 0.56 1.11 -6.09
N PHE B 49 1.13 1.01 -4.89
CA PHE B 49 1.79 2.13 -4.25
C PHE B 49 3.09 2.49 -4.98
N ARG B 50 3.89 1.47 -5.27
CA ARG B 50 5.14 1.67 -5.99
C ARG B 50 4.89 1.57 -7.49
N ASP B 51 5.48 2.49 -8.26
CA ASP B 51 5.30 2.50 -9.71
C ASP B 51 6.03 1.33 -10.35
N LEU B 52 5.34 0.20 -10.48
CA LEU B 52 5.91 -0.99 -11.08
C LEU B 52 5.25 -1.28 -12.43
N CYS B 53 5.66 -2.38 -13.05
CA CYS B 53 5.10 -2.77 -14.32
C CYS B 53 4.49 -4.16 -14.24
N ILE B 54 3.33 -4.33 -14.85
CA ILE B 54 2.65 -5.61 -14.84
C ILE B 54 3.24 -6.53 -15.90
N VAL B 55 3.54 -7.76 -15.50
CA VAL B 55 4.11 -8.75 -16.41
C VAL B 55 2.99 -9.56 -17.05
N TYR B 56 3.08 -9.78 -18.35
CA TYR B 56 2.06 -10.51 -19.06
C TYR B 56 2.56 -11.86 -19.53
N ARG B 57 2.05 -12.92 -18.93
CA ARG B 57 2.45 -14.26 -19.33
C ARG B 57 1.63 -14.68 -20.53
N ASP B 58 2.26 -14.62 -21.70
CA ASP B 58 1.62 -14.96 -22.98
C ASP B 58 0.56 -13.92 -23.35
N GLY B 59 -0.48 -13.84 -22.53
CA GLY B 59 -1.55 -12.89 -22.77
C GLY B 59 -2.29 -12.55 -21.49
N ASN B 60 -1.90 -13.17 -20.39
CA ASN B 60 -2.55 -12.93 -19.10
C ASN B 60 -1.71 -12.01 -18.21
N PRO B 61 -2.33 -10.95 -17.69
CA PRO B 61 -1.65 -9.99 -16.81
C PRO B 61 -1.48 -10.52 -15.40
N TYR B 62 -0.25 -10.71 -14.97
CA TYR B 62 0.02 -11.21 -13.64
C TYR B 62 0.90 -10.24 -12.88
N ALA B 63 0.98 -10.41 -11.58
CA ALA B 63 1.77 -9.52 -10.75
C ALA B 63 3.03 -10.23 -10.27
N VAL B 64 3.94 -9.46 -9.70
CA VAL B 64 5.18 -10.00 -9.19
C VAL B 64 5.11 -10.06 -7.67
N CYS B 65 5.21 -11.27 -7.12
CA CYS B 65 5.15 -11.45 -5.68
C CYS B 65 6.42 -10.94 -5.01
N ASP B 66 6.41 -10.92 -3.69
CA ASP B 66 7.55 -10.46 -2.91
C ASP B 66 8.76 -11.38 -3.10
N LYS B 67 8.51 -12.57 -3.63
CA LYS B 67 9.58 -13.54 -3.86
C LYS B 67 10.31 -13.22 -5.15
N CYS B 68 9.57 -13.18 -6.25
CA CYS B 68 10.14 -12.91 -7.56
C CYS B 68 10.60 -11.47 -7.68
N LEU B 69 10.01 -10.58 -6.88
CA LEU B 69 10.36 -9.16 -6.88
C LEU B 69 11.84 -8.93 -6.60
N LYS B 70 12.38 -9.73 -5.69
CA LYS B 70 13.80 -9.59 -5.32
C LYS B 70 14.69 -10.26 -6.35
N PHE B 71 14.16 -11.27 -7.03
CA PHE B 71 14.91 -12.00 -8.04
C PHE B 71 15.02 -11.19 -9.34
N TYR B 72 13.90 -10.66 -9.78
CA TYR B 72 13.86 -9.87 -11.01
C TYR B 72 13.62 -8.40 -10.69
ZN ZN C . -7.43 2.37 16.66
ZN ZN D . 6.42 -15.17 -7.47
N MET A 3 14.12 12.19 15.79
CA MET A 3 12.86 12.81 16.24
C MET A 3 12.76 14.24 15.73
N PHE A 4 11.73 14.95 16.17
CA PHE A 4 11.52 16.32 15.75
C PHE A 4 11.47 17.24 16.97
N GLN A 5 12.01 18.43 16.83
CA GLN A 5 12.05 19.39 17.91
C GLN A 5 10.74 20.18 18.00
N ASP A 6 10.73 21.12 18.95
CA ASP A 6 9.56 21.96 19.19
C ASP A 6 9.63 23.25 18.37
N PRO A 7 8.49 23.76 17.89
CA PRO A 7 7.18 23.16 18.10
C PRO A 7 6.79 22.23 16.96
N GLN A 8 6.45 22.79 15.81
CA GLN A 8 6.06 21.99 14.66
C GLN A 8 7.19 21.87 13.66
N GLU A 9 8.22 21.12 14.03
CA GLU A 9 9.37 20.90 13.16
C GLU A 9 9.07 19.71 12.24
N ARG A 10 7.80 19.31 12.26
CA ARG A 10 7.34 18.18 11.47
C ARG A 10 6.00 18.53 10.81
N PRO A 11 5.75 17.99 9.61
CA PRO A 11 4.51 18.24 8.86
C PRO A 11 3.34 17.38 9.36
N ARG A 12 2.15 17.70 8.88
CA ARG A 12 0.94 16.96 9.26
C ARG A 12 0.54 15.96 8.18
N LYS A 13 1.42 15.77 7.20
CA LYS A 13 1.16 14.85 6.11
C LYS A 13 2.12 13.67 6.20
N LEU A 14 1.58 12.46 6.09
CA LEU A 14 2.38 11.23 6.17
C LEU A 14 3.56 11.23 5.18
N PRO A 15 3.32 11.47 3.86
CA PRO A 15 4.40 11.47 2.86
C PRO A 15 5.53 12.43 3.23
N GLN A 16 5.16 13.65 3.63
CA GLN A 16 6.14 14.65 4.02
C GLN A 16 6.89 14.22 5.27
N LEU A 17 6.16 13.60 6.20
CA LEU A 17 6.75 13.12 7.45
C LEU A 17 7.84 12.09 7.16
N CYS A 18 7.55 11.19 6.22
CA CYS A 18 8.51 10.16 5.83
C CYS A 18 9.75 10.81 5.22
N THR A 19 9.52 11.89 4.49
CA THR A 19 10.61 12.62 3.84
C THR A 19 11.52 13.26 4.89
N GLU A 20 10.92 13.76 5.96
CA GLU A 20 11.67 14.39 7.04
C GLU A 20 12.36 13.33 7.89
N LEU A 21 11.75 12.15 7.95
CA LEU A 21 12.31 11.04 8.71
C LEU A 21 13.40 10.35 7.87
N GLN A 22 13.52 10.79 6.62
CA GLN A 22 14.50 10.26 5.69
C GLN A 22 14.27 8.78 5.40
N THR A 23 13.01 8.43 5.16
CA THR A 23 12.67 7.04 4.88
C THR A 23 11.41 6.97 4.01
N THR A 24 11.01 5.76 3.67
CA THR A 24 9.83 5.57 2.85
C THR A 24 8.63 5.24 3.73
N ILE A 25 7.44 5.32 3.14
CA ILE A 25 6.20 5.03 3.87
C ILE A 25 6.11 3.54 4.23
N HIS A 26 7.03 2.75 3.68
CA HIS A 26 7.07 1.32 3.94
C HIS A 26 7.97 1.02 5.13
N ASP A 27 8.61 2.05 5.68
CA ASP A 27 9.53 1.87 6.80
C ASP A 27 9.16 2.72 8.02
N ILE A 28 8.45 3.82 7.78
CA ILE A 28 8.06 4.73 8.87
C ILE A 28 7.37 3.97 10.01
N ILE A 29 7.99 4.03 11.19
CA ILE A 29 7.47 3.35 12.36
C ILE A 29 6.39 4.18 13.06
N LEU A 30 5.14 3.85 12.78
CA LEU A 30 4.02 4.54 13.37
C LEU A 30 3.11 3.53 14.06
N GLU A 31 2.93 3.70 15.36
CA GLU A 31 2.11 2.79 16.13
C GLU A 31 0.74 3.40 16.38
N CYS A 32 -0.17 2.62 16.96
CA CYS A 32 -1.51 3.09 17.23
C CYS A 32 -1.52 4.12 18.36
N VAL A 33 -2.39 5.11 18.20
CA VAL A 33 -2.55 6.17 19.16
C VAL A 33 -3.24 5.65 20.43
N TYR A 34 -4.03 4.59 20.28
CA TYR A 34 -4.77 4.04 21.41
C TYR A 34 -4.18 2.70 21.87
N CYS A 35 -4.07 1.75 20.95
CA CYS A 35 -3.56 0.43 21.28
C CYS A 35 -2.07 0.47 21.60
N LYS A 36 -1.37 1.49 21.10
CA LYS A 36 0.06 1.66 21.33
C LYS A 36 0.86 0.50 20.73
N GLN A 37 0.28 -0.15 19.73
CA GLN A 37 0.94 -1.27 19.07
C GLN A 37 1.42 -0.84 17.70
N GLN A 38 2.59 -1.33 17.30
CA GLN A 38 3.16 -0.98 16.00
C GLN A 38 2.31 -1.52 14.86
N LEU A 39 2.04 -0.66 13.89
CA LEU A 39 1.26 -1.03 12.73
C LEU A 39 2.17 -1.60 11.65
N LEU A 40 1.67 -2.59 10.93
CA LEU A 40 2.46 -3.18 9.86
C LEU A 40 2.40 -2.28 8.64
N ARG A 41 3.45 -2.32 7.82
CA ARG A 41 3.53 -1.47 6.63
C ARG A 41 2.30 -1.59 5.74
N ARG A 42 1.63 -2.74 5.77
CA ARG A 42 0.45 -2.95 4.92
C ARG A 42 -0.67 -1.98 5.30
N GLU A 43 -1.01 -1.92 6.57
CA GLU A 43 -2.07 -1.04 7.05
C GLU A 43 -1.62 0.42 6.99
N VAL A 44 -0.31 0.64 7.01
CA VAL A 44 0.24 2.00 6.94
C VAL A 44 -0.11 2.62 5.58
N TYR A 45 -0.16 1.78 4.55
CA TYR A 45 -0.49 2.23 3.20
C TYR A 45 -1.90 2.81 3.16
N ASP A 46 -2.76 2.33 4.05
CA ASP A 46 -4.14 2.79 4.11
C ASP A 46 -4.21 4.25 4.50
N PHE A 47 -3.25 4.68 5.32
CA PHE A 47 -3.17 6.07 5.77
C PHE A 47 -2.83 7.00 4.61
N ALA A 48 -2.02 6.50 3.68
CA ALA A 48 -1.62 7.27 2.52
C ALA A 48 -2.63 7.13 1.39
N PHE A 49 -3.20 5.94 1.23
CA PHE A 49 -4.19 5.67 0.19
C PHE A 49 -5.46 6.50 0.43
N ARG A 50 -5.95 6.47 1.65
CA ARG A 50 -7.14 7.23 2.00
C ARG A 50 -6.72 8.56 2.61
N ASP A 51 -7.64 9.51 2.67
CA ASP A 51 -7.32 10.82 3.24
C ASP A 51 -7.55 10.80 4.74
N LEU A 52 -6.47 10.76 5.49
CA LEU A 52 -6.55 10.74 6.94
C LEU A 52 -5.57 11.73 7.54
N CYS A 53 -5.62 11.89 8.84
CA CYS A 53 -4.75 12.81 9.54
C CYS A 53 -3.93 12.06 10.58
N ILE A 54 -2.73 12.55 10.83
CA ILE A 54 -1.85 11.93 11.81
C ILE A 54 -2.26 12.38 13.21
N VAL A 55 -2.49 11.41 14.08
CA VAL A 55 -2.89 11.69 15.45
C VAL A 55 -1.68 11.81 16.37
N TYR A 56 -1.44 13.00 16.86
CA TYR A 56 -0.33 13.24 17.76
C TYR A 56 -0.80 13.14 19.20
N ARG A 57 -0.41 12.07 19.88
CA ARG A 57 -0.80 11.87 21.27
C ARG A 57 0.34 12.31 22.18
N ASP A 58 0.08 13.30 23.02
CA ASP A 58 1.07 13.84 23.96
C ASP A 58 2.09 14.72 23.25
N GLY A 59 2.59 14.22 22.12
CA GLY A 59 3.56 14.95 21.33
C GLY A 59 4.11 14.11 20.21
N ASN A 60 4.10 12.80 20.42
CA ASN A 60 4.62 11.85 19.43
C ASN A 60 3.56 11.59 18.34
N PRO A 61 3.99 11.40 17.08
CA PRO A 61 3.08 11.14 15.98
C PRO A 61 2.69 9.67 15.91
N TYR A 62 1.40 9.40 16.04
CA TYR A 62 0.90 8.03 16.00
C TYR A 62 -0.11 7.85 14.88
N ALA A 63 -0.44 6.60 14.61
CA ALA A 63 -1.40 6.27 13.57
C ALA A 63 -2.59 5.54 14.17
N VAL A 64 -3.46 5.02 13.31
CA VAL A 64 -4.64 4.30 13.75
C VAL A 64 -4.69 2.95 13.07
N CYS A 65 -4.77 1.88 13.84
CA CYS A 65 -4.84 0.53 13.28
C CYS A 65 -6.25 0.25 12.78
N ASP A 66 -6.40 -0.85 12.06
CA ASP A 66 -7.70 -1.24 11.50
C ASP A 66 -8.80 -1.29 12.55
N LYS A 67 -8.43 -1.67 13.76
CA LYS A 67 -9.37 -1.78 14.87
C LYS A 67 -10.08 -0.46 15.12
N CYS A 68 -9.32 0.58 15.44
CA CYS A 68 -9.87 1.89 15.69
C CYS A 68 -10.31 2.59 14.40
N LEU A 69 -9.63 2.27 13.30
CA LEU A 69 -9.92 2.88 11.99
C LEU A 69 -11.38 2.72 11.57
N LYS A 70 -11.91 1.50 11.70
CA LYS A 70 -13.30 1.24 11.30
C LYS A 70 -14.28 1.87 12.29
N PHE A 71 -13.79 2.20 13.47
CA PHE A 71 -14.63 2.84 14.48
C PHE A 71 -14.77 4.34 14.18
N TYR A 72 -13.68 4.94 13.71
CA TYR A 72 -13.66 6.36 13.40
C TYR A 72 -14.01 6.60 11.94
N MET B 3 -7.37 -15.07 -18.35
CA MET B 3 -6.98 -14.89 -19.77
C MET B 3 -7.24 -13.45 -20.19
N PHE B 4 -6.75 -13.09 -21.38
CA PHE B 4 -6.93 -11.76 -21.91
C PHE B 4 -7.16 -11.82 -23.41
N GLN B 5 -7.46 -10.69 -24.03
CA GLN B 5 -7.72 -10.67 -25.47
C GLN B 5 -6.44 -10.41 -26.26
N ASP B 6 -6.45 -10.85 -27.50
CA ASP B 6 -5.32 -10.69 -28.42
C ASP B 6 -5.34 -9.28 -29.02
N PRO B 7 -4.17 -8.73 -29.39
CA PRO B 7 -2.87 -9.40 -29.26
C PRO B 7 -2.19 -9.11 -27.93
N GLN B 8 -1.42 -8.02 -27.87
CA GLN B 8 -0.71 -7.65 -26.66
C GLN B 8 -1.34 -6.41 -26.05
N GLU B 9 -2.65 -6.32 -26.13
CA GLU B 9 -3.40 -5.19 -25.58
C GLU B 9 -3.49 -5.31 -24.06
N ARG B 10 -2.35 -5.19 -23.40
CA ARG B 10 -2.26 -5.30 -21.96
C ARG B 10 -1.23 -4.33 -21.39
N PRO B 11 -1.67 -3.33 -20.61
CA PRO B 11 -0.76 -2.36 -19.99
C PRO B 11 0.13 -2.99 -18.93
N ARG B 12 1.24 -2.34 -18.61
CA ARG B 12 2.17 -2.88 -17.61
C ARG B 12 1.94 -2.29 -16.22
N LYS B 13 0.88 -1.51 -16.07
CA LYS B 13 0.58 -0.90 -14.77
C LYS B 13 -0.77 -1.37 -14.25
N LEU B 14 -0.80 -1.69 -12.95
CA LEU B 14 -2.01 -2.20 -12.29
C LEU B 14 -3.20 -1.24 -12.41
N PRO B 15 -3.08 0.04 -12.01
CA PRO B 15 -4.18 1.00 -12.09
C PRO B 15 -4.74 1.12 -13.50
N GLN B 16 -3.87 1.00 -14.50
CA GLN B 16 -4.29 1.11 -15.89
C GLN B 16 -5.01 -0.16 -16.33
N LEU B 17 -4.49 -1.31 -15.91
CA LEU B 17 -5.08 -2.60 -16.25
C LEU B 17 -6.51 -2.71 -15.72
N CYS B 18 -6.76 -2.10 -14.57
CA CYS B 18 -8.08 -2.12 -13.97
C CYS B 18 -9.14 -1.54 -14.91
N THR B 19 -8.76 -0.51 -15.65
CA THR B 19 -9.66 0.13 -16.60
C THR B 19 -10.05 -0.84 -17.73
N GLU B 20 -9.06 -1.58 -18.20
CA GLU B 20 -9.27 -2.54 -19.29
C GLU B 20 -10.13 -3.71 -18.82
N LEU B 21 -9.96 -4.09 -17.55
CA LEU B 21 -10.71 -5.19 -16.97
C LEU B 21 -12.07 -4.74 -16.45
N GLN B 22 -12.34 -3.44 -16.56
CA GLN B 22 -13.60 -2.85 -16.11
C GLN B 22 -13.80 -3.04 -14.60
N THR B 23 -12.72 -2.90 -13.85
CA THR B 23 -12.78 -3.04 -12.40
C THR B 23 -11.79 -2.11 -11.72
N THR B 24 -11.56 -2.29 -10.43
CA THR B 24 -10.64 -1.44 -9.68
C THR B 24 -9.58 -2.27 -8.96
N ILE B 25 -8.66 -1.58 -8.30
CA ILE B 25 -7.57 -2.23 -7.56
C ILE B 25 -8.12 -3.03 -6.37
N HIS B 26 -9.34 -2.71 -5.96
CA HIS B 26 -9.97 -3.37 -4.82
C HIS B 26 -10.70 -4.65 -5.25
N ASP B 27 -10.77 -4.89 -6.55
CA ASP B 27 -11.47 -6.06 -7.05
C ASP B 27 -10.63 -6.89 -8.02
N ILE B 28 -9.75 -6.23 -8.76
CA ILE B 28 -8.90 -6.90 -9.74
C ILE B 28 -8.24 -8.16 -9.18
N ILE B 29 -8.45 -9.27 -9.89
CA ILE B 29 -7.89 -10.56 -9.49
C ILE B 29 -6.59 -10.81 -10.23
N LEU B 30 -5.48 -10.76 -9.50
CA LEU B 30 -4.18 -11.00 -10.09
C LEU B 30 -3.45 -12.11 -9.34
N GLU B 31 -2.85 -13.02 -10.08
CA GLU B 31 -2.13 -14.13 -9.49
C GLU B 31 -0.63 -13.87 -9.59
N CYS B 32 0.16 -14.54 -8.76
CA CYS B 32 1.61 -14.37 -8.79
C CYS B 32 2.16 -14.94 -10.09
N VAL B 33 3.18 -14.28 -10.61
CA VAL B 33 3.82 -14.71 -11.85
C VAL B 33 4.63 -15.98 -11.64
N TYR B 34 5.06 -16.22 -10.40
CA TYR B 34 5.86 -17.41 -10.10
C TYR B 34 5.06 -18.41 -9.27
N CYS B 35 4.49 -17.96 -8.16
CA CYS B 35 3.72 -18.84 -7.29
C CYS B 35 2.39 -19.20 -7.91
N LYS B 36 1.90 -18.33 -8.81
CA LYS B 36 0.62 -18.53 -9.50
C LYS B 36 -0.53 -18.68 -8.51
N GLN B 37 -0.42 -18.02 -7.38
CA GLN B 37 -1.44 -18.08 -6.35
C GLN B 37 -2.18 -16.75 -6.25
N GLN B 38 -3.32 -16.77 -5.58
CA GLN B 38 -4.12 -15.57 -5.40
C GLN B 38 -3.37 -14.55 -4.55
N LEU B 39 -3.11 -13.39 -5.13
CA LEU B 39 -2.40 -12.34 -4.42
C LEU B 39 -3.30 -11.77 -3.32
N LEU B 40 -2.71 -11.53 -2.16
CA LEU B 40 -3.46 -10.98 -1.04
C LEU B 40 -3.88 -9.55 -1.38
N ARG B 41 -5.14 -9.21 -1.08
CA ARG B 41 -5.68 -7.89 -1.38
C ARG B 41 -4.79 -6.78 -0.79
N ARG B 42 -4.16 -7.07 0.34
CA ARG B 42 -3.28 -6.10 0.98
C ARG B 42 -2.04 -5.87 0.14
N GLU B 43 -1.49 -6.94 -0.41
CA GLU B 43 -0.29 -6.85 -1.25
C GLU B 43 -0.61 -6.16 -2.57
N VAL B 44 -1.86 -6.27 -3.00
CA VAL B 44 -2.29 -5.62 -4.23
C VAL B 44 -2.10 -4.10 -4.11
N TYR B 45 -2.30 -3.61 -2.89
CA TYR B 45 -2.15 -2.19 -2.61
C TYR B 45 -0.67 -1.80 -2.65
N ASP B 46 0.18 -2.71 -2.17
CA ASP B 46 1.62 -2.48 -2.15
C ASP B 46 2.15 -2.43 -3.58
N PHE B 47 1.59 -3.28 -4.44
CA PHE B 47 1.98 -3.34 -5.84
C PHE B 47 1.67 -2.02 -6.54
N ALA B 48 0.59 -1.37 -6.12
CA ALA B 48 0.18 -0.09 -6.69
C ALA B 48 0.89 1.06 -5.98
N PHE B 49 1.42 0.76 -4.80
CA PHE B 49 2.14 1.76 -4.00
C PHE B 49 3.53 1.98 -4.59
N ARG B 50 4.25 0.89 -4.84
CA ARG B 50 5.58 0.96 -5.41
C ARG B 50 5.46 0.93 -6.93
N ASP B 51 6.41 1.54 -7.62
CA ASP B 51 6.35 1.56 -9.07
C ASP B 51 6.93 0.28 -9.67
N LEU B 52 6.08 -0.72 -9.85
CA LEU B 52 6.50 -1.98 -10.43
C LEU B 52 5.76 -2.19 -11.74
N CYS B 53 6.13 -3.23 -12.47
CA CYS B 53 5.48 -3.52 -13.73
C CYS B 53 4.81 -4.89 -13.68
N ILE B 54 3.71 -5.03 -14.39
CA ILE B 54 2.98 -6.29 -14.44
C ILE B 54 3.64 -7.24 -15.41
N VAL B 55 3.95 -8.43 -14.93
CA VAL B 55 4.58 -9.45 -15.73
C VAL B 55 3.53 -10.32 -16.40
N TYR B 56 3.61 -10.44 -17.72
CA TYR B 56 2.65 -11.22 -18.46
C TYR B 56 3.24 -12.52 -18.97
N ARG B 57 2.81 -13.61 -18.39
CA ARG B 57 3.28 -14.92 -18.79
C ARG B 57 2.33 -15.45 -19.85
N ASP B 58 2.84 -15.62 -21.08
CA ASP B 58 2.07 -16.12 -22.20
C ASP B 58 1.06 -15.07 -22.68
N GLY B 59 0.01 -14.88 -21.89
CA GLY B 59 -1.01 -13.90 -22.25
C GLY B 59 -1.97 -13.62 -21.12
N ASN B 60 -1.51 -13.79 -19.89
CA ASN B 60 -2.36 -13.54 -18.73
C ASN B 60 -1.67 -12.61 -17.75
N PRO B 61 -2.42 -11.63 -17.18
CA PRO B 61 -1.87 -10.68 -16.22
C PRO B 61 -1.44 -11.34 -14.92
N TYR B 62 -0.17 -11.18 -14.58
CA TYR B 62 0.36 -11.75 -13.35
C TYR B 62 1.04 -10.67 -12.53
N ALA B 63 0.92 -10.76 -11.22
CA ALA B 63 1.54 -9.80 -10.34
C ALA B 63 2.69 -10.44 -9.57
N VAL B 64 3.26 -9.69 -8.67
CA VAL B 64 4.36 -10.17 -7.86
C VAL B 64 3.96 -10.16 -6.40
N CYS B 65 3.86 -11.35 -5.80
CA CYS B 65 3.49 -11.46 -4.39
C CYS B 65 4.61 -10.91 -3.52
N ASP B 66 4.30 -10.68 -2.26
CA ASP B 66 5.28 -10.14 -1.31
C ASP B 66 6.58 -10.94 -1.25
N LYS B 67 6.50 -12.23 -1.58
CA LYS B 67 7.70 -13.08 -1.54
C LYS B 67 8.71 -12.61 -2.58
N CYS B 68 8.29 -12.63 -3.84
CA CYS B 68 9.14 -12.21 -4.94
C CYS B 68 9.28 -10.69 -4.97
N LEU B 69 8.23 -10.00 -4.52
CA LEU B 69 8.19 -8.53 -4.52
C LEU B 69 9.39 -7.91 -3.81
N LYS B 70 9.66 -8.35 -2.59
CA LYS B 70 10.76 -7.78 -1.82
C LYS B 70 12.12 -8.23 -2.35
N PHE B 71 12.18 -9.40 -2.96
CA PHE B 71 13.43 -9.93 -3.48
C PHE B 71 13.82 -9.31 -4.82
N TYR B 72 12.83 -8.90 -5.60
CA TYR B 72 13.08 -8.31 -6.91
C TYR B 72 13.26 -6.80 -6.84
ZN ZN C . -5.63 1.06 17.45
ZN ZN D . 5.42 -14.83 -5.98
N MET A 3 8.65 8.20 20.83
CA MET A 3 8.18 9.60 20.96
C MET A 3 9.23 10.55 20.41
N PHE A 4 8.78 11.57 19.69
CA PHE A 4 9.68 12.55 19.11
C PHE A 4 10.03 13.63 20.12
N GLN A 5 11.05 14.43 19.80
CA GLN A 5 11.49 15.49 20.69
C GLN A 5 11.68 16.79 19.91
N ASP A 6 12.07 17.83 20.62
CA ASP A 6 12.31 19.14 20.00
C ASP A 6 13.59 19.10 19.17
N PRO A 7 13.65 19.89 18.08
CA PRO A 7 12.58 20.79 17.66
C PRO A 7 11.70 20.16 16.59
N GLN A 8 11.61 18.83 16.61
CA GLN A 8 10.80 18.11 15.65
C GLN A 8 9.33 18.18 16.02
N GLU A 9 8.63 19.16 15.45
CA GLU A 9 7.20 19.33 15.71
C GLU A 9 6.37 18.38 14.87
N ARG A 10 7.06 17.57 14.06
CA ARG A 10 6.42 16.57 13.21
C ARG A 10 5.60 17.20 12.08
N PRO A 11 5.51 16.51 10.93
CA PRO A 11 4.73 16.97 9.79
C PRO A 11 3.25 16.61 9.95
N ARG A 12 2.56 16.35 8.85
CA ARG A 12 1.15 15.98 8.92
C ARG A 12 0.81 14.87 7.93
N LYS A 13 1.82 14.33 7.26
CA LYS A 13 1.60 13.26 6.28
C LYS A 13 2.56 12.10 6.51
N LEU A 14 2.12 10.90 6.15
CA LEU A 14 2.93 9.70 6.32
C LEU A 14 4.27 9.77 5.57
N PRO A 15 4.27 10.04 4.24
CA PRO A 15 5.52 10.14 3.47
C PRO A 15 6.49 11.15 4.08
N GLN A 16 5.94 12.21 4.64
CA GLN A 16 6.72 13.26 5.27
C GLN A 16 7.35 12.77 6.58
N LEU A 17 6.63 11.93 7.29
CA LEU A 17 7.10 11.38 8.56
C LEU A 17 8.21 10.36 8.33
N CYS A 18 8.09 9.60 7.24
CA CYS A 18 9.07 8.58 6.91
C CYS A 18 10.47 9.19 6.78
N THR A 19 10.55 10.36 6.18
CA THR A 19 11.82 11.06 6.00
C THR A 19 12.36 11.58 7.33
N GLU A 20 11.46 11.89 8.26
CA GLU A 20 11.85 12.39 9.57
C GLU A 20 12.51 11.27 10.36
N LEU A 21 12.03 10.05 10.15
CA LEU A 21 12.57 8.88 10.84
C LEU A 21 13.70 8.26 10.02
N GLN A 22 13.93 8.82 8.83
CA GLN A 22 14.98 8.36 7.93
C GLN A 22 14.74 6.91 7.49
N THR A 23 13.51 6.61 7.11
CA THR A 23 13.15 5.27 6.68
C THR A 23 12.02 5.32 5.65
N THR A 24 11.53 4.16 5.24
CA THR A 24 10.46 4.09 4.25
C THR A 24 9.13 3.66 4.88
N ILE A 25 8.07 3.67 4.07
CA ILE A 25 6.74 3.30 4.52
C ILE A 25 6.64 1.80 4.79
N HIS A 26 7.57 1.05 4.22
CA HIS A 26 7.59 -0.40 4.39
C HIS A 26 8.36 -0.79 5.66
N ASP A 27 9.00 0.19 6.27
CA ASP A 27 9.79 -0.07 7.48
C ASP A 27 9.20 0.63 8.70
N ILE A 28 8.62 1.80 8.48
CA ILE A 28 8.03 2.58 9.58
C ILE A 28 6.92 1.80 10.30
N ILE A 29 7.08 1.65 11.61
CA ILE A 29 6.09 0.94 12.42
C ILE A 29 5.39 1.91 13.36
N LEU A 30 4.11 2.13 13.12
CA LEU A 30 3.32 3.04 13.94
C LEU A 30 2.19 2.30 14.64
N GLU A 31 1.65 2.88 15.69
CA GLU A 31 0.55 2.28 16.43
C GLU A 31 -0.67 3.20 16.40
N CYS A 32 -1.82 2.66 16.78
CA CYS A 32 -3.05 3.42 16.80
C CYS A 32 -3.03 4.45 17.93
N VAL A 33 -3.64 5.59 17.66
CA VAL A 33 -3.71 6.68 18.63
C VAL A 33 -4.63 6.33 19.81
N TYR A 34 -5.66 5.54 19.57
CA TYR A 34 -6.60 5.21 20.63
C TYR A 34 -6.61 3.71 20.97
N CYS A 35 -6.39 2.86 19.98
CA CYS A 35 -6.37 1.43 20.22
C CYS A 35 -5.02 0.99 20.76
N LYS A 36 -3.99 1.81 20.50
CA LYS A 36 -2.63 1.53 20.96
C LYS A 36 -2.11 0.22 20.37
N GLN A 37 -2.74 -0.21 19.29
CA GLN A 37 -2.35 -1.44 18.63
C GLN A 37 -1.36 -1.14 17.51
N GLN A 38 -0.41 -2.04 17.33
CA GLN A 38 0.61 -1.88 16.29
C GLN A 38 -0.01 -2.05 14.91
N LEU A 39 0.13 -1.04 14.07
CA LEU A 39 -0.41 -1.09 12.72
C LEU A 39 0.52 -1.89 11.82
N LEU A 40 -0.02 -2.96 11.24
CA LEU A 40 0.76 -3.79 10.33
C LEU A 40 1.02 -3.02 9.05
N ARG A 41 2.06 -3.42 8.31
CA ARG A 41 2.41 -2.75 7.05
C ARG A 41 1.22 -2.72 6.11
N ARG A 42 0.32 -3.70 6.24
CA ARG A 42 -0.88 -3.78 5.42
C ARG A 42 -1.75 -2.55 5.65
N GLU A 43 -1.91 -2.17 6.91
CA GLU A 43 -2.73 -1.02 7.27
C GLU A 43 -1.99 0.28 6.96
N VAL A 44 -0.67 0.25 7.09
CA VAL A 44 0.15 1.42 6.79
C VAL A 44 0.02 1.79 5.32
N TYR A 45 -0.07 0.76 4.48
CA TYR A 45 -0.23 0.96 3.04
C TYR A 45 -1.56 1.63 2.75
N ASP A 46 -2.58 1.23 3.51
CA ASP A 46 -3.92 1.80 3.34
C ASP A 46 -3.89 3.29 3.66
N PHE A 47 -3.04 3.66 4.62
CA PHE A 47 -2.90 5.05 5.03
C PHE A 47 -2.20 5.85 3.93
N ALA A 48 -1.25 5.23 3.26
CA ALA A 48 -0.50 5.90 2.19
C ALA A 48 -1.28 5.88 0.88
N PHE A 49 -2.22 4.96 0.79
CA PHE A 49 -3.05 4.82 -0.41
C PHE A 49 -3.95 6.04 -0.58
N ARG A 50 -4.24 6.71 0.53
CA ARG A 50 -5.08 7.89 0.52
C ARG A 50 -4.36 9.07 1.15
N ASP A 51 -4.95 10.24 1.07
CA ASP A 51 -4.36 11.43 1.64
C ASP A 51 -5.00 11.72 3.00
N LEU A 52 -4.42 11.16 4.05
CA LEU A 52 -4.94 11.35 5.39
C LEU A 52 -3.86 11.98 6.28
N CYS A 53 -4.30 12.72 7.28
CA CYS A 53 -3.39 13.39 8.19
C CYS A 53 -3.02 12.49 9.37
N ILE A 54 -1.76 12.51 9.76
CA ILE A 54 -1.31 11.72 10.89
C ILE A 54 -1.66 12.42 12.20
N VAL A 55 -2.22 11.68 13.13
CA VAL A 55 -2.60 12.24 14.41
C VAL A 55 -1.49 12.06 15.45
N TYR A 56 -0.91 13.17 15.87
CA TYR A 56 0.16 13.13 16.85
C TYR A 56 -0.40 13.48 18.22
N ARG A 57 -0.45 12.49 19.11
CA ARG A 57 -0.96 12.72 20.45
C ARG A 57 0.20 12.86 21.43
N ASP A 58 0.18 13.98 22.16
CA ASP A 58 1.20 14.31 23.17
C ASP A 58 2.52 14.67 22.50
N GLY A 59 3.09 13.72 21.77
CA GLY A 59 4.34 13.95 21.07
C GLY A 59 4.81 12.70 20.35
N ASN A 60 3.91 11.75 20.18
CA ASN A 60 4.22 10.49 19.52
C ASN A 60 3.41 10.35 18.25
N PRO A 61 4.06 9.97 17.13
CA PRO A 61 3.38 9.77 15.85
C PRO A 61 2.44 8.57 15.88
N TYR A 62 1.15 8.83 15.71
CA TYR A 62 0.17 7.77 15.71
C TYR A 62 -0.60 7.74 14.40
N ALA A 63 -1.01 6.56 13.99
CA ALA A 63 -1.75 6.41 12.76
C ALA A 63 -3.17 5.99 13.07
N VAL A 64 -4.01 6.01 12.05
CA VAL A 64 -5.41 5.62 12.20
C VAL A 64 -5.58 4.18 11.74
N CYS A 65 -5.90 3.28 12.67
CA CYS A 65 -6.07 1.88 12.34
C CYS A 65 -7.32 1.65 11.50
N ASP A 66 -7.42 0.45 10.96
CA ASP A 66 -8.56 0.05 10.14
C ASP A 66 -9.86 0.17 10.95
N LYS A 67 -9.73 0.04 12.26
CA LYS A 67 -10.87 0.13 13.15
C LYS A 67 -11.32 1.58 13.30
N CYS A 68 -10.40 2.43 13.76
CA CYS A 68 -10.69 3.84 13.97
C CYS A 68 -11.11 4.51 12.66
N LEU A 69 -10.55 4.05 11.56
CA LEU A 69 -10.87 4.58 10.24
C LEU A 69 -12.37 4.41 9.95
N LYS A 70 -12.90 3.25 10.28
CA LYS A 70 -14.30 2.95 10.07
C LYS A 70 -15.17 3.54 11.17
N PHE A 71 -14.61 3.72 12.35
CA PHE A 71 -15.35 4.25 13.50
C PHE A 71 -15.59 5.76 13.38
N TYR A 72 -14.51 6.50 13.16
CA TYR A 72 -14.60 7.95 13.07
C TYR A 72 -14.87 8.40 11.63
N MET B 3 -9.16 -15.97 -17.71
CA MET B 3 -9.15 -15.50 -19.11
C MET B 3 -9.66 -14.06 -19.20
N PHE B 4 -9.22 -13.34 -20.22
CA PHE B 4 -9.63 -11.95 -20.40
C PHE B 4 -9.50 -11.57 -21.87
N GLN B 5 -10.62 -11.20 -22.47
CA GLN B 5 -10.65 -10.81 -23.87
C GLN B 5 -11.77 -9.80 -24.12
N ASP B 6 -12.09 -9.59 -25.40
CA ASP B 6 -13.14 -8.65 -25.83
C ASP B 6 -14.39 -8.74 -24.96
N PRO B 7 -15.01 -7.59 -24.61
CA PRO B 7 -14.57 -6.26 -25.03
C PRO B 7 -13.38 -5.71 -24.25
N GLN B 8 -12.89 -6.49 -23.30
CA GLN B 8 -11.76 -6.08 -22.49
C GLN B 8 -10.48 -6.15 -23.32
N GLU B 9 -9.84 -5.01 -23.51
CA GLU B 9 -8.63 -4.95 -24.31
C GLU B 9 -7.40 -5.34 -23.49
N ARG B 10 -7.54 -5.30 -22.18
CA ARG B 10 -6.45 -5.67 -21.25
C ARG B 10 -5.33 -4.63 -21.29
N PRO B 11 -5.39 -3.65 -20.39
CA PRO B 11 -4.36 -2.61 -20.29
C PRO B 11 -3.09 -3.12 -19.62
N ARG B 12 -2.11 -2.23 -19.48
CA ARG B 12 -0.84 -2.58 -18.86
C ARG B 12 -0.73 -2.00 -17.46
N LYS B 13 -1.71 -1.20 -17.07
CA LYS B 13 -1.73 -0.59 -15.75
C LYS B 13 -2.90 -1.13 -14.93
N LEU B 14 -2.64 -1.34 -13.64
CA LEU B 14 -3.64 -1.88 -12.71
C LEU B 14 -4.92 -1.03 -12.62
N PRO B 15 -4.82 0.32 -12.44
CA PRO B 15 -6.01 1.20 -12.35
C PRO B 15 -7.06 0.92 -13.41
N GLN B 16 -6.67 0.87 -14.68
CA GLN B 16 -7.61 0.63 -15.77
C GLN B 16 -8.04 -0.84 -15.81
N LEU B 17 -7.15 -1.72 -15.37
CA LEU B 17 -7.45 -3.16 -15.36
C LEU B 17 -8.63 -3.43 -14.43
N CYS B 18 -8.71 -2.65 -13.35
CA CYS B 18 -9.78 -2.79 -12.39
C CYS B 18 -11.12 -2.42 -13.04
N THR B 19 -11.09 -1.39 -13.88
CA THR B 19 -12.29 -0.94 -14.58
C THR B 19 -12.79 -2.00 -15.55
N GLU B 20 -11.86 -2.69 -16.20
CA GLU B 20 -12.18 -3.75 -17.16
C GLU B 20 -12.91 -4.89 -16.45
N LEU B 21 -12.51 -5.14 -15.20
CA LEU B 21 -13.13 -6.19 -14.40
C LEU B 21 -14.31 -5.64 -13.61
N GLN B 22 -14.57 -4.34 -13.78
CA GLN B 22 -15.66 -3.65 -13.09
C GLN B 22 -15.54 -3.82 -11.57
N THR B 23 -14.32 -3.71 -11.08
CA THR B 23 -14.06 -3.87 -9.66
C THR B 23 -13.09 -2.80 -9.16
N THR B 24 -12.80 -2.83 -7.87
CA THR B 24 -11.90 -1.87 -7.27
C THR B 24 -10.50 -2.46 -7.10
N ILE B 25 -9.53 -1.61 -6.79
CA ILE B 25 -8.16 -2.04 -6.59
C ILE B 25 -8.00 -2.76 -5.23
N HIS B 26 -9.10 -2.86 -4.51
CA HIS B 26 -9.10 -3.52 -3.21
C HIS B 26 -9.65 -4.93 -3.32
N ASP B 27 -10.17 -5.26 -4.50
CA ASP B 27 -10.75 -6.59 -4.74
C ASP B 27 -9.94 -7.38 -5.77
N ILE B 28 -9.30 -6.68 -6.69
CA ILE B 28 -8.51 -7.35 -7.73
C ILE B 28 -7.32 -8.11 -7.11
N ILE B 29 -7.38 -9.43 -7.20
CA ILE B 29 -6.33 -10.28 -6.67
C ILE B 29 -5.54 -10.93 -7.80
N LEU B 30 -4.25 -10.64 -7.85
CA LEU B 30 -3.39 -11.19 -8.88
C LEU B 30 -2.36 -12.11 -8.23
N GLU B 31 -1.83 -13.05 -9.00
CA GLU B 31 -0.83 -13.98 -8.51
C GLU B 31 0.56 -13.58 -8.98
N CYS B 32 1.57 -14.10 -8.30
CA CYS B 32 2.96 -13.81 -8.63
C CYS B 32 3.40 -14.53 -9.89
N VAL B 33 4.23 -13.88 -10.68
CA VAL B 33 4.72 -14.46 -11.92
C VAL B 33 5.84 -15.47 -11.64
N TYR B 34 6.64 -15.23 -10.62
CA TYR B 34 7.73 -16.13 -10.29
C TYR B 34 7.35 -17.12 -9.21
N CYS B 35 6.83 -16.62 -8.09
CA CYS B 35 6.43 -17.46 -6.98
C CYS B 35 5.11 -18.16 -7.25
N LYS B 36 4.29 -17.56 -8.12
CA LYS B 36 2.99 -18.12 -8.48
C LYS B 36 2.08 -18.22 -7.25
N GLN B 37 2.31 -17.33 -6.30
CA GLN B 37 1.54 -17.29 -5.08
C GLN B 37 0.46 -16.22 -5.19
N GLN B 38 -0.53 -16.28 -4.32
CA GLN B 38 -1.61 -15.32 -4.31
C GLN B 38 -1.18 -14.05 -3.60
N LEU B 39 -1.13 -12.94 -4.33
CA LEU B 39 -0.74 -11.67 -3.74
C LEU B 39 -1.90 -11.04 -3.01
N LEU B 40 -1.70 -10.70 -1.75
CA LEU B 40 -2.73 -10.08 -0.96
C LEU B 40 -2.84 -8.60 -1.31
N ARG B 41 -3.85 -7.92 -0.79
CA ARG B 41 -4.06 -6.50 -1.07
C ARG B 41 -2.86 -5.67 -0.61
N ARG B 42 -1.99 -6.27 0.21
CA ARG B 42 -0.80 -5.61 0.70
C ARG B 42 0.10 -5.21 -0.47
N GLU B 43 0.40 -6.18 -1.32
CA GLU B 43 1.27 -5.95 -2.48
C GLU B 43 0.55 -5.12 -3.53
N VAL B 44 -0.77 -5.29 -3.62
CA VAL B 44 -1.58 -4.56 -4.59
C VAL B 44 -1.47 -3.05 -4.36
N TYR B 45 -1.44 -2.64 -3.10
CA TYR B 45 -1.35 -1.23 -2.76
C TYR B 45 0.04 -0.69 -3.09
N ASP B 46 1.06 -1.52 -2.88
CA ASP B 46 2.43 -1.12 -3.18
C ASP B 46 2.61 -1.02 -4.68
N PHE B 47 1.94 -1.93 -5.38
CA PHE B 47 1.96 -2.00 -6.84
C PHE B 47 1.39 -0.71 -7.45
N ALA B 48 0.39 -0.14 -6.77
CA ALA B 48 -0.24 1.08 -7.24
C ALA B 48 0.53 2.32 -6.78
N PHE B 49 1.12 2.23 -5.59
CA PHE B 49 1.88 3.34 -5.04
C PHE B 49 3.15 3.58 -5.84
N ARG B 50 3.91 2.51 -6.06
CA ARG B 50 5.15 2.61 -6.82
C ARG B 50 4.87 2.32 -8.29
N ASP B 51 5.79 2.70 -9.16
CA ASP B 51 5.60 2.46 -10.59
C ASP B 51 5.95 1.04 -10.97
N LEU B 52 5.03 0.13 -10.74
CA LEU B 52 5.23 -1.26 -11.08
C LEU B 52 4.46 -1.58 -12.35
N CYS B 53 5.03 -2.46 -13.17
CA CYS B 53 4.41 -2.84 -14.41
C CYS B 53 3.78 -4.23 -14.28
N ILE B 54 2.70 -4.45 -15.01
CA ILE B 54 2.03 -5.74 -14.96
C ILE B 54 2.75 -6.74 -15.84
N VAL B 55 2.99 -7.92 -15.29
CA VAL B 55 3.66 -8.97 -16.03
C VAL B 55 2.64 -10.02 -16.48
N TYR B 56 2.62 -10.29 -17.77
CA TYR B 56 1.66 -11.26 -18.28
C TYR B 56 2.30 -12.64 -18.39
N ARG B 57 1.87 -13.54 -17.51
CA ARG B 57 2.41 -14.90 -17.49
C ARG B 57 1.54 -15.79 -18.36
N ASP B 58 2.10 -16.19 -19.49
CA ASP B 58 1.41 -17.07 -20.46
C ASP B 58 0.22 -16.35 -21.08
N GLY B 59 0.19 -15.03 -20.93
CA GLY B 59 -0.89 -14.24 -21.49
C GLY B 59 -1.89 -13.80 -20.44
N ASN B 60 -1.73 -14.31 -19.21
CA ASN B 60 -2.63 -13.96 -18.13
C ASN B 60 -1.98 -12.89 -17.25
N PRO B 61 -2.78 -11.92 -16.76
CA PRO B 61 -2.27 -10.83 -15.91
C PRO B 61 -1.74 -11.32 -14.56
N TYR B 62 -0.45 -11.09 -14.32
CA TYR B 62 0.20 -11.48 -13.07
C TYR B 62 0.84 -10.26 -12.43
N ALA B 63 1.23 -10.38 -11.17
CA ALA B 63 1.85 -9.28 -10.46
C ALA B 63 3.22 -9.65 -9.91
N VAL B 64 3.85 -8.70 -9.25
CA VAL B 64 5.17 -8.90 -8.66
C VAL B 64 5.12 -8.67 -7.16
N CYS B 65 5.49 -9.69 -6.39
CA CYS B 65 5.48 -9.58 -4.94
C CYS B 65 6.77 -8.93 -4.44
N ASP B 66 6.86 -8.70 -3.13
CA ASP B 66 8.04 -8.10 -2.52
C ASP B 66 9.28 -8.96 -2.79
N LYS B 67 9.06 -10.26 -2.95
CA LYS B 67 10.15 -11.19 -3.19
C LYS B 67 10.79 -10.95 -4.54
N CYS B 68 9.99 -11.02 -5.59
CA CYS B 68 10.47 -10.83 -6.95
C CYS B 68 10.85 -9.39 -7.22
N LEU B 69 10.26 -8.47 -6.47
CA LEU B 69 10.54 -7.05 -6.60
C LEU B 69 12.04 -6.77 -6.54
N LYS B 70 12.68 -7.32 -5.52
CA LYS B 70 14.11 -7.13 -5.32
C LYS B 70 14.91 -8.08 -6.20
N PHE B 71 14.28 -9.17 -6.62
CA PHE B 71 14.97 -10.17 -7.44
C PHE B 71 15.09 -9.74 -8.91
N TYR B 72 13.97 -9.39 -9.53
CA TYR B 72 13.96 -9.00 -10.95
C TYR B 72 13.05 -7.81 -11.18
ZN ZN C . -7.64 2.61 16.46
ZN ZN D . 7.04 -13.47 -6.41
N MET A 3 6.75 10.87 21.84
CA MET A 3 8.22 10.80 21.70
C MET A 3 8.75 11.83 20.69
N PHE A 4 7.86 12.69 20.21
CA PHE A 4 8.26 13.71 19.24
C PHE A 4 8.72 14.97 19.97
N GLN A 5 9.60 15.74 19.34
CA GLN A 5 10.11 16.96 19.94
C GLN A 5 9.39 18.19 19.38
N ASP A 6 9.88 19.36 19.76
CA ASP A 6 9.29 20.63 19.33
C ASP A 6 10.40 21.58 18.89
N PRO A 7 10.17 22.41 17.86
CA PRO A 7 8.90 22.48 17.14
C PRO A 7 8.86 21.55 15.92
N GLN A 8 9.53 21.96 14.84
CA GLN A 8 9.59 21.21 13.58
C GLN A 8 8.25 21.22 12.84
N GLU A 9 7.24 21.87 13.44
CA GLU A 9 5.90 21.98 12.87
C GLU A 9 5.14 20.65 12.90
N ARG A 10 5.85 19.57 12.56
CA ARG A 10 5.29 18.22 12.53
C ARG A 10 4.42 18.02 11.28
N PRO A 11 4.83 17.09 10.40
CA PRO A 11 4.10 16.81 9.17
C PRO A 11 2.79 16.07 9.43
N ARG A 12 1.75 16.47 8.70
CA ARG A 12 0.44 15.86 8.85
C ARG A 12 0.28 14.67 7.90
N LYS A 13 1.36 14.31 7.21
CA LYS A 13 1.33 13.20 6.28
C LYS A 13 2.43 12.19 6.63
N LEU A 14 2.06 10.91 6.62
CA LEU A 14 2.96 9.81 6.98
C LEU A 14 4.30 9.82 6.23
N PRO A 15 4.31 9.91 4.87
CA PRO A 15 5.56 9.93 4.09
C PRO A 15 6.59 10.94 4.60
N GLN A 16 6.13 12.12 4.99
CA GLN A 16 7.02 13.15 5.48
C GLN A 16 7.47 12.89 6.92
N LEU A 17 6.67 12.12 7.66
CA LEU A 17 6.99 11.80 9.04
C LEU A 17 8.20 10.86 9.11
N CYS A 18 8.31 9.99 8.12
CA CYS A 18 9.42 9.04 8.05
C CYS A 18 10.76 9.77 8.00
N THR A 19 10.77 10.91 7.32
CA THR A 19 11.97 11.72 7.20
C THR A 19 12.41 12.30 8.54
N GLU A 20 11.44 12.63 9.39
CA GLU A 20 11.72 13.20 10.70
C GLU A 20 12.26 12.13 11.65
N LEU A 21 11.89 10.89 11.42
CA LEU A 21 12.33 9.79 12.27
C LEU A 21 13.55 9.10 11.66
N GLN A 22 13.98 9.59 10.50
CA GLN A 22 15.13 9.05 9.79
C GLN A 22 14.94 7.59 9.43
N THR A 23 13.87 7.29 8.71
CA THR A 23 13.59 5.93 8.30
C THR A 23 12.62 5.91 7.14
N THR A 24 12.28 4.71 6.66
CA THR A 24 11.36 4.58 5.54
C THR A 24 9.98 4.13 6.01
N ILE A 25 9.02 4.16 5.09
CA ILE A 25 7.65 3.78 5.40
C ILE A 25 7.55 2.28 5.76
N HIS A 26 8.52 1.51 5.33
CA HIS A 26 8.54 0.07 5.59
C HIS A 26 9.15 -0.22 6.96
N ASP A 27 9.55 0.82 7.68
CA ASP A 27 10.16 0.63 8.99
C ASP A 27 9.48 1.47 10.05
N ILE A 28 8.93 2.61 9.66
CA ILE A 28 8.25 3.49 10.62
C ILE A 28 7.08 2.80 11.32
N ILE A 29 7.15 2.75 12.63
CA ILE A 29 6.12 2.13 13.45
C ILE A 29 5.37 3.19 14.21
N LEU A 30 4.06 3.28 13.98
CA LEU A 30 3.23 4.25 14.67
C LEU A 30 2.13 3.55 15.44
N GLU A 31 1.69 4.17 16.52
CA GLU A 31 0.65 3.60 17.34
C GLU A 31 -0.69 4.25 17.04
N CYS A 32 -1.77 3.53 17.33
CA CYS A 32 -3.11 4.05 17.09
C CYS A 32 -3.40 5.20 18.05
N VAL A 33 -4.14 6.18 17.54
CA VAL A 33 -4.50 7.36 18.33
C VAL A 33 -5.36 6.97 19.53
N TYR A 34 -6.20 5.96 19.37
CA TYR A 34 -7.08 5.53 20.45
C TYR A 34 -6.60 4.25 21.11
N CYS A 35 -6.40 3.21 20.30
CA CYS A 35 -5.97 1.91 20.81
C CYS A 35 -4.53 1.93 21.30
N LYS A 36 -3.72 2.86 20.78
CA LYS A 36 -2.31 2.98 21.16
C LYS A 36 -1.57 1.68 20.82
N GLN A 37 -2.04 1.01 19.77
CA GLN A 37 -1.46 -0.24 19.32
C GLN A 37 -0.59 0.00 18.09
N GLN A 38 0.52 -0.71 18.00
CA GLN A 38 1.43 -0.59 16.87
C GLN A 38 0.80 -1.12 15.59
N LEU A 39 0.72 -0.28 14.57
CA LEU A 39 0.14 -0.68 13.30
C LEU A 39 1.13 -1.52 12.50
N LEU A 40 0.61 -2.44 11.71
CA LEU A 40 1.44 -3.30 10.88
C LEU A 40 1.77 -2.58 9.57
N ARG A 41 2.73 -3.12 8.81
CA ARG A 41 3.12 -2.48 7.56
C ARG A 41 1.99 -2.53 6.53
N ARG A 42 1.04 -3.43 6.74
CA ARG A 42 -0.09 -3.58 5.84
C ARG A 42 -0.95 -2.31 5.86
N GLU A 43 -1.36 -1.89 7.05
CA GLU A 43 -2.17 -0.70 7.21
C GLU A 43 -1.34 0.55 6.94
N VAL A 44 -0.05 0.48 7.29
CA VAL A 44 0.85 1.60 7.06
C VAL A 44 0.93 1.89 5.57
N TYR A 45 1.02 0.83 4.76
CA TYR A 45 1.07 0.96 3.32
C TYR A 45 -0.23 1.55 2.79
N ASP A 46 -1.34 1.07 3.35
CA ASP A 46 -2.67 1.54 2.95
C ASP A 46 -2.85 3.00 3.34
N PHE A 47 -2.23 3.38 4.44
CA PHE A 47 -2.30 4.76 4.94
C PHE A 47 -1.55 5.70 4.02
N ALA A 48 -0.39 5.23 3.54
CA ALA A 48 0.44 6.04 2.64
C ALA A 48 -0.01 5.90 1.19
N PHE A 49 -0.87 4.92 0.93
CA PHE A 49 -1.39 4.69 -0.41
C PHE A 49 -2.35 5.82 -0.80
N ARG A 50 -3.23 6.17 0.12
CA ARG A 50 -4.20 7.23 -0.12
C ARG A 50 -3.79 8.49 0.63
N ASP A 51 -4.63 9.51 0.57
CA ASP A 51 -4.34 10.77 1.24
C ASP A 51 -5.02 10.83 2.60
N LEU A 52 -4.33 10.34 3.62
CA LEU A 52 -4.85 10.35 4.97
C LEU A 52 -3.98 11.24 5.85
N CYS A 53 -4.59 11.85 6.86
CA CYS A 53 -3.86 12.74 7.74
C CYS A 53 -3.49 12.06 9.05
N ILE A 54 -2.36 12.47 9.61
CA ILE A 54 -1.89 11.93 10.87
C ILE A 54 -2.59 12.62 12.02
N VAL A 55 -3.06 11.85 13.00
CA VAL A 55 -3.73 12.40 14.15
C VAL A 55 -2.71 12.68 15.25
N TYR A 56 -2.51 13.94 15.57
CA TYR A 56 -1.55 14.31 16.59
C TYR A 56 -2.21 14.46 17.95
N ARG A 57 -1.86 13.57 18.86
CA ARG A 57 -2.40 13.61 20.20
C ARG A 57 -1.37 14.19 21.14
N ASP A 58 -1.62 15.42 21.56
CA ASP A 58 -0.72 16.15 22.47
C ASP A 58 0.59 16.47 21.79
N GLY A 59 0.54 16.56 20.46
CA GLY A 59 1.73 16.86 19.69
C GLY A 59 2.45 15.62 19.23
N ASN A 60 2.01 14.46 19.70
CA ASN A 60 2.62 13.20 19.32
C ASN A 60 1.90 12.61 18.12
N PRO A 61 2.67 12.12 17.12
CA PRO A 61 2.09 11.53 15.90
C PRO A 61 1.48 10.15 16.14
N TYR A 62 0.19 10.03 15.85
CA TYR A 62 -0.52 8.77 16.00
C TYR A 62 -1.22 8.41 14.70
N ALA A 63 -1.37 7.13 14.47
CA ALA A 63 -2.02 6.65 13.26
C ALA A 63 -3.42 6.13 13.58
N VAL A 64 -4.16 5.82 12.54
CA VAL A 64 -5.51 5.30 12.70
C VAL A 64 -5.55 3.84 12.29
N CYS A 65 -5.87 2.96 13.23
CA CYS A 65 -5.95 1.54 12.94
C CYS A 65 -7.19 1.23 12.12
N ASP A 66 -7.24 0.02 11.59
CA ASP A 66 -8.37 -0.41 10.77
C ASP A 66 -9.68 -0.36 11.57
N LYS A 67 -9.56 -0.45 12.89
CA LYS A 67 -10.73 -0.40 13.75
C LYS A 67 -11.23 1.03 13.92
N CYS A 68 -10.33 1.91 14.33
CA CYS A 68 -10.68 3.31 14.56
C CYS A 68 -11.08 4.02 13.27
N LEU A 69 -10.60 3.51 12.14
CA LEU A 69 -10.93 4.09 10.85
C LEU A 69 -12.45 4.04 10.62
N LYS A 70 -13.06 2.96 11.09
CA LYS A 70 -14.50 2.76 10.96
C LYS A 70 -15.24 3.52 12.06
N PHE A 71 -14.52 3.85 13.12
CA PHE A 71 -15.10 4.56 14.26
C PHE A 71 -15.25 6.06 13.99
N TYR A 72 -14.19 6.68 13.49
CA TYR A 72 -14.20 8.11 13.21
C TYR A 72 -13.74 8.41 11.80
N MET B 3 -10.97 -16.05 -18.18
CA MET B 3 -10.80 -15.50 -19.53
C MET B 3 -11.25 -14.05 -19.57
N PHE B 4 -10.60 -13.25 -20.39
CA PHE B 4 -10.94 -11.83 -20.51
C PHE B 4 -10.83 -11.38 -21.95
N GLN B 5 -11.98 -11.17 -22.57
CA GLN B 5 -12.04 -10.71 -23.96
C GLN B 5 -13.12 -9.64 -24.11
N ASP B 6 -13.37 -9.22 -25.36
CA ASP B 6 -14.36 -8.19 -25.68
C ASP B 6 -15.65 -8.38 -24.87
N PRO B 7 -16.27 -7.29 -24.38
CA PRO B 7 -15.80 -5.91 -24.59
C PRO B 7 -14.50 -5.55 -23.86
N GLN B 8 -14.11 -6.36 -22.90
CA GLN B 8 -12.89 -6.12 -22.13
C GLN B 8 -11.66 -6.25 -23.03
N GLU B 9 -10.75 -5.28 -22.95
CA GLU B 9 -9.56 -5.31 -23.78
C GLU B 9 -8.31 -5.51 -22.93
N ARG B 10 -8.47 -5.46 -21.61
CA ARG B 10 -7.35 -5.64 -20.67
C ARG B 10 -6.36 -4.49 -20.81
N PRO B 11 -6.57 -3.40 -20.06
CA PRO B 11 -5.70 -2.23 -20.10
C PRO B 11 -4.36 -2.48 -19.41
N ARG B 12 -3.43 -1.57 -19.61
CA ARG B 12 -2.10 -1.68 -19.02
C ARG B 12 -2.07 -0.99 -17.66
N LYS B 13 -3.20 -0.44 -17.25
CA LYS B 13 -3.31 0.24 -15.97
C LYS B 13 -4.06 -0.61 -14.97
N LEU B 14 -3.40 -0.91 -13.85
CA LEU B 14 -3.99 -1.73 -12.79
C LEU B 14 -5.36 -1.19 -12.34
N PRO B 15 -5.48 0.12 -11.99
CA PRO B 15 -6.77 0.69 -11.56
C PRO B 15 -7.84 0.58 -12.64
N GLN B 16 -7.44 0.67 -13.90
CA GLN B 16 -8.36 0.58 -15.02
C GLN B 16 -8.82 -0.86 -15.22
N LEU B 17 -7.97 -1.81 -14.85
CA LEU B 17 -8.32 -3.21 -14.96
C LEU B 17 -9.49 -3.52 -14.04
N CYS B 18 -9.50 -2.83 -12.89
CA CYS B 18 -10.58 -3.00 -11.92
C CYS B 18 -11.89 -2.51 -12.50
N THR B 19 -11.81 -1.54 -13.39
CA THR B 19 -12.98 -0.98 -14.04
C THR B 19 -13.63 -2.02 -14.95
N GLU B 20 -12.80 -2.74 -15.72
CA GLU B 20 -13.30 -3.78 -16.61
C GLU B 20 -13.84 -4.95 -15.80
N LEU B 21 -13.19 -5.22 -14.68
CA LEU B 21 -13.60 -6.30 -13.77
C LEU B 21 -14.84 -5.89 -12.99
N GLN B 22 -15.19 -4.60 -13.08
CA GLN B 22 -16.35 -4.05 -12.39
C GLN B 22 -16.20 -4.21 -10.88
N THR B 23 -14.99 -4.00 -10.38
CA THR B 23 -14.70 -4.10 -8.98
C THR B 23 -13.77 -2.97 -8.56
N THR B 24 -13.28 -3.01 -7.32
CA THR B 24 -12.40 -1.97 -6.83
C THR B 24 -10.95 -2.46 -6.70
N ILE B 25 -10.04 -1.55 -6.41
CA ILE B 25 -8.62 -1.88 -6.26
C ILE B 25 -8.38 -2.61 -4.94
N HIS B 26 -9.44 -2.84 -4.19
CA HIS B 26 -9.34 -3.53 -2.91
C HIS B 26 -9.84 -4.96 -3.05
N ASP B 27 -10.30 -5.30 -4.25
CA ASP B 27 -10.83 -6.62 -4.53
C ASP B 27 -10.06 -7.32 -5.64
N ILE B 28 -9.36 -6.54 -6.45
CA ILE B 28 -8.58 -7.08 -7.56
C ILE B 28 -7.39 -7.90 -7.04
N ILE B 29 -7.30 -9.14 -7.50
CA ILE B 29 -6.23 -10.04 -7.08
C ILE B 29 -5.55 -10.66 -8.30
N LEU B 30 -4.23 -10.52 -8.37
CA LEU B 30 -3.45 -11.08 -9.46
C LEU B 30 -2.47 -12.11 -8.93
N GLU B 31 -1.97 -12.97 -9.79
CA GLU B 31 -1.03 -14.00 -9.38
C GLU B 31 0.36 -13.72 -9.96
N CYS B 32 1.36 -14.32 -9.32
CA CYS B 32 2.75 -14.15 -9.74
C CYS B 32 2.98 -14.84 -11.08
N VAL B 33 3.77 -14.20 -11.93
CA VAL B 33 4.07 -14.73 -13.25
C VAL B 33 5.00 -15.94 -13.17
N TYR B 34 5.74 -16.05 -12.07
CA TYR B 34 6.67 -17.16 -11.89
C TYR B 34 6.16 -18.18 -10.89
N CYS B 35 5.64 -17.69 -9.77
CA CYS B 35 5.14 -18.58 -8.71
C CYS B 35 3.70 -19.01 -8.96
N LYS B 36 2.98 -18.23 -9.77
CA LYS B 36 1.58 -18.50 -10.09
C LYS B 36 0.72 -18.40 -8.83
N GLN B 37 1.27 -17.80 -7.78
CA GLN B 37 0.56 -17.64 -6.53
C GLN B 37 -0.15 -16.31 -6.47
N GLN B 38 -1.31 -16.28 -5.86
CA GLN B 38 -2.11 -15.06 -5.75
C GLN B 38 -1.48 -14.07 -4.77
N LEU B 39 -1.38 -12.83 -5.21
CA LEU B 39 -0.81 -11.76 -4.39
C LEU B 39 -1.91 -11.13 -3.53
N LEU B 40 -1.57 -10.79 -2.30
CA LEU B 40 -2.52 -10.17 -1.40
C LEU B 40 -2.66 -8.69 -1.70
N ARG B 41 -3.74 -8.08 -1.21
CA ARG B 41 -4.00 -6.65 -1.42
C ARG B 41 -2.80 -5.81 -0.99
N ARG B 42 -2.13 -6.24 0.07
CA ARG B 42 -0.95 -5.55 0.57
C ARG B 42 0.16 -5.53 -0.47
N GLU B 43 0.38 -6.68 -1.10
CA GLU B 43 1.42 -6.80 -2.11
C GLU B 43 1.04 -6.06 -3.38
N VAL B 44 -0.24 -6.03 -3.68
CA VAL B 44 -0.74 -5.33 -4.85
C VAL B 44 -0.44 -3.84 -4.74
N TYR B 45 -0.60 -3.30 -3.53
CA TYR B 45 -0.35 -1.89 -3.28
C TYR B 45 1.15 -1.61 -3.25
N ASP B 46 1.91 -2.61 -2.79
CA ASP B 46 3.36 -2.50 -2.75
C ASP B 46 3.90 -2.45 -4.19
N PHE B 47 3.23 -3.20 -5.06
CA PHE B 47 3.58 -3.27 -6.46
C PHE B 47 3.38 -1.91 -7.13
N ALA B 48 2.24 -1.28 -6.83
CA ALA B 48 1.91 0.02 -7.40
C ALA B 48 2.64 1.15 -6.69
N PHE B 49 3.22 0.84 -5.53
CA PHE B 49 3.97 1.82 -4.75
C PHE B 49 5.23 2.26 -5.49
N ARG B 50 5.81 1.34 -6.23
CA ARG B 50 7.02 1.63 -6.99
C ARG B 50 6.73 1.53 -8.48
N ASP B 51 7.75 1.74 -9.30
CA ASP B 51 7.58 1.66 -10.74
C ASP B 51 7.77 0.24 -11.24
N LEU B 52 6.71 -0.54 -11.18
CA LEU B 52 6.74 -1.93 -11.64
C LEU B 52 5.79 -2.07 -12.82
N CYS B 53 6.09 -2.99 -13.71
CA CYS B 53 5.27 -3.22 -14.89
C CYS B 53 4.46 -4.50 -14.77
N ILE B 54 3.29 -4.51 -15.37
CA ILE B 54 2.44 -5.69 -15.34
C ILE B 54 2.91 -6.69 -16.38
N VAL B 55 3.23 -7.90 -15.93
CA VAL B 55 3.71 -8.95 -16.81
C VAL B 55 2.55 -9.76 -17.35
N TYR B 56 2.59 -10.05 -18.64
CA TYR B 56 1.54 -10.82 -19.28
C TYR B 56 1.99 -12.25 -19.54
N ARG B 57 1.41 -13.18 -18.80
CA ARG B 57 1.75 -14.59 -18.99
C ARG B 57 0.77 -15.19 -19.99
N ASP B 58 1.28 -15.53 -21.16
CA ASP B 58 0.49 -16.12 -22.25
C ASP B 58 -0.45 -15.07 -22.86
N GLY B 59 -1.47 -14.71 -22.10
CA GLY B 59 -2.44 -13.72 -22.54
C GLY B 59 -3.26 -13.21 -21.38
N ASN B 60 -2.77 -13.45 -20.18
CA ASN B 60 -3.46 -13.02 -18.96
C ASN B 60 -2.58 -12.08 -18.17
N PRO B 61 -3.17 -11.08 -17.50
CA PRO B 61 -2.43 -10.12 -16.68
C PRO B 61 -1.89 -10.77 -15.40
N TYR B 62 -0.58 -10.73 -15.22
CA TYR B 62 0.06 -11.31 -14.06
C TYR B 62 0.86 -10.25 -13.32
N ALA B 63 1.29 -10.58 -12.11
CA ALA B 63 2.06 -9.65 -11.32
C ALA B 63 3.35 -10.31 -10.84
N VAL B 64 4.16 -9.55 -10.12
CA VAL B 64 5.41 -10.05 -9.57
C VAL B 64 5.31 -10.08 -8.06
N CYS B 65 5.53 -11.26 -7.47
CA CYS B 65 5.45 -11.41 -6.02
C CYS B 65 6.64 -10.77 -5.33
N ASP B 66 6.59 -10.76 -4.01
CA ASP B 66 7.65 -10.18 -3.20
C ASP B 66 8.92 -11.03 -3.28
N LYS B 67 8.76 -12.26 -3.75
CA LYS B 67 9.89 -13.19 -3.89
C LYS B 67 10.65 -12.91 -5.18
N CYS B 68 9.94 -12.93 -6.31
CA CYS B 68 10.54 -12.69 -7.60
C CYS B 68 10.96 -11.24 -7.78
N LEU B 69 10.40 -10.37 -6.95
CA LEU B 69 10.70 -8.95 -6.98
C LEU B 69 12.21 -8.67 -6.92
N LYS B 70 12.91 -9.39 -6.05
CA LYS B 70 14.36 -9.19 -5.92
C LYS B 70 15.13 -9.94 -7.00
N PHE B 71 14.52 -10.95 -7.60
CA PHE B 71 15.17 -11.74 -8.63
C PHE B 71 15.18 -11.00 -9.97
N TYR B 72 14.07 -10.37 -10.30
CA TYR B 72 13.94 -9.65 -11.56
C TYR B 72 13.52 -8.21 -11.33
ZN ZN C . -7.52 2.40 16.95
ZN ZN D . 7.04 -15.06 -7.76
N MET A 3 9.89 8.16 21.45
CA MET A 3 9.82 9.64 21.50
C MET A 3 10.22 10.23 20.17
N PHE A 4 9.83 11.47 19.91
CA PHE A 4 10.17 12.13 18.66
C PHE A 4 10.49 13.59 18.90
N GLN A 5 11.78 13.92 18.80
CA GLN A 5 12.27 15.27 19.01
C GLN A 5 13.33 15.62 17.98
N ASP A 6 14.06 16.71 18.21
CA ASP A 6 15.13 17.16 17.33
C ASP A 6 16.05 16.00 16.92
N PRO A 7 16.50 15.97 15.66
CA PRO A 7 16.20 16.99 14.65
C PRO A 7 14.90 16.73 13.90
N GLN A 8 14.12 15.75 14.34
CA GLN A 8 12.86 15.44 13.69
C GLN A 8 11.80 16.48 14.04
N GLU A 9 11.13 17.00 13.03
CA GLU A 9 10.12 18.02 13.24
C GLU A 9 8.74 17.39 13.41
N ARG A 10 8.62 16.12 12.99
CA ARG A 10 7.38 15.36 13.12
C ARG A 10 6.30 15.87 12.17
N PRO A 11 6.32 15.44 10.90
CA PRO A 11 5.34 15.85 9.91
C PRO A 11 4.01 15.13 10.12
N ARG A 12 2.94 15.65 9.54
CA ARG A 12 1.61 15.06 9.70
C ARG A 12 1.29 14.08 8.58
N LYS A 13 2.24 13.84 7.70
CA LYS A 13 2.04 12.90 6.60
C LYS A 13 2.97 11.71 6.74
N LEU A 14 2.41 10.52 6.50
CA LEU A 14 3.15 9.27 6.63
C LEU A 14 4.43 9.21 5.78
N PRO A 15 4.36 9.44 4.46
CA PRO A 15 5.55 9.40 3.59
C PRO A 15 6.66 10.33 4.05
N GLN A 16 6.26 11.48 4.58
CA GLN A 16 7.22 12.47 5.06
C GLN A 16 7.85 12.01 6.38
N LEU A 17 7.04 11.37 7.23
CA LEU A 17 7.52 10.88 8.52
C LEU A 17 8.57 9.80 8.33
N CYS A 18 8.40 9.00 7.29
CA CYS A 18 9.34 7.92 6.98
C CYS A 18 10.77 8.45 6.82
N THR A 19 10.89 9.65 6.27
CA THR A 19 12.19 10.27 6.07
C THR A 19 12.88 10.56 7.40
N GLU A 20 12.14 11.15 8.32
CA GLU A 20 12.67 11.50 9.63
C GLU A 20 12.91 10.24 10.46
N LEU A 21 12.14 9.20 10.17
CA LEU A 21 12.27 7.93 10.87
C LEU A 21 13.38 7.09 10.24
N GLN A 22 13.87 7.56 9.09
CA GLN A 22 14.94 6.88 8.35
C GLN A 22 14.52 5.49 7.88
N THR A 23 13.28 5.38 7.44
CA THR A 23 12.74 4.11 6.96
C THR A 23 11.75 4.36 5.82
N THR A 24 11.10 3.31 5.35
CA THR A 24 10.13 3.44 4.27
C THR A 24 8.75 3.00 4.75
N ILE A 25 7.76 3.12 3.87
CA ILE A 25 6.39 2.73 4.18
C ILE A 25 6.27 1.20 4.21
N HIS A 26 7.32 0.53 3.75
CA HIS A 26 7.34 -0.92 3.72
C HIS A 26 7.77 -1.47 5.08
N ASP A 27 8.42 -0.63 5.88
CA ASP A 27 8.89 -1.04 7.20
C ASP A 27 8.73 0.06 8.23
N ILE A 28 7.50 0.33 8.61
CA ILE A 28 7.21 1.34 9.60
C ILE A 28 6.12 0.86 10.56
N ILE A 29 6.42 0.86 11.85
CA ILE A 29 5.46 0.42 12.84
C ILE A 29 4.99 1.59 13.69
N LEU A 30 3.74 1.96 13.52
CA LEU A 30 3.15 3.05 14.28
C LEU A 30 2.09 2.51 15.22
N GLU A 31 1.85 3.21 16.31
CA GLU A 31 0.86 2.77 17.28
C GLU A 31 -0.37 3.67 17.25
N CYS A 32 -1.49 3.12 17.69
CA CYS A 32 -2.74 3.86 17.73
C CYS A 32 -2.72 4.89 18.85
N VAL A 33 -3.37 6.02 18.60
CA VAL A 33 -3.43 7.09 19.58
C VAL A 33 -4.45 6.79 20.70
N TYR A 34 -5.46 5.99 20.40
CA TYR A 34 -6.48 5.67 21.38
C TYR A 34 -6.36 4.24 21.89
N CYS A 35 -6.15 3.30 20.99
CA CYS A 35 -6.03 1.90 21.35
C CYS A 35 -4.59 1.55 21.73
N LYS A 36 -3.65 2.34 21.23
CA LYS A 36 -2.22 2.14 21.48
C LYS A 36 -1.77 0.78 20.95
N GLN A 37 -2.45 0.33 19.91
CA GLN A 37 -2.13 -0.95 19.29
C GLN A 37 -1.13 -0.74 18.16
N GLN A 38 -0.35 -1.77 17.88
CA GLN A 38 0.66 -1.70 16.82
C GLN A 38 0.02 -1.96 15.45
N LEU A 39 0.14 -0.99 14.56
CA LEU A 39 -0.41 -1.12 13.22
C LEU A 39 0.54 -1.92 12.34
N LEU A 40 -0.02 -2.78 11.49
CA LEU A 40 0.78 -3.61 10.60
C LEU A 40 0.90 -2.98 9.21
N ARG A 41 1.76 -3.59 8.39
CA ARG A 41 2.00 -3.13 7.02
C ARG A 41 0.72 -3.11 6.20
N ARG A 42 -0.26 -3.90 6.62
CA ARG A 42 -1.54 -4.00 5.93
C ARG A 42 -2.30 -2.67 5.96
N GLU A 43 -2.48 -2.13 7.16
CA GLU A 43 -3.21 -0.88 7.34
C GLU A 43 -2.34 0.32 7.00
N VAL A 44 -1.03 0.18 7.14
CA VAL A 44 -0.10 1.26 6.85
C VAL A 44 -0.24 1.71 5.39
N TYR A 45 -0.40 0.74 4.48
CA TYR A 45 -0.56 1.05 3.06
C TYR A 45 -1.89 1.74 2.80
N ASP A 46 -2.92 1.31 3.52
CA ASP A 46 -4.25 1.89 3.37
C ASP A 46 -4.24 3.35 3.82
N PHE A 47 -3.37 3.62 4.79
CA PHE A 47 -3.22 4.96 5.34
C PHE A 47 -2.69 5.93 4.28
N ALA A 48 -1.77 5.46 3.46
CA ALA A 48 -1.18 6.27 2.40
C ALA A 48 -2.04 6.22 1.13
N PHE A 49 -2.86 5.19 1.03
CA PHE A 49 -3.74 5.01 -0.13
C PHE A 49 -4.82 6.10 -0.14
N ARG A 50 -5.24 6.50 1.03
CA ARG A 50 -6.26 7.53 1.18
C ARG A 50 -5.64 8.78 1.78
N ASP A 51 -6.39 9.87 1.82
CA ASP A 51 -5.88 11.11 2.36
C ASP A 51 -6.14 11.21 3.86
N LEU A 52 -5.31 10.53 4.64
CA LEU A 52 -5.45 10.56 6.09
C LEU A 52 -4.37 11.44 6.69
N CYS A 53 -4.54 11.77 7.97
CA CYS A 53 -3.59 12.62 8.67
C CYS A 53 -3.06 11.89 9.91
N ILE A 54 -1.81 12.16 10.26
CA ILE A 54 -1.21 11.55 11.44
C ILE A 54 -1.58 12.33 12.70
N VAL A 55 -2.05 11.63 13.70
CA VAL A 55 -2.44 12.26 14.95
C VAL A 55 -1.25 12.30 15.91
N TYR A 56 -1.04 13.44 16.54
CA TYR A 56 0.08 13.59 17.45
C TYR A 56 -0.38 13.84 18.88
N ARG A 57 -0.18 12.85 19.73
CA ARG A 57 -0.53 12.93 21.13
C ARG A 57 0.72 13.22 21.92
N ASP A 58 0.72 14.34 22.64
CA ASP A 58 1.86 14.77 23.46
C ASP A 58 3.01 15.23 22.59
N GLY A 59 3.61 14.28 21.88
CA GLY A 59 4.73 14.58 21.01
C GLY A 59 5.24 13.34 20.32
N ASN A 60 4.35 12.38 20.12
CA ASN A 60 4.71 11.12 19.48
C ASN A 60 3.81 10.86 18.27
N PRO A 61 4.35 10.23 17.22
CA PRO A 61 3.59 9.92 16.00
C PRO A 61 2.65 8.74 16.19
N TYR A 62 1.35 8.99 16.04
CA TYR A 62 0.36 7.93 16.19
C TYR A 62 -0.46 7.79 14.92
N ALA A 63 -0.88 6.58 14.62
CA ALA A 63 -1.66 6.32 13.43
C ALA A 63 -3.09 6.00 13.79
N VAL A 64 -3.93 5.94 12.78
CA VAL A 64 -5.34 5.64 12.96
C VAL A 64 -5.60 4.17 12.62
N CYS A 65 -5.97 3.39 13.62
CA CYS A 65 -6.22 1.97 13.43
C CYS A 65 -7.58 1.72 12.79
N ASP A 66 -7.89 0.44 12.57
CA ASP A 66 -9.14 0.02 11.96
C ASP A 66 -10.34 0.41 12.84
N LYS A 67 -10.08 0.56 14.14
CA LYS A 67 -11.12 0.90 15.09
C LYS A 67 -11.35 2.41 15.13
N CYS A 68 -10.29 3.17 15.36
CA CYS A 68 -10.37 4.62 15.46
C CYS A 68 -10.63 5.28 14.10
N LEU A 69 -10.39 4.55 13.01
CA LEU A 69 -10.62 5.05 11.66
C LEU A 69 -12.00 5.66 11.50
N LYS A 70 -13.00 4.95 12.00
CA LYS A 70 -14.38 5.41 11.89
C LYS A 70 -14.72 6.47 12.94
N PHE A 71 -13.90 6.53 13.97
CA PHE A 71 -14.11 7.50 15.06
C PHE A 71 -13.63 8.90 14.68
N TYR A 72 -12.40 8.99 14.18
CA TYR A 72 -11.82 10.28 13.81
C TYR A 72 -11.38 10.29 12.35
N MET B 3 -10.50 -13.71 -17.91
CA MET B 3 -9.50 -14.08 -18.94
C MET B 3 -9.51 -13.07 -20.07
N PHE B 4 -8.43 -13.04 -20.84
CA PHE B 4 -8.30 -12.12 -21.96
C PHE B 4 -7.79 -12.87 -23.19
N GLN B 5 -8.32 -12.49 -24.35
CA GLN B 5 -7.93 -13.14 -25.60
C GLN B 5 -6.66 -12.55 -26.19
N ASP B 6 -6.19 -13.18 -27.27
CA ASP B 6 -4.99 -12.73 -27.97
C ASP B 6 -5.35 -11.64 -28.97
N PRO B 7 -4.47 -10.66 -29.20
CA PRO B 7 -3.16 -10.57 -28.56
C PRO B 7 -3.22 -9.82 -27.24
N GLN B 8 -3.18 -8.49 -27.32
CA GLN B 8 -3.22 -7.68 -26.12
C GLN B 8 -4.62 -7.11 -25.91
N GLU B 9 -5.51 -7.95 -25.40
CA GLU B 9 -6.88 -7.54 -25.09
C GLU B 9 -6.91 -6.99 -23.66
N ARG B 10 -5.73 -6.73 -23.14
CA ARG B 10 -5.55 -6.23 -21.79
C ARG B 10 -4.50 -5.13 -21.77
N PRO B 11 -4.62 -4.20 -20.82
CA PRO B 11 -3.68 -3.10 -20.67
C PRO B 11 -2.51 -3.43 -19.74
N ARG B 12 -1.42 -2.69 -19.85
CA ARG B 12 -0.24 -2.92 -19.02
C ARG B 12 -0.34 -2.14 -17.71
N LYS B 13 -1.42 -1.39 -17.53
CA LYS B 13 -1.62 -0.62 -16.31
C LYS B 13 -2.61 -1.31 -15.39
N LEU B 14 -2.23 -1.46 -14.13
CA LEU B 14 -3.06 -2.13 -13.13
C LEU B 14 -4.47 -1.53 -13.02
N PRO B 15 -4.61 -0.20 -12.81
CA PRO B 15 -5.95 0.44 -12.68
C PRO B 15 -6.83 0.18 -13.90
N GLN B 16 -6.23 0.14 -15.08
CA GLN B 16 -6.97 -0.09 -16.30
C GLN B 16 -7.39 -1.55 -16.41
N LEU B 17 -6.53 -2.45 -15.92
CA LEU B 17 -6.82 -3.87 -15.94
C LEU B 17 -8.05 -4.19 -15.11
N CYS B 18 -8.17 -3.51 -13.97
CA CYS B 18 -9.31 -3.70 -13.08
C CYS B 18 -10.60 -3.38 -13.83
N THR B 19 -10.58 -2.30 -14.58
CA THR B 19 -11.72 -1.87 -15.37
C THR B 19 -12.07 -2.90 -16.45
N GLU B 20 -11.04 -3.39 -17.13
CA GLU B 20 -11.22 -4.37 -18.18
C GLU B 20 -11.75 -5.68 -17.61
N LEU B 21 -11.30 -6.01 -16.41
CA LEU B 21 -11.72 -7.22 -15.71
C LEU B 21 -13.07 -7.01 -15.03
N GLN B 22 -13.60 -5.79 -15.13
CA GLN B 22 -14.88 -5.43 -14.54
C GLN B 22 -14.88 -5.69 -13.02
N THR B 23 -13.81 -5.25 -12.38
CA THR B 23 -13.65 -5.43 -10.95
C THR B 23 -12.86 -4.25 -10.36
N THR B 24 -12.65 -4.27 -9.05
CA THR B 24 -11.91 -3.20 -8.39
C THR B 24 -10.46 -3.61 -8.16
N ILE B 25 -9.67 -2.69 -7.63
CA ILE B 25 -8.26 -2.97 -7.36
C ILE B 25 -8.13 -3.80 -6.08
N HIS B 26 -9.22 -3.90 -5.33
CA HIS B 26 -9.25 -4.65 -4.08
C HIS B 26 -9.76 -6.06 -4.32
N ASP B 27 -10.53 -6.23 -5.39
CA ASP B 27 -11.12 -7.53 -5.72
C ASP B 27 -10.41 -8.19 -6.90
N ILE B 28 -9.35 -7.56 -7.39
CA ILE B 28 -8.61 -8.10 -8.51
C ILE B 28 -7.65 -9.19 -8.03
N ILE B 29 -7.77 -10.37 -8.61
CA ILE B 29 -6.92 -11.49 -8.22
C ILE B 29 -5.78 -11.66 -9.22
N LEU B 30 -4.58 -11.30 -8.79
CA LEU B 30 -3.39 -11.42 -9.60
C LEU B 30 -2.31 -12.16 -8.82
N GLU B 31 -1.54 -12.99 -9.51
CA GLU B 31 -0.49 -13.75 -8.87
C GLU B 31 0.88 -13.35 -9.41
N CYS B 32 1.92 -13.78 -8.72
CA CYS B 32 3.28 -13.48 -9.14
C CYS B 32 3.63 -14.18 -10.44
N VAL B 33 4.41 -13.49 -11.26
CA VAL B 33 4.83 -14.01 -12.55
C VAL B 33 5.78 -15.20 -12.40
N TYR B 34 6.48 -15.27 -11.27
CA TYR B 34 7.44 -16.36 -11.05
C TYR B 34 7.05 -17.22 -9.86
N CYS B 35 6.73 -16.59 -8.73
CA CYS B 35 6.37 -17.32 -7.53
C CYS B 35 5.03 -18.04 -7.70
N LYS B 36 4.21 -17.52 -8.62
CA LYS B 36 2.89 -18.10 -8.94
C LYS B 36 1.95 -18.02 -7.73
N GLN B 37 2.31 -17.19 -6.75
CA GLN B 37 1.48 -17.03 -5.56
C GLN B 37 0.66 -15.75 -5.69
N GLN B 38 -0.59 -15.82 -5.26
CA GLN B 38 -1.48 -14.68 -5.33
C GLN B 38 -1.01 -13.55 -4.41
N LEU B 39 -1.11 -12.33 -4.90
CA LEU B 39 -0.68 -11.17 -4.13
C LEU B 39 -1.78 -10.70 -3.18
N LEU B 40 -1.38 -10.26 -2.00
CA LEU B 40 -2.33 -9.77 -1.02
C LEU B 40 -2.65 -8.31 -1.34
N ARG B 41 -3.87 -7.87 -1.02
CA ARG B 41 -4.30 -6.50 -1.30
C ARG B 41 -3.33 -5.46 -0.76
N ARG B 42 -2.61 -5.79 0.31
CA ARG B 42 -1.65 -4.87 0.90
C ARG B 42 -0.54 -4.53 -0.11
N GLU B 43 -0.01 -5.56 -0.77
CA GLU B 43 1.05 -5.36 -1.74
C GLU B 43 0.47 -4.78 -3.03
N VAL B 44 -0.79 -5.11 -3.31
CA VAL B 44 -1.46 -4.59 -4.50
C VAL B 44 -1.61 -3.07 -4.38
N TYR B 45 -1.81 -2.59 -3.16
CA TYR B 45 -1.93 -1.16 -2.92
C TYR B 45 -0.65 -0.45 -3.29
N ASP B 46 0.48 -1.03 -2.88
CA ASP B 46 1.78 -0.44 -3.18
C ASP B 46 2.09 -0.57 -4.66
N PHE B 47 1.54 -1.61 -5.30
CA PHE B 47 1.74 -1.83 -6.73
C PHE B 47 1.16 -0.66 -7.52
N ALA B 48 0.04 -0.12 -7.03
CA ALA B 48 -0.61 1.01 -7.66
C ALA B 48 0.01 2.32 -7.18
N PHE B 49 0.66 2.25 -6.04
CA PHE B 49 1.33 3.41 -5.44
C PHE B 49 2.60 3.71 -6.21
N ARG B 50 3.32 2.66 -6.58
CA ARG B 50 4.54 2.80 -7.33
C ARG B 50 4.26 2.65 -8.81
N ASP B 51 5.19 3.10 -9.64
CA ASP B 51 5.03 2.99 -11.08
C ASP B 51 5.50 1.62 -11.55
N LEU B 52 4.57 0.69 -11.68
CA LEU B 52 4.90 -0.66 -12.10
C LEU B 52 3.95 -1.12 -13.19
N CYS B 53 4.48 -1.86 -14.15
CA CYS B 53 3.68 -2.38 -15.25
C CYS B 53 3.33 -3.84 -15.01
N ILE B 54 2.25 -4.30 -15.62
CA ILE B 54 1.80 -5.68 -15.46
C ILE B 54 2.61 -6.61 -16.37
N VAL B 55 3.09 -7.71 -15.81
CA VAL B 55 3.86 -8.68 -16.56
C VAL B 55 2.93 -9.73 -17.14
N TYR B 56 3.15 -10.09 -18.40
CA TYR B 56 2.29 -11.06 -19.05
C TYR B 56 3.08 -12.28 -19.54
N ARG B 57 2.86 -13.40 -18.88
CA ARG B 57 3.50 -14.65 -19.25
C ARG B 57 2.49 -15.50 -19.99
N ASP B 58 2.76 -15.77 -21.26
CA ASP B 58 1.87 -16.55 -22.13
C ASP B 58 0.63 -15.74 -22.51
N GLY B 59 -0.05 -15.19 -21.51
CA GLY B 59 -1.23 -14.40 -21.76
C GLY B 59 -1.94 -13.98 -20.48
N ASN B 60 -1.76 -14.79 -19.44
CA ASN B 60 -2.38 -14.51 -18.15
C ASN B 60 -1.71 -13.33 -17.47
N PRO B 61 -2.49 -12.49 -16.78
CA PRO B 61 -1.97 -11.32 -16.06
C PRO B 61 -1.23 -11.68 -14.80
N TYR B 62 0.03 -11.28 -14.71
CA TYR B 62 0.85 -11.57 -13.54
C TYR B 62 1.39 -10.29 -12.93
N ALA B 63 1.58 -10.31 -11.62
CA ALA B 63 2.08 -9.16 -10.91
C ALA B 63 3.44 -9.48 -10.28
N VAL B 64 3.98 -8.53 -9.53
CA VAL B 64 5.26 -8.70 -8.88
C VAL B 64 5.08 -8.60 -7.38
N CYS B 65 5.42 -9.67 -6.65
CA CYS B 65 5.29 -9.68 -5.21
C CYS B 65 6.47 -8.95 -4.55
N ASP B 66 6.35 -8.73 -3.24
CA ASP B 66 7.38 -8.05 -2.45
C ASP B 66 8.76 -8.69 -2.65
N LYS B 67 8.76 -10.02 -2.79
CA LYS B 67 9.99 -10.77 -2.97
C LYS B 67 10.68 -10.40 -4.28
N CYS B 68 9.95 -10.52 -5.37
CA CYS B 68 10.49 -10.21 -6.69
C CYS B 68 10.67 -8.70 -6.90
N LEU B 69 9.85 -7.90 -6.21
CA LEU B 69 9.91 -6.45 -6.32
C LEU B 69 11.28 -5.88 -5.94
N LYS B 70 11.96 -6.50 -4.99
CA LYS B 70 13.27 -6.04 -4.58
C LYS B 70 14.34 -6.48 -5.58
N PHE B 71 14.04 -7.53 -6.32
CA PHE B 71 14.98 -8.07 -7.31
C PHE B 71 15.01 -7.23 -8.59
N TYR B 72 13.85 -6.98 -9.15
CA TYR B 72 13.75 -6.23 -10.39
C TYR B 72 13.62 -4.73 -10.15
ZN ZN C . -7.35 2.95 17.68
ZN ZN D . 7.31 -13.27 -6.98
N MET A 3 11.11 10.39 20.68
CA MET A 3 11.16 11.83 21.04
C MET A 3 11.70 12.65 19.88
N PHE A 4 10.90 13.59 19.40
CA PHE A 4 11.29 14.44 18.30
C PHE A 4 10.85 15.87 18.57
N GLN A 5 11.81 16.79 18.54
CA GLN A 5 11.54 18.20 18.78
C GLN A 5 12.28 19.06 17.75
N ASP A 6 12.46 20.34 18.07
CA ASP A 6 13.16 21.30 17.19
C ASP A 6 14.47 20.70 16.67
N PRO A 7 14.84 21.00 15.40
CA PRO A 7 14.07 21.88 14.51
C PRO A 7 12.83 21.22 13.91
N GLN A 8 12.64 19.94 14.19
CA GLN A 8 11.49 19.20 13.68
C GLN A 8 10.23 19.64 14.40
N GLU A 9 9.28 20.18 13.67
CA GLU A 9 8.03 20.64 14.26
C GLU A 9 7.01 19.51 14.27
N ARG A 10 7.28 18.47 13.48
CA ARG A 10 6.43 17.30 13.37
C ARG A 10 5.11 17.66 12.68
N PRO A 11 5.09 17.62 11.34
CA PRO A 11 3.90 17.94 10.55
C PRO A 11 2.81 16.88 10.71
N ARG A 12 1.59 17.23 10.29
CA ARG A 12 0.46 16.32 10.39
C ARG A 12 0.27 15.57 9.08
N LYS A 13 1.32 15.49 8.28
CA LYS A 13 1.29 14.79 7.01
C LYS A 13 2.40 13.77 6.95
N LEU A 14 2.02 12.52 6.68
CA LEU A 14 2.96 11.40 6.61
C LEU A 14 4.14 11.65 5.66
N PRO A 15 3.90 12.03 4.38
CA PRO A 15 5.00 12.28 3.42
C PRO A 15 6.01 13.32 3.90
N GLN A 16 5.54 14.30 4.65
CA GLN A 16 6.40 15.35 5.17
C GLN A 16 7.06 14.91 6.48
N LEU A 17 6.34 14.12 7.25
CA LEU A 17 6.83 13.62 8.52
C LEU A 17 8.06 12.74 8.30
N CYS A 18 8.03 11.97 7.23
CA CYS A 18 9.14 11.09 6.88
C CYS A 18 10.42 11.91 6.66
N THR A 19 10.25 13.09 6.08
CA THR A 19 11.38 13.98 5.82
C THR A 19 12.00 14.45 7.13
N GLU A 20 11.16 14.77 8.10
CA GLU A 20 11.64 15.23 9.40
C GLU A 20 12.45 14.15 10.10
N LEU A 21 12.03 12.90 9.93
CA LEU A 21 12.71 11.77 10.54
C LEU A 21 13.83 11.24 9.65
N GLN A 22 14.04 11.89 8.50
CA GLN A 22 15.09 11.51 7.55
C GLN A 22 14.92 10.07 7.08
N THR A 23 13.69 9.69 6.73
CA THR A 23 13.41 8.33 6.29
C THR A 23 12.20 8.32 5.34
N THR A 24 11.70 7.13 5.01
CA THR A 24 10.56 7.01 4.12
C THR A 24 9.44 6.24 4.79
N ILE A 25 8.32 6.11 4.08
CA ILE A 25 7.16 5.40 4.59
C ILE A 25 7.44 3.90 4.73
N HIS A 26 8.47 3.43 4.03
CA HIS A 26 8.82 2.02 4.06
C HIS A 26 9.69 1.69 5.27
N ASP A 27 10.04 2.70 6.06
CA ASP A 27 10.89 2.49 7.23
C ASP A 27 10.33 3.17 8.48
N ILE A 28 9.57 4.24 8.30
CA ILE A 28 8.99 4.97 9.41
C ILE A 28 8.16 4.06 10.32
N ILE A 29 8.36 4.19 11.63
CA ILE A 29 7.64 3.37 12.60
C ILE A 29 6.53 4.18 13.25
N LEU A 30 5.30 3.75 13.03
CA LEU A 30 4.13 4.40 13.58
C LEU A 30 3.30 3.40 14.38
N GLU A 31 2.79 3.82 15.53
CA GLU A 31 1.99 2.94 16.36
C GLU A 31 0.61 3.54 16.62
N CYS A 32 -0.32 2.72 17.08
CA CYS A 32 -1.68 3.18 17.37
C CYS A 32 -1.68 4.13 18.55
N VAL A 33 -2.45 5.20 18.43
CA VAL A 33 -2.55 6.20 19.48
C VAL A 33 -3.24 5.65 20.72
N TYR A 34 -4.09 4.65 20.54
CA TYR A 34 -4.83 4.07 21.65
C TYR A 34 -4.28 2.70 22.05
N CYS A 35 -4.20 1.79 21.08
CA CYS A 35 -3.72 0.44 21.34
C CYS A 35 -2.20 0.39 21.53
N LYS A 36 -1.52 1.41 21.00
CA LYS A 36 -0.06 1.50 21.09
C LYS A 36 0.61 0.34 20.35
N GLN A 37 -0.10 -0.22 19.38
CA GLN A 37 0.42 -1.32 18.60
C GLN A 37 1.16 -0.78 17.39
N GLN A 38 2.34 -1.32 17.12
CA GLN A 38 3.14 -0.89 15.99
C GLN A 38 2.48 -1.30 14.68
N LEU A 39 2.17 -0.32 13.85
CA LEU A 39 1.54 -0.58 12.58
C LEU A 39 2.59 -0.88 11.52
N LEU A 40 2.48 -2.04 10.91
CA LEU A 40 3.43 -2.44 9.88
C LEU A 40 3.30 -1.50 8.68
N ARG A 41 4.40 -1.26 7.99
CA ARG A 41 4.41 -0.36 6.84
C ARG A 41 3.36 -0.76 5.81
N ARG A 42 3.06 -2.06 5.75
CA ARG A 42 2.05 -2.57 4.83
C ARG A 42 0.68 -1.95 5.12
N GLU A 43 0.36 -1.82 6.40
CA GLU A 43 -0.91 -1.24 6.82
C GLU A 43 -0.89 0.27 6.57
N VAL A 44 0.28 0.87 6.72
CA VAL A 44 0.46 2.30 6.50
C VAL A 44 0.15 2.65 5.04
N TYR A 45 0.46 1.73 4.14
CA TYR A 45 0.20 1.95 2.71
C TYR A 45 -1.30 2.13 2.46
N ASP A 46 -2.11 1.45 3.27
CA ASP A 46 -3.57 1.55 3.16
C ASP A 46 -4.03 2.89 3.72
N PHE A 47 -3.30 3.37 4.71
CA PHE A 47 -3.59 4.64 5.36
C PHE A 47 -3.40 5.79 4.38
N ALA A 48 -2.37 5.68 3.54
CA ALA A 48 -2.06 6.71 2.55
C ALA A 48 -2.92 6.57 1.30
N PHE A 49 -3.54 5.41 1.13
CA PHE A 49 -4.41 5.17 -0.02
C PHE A 49 -5.76 5.86 0.19
N ARG A 50 -6.08 6.11 1.45
CA ARG A 50 -7.34 6.77 1.80
C ARG A 50 -7.06 8.11 2.46
N ASP A 51 -8.10 8.89 2.67
CA ASP A 51 -7.94 10.19 3.31
C ASP A 51 -8.18 10.04 4.81
N LEU A 52 -7.09 9.89 5.55
CA LEU A 52 -7.18 9.73 6.99
C LEU A 52 -6.36 10.81 7.69
N CYS A 53 -6.75 11.11 8.93
CA CYS A 53 -6.07 12.13 9.72
C CYS A 53 -5.02 11.50 10.62
N ILE A 54 -3.96 12.26 10.88
CA ILE A 54 -2.88 11.78 11.73
C ILE A 54 -3.10 12.27 13.16
N VAL A 55 -3.16 11.33 14.09
CA VAL A 55 -3.36 11.65 15.49
C VAL A 55 -2.03 11.85 16.21
N TYR A 56 -1.97 12.87 17.04
CA TYR A 56 -0.75 13.17 17.78
C TYR A 56 -0.98 13.01 19.28
N ARG A 57 -0.15 12.18 19.90
CA ARG A 57 -0.24 11.95 21.33
C ARG A 57 0.82 12.77 22.03
N ASP A 58 0.37 13.84 22.71
CA ASP A 58 1.26 14.76 23.43
C ASP A 58 2.12 15.57 22.47
N GLY A 59 3.11 14.92 21.90
CA GLY A 59 4.00 15.57 20.96
C GLY A 59 4.68 14.58 20.04
N ASN A 60 4.18 13.35 20.04
CA ASN A 60 4.74 12.30 19.21
C ASN A 60 3.72 11.86 18.16
N PRO A 61 4.17 11.66 16.92
CA PRO A 61 3.30 11.23 15.82
C PRO A 61 2.78 9.80 16.02
N TYR A 62 1.48 9.63 15.88
CA TYR A 62 0.87 8.33 16.07
C TYR A 62 -0.05 8.00 14.90
N ALA A 63 -0.44 6.74 14.81
CA ALA A 63 -1.31 6.28 13.74
C ALA A 63 -2.58 5.68 14.32
N VAL A 64 -3.42 5.16 13.42
CA VAL A 64 -4.67 4.54 13.81
C VAL A 64 -4.72 3.11 13.28
N CYS A 65 -4.90 2.14 14.18
CA CYS A 65 -4.95 0.74 13.79
C CYS A 65 -6.28 0.43 13.11
N ASP A 66 -6.39 -0.79 12.59
CA ASP A 66 -7.62 -1.21 11.92
C ASP A 66 -8.78 -1.26 12.91
N LYS A 67 -8.44 -1.40 14.18
CA LYS A 67 -9.45 -1.46 15.24
C LYS A 67 -10.01 -0.07 15.52
N CYS A 68 -9.12 0.85 15.84
CA CYS A 68 -9.51 2.22 16.17
C CYS A 68 -9.96 2.99 14.92
N LEU A 69 -9.57 2.49 13.75
CA LEU A 69 -9.93 3.10 12.47
C LEU A 69 -11.44 3.23 12.31
N LYS A 70 -12.14 2.15 12.60
CA LYS A 70 -13.59 2.15 12.49
C LYS A 70 -14.22 2.73 13.75
N PHE A 71 -13.49 2.65 14.85
CA PHE A 71 -13.97 3.14 16.13
C PHE A 71 -13.96 4.67 16.21
N TYR A 72 -12.84 5.28 15.86
CA TYR A 72 -12.71 6.73 15.90
C TYR A 72 -12.44 7.30 14.52
N MET B 3 -7.23 -15.41 -18.44
CA MET B 3 -6.62 -15.31 -19.79
C MET B 3 -6.90 -13.94 -20.39
N PHE B 4 -5.89 -13.37 -21.04
CA PHE B 4 -6.05 -12.05 -21.65
C PHE B 4 -5.29 -11.97 -22.97
N GLN B 5 -6.05 -11.88 -24.05
CA GLN B 5 -5.47 -11.79 -25.40
C GLN B 5 -6.24 -10.74 -26.19
N ASP B 6 -6.04 -10.71 -27.50
CA ASP B 6 -6.74 -9.76 -28.36
C ASP B 6 -8.25 -9.95 -28.22
N PRO B 7 -9.05 -8.88 -28.44
CA PRO B 7 -8.55 -7.55 -28.81
C PRO B 7 -8.18 -6.67 -27.62
N GLN B 8 -7.85 -7.28 -26.48
CA GLN B 8 -7.46 -6.51 -25.31
C GLN B 8 -6.06 -5.93 -25.52
N GLU B 9 -5.85 -4.70 -25.08
CA GLU B 9 -4.57 -4.04 -25.24
C GLU B 9 -3.51 -4.66 -24.34
N ARG B 10 -3.94 -5.05 -23.14
CA ARG B 10 -3.06 -5.66 -22.15
C ARG B 10 -1.95 -4.70 -21.74
N PRO B 11 -2.28 -3.66 -20.97
CA PRO B 11 -1.30 -2.67 -20.51
C PRO B 11 -0.30 -3.28 -19.52
N ARG B 12 0.75 -2.54 -19.20
CA ARG B 12 1.76 -3.02 -18.28
C ARG B 12 1.59 -2.44 -16.88
N LYS B 13 0.55 -1.64 -16.70
CA LYS B 13 0.27 -1.02 -15.40
C LYS B 13 -1.06 -1.52 -14.88
N LEU B 14 -1.07 -1.93 -13.61
CA LEU B 14 -2.26 -2.46 -12.95
C LEU B 14 -3.48 -1.53 -13.08
N PRO B 15 -3.36 -0.22 -12.74
CA PRO B 15 -4.48 0.72 -12.84
C PRO B 15 -5.09 0.77 -14.24
N GLN B 16 -4.25 0.60 -15.26
CA GLN B 16 -4.70 0.63 -16.64
C GLN B 16 -5.36 -0.70 -17.01
N LEU B 17 -4.87 -1.78 -16.42
CA LEU B 17 -5.41 -3.11 -16.68
C LEU B 17 -6.84 -3.18 -16.14
N CYS B 18 -7.06 -2.49 -15.03
CA CYS B 18 -8.38 -2.46 -14.41
C CYS B 18 -9.39 -1.84 -15.38
N THR B 19 -8.96 -0.83 -16.13
CA THR B 19 -9.81 -0.17 -17.10
C THR B 19 -10.19 -1.14 -18.22
N GLU B 20 -9.22 -1.94 -18.64
CA GLU B 20 -9.43 -2.93 -19.70
C GLU B 20 -10.39 -4.02 -19.24
N LEU B 21 -10.34 -4.34 -17.96
CA LEU B 21 -11.22 -5.36 -17.39
C LEU B 21 -12.55 -4.75 -16.96
N GLN B 22 -12.64 -3.42 -17.09
CA GLN B 22 -13.83 -2.66 -16.74
C GLN B 22 -14.16 -2.82 -15.26
N THR B 23 -13.14 -2.78 -14.43
CA THR B 23 -13.30 -2.90 -12.99
C THR B 23 -12.29 -1.99 -12.27
N THR B 24 -12.25 -2.07 -10.95
CA THR B 24 -11.33 -1.25 -10.18
C THR B 24 -10.22 -2.08 -9.56
N ILE B 25 -9.25 -1.41 -8.96
CA ILE B 25 -8.11 -2.08 -8.32
C ILE B 25 -8.56 -2.76 -7.02
N HIS B 26 -9.81 -2.51 -6.64
CA HIS B 26 -10.36 -3.08 -5.42
C HIS B 26 -11.09 -4.37 -5.73
N ASP B 27 -11.23 -4.69 -7.01
CA ASP B 27 -11.92 -5.91 -7.42
C ASP B 27 -11.07 -6.78 -8.33
N ILE B 28 -10.11 -6.17 -9.03
CA ILE B 28 -9.24 -6.91 -9.93
C ILE B 28 -8.43 -7.98 -9.18
N ILE B 29 -8.53 -9.21 -9.63
CA ILE B 29 -7.82 -10.31 -9.02
C ILE B 29 -6.79 -10.88 -9.99
N LEU B 30 -5.52 -10.72 -9.66
CA LEU B 30 -4.45 -11.20 -10.50
C LEU B 30 -3.73 -12.36 -9.81
N GLU B 31 -3.00 -13.14 -10.59
CA GLU B 31 -2.29 -14.28 -10.06
C GLU B 31 -0.80 -14.01 -10.05
N CYS B 32 -0.09 -14.64 -9.11
CA CYS B 32 1.35 -14.48 -9.00
C CYS B 32 2.05 -15.12 -10.19
N VAL B 33 3.04 -14.44 -10.72
CA VAL B 33 3.80 -14.92 -11.86
C VAL B 33 4.66 -16.14 -11.51
N TYR B 34 5.02 -16.28 -10.24
CA TYR B 34 5.84 -17.40 -9.82
C TYR B 34 5.06 -18.38 -8.96
N CYS B 35 4.47 -17.89 -7.86
CA CYS B 35 3.71 -18.75 -6.95
C CYS B 35 2.42 -19.26 -7.60
N LYS B 36 1.97 -18.56 -8.64
CA LYS B 36 0.75 -18.93 -9.37
C LYS B 36 -0.47 -18.94 -8.45
N GLN B 37 -0.44 -18.11 -7.42
CA GLN B 37 -1.55 -18.04 -6.47
C GLN B 37 -2.37 -16.78 -6.70
N GLN B 38 -3.52 -16.71 -6.05
CA GLN B 38 -4.39 -15.55 -6.14
C GLN B 38 -3.83 -14.44 -5.26
N LEU B 39 -3.57 -13.28 -5.87
CA LEU B 39 -3.04 -12.16 -5.12
C LEU B 39 -4.04 -11.63 -4.10
N LEU B 40 -3.57 -11.42 -2.88
CA LEU B 40 -4.42 -10.93 -1.82
C LEU B 40 -4.67 -9.42 -2.00
N ARG B 41 -5.67 -8.90 -1.28
CA ARG B 41 -6.03 -7.49 -1.38
C ARG B 41 -4.82 -6.59 -1.11
N ARG B 42 -4.06 -6.91 -0.07
CA ARG B 42 -2.89 -6.12 0.27
C ARG B 42 -1.82 -6.21 -0.82
N GLU B 43 -1.67 -7.38 -1.42
CA GLU B 43 -0.69 -7.58 -2.47
C GLU B 43 -1.06 -6.75 -3.70
N VAL B 44 -2.34 -6.72 -4.03
CA VAL B 44 -2.82 -5.94 -5.17
C VAL B 44 -2.60 -4.45 -4.90
N TYR B 45 -2.91 -4.03 -3.68
CA TYR B 45 -2.73 -2.63 -3.29
C TYR B 45 -1.26 -2.24 -3.28
N ASP B 46 -0.41 -3.19 -2.90
CA ASP B 46 1.03 -2.95 -2.86
C ASP B 46 1.56 -2.71 -4.27
N PHE B 47 0.98 -3.42 -5.23
CA PHE B 47 1.36 -3.29 -6.63
C PHE B 47 0.98 -1.92 -7.16
N ALA B 48 -0.13 -1.38 -6.64
CA ALA B 48 -0.61 -0.07 -7.04
C ALA B 48 0.15 1.03 -6.31
N PHE B 49 0.84 0.66 -5.24
CA PHE B 49 1.59 1.61 -4.44
C PHE B 49 3.04 1.67 -4.90
N ARG B 50 3.61 0.52 -5.23
CA ARG B 50 4.99 0.44 -5.69
C ARG B 50 5.04 0.50 -7.21
N ASP B 51 5.93 1.31 -7.74
CA ASP B 51 6.09 1.46 -9.19
C ASP B 51 6.67 0.19 -9.81
N LEU B 52 5.79 -0.67 -10.30
CA LEU B 52 6.19 -1.93 -10.91
C LEU B 52 5.49 -2.11 -12.26
N CYS B 53 5.78 -3.21 -12.93
CA CYS B 53 5.16 -3.49 -14.22
C CYS B 53 4.54 -4.88 -14.19
N ILE B 54 3.49 -5.07 -15.00
CA ILE B 54 2.83 -6.35 -15.07
C ILE B 54 3.60 -7.32 -15.97
N VAL B 55 3.97 -8.44 -15.41
CA VAL B 55 4.71 -9.46 -16.15
C VAL B 55 3.76 -10.50 -16.72
N TYR B 56 3.68 -10.55 -18.04
CA TYR B 56 2.79 -11.49 -18.69
C TYR B 56 3.53 -12.77 -19.04
N ARG B 57 3.19 -13.84 -18.36
CA ARG B 57 3.80 -15.13 -18.58
C ARG B 57 2.90 -15.94 -19.48
N ASP B 58 3.38 -16.24 -20.69
CA ASP B 58 2.65 -17.02 -21.69
C ASP B 58 1.53 -16.21 -22.32
N GLY B 59 0.68 -15.61 -21.49
CA GLY B 59 -0.42 -14.83 -22.00
C GLY B 59 -1.48 -14.55 -20.94
N ASN B 60 -1.16 -14.89 -19.70
CA ASN B 60 -2.08 -14.67 -18.60
C ASN B 60 -1.60 -13.51 -17.74
N PRO B 61 -2.52 -12.65 -17.27
CA PRO B 61 -2.16 -11.51 -16.42
C PRO B 61 -1.57 -11.97 -15.08
N TYR B 62 -0.27 -11.79 -14.94
CA TYR B 62 0.41 -12.18 -13.73
C TYR B 62 1.02 -10.97 -13.05
N ALA B 63 1.07 -11.00 -11.74
CA ALA B 63 1.63 -9.91 -10.96
C ALA B 63 2.69 -10.43 -10.02
N VAL B 64 3.44 -9.52 -9.41
CA VAL B 64 4.47 -9.88 -8.47
C VAL B 64 3.90 -9.73 -7.07
N CYS B 65 3.76 -10.85 -6.37
CA CYS B 65 3.21 -10.84 -5.02
C CYS B 65 4.20 -10.26 -4.01
N ASP B 66 3.74 -10.07 -2.79
CA ASP B 66 4.56 -9.53 -1.71
C ASP B 66 5.75 -10.45 -1.42
N LYS B 67 5.61 -11.72 -1.80
CA LYS B 67 6.66 -12.70 -1.59
C LYS B 67 7.72 -12.62 -2.68
N CYS B 68 7.28 -12.63 -3.94
CA CYS B 68 8.20 -12.57 -5.06
C CYS B 68 8.85 -11.19 -5.17
N LEU B 69 8.17 -10.18 -4.66
CA LEU B 69 8.68 -8.81 -4.69
C LEU B 69 10.02 -8.69 -3.96
N LYS B 70 10.12 -9.31 -2.80
CA LYS B 70 11.36 -9.27 -2.02
C LYS B 70 12.39 -10.25 -2.57
N PHE B 71 11.95 -11.16 -3.43
CA PHE B 71 12.84 -12.17 -4.02
C PHE B 71 13.70 -11.56 -5.13
N TYR B 72 13.18 -10.50 -5.75
CA TYR B 72 13.89 -9.84 -6.85
C TYR B 72 14.18 -8.38 -6.52
ZN ZN C . -5.97 1.23 18.00
ZN ZN D . 4.85 -15.00 -5.83
N MET A 3 11.40 9.93 19.90
CA MET A 3 11.39 11.41 19.97
C MET A 3 11.67 11.99 18.59
N PHE A 4 11.09 13.16 18.30
CA PHE A 4 11.28 13.81 17.02
C PHE A 4 11.04 15.31 17.16
N GLN A 5 12.11 16.08 16.99
CA GLN A 5 12.03 17.54 17.10
C GLN A 5 12.65 18.21 15.87
N ASP A 6 12.98 19.49 16.01
CA ASP A 6 13.57 20.28 14.93
C ASP A 6 14.85 19.64 14.40
N PRO A 7 15.23 19.91 13.14
CA PRO A 7 14.48 20.80 12.25
C PRO A 7 13.22 20.16 11.66
N GLN A 8 12.92 18.94 12.10
CA GLN A 8 11.74 18.22 11.63
C GLN A 8 10.50 18.72 12.35
N GLU A 9 9.65 19.45 11.64
CA GLU A 9 8.43 19.99 12.21
C GLU A 9 7.38 18.88 12.36
N ARG A 10 7.65 17.75 11.71
CA ARG A 10 6.77 16.59 11.75
C ARG A 10 5.44 16.87 11.04
N PRO A 11 5.36 16.55 9.74
CA PRO A 11 4.14 16.76 8.97
C PRO A 11 2.99 15.90 9.51
N ARG A 12 1.76 16.29 9.20
CA ARG A 12 0.61 15.55 9.68
C ARG A 12 0.15 14.51 8.66
N LYS A 13 1.04 14.18 7.73
CA LYS A 13 0.75 13.19 6.70
C LYS A 13 1.86 12.15 6.67
N LEU A 14 1.45 10.88 6.71
CA LEU A 14 2.38 9.75 6.73
C LEU A 14 3.44 9.80 5.60
N PRO A 15 3.04 9.96 4.32
CA PRO A 15 4.00 10.01 3.20
C PRO A 15 5.12 11.03 3.39
N GLN A 16 4.81 12.16 4.01
CA GLN A 16 5.80 13.21 4.22
C GLN A 16 6.60 12.97 5.50
N LEU A 17 6.02 12.24 6.44
CA LEU A 17 6.68 11.95 7.71
C LEU A 17 7.80 10.92 7.51
N CYS A 18 7.58 10.01 6.58
CA CYS A 18 8.56 8.96 6.28
C CYS A 18 9.88 9.59 5.82
N THR A 19 9.76 10.64 5.00
CA THR A 19 10.93 11.34 4.50
C THR A 19 11.71 12.02 5.62
N GLU A 20 10.99 12.46 6.65
CA GLU A 20 11.62 13.11 7.80
C GLU A 20 12.53 12.13 8.53
N LEU A 21 12.08 10.87 8.60
CA LEU A 21 12.85 9.82 9.25
C LEU A 21 13.86 9.22 8.28
N GLN A 22 13.82 9.71 7.04
CA GLN A 22 14.72 9.26 5.98
C GLN A 22 14.54 7.77 5.69
N THR A 23 13.30 7.31 5.85
CA THR A 23 12.99 5.91 5.60
C THR A 23 11.75 5.80 4.72
N THR A 24 11.36 4.58 4.38
CA THR A 24 10.21 4.36 3.52
C THR A 24 8.98 3.97 4.34
N ILE A 25 7.82 3.99 3.68
CA ILE A 25 6.56 3.63 4.32
C ILE A 25 6.53 2.13 4.65
N HIS A 26 7.50 1.40 4.10
CA HIS A 26 7.61 -0.03 4.31
C HIS A 26 8.48 -0.33 5.52
N ASP A 27 8.99 0.72 6.15
CA ASP A 27 9.87 0.55 7.31
C ASP A 27 9.37 1.33 8.53
N ILE A 28 8.73 2.47 8.30
CA ILE A 28 8.23 3.31 9.38
C ILE A 28 7.18 2.57 10.22
N ILE A 29 7.43 2.48 11.51
CA ILE A 29 6.52 1.80 12.43
C ILE A 29 5.89 2.80 13.40
N LEU A 30 4.61 3.06 13.20
CA LEU A 30 3.88 3.99 14.05
C LEU A 30 2.90 3.24 14.93
N GLU A 31 2.54 3.83 16.06
CA GLU A 31 1.61 3.20 16.98
C GLU A 31 0.31 3.99 17.05
N CYS A 32 -0.74 3.35 17.55
CA CYS A 32 -2.04 3.99 17.67
C CYS A 32 -2.02 5.11 18.69
N VAL A 33 -2.71 6.19 18.36
CA VAL A 33 -2.78 7.35 19.22
C VAL A 33 -3.70 7.10 20.42
N TYR A 34 -4.55 6.09 20.32
CA TYR A 34 -5.47 5.79 21.41
C TYR A 34 -5.00 4.62 22.26
N CYS A 35 -4.95 3.43 21.68
CA CYS A 35 -4.55 2.24 22.41
C CYS A 35 -3.04 2.01 22.39
N LYS A 36 -2.32 2.87 21.67
CA LYS A 36 -0.85 2.78 21.57
C LYS A 36 -0.39 1.45 20.96
N GLN A 37 -1.26 0.85 20.17
CA GLN A 37 -0.93 -0.42 19.52
C GLN A 37 -0.01 -0.19 18.33
N GLN A 38 1.04 -0.99 18.24
CA GLN A 38 1.99 -0.86 17.14
C GLN A 38 1.36 -1.34 15.84
N LEU A 39 1.26 -0.44 14.87
CA LEU A 39 0.68 -0.77 13.58
C LEU A 39 1.68 -1.50 12.69
N LEU A 40 1.23 -2.59 12.08
CA LEU A 40 2.08 -3.36 11.20
C LEU A 40 2.21 -2.63 9.86
N ARG A 41 3.29 -2.90 9.13
CA ARG A 41 3.53 -2.27 7.83
C ARG A 41 2.29 -2.38 6.92
N ARG A 42 1.56 -3.46 7.07
CA ARG A 42 0.36 -3.73 6.29
C ARG A 42 -0.70 -2.65 6.50
N GLU A 43 -0.91 -2.28 7.77
CA GLU A 43 -1.90 -1.27 8.12
C GLU A 43 -1.40 0.12 7.77
N VAL A 44 -0.07 0.27 7.77
CA VAL A 44 0.55 1.54 7.43
C VAL A 44 0.26 1.90 5.98
N TYR A 45 0.23 0.88 5.12
CA TYR A 45 -0.05 1.08 3.70
C TYR A 45 -1.49 1.53 3.52
N ASP A 46 -2.36 1.00 4.36
CA ASP A 46 -3.79 1.33 4.29
C ASP A 46 -3.99 2.79 4.69
N PHE A 47 -3.11 3.27 5.55
CA PHE A 47 -3.16 4.65 6.03
C PHE A 47 -2.75 5.61 4.91
N ALA A 48 -1.82 5.17 4.06
CA ALA A 48 -1.34 5.98 2.95
C ALA A 48 -2.24 5.88 1.73
N PHE A 49 -3.07 4.84 1.68
CA PHE A 49 -3.98 4.62 0.56
C PHE A 49 -5.34 5.28 0.81
N ARG A 50 -5.38 6.19 1.77
CA ARG A 50 -6.60 6.90 2.11
C ARG A 50 -6.25 8.28 2.64
N ASP A 51 -7.17 9.22 2.50
CA ASP A 51 -6.94 10.58 2.97
C ASP A 51 -7.13 10.66 4.49
N LEU A 52 -6.13 10.19 5.21
CA LEU A 52 -6.14 10.22 6.67
C LEU A 52 -5.05 11.13 7.18
N CYS A 53 -5.18 11.57 8.42
CA CYS A 53 -4.20 12.45 9.03
C CYS A 53 -3.56 11.81 10.26
N ILE A 54 -2.37 12.25 10.58
CA ILE A 54 -1.65 11.73 11.73
C ILE A 54 -2.02 12.51 12.98
N VAL A 55 -2.44 11.78 14.01
CA VAL A 55 -2.81 12.40 15.27
C VAL A 55 -1.60 12.42 16.20
N TYR A 56 -1.18 13.61 16.59
CA TYR A 56 -0.02 13.75 17.45
C TYR A 56 -0.42 13.81 18.92
N ARG A 57 -0.05 12.76 19.65
CA ARG A 57 -0.35 12.67 21.08
C ARG A 57 0.70 13.46 21.85
N ASP A 58 0.31 14.64 22.32
CA ASP A 58 1.19 15.53 23.08
C ASP A 58 2.28 16.12 22.19
N GLY A 59 3.23 15.28 21.78
CA GLY A 59 4.32 15.74 20.93
C GLY A 59 5.04 14.60 20.24
N ASN A 60 4.29 13.56 19.89
CA ASN A 60 4.86 12.40 19.22
C ASN A 60 3.94 11.92 18.11
N PRO A 61 4.51 11.41 17.00
CA PRO A 61 3.75 10.91 15.86
C PRO A 61 2.99 9.63 16.18
N TYR A 62 1.67 9.68 16.08
CA TYR A 62 0.84 8.52 16.33
C TYR A 62 -0.19 8.34 15.21
N ALA A 63 -0.53 7.10 14.91
CA ALA A 63 -1.48 6.82 13.85
C ALA A 63 -2.77 6.26 14.43
N VAL A 64 -3.69 5.89 13.57
CA VAL A 64 -4.96 5.32 14.00
C VAL A 64 -5.03 3.87 13.55
N CYS A 65 -5.17 2.96 14.51
CA CYS A 65 -5.24 1.55 14.21
C CYS A 65 -6.58 1.19 13.57
N ASP A 66 -6.67 -0.04 13.09
CA ASP A 66 -7.90 -0.54 12.45
C ASP A 66 -9.05 -0.56 13.45
N LYS A 67 -8.71 -0.53 14.73
CA LYS A 67 -9.69 -0.56 15.79
C LYS A 67 -10.34 0.81 16.00
N CYS A 68 -9.51 1.79 16.29
CA CYS A 68 -9.97 3.15 16.54
C CYS A 68 -10.42 3.86 15.27
N LEU A 69 -9.92 3.40 14.12
CA LEU A 69 -10.26 4.00 12.82
C LEU A 69 -11.77 4.15 12.64
N LYS A 70 -12.50 3.09 12.92
CA LYS A 70 -13.95 3.11 12.76
C LYS A 70 -14.65 3.85 13.89
N PHE A 71 -14.00 3.92 15.05
CA PHE A 71 -14.59 4.58 16.21
C PHE A 71 -14.54 6.11 16.11
N TYR A 72 -13.37 6.66 15.81
CA TYR A 72 -13.20 8.10 15.75
C TYR A 72 -12.70 8.56 14.37
N MET B 3 -9.29 -15.41 -19.05
CA MET B 3 -8.02 -15.01 -19.69
C MET B 3 -8.23 -13.70 -20.45
N PHE B 4 -7.14 -13.08 -20.88
CA PHE B 4 -7.23 -11.83 -21.61
C PHE B 4 -7.41 -12.06 -23.10
N GLN B 5 -8.29 -11.27 -23.70
CA GLN B 5 -8.59 -11.36 -25.12
C GLN B 5 -7.42 -10.89 -25.99
N ASP B 6 -7.52 -11.19 -27.28
CA ASP B 6 -6.51 -10.82 -28.26
C ASP B 6 -6.83 -9.43 -28.82
N PRO B 7 -5.90 -8.82 -29.57
CA PRO B 7 -4.58 -9.37 -29.87
C PRO B 7 -3.53 -9.01 -28.82
N GLN B 8 -2.96 -7.80 -28.94
CA GLN B 8 -1.96 -7.35 -28.00
C GLN B 8 -2.50 -6.20 -27.15
N GLU B 9 -3.82 -6.15 -27.03
CA GLU B 9 -4.49 -5.13 -26.23
C GLU B 9 -4.40 -5.47 -24.75
N ARG B 10 -3.18 -5.70 -24.28
CA ARG B 10 -2.94 -6.06 -22.89
C ARG B 10 -2.02 -5.05 -22.22
N PRO B 11 -2.59 -4.10 -21.47
CA PRO B 11 -1.84 -3.04 -20.78
C PRO B 11 -0.87 -3.58 -19.74
N ARG B 12 0.19 -2.82 -19.47
CA ARG B 12 1.21 -3.21 -18.51
C ARG B 12 1.04 -2.46 -17.19
N LYS B 13 0.02 -1.61 -17.13
CA LYS B 13 -0.26 -0.84 -15.92
C LYS B 13 -1.48 -1.39 -15.19
N LEU B 14 -1.32 -1.64 -13.91
CA LEU B 14 -2.39 -2.18 -13.07
C LEU B 14 -3.67 -1.34 -13.15
N PRO B 15 -3.62 -0.01 -12.91
CA PRO B 15 -4.81 0.84 -12.97
C PRO B 15 -5.54 0.74 -14.30
N GLN B 16 -4.78 0.73 -15.39
CA GLN B 16 -5.35 0.63 -16.73
C GLN B 16 -5.92 -0.77 -16.98
N LEU B 17 -5.24 -1.78 -16.44
CA LEU B 17 -5.67 -3.16 -16.59
C LEU B 17 -7.04 -3.37 -15.96
N CYS B 18 -7.23 -2.77 -14.79
CA CYS B 18 -8.49 -2.88 -14.07
C CYS B 18 -9.63 -2.26 -14.90
N THR B 19 -9.31 -1.20 -15.63
CA THR B 19 -10.29 -0.52 -16.46
C THR B 19 -10.73 -1.40 -17.63
N GLU B 20 -9.78 -2.17 -18.17
CA GLU B 20 -10.07 -3.06 -19.28
C GLU B 20 -10.94 -4.23 -18.83
N LEU B 21 -10.74 -4.64 -17.58
CA LEU B 21 -11.51 -5.73 -17.02
C LEU B 21 -12.85 -5.24 -16.46
N GLN B 22 -13.07 -3.92 -16.59
CA GLN B 22 -14.30 -3.28 -16.12
C GLN B 22 -14.49 -3.48 -14.63
N THR B 23 -13.41 -3.41 -13.87
CA THR B 23 -13.47 -3.59 -12.43
C THR B 23 -12.49 -2.64 -11.74
N THR B 24 -12.34 -2.79 -10.44
CA THR B 24 -11.44 -1.94 -9.67
C THR B 24 -10.23 -2.73 -9.19
N ILE B 25 -9.24 -2.01 -8.67
CA ILE B 25 -8.02 -2.62 -8.16
C ILE B 25 -8.32 -3.47 -6.93
N HIS B 26 -9.50 -3.27 -6.35
CA HIS B 26 -9.92 -4.00 -5.16
C HIS B 26 -10.63 -5.30 -5.52
N ASP B 27 -10.84 -5.53 -6.81
CA ASP B 27 -11.55 -6.74 -7.26
C ASP B 27 -10.74 -7.53 -8.29
N ILE B 28 -9.95 -6.81 -9.08
CA ILE B 28 -9.13 -7.42 -10.13
C ILE B 28 -8.34 -8.66 -9.64
N ILE B 29 -8.44 -9.74 -10.39
CA ILE B 29 -7.74 -10.97 -10.07
C ILE B 29 -6.33 -10.92 -10.62
N LEU B 30 -5.33 -11.12 -9.78
CA LEU B 30 -3.95 -11.08 -10.21
C LEU B 30 -3.15 -12.22 -9.60
N GLU B 31 -2.34 -12.86 -10.42
CA GLU B 31 -1.52 -13.98 -9.98
C GLU B 31 -0.04 -13.60 -10.04
N CYS B 32 0.79 -14.35 -9.34
CA CYS B 32 2.23 -14.09 -9.33
C CYS B 32 2.86 -14.62 -10.61
N VAL B 33 3.85 -13.90 -11.12
CA VAL B 33 4.54 -14.29 -12.34
C VAL B 33 5.59 -15.37 -12.06
N TYR B 34 6.04 -15.45 -10.81
CA TYR B 34 7.05 -16.43 -10.44
C TYR B 34 6.44 -17.57 -9.63
N CYS B 35 5.63 -17.23 -8.64
CA CYS B 35 4.99 -18.22 -7.80
C CYS B 35 3.73 -18.77 -8.47
N LYS B 36 3.16 -17.98 -9.37
CA LYS B 36 1.96 -18.34 -10.12
C LYS B 36 0.76 -18.56 -9.20
N GLN B 37 0.80 -17.95 -8.02
CA GLN B 37 -0.28 -18.07 -7.06
C GLN B 37 -1.10 -16.78 -7.03
N GLN B 38 -2.24 -16.82 -6.37
CA GLN B 38 -3.11 -15.65 -6.27
C GLN B 38 -2.47 -14.59 -5.37
N LEU B 39 -2.46 -13.36 -5.85
CA LEU B 39 -1.88 -12.26 -5.09
C LEU B 39 -2.87 -11.75 -4.04
N LEU B 40 -2.37 -11.50 -2.84
CA LEU B 40 -3.22 -11.00 -1.77
C LEU B 40 -3.68 -9.59 -2.11
N ARG B 41 -4.92 -9.26 -1.73
CA ARG B 41 -5.49 -7.95 -2.02
C ARG B 41 -4.62 -6.84 -1.46
N ARG B 42 -4.03 -7.09 -0.30
CA ARG B 42 -3.16 -6.10 0.34
C ARG B 42 -1.92 -5.83 -0.51
N GLU B 43 -1.39 -6.89 -1.13
CA GLU B 43 -0.21 -6.77 -1.98
C GLU B 43 -0.57 -5.99 -3.24
N VAL B 44 -1.80 -6.16 -3.71
CA VAL B 44 -2.27 -5.45 -4.89
C VAL B 44 -2.26 -3.95 -4.63
N TYR B 45 -2.55 -3.57 -3.38
CA TYR B 45 -2.54 -2.17 -2.98
C TYR B 45 -1.15 -1.59 -3.14
N ASP B 46 -0.14 -2.36 -2.74
CA ASP B 46 1.26 -1.93 -2.84
C ASP B 46 1.66 -1.79 -4.30
N PHE B 47 1.19 -2.73 -5.12
CA PHE B 47 1.47 -2.71 -6.55
C PHE B 47 0.89 -1.46 -7.21
N ALA B 48 -0.24 -1.00 -6.67
CA ALA B 48 -0.89 0.20 -7.17
C ALA B 48 -0.30 1.46 -6.53
N PHE B 49 0.43 1.27 -5.44
CA PHE B 49 1.04 2.38 -4.74
C PHE B 49 2.39 2.72 -5.38
N ARG B 50 3.25 1.73 -5.47
CA ARG B 50 4.57 1.92 -6.08
C ARG B 50 4.45 1.75 -7.59
N ASP B 51 4.99 2.71 -8.34
CA ASP B 51 4.93 2.66 -9.80
C ASP B 51 5.76 1.52 -10.36
N LEU B 52 5.11 0.39 -10.59
CA LEU B 52 5.76 -0.79 -11.12
C LEU B 52 5.16 -1.15 -12.48
N CYS B 53 5.57 -2.29 -13.02
CA CYS B 53 5.07 -2.76 -14.30
C CYS B 53 4.56 -4.18 -14.18
N ILE B 54 3.49 -4.48 -14.91
CA ILE B 54 2.91 -5.81 -14.91
C ILE B 54 3.68 -6.74 -15.84
N VAL B 55 4.08 -7.89 -15.31
CA VAL B 55 4.82 -8.87 -16.09
C VAL B 55 3.84 -9.88 -16.68
N TYR B 56 3.83 -9.99 -18.00
CA TYR B 56 2.92 -10.90 -18.66
C TYR B 56 3.58 -12.25 -18.91
N ARG B 57 2.92 -13.30 -18.45
CA ARG B 57 3.41 -14.66 -18.62
C ARG B 57 2.61 -15.35 -19.70
N ASP B 58 3.22 -15.50 -20.88
CA ASP B 58 2.59 -16.15 -22.03
C ASP B 58 1.53 -15.26 -22.69
N GLY B 59 0.71 -14.64 -21.86
CA GLY B 59 -0.33 -13.76 -22.35
C GLY B 59 -1.29 -13.35 -21.25
N ASN B 60 -1.18 -14.01 -20.10
CA ASN B 60 -2.03 -13.71 -18.96
C ASN B 60 -1.38 -12.66 -18.07
N PRO B 61 -2.15 -11.64 -17.65
CA PRO B 61 -1.65 -10.56 -16.80
C PRO B 61 -1.27 -11.04 -15.40
N TYR B 62 0.02 -11.17 -15.14
CA TYR B 62 0.51 -11.61 -13.85
C TYR B 62 1.26 -10.48 -13.17
N ALA B 63 1.44 -10.57 -11.87
CA ALA B 63 2.13 -9.55 -11.11
C ALA B 63 3.23 -10.15 -10.27
N VAL B 64 3.70 -9.39 -9.30
CA VAL B 64 4.77 -9.83 -8.42
C VAL B 64 4.30 -9.79 -6.97
N CYS B 65 4.39 -10.92 -6.28
CA CYS B 65 3.98 -10.98 -4.88
C CYS B 65 5.06 -10.42 -3.99
N ASP B 66 4.75 -10.28 -2.70
CA ASP B 66 5.69 -9.75 -1.71
C ASP B 66 7.04 -10.45 -1.76
N LYS B 67 7.03 -11.76 -2.01
CA LYS B 67 8.26 -12.54 -2.04
C LYS B 67 9.22 -12.06 -3.12
N CYS B 68 8.79 -12.10 -4.37
CA CYS B 68 9.63 -11.68 -5.48
C CYS B 68 9.77 -10.16 -5.56
N LEU B 69 8.80 -9.44 -4.98
CA LEU B 69 8.81 -7.97 -5.00
C LEU B 69 10.10 -7.41 -4.43
N LYS B 70 10.51 -7.91 -3.27
CA LYS B 70 11.72 -7.42 -2.62
C LYS B 70 12.98 -8.02 -3.23
N PHE B 71 12.89 -9.22 -3.76
CA PHE B 71 14.03 -9.89 -4.37
C PHE B 71 14.35 -9.33 -5.77
N TYR B 72 13.31 -9.19 -6.58
CA TYR B 72 13.47 -8.70 -7.94
C TYR B 72 12.98 -7.27 -8.06
ZN ZN C . -6.26 2.29 18.39
ZN ZN D . 5.87 -14.20 -6.37
N MET A 3 11.12 8.88 21.53
CA MET A 3 11.36 10.34 21.68
C MET A 3 11.61 10.96 20.31
N PHE A 4 11.12 12.18 20.12
CA PHE A 4 11.29 12.88 18.86
C PHE A 4 11.14 14.38 19.07
N GLN A 5 12.25 15.09 18.95
CA GLN A 5 12.28 16.52 19.13
C GLN A 5 13.30 17.15 18.17
N ASP A 6 13.75 18.36 18.49
CA ASP A 6 14.73 19.10 17.68
C ASP A 6 15.86 18.18 17.19
N PRO A 7 16.30 18.37 15.92
CA PRO A 7 15.78 19.38 15.00
C PRO A 7 14.48 18.96 14.31
N GLN A 8 14.07 17.71 14.53
CA GLN A 8 12.86 17.18 13.93
C GLN A 8 11.64 17.96 14.42
N GLU A 9 10.70 18.22 13.54
CA GLU A 9 9.51 18.99 13.89
C GLU A 9 8.28 18.09 14.01
N ARG A 10 8.37 16.88 13.47
CA ARG A 10 7.27 15.91 13.51
C ARG A 10 6.09 16.40 12.66
N PRO A 11 6.13 16.12 11.35
CA PRO A 11 5.06 16.53 10.43
C PRO A 11 3.76 15.76 10.65
N ARG A 12 2.70 16.18 9.99
CA ARG A 12 1.40 15.53 10.13
C ARG A 12 1.11 14.58 8.97
N LYS A 13 2.12 14.35 8.14
CA LYS A 13 2.01 13.47 7.00
C LYS A 13 3.01 12.33 7.12
N LEU A 14 2.53 11.10 6.93
CA LEU A 14 3.36 9.91 7.04
C LEU A 14 4.63 9.95 6.16
N PRO A 15 4.51 10.27 4.85
CA PRO A 15 5.68 10.32 3.96
C PRO A 15 6.80 11.23 4.45
N GLN A 16 6.43 12.34 5.09
CA GLN A 16 7.43 13.28 5.59
C GLN A 16 7.97 12.84 6.95
N LEU A 17 7.14 12.14 7.72
CA LEU A 17 7.56 11.67 9.04
C LEU A 17 8.67 10.64 8.89
N CYS A 18 8.55 9.80 7.88
CA CYS A 18 9.54 8.77 7.61
C CYS A 18 10.90 9.41 7.30
N THR A 19 10.87 10.54 6.60
CA THR A 19 12.10 11.25 6.25
C THR A 19 12.78 11.79 7.50
N GLU A 20 11.98 12.28 8.44
CA GLU A 20 12.52 12.81 9.70
C GLU A 20 13.11 11.68 10.54
N LEU A 21 12.50 10.50 10.43
CA LEU A 21 12.95 9.33 11.15
C LEU A 21 14.14 8.67 10.43
N GLN A 22 14.57 9.28 9.34
CA GLN A 22 15.70 8.79 8.55
C GLN A 22 15.46 7.35 8.10
N THR A 23 14.23 7.08 7.68
CA THR A 23 13.87 5.74 7.23
C THR A 23 12.77 5.81 6.18
N THR A 24 12.26 4.65 5.79
CA THR A 24 11.22 4.57 4.78
C THR A 24 9.89 4.09 5.39
N ILE A 25 8.83 4.11 4.58
CA ILE A 25 7.51 3.67 5.03
C ILE A 25 7.52 2.18 5.35
N HIS A 26 8.39 1.45 4.67
CA HIS A 26 8.52 0.01 4.88
C HIS A 26 9.50 -0.25 6.02
N ASP A 27 9.28 0.45 7.14
CA ASP A 27 10.15 0.32 8.30
C ASP A 27 9.52 0.99 9.53
N ILE A 28 8.90 2.14 9.30
CA ILE A 28 8.25 2.89 10.37
C ILE A 28 7.10 2.10 10.98
N ILE A 29 7.11 1.98 12.30
CA ILE A 29 6.06 1.26 13.01
C ILE A 29 5.33 2.22 13.94
N LEU A 30 4.06 2.43 13.66
CA LEU A 30 3.23 3.32 14.46
C LEU A 30 2.05 2.54 15.04
N GLU A 31 1.53 2.99 16.16
CA GLU A 31 0.41 2.32 16.79
C GLU A 31 -0.85 3.19 16.73
N CYS A 32 -2.00 2.56 16.97
CA CYS A 32 -3.28 3.26 16.95
C CYS A 32 -3.41 4.20 18.13
N VAL A 33 -4.05 5.33 17.89
CA VAL A 33 -4.26 6.33 18.92
C VAL A 33 -5.38 5.90 19.88
N TYR A 34 -6.31 5.08 19.41
CA TYR A 34 -7.42 4.63 20.23
C TYR A 34 -7.20 3.22 20.75
N CYS A 35 -6.86 2.30 19.86
CA CYS A 35 -6.65 0.91 20.23
C CYS A 35 -5.26 0.70 20.84
N LYS A 36 -4.35 1.62 20.53
CA LYS A 36 -2.98 1.56 21.03
C LYS A 36 -2.29 0.27 20.58
N GLN A 37 -2.69 -0.21 19.41
CA GLN A 37 -2.12 -1.43 18.83
C GLN A 37 -1.18 -1.07 17.70
N GLN A 38 -0.06 -1.79 17.59
CA GLN A 38 0.90 -1.51 16.53
C GLN A 38 0.34 -1.90 15.17
N LEU A 39 0.37 -0.95 14.24
CA LEU A 39 -0.13 -1.17 12.89
C LEU A 39 0.85 -1.99 12.05
N LEU A 40 0.30 -2.76 11.13
CA LEU A 40 1.10 -3.59 10.25
C LEU A 40 1.33 -2.88 8.91
N ARG A 41 2.25 -3.42 8.11
CA ARG A 41 2.58 -2.86 6.80
C ARG A 41 1.34 -2.68 5.90
N ARG A 42 0.34 -3.53 6.09
CA ARG A 42 -0.88 -3.45 5.29
C ARG A 42 -1.63 -2.14 5.52
N GLU A 43 -1.92 -1.85 6.78
CA GLU A 43 -2.64 -0.64 7.13
C GLU A 43 -1.77 0.60 6.97
N VAL A 44 -0.47 0.44 7.16
CA VAL A 44 0.47 1.55 7.00
C VAL A 44 0.45 2.04 5.56
N TYR A 45 0.35 1.10 4.62
CA TYR A 45 0.30 1.45 3.21
C TYR A 45 -1.04 2.07 2.87
N ASP A 46 -2.10 1.56 3.51
CA ASP A 46 -3.44 2.08 3.31
C ASP A 46 -3.51 3.54 3.72
N PHE A 47 -2.75 3.86 4.76
CA PHE A 47 -2.68 5.22 5.30
C PHE A 47 -2.02 6.17 4.30
N ALA A 48 -0.99 5.68 3.62
CA ALA A 48 -0.25 6.49 2.65
C ALA A 48 -0.92 6.48 1.28
N PHE A 49 -1.74 5.48 1.03
CA PHE A 49 -2.44 5.35 -0.25
C PHE A 49 -3.54 6.40 -0.35
N ARG A 50 -4.03 6.85 0.80
CA ARG A 50 -5.07 7.87 0.86
C ARG A 50 -4.53 9.12 1.54
N ASP A 51 -5.27 10.20 1.48
CA ASP A 51 -4.83 11.43 2.11
C ASP A 51 -5.35 11.51 3.55
N LEU A 52 -4.56 10.99 4.47
CA LEU A 52 -4.90 11.01 5.88
C LEU A 52 -3.89 11.85 6.64
N CYS A 53 -4.15 12.09 7.92
CA CYS A 53 -3.26 12.88 8.74
C CYS A 53 -2.87 12.11 10.00
N ILE A 54 -1.68 12.38 10.51
CA ILE A 54 -1.19 11.71 11.71
C ILE A 54 -1.79 12.34 12.96
N VAL A 55 -2.29 11.51 13.85
CA VAL A 55 -2.86 11.98 15.09
C VAL A 55 -1.84 11.91 16.21
N TYR A 56 -1.47 13.07 16.73
CA TYR A 56 -0.49 13.14 17.80
C TYR A 56 -1.16 13.24 19.17
N ARG A 57 -1.02 12.19 19.97
CA ARG A 57 -1.60 12.18 21.30
C ARG A 57 -0.55 12.69 22.29
N ASP A 58 -0.77 13.90 22.79
CA ASP A 58 0.14 14.56 23.74
C ASP A 58 1.41 15.01 23.05
N GLY A 59 2.24 14.06 22.66
CA GLY A 59 3.48 14.38 21.98
C GLY A 59 4.07 13.18 21.27
N ASN A 60 3.22 12.22 20.96
CA ASN A 60 3.64 11.01 20.28
C ASN A 60 2.80 10.78 19.03
N PRO A 61 3.46 10.46 17.90
CA PRO A 61 2.77 10.21 16.63
C PRO A 61 2.02 8.88 16.61
N TYR A 62 0.71 8.94 16.42
CA TYR A 62 -0.11 7.75 16.36
C TYR A 62 -0.80 7.67 15.01
N ALA A 63 -1.16 6.47 14.60
CA ALA A 63 -1.82 6.27 13.33
C ALA A 63 -3.26 5.81 13.51
N VAL A 64 -3.97 5.71 12.40
CA VAL A 64 -5.36 5.28 12.41
C VAL A 64 -5.43 3.82 11.99
N CYS A 65 -6.00 2.97 12.85
CA CYS A 65 -6.10 1.56 12.56
C CYS A 65 -7.26 1.25 11.62
N ASP A 66 -7.48 -0.04 11.39
CA ASP A 66 -8.53 -0.52 10.51
C ASP A 66 -9.92 -0.22 11.10
N LYS A 67 -10.00 -0.13 12.42
CA LYS A 67 -11.26 0.12 13.10
C LYS A 67 -11.57 1.60 13.12
N CYS A 68 -10.62 2.40 13.56
CA CYS A 68 -10.79 3.84 13.64
C CYS A 68 -10.89 4.47 12.25
N LEU A 69 -10.42 3.74 11.24
CA LEU A 69 -10.46 4.20 9.85
C LEU A 69 -11.87 4.62 9.43
N LYS A 70 -12.86 3.81 9.80
CA LYS A 70 -14.26 4.10 9.45
C LYS A 70 -14.85 5.17 10.37
N PHE A 71 -14.23 5.37 11.51
CA PHE A 71 -14.69 6.35 12.48
C PHE A 71 -14.32 7.76 12.02
N TYR A 72 -13.05 7.95 11.67
CA TYR A 72 -12.58 9.25 11.23
C TYR A 72 -12.07 9.17 9.80
N MET B 3 -8.07 -16.64 -16.76
CA MET B 3 -8.26 -16.43 -18.21
C MET B 3 -8.65 -14.97 -18.47
N PHE B 4 -8.19 -14.43 -19.58
CA PHE B 4 -8.52 -13.04 -19.92
C PHE B 4 -8.47 -12.85 -21.43
N GLN B 5 -9.61 -13.10 -22.08
CA GLN B 5 -9.71 -12.95 -23.52
C GLN B 5 -10.58 -11.74 -23.86
N ASP B 6 -10.95 -11.59 -25.12
CA ASP B 6 -11.78 -10.46 -25.55
C ASP B 6 -13.14 -10.46 -24.85
N PRO B 7 -13.80 -9.29 -24.72
CA PRO B 7 -13.32 -8.01 -25.26
C PRO B 7 -12.18 -7.40 -24.44
N GLN B 8 -11.80 -8.07 -23.37
CA GLN B 8 -10.73 -7.60 -22.51
C GLN B 8 -9.42 -7.60 -23.31
N GLU B 9 -8.72 -6.48 -23.29
CA GLU B 9 -7.47 -6.36 -24.03
C GLU B 9 -6.27 -6.64 -23.12
N ARG B 10 -6.55 -6.77 -21.82
CA ARG B 10 -5.51 -7.06 -20.83
C ARG B 10 -4.56 -5.88 -20.68
N PRO B 11 -4.98 -4.85 -19.92
CA PRO B 11 -4.16 -3.67 -19.69
C PRO B 11 -2.90 -4.00 -18.91
N ARG B 12 -1.80 -3.37 -19.28
CA ARG B 12 -0.52 -3.61 -18.61
C ARG B 12 -0.39 -2.72 -17.36
N LYS B 13 -1.51 -2.14 -16.94
CA LYS B 13 -1.55 -1.29 -15.76
C LYS B 13 -2.67 -1.74 -14.83
N LEU B 14 -2.35 -1.83 -13.53
CA LEU B 14 -3.31 -2.28 -12.52
C LEU B 14 -4.61 -1.46 -12.50
N PRO B 15 -4.55 -0.10 -12.42
CA PRO B 15 -5.75 0.75 -12.39
C PRO B 15 -6.69 0.47 -13.56
N GLN B 16 -6.13 0.14 -14.71
CA GLN B 16 -6.93 -0.12 -15.90
C GLN B 16 -7.43 -1.56 -15.90
N LEU B 17 -6.61 -2.47 -15.38
CA LEU B 17 -6.97 -3.88 -15.33
C LEU B 17 -8.21 -4.09 -14.48
N CYS B 18 -8.31 -3.33 -13.40
CA CYS B 18 -9.44 -3.41 -12.49
C CYS B 18 -10.74 -3.03 -13.22
N THR B 19 -10.62 -2.17 -14.21
CA THR B 19 -11.76 -1.74 -14.99
C THR B 19 -12.28 -2.86 -15.88
N GLU B 20 -11.36 -3.58 -16.51
CA GLU B 20 -11.72 -4.69 -17.39
C GLU B 20 -12.34 -5.83 -16.57
N LEU B 21 -11.78 -6.06 -15.38
CA LEU B 21 -12.29 -7.11 -14.49
C LEU B 21 -13.56 -6.64 -13.79
N GLN B 22 -13.88 -5.35 -13.98
CA GLN B 22 -15.07 -4.73 -13.38
C GLN B 22 -15.06 -4.89 -11.86
N THR B 23 -13.99 -4.40 -11.24
CA THR B 23 -13.86 -4.47 -9.79
C THR B 23 -12.88 -3.38 -9.34
N THR B 24 -12.50 -3.40 -8.07
CA THR B 24 -11.59 -2.41 -7.54
C THR B 24 -10.28 -3.04 -7.09
N ILE B 25 -9.33 -2.20 -6.69
CA ILE B 25 -8.02 -2.67 -6.24
C ILE B 25 -8.09 -3.31 -4.85
N HIS B 26 -9.29 -3.44 -4.32
CA HIS B 26 -9.50 -4.03 -3.01
C HIS B 26 -10.04 -5.44 -3.15
N ASP B 27 -10.70 -5.70 -4.27
CA ASP B 27 -11.28 -7.01 -4.54
C ASP B 27 -10.49 -7.78 -5.59
N ILE B 28 -9.74 -7.05 -6.41
CA ILE B 28 -8.93 -7.68 -7.45
C ILE B 28 -7.84 -8.56 -6.85
N ILE B 29 -7.74 -9.78 -7.35
CA ILE B 29 -6.74 -10.72 -6.87
C ILE B 29 -5.85 -11.17 -8.02
N LEU B 30 -4.56 -10.94 -7.88
CA LEU B 30 -3.59 -11.32 -8.90
C LEU B 30 -2.50 -12.19 -8.26
N GLU B 31 -1.80 -12.95 -9.09
CA GLU B 31 -0.74 -13.80 -8.59
C GLU B 31 0.60 -13.45 -9.26
N CYS B 32 1.69 -13.77 -8.59
CA CYS B 32 3.02 -13.50 -9.11
C CYS B 32 3.32 -14.38 -10.32
N VAL B 33 4.05 -13.82 -11.25
CA VAL B 33 4.42 -14.53 -12.46
C VAL B 33 5.54 -15.54 -12.19
N TYR B 34 6.43 -15.21 -11.26
CA TYR B 34 7.57 -16.07 -10.95
C TYR B 34 7.20 -17.17 -9.94
N CYS B 35 7.01 -16.78 -8.68
CA CYS B 35 6.68 -17.75 -7.64
C CYS B 35 5.22 -18.19 -7.72
N LYS B 36 4.42 -17.43 -8.47
CA LYS B 36 3.00 -17.74 -8.67
C LYS B 36 2.24 -17.69 -7.36
N GLN B 37 2.63 -16.79 -6.48
CA GLN B 37 1.97 -16.63 -5.20
C GLN B 37 0.87 -15.59 -5.32
N GLN B 38 -0.20 -15.77 -4.57
CA GLN B 38 -1.32 -14.84 -4.60
C GLN B 38 -0.97 -13.54 -3.90
N LEU B 39 -1.07 -12.44 -4.63
CA LEU B 39 -0.77 -11.13 -4.07
C LEU B 39 -1.95 -10.61 -3.27
N LEU B 40 -1.70 -10.24 -2.02
CA LEU B 40 -2.74 -9.73 -1.16
C LEU B 40 -2.84 -8.22 -1.31
N ARG B 41 -3.87 -7.63 -0.71
CA ARG B 41 -4.10 -6.19 -0.75
C ARG B 41 -2.82 -5.41 -0.41
N ARG B 42 -2.02 -5.98 0.49
CA ARG B 42 -0.77 -5.36 0.92
C ARG B 42 0.18 -5.15 -0.26
N GLU B 43 0.26 -6.15 -1.14
CA GLU B 43 1.14 -6.10 -2.30
C GLU B 43 0.48 -5.33 -3.43
N VAL B 44 -0.83 -5.47 -3.55
CA VAL B 44 -1.59 -4.78 -4.60
C VAL B 44 -1.40 -3.28 -4.51
N TYR B 45 -1.43 -2.76 -3.28
CA TYR B 45 -1.25 -1.33 -3.04
C TYR B 45 0.18 -0.92 -3.31
N ASP B 46 1.12 -1.78 -2.94
CA ASP B 46 2.54 -1.52 -3.14
C ASP B 46 2.85 -1.47 -4.64
N PHE B 47 2.19 -2.34 -5.39
CA PHE B 47 2.36 -2.43 -6.83
C PHE B 47 1.87 -1.14 -7.50
N ALA B 48 0.77 -0.60 -7.00
CA ALA B 48 0.19 0.63 -7.55
C ALA B 48 0.88 1.88 -7.01
N PHE B 49 1.67 1.70 -5.97
CA PHE B 49 2.39 2.82 -5.35
C PHE B 49 3.48 3.34 -6.27
N ARG B 50 4.03 2.46 -7.09
CA ARG B 50 5.08 2.84 -8.03
C ARG B 50 4.61 2.64 -9.47
N ASP B 51 5.41 3.06 -10.43
CA ASP B 51 5.07 2.89 -11.83
C ASP B 51 5.57 1.53 -12.30
N LEU B 52 4.71 0.53 -12.16
CA LEU B 52 5.06 -0.82 -12.54
C LEU B 52 4.24 -1.27 -13.75
N CYS B 53 4.65 -2.37 -14.34
CA CYS B 53 3.97 -2.92 -15.51
C CYS B 53 3.46 -4.32 -15.18
N ILE B 54 2.26 -4.63 -15.65
CA ILE B 54 1.68 -5.94 -15.40
C ILE B 54 2.18 -6.95 -16.43
N VAL B 55 2.75 -8.04 -15.94
CA VAL B 55 3.27 -9.10 -16.79
C VAL B 55 2.21 -10.17 -17.02
N TYR B 56 2.09 -10.63 -18.25
CA TYR B 56 1.09 -11.64 -18.58
C TYR B 56 1.73 -12.98 -18.91
N ARG B 57 1.52 -13.95 -18.03
CA ARG B 57 2.06 -15.29 -18.22
C ARG B 57 1.00 -16.16 -18.88
N ASP B 58 1.35 -16.72 -20.03
CA ASP B 58 0.45 -17.59 -20.81
C ASP B 58 -0.68 -16.78 -21.42
N GLY B 59 -1.59 -16.32 -20.58
CA GLY B 59 -2.72 -15.54 -21.04
C GLY B 59 -3.58 -15.08 -19.87
N ASN B 60 -2.96 -14.94 -18.71
CA ASN B 60 -3.67 -14.53 -17.51
C ASN B 60 -2.91 -13.39 -16.84
N PRO B 61 -3.62 -12.42 -16.24
CA PRO B 61 -2.99 -11.29 -15.55
C PRO B 61 -2.13 -11.73 -14.36
N TYR B 62 -0.86 -11.39 -14.41
CA TYR B 62 0.07 -11.74 -13.34
C TYR B 62 0.74 -10.47 -12.83
N ALA B 63 1.21 -10.51 -11.60
CA ALA B 63 1.87 -9.37 -11.01
C ALA B 63 3.20 -9.76 -10.43
N VAL B 64 3.87 -8.81 -9.80
CA VAL B 64 5.16 -9.04 -9.17
C VAL B 64 5.02 -8.79 -7.67
N CYS B 65 5.21 -9.84 -6.88
CA CYS B 65 5.09 -9.73 -5.44
C CYS B 65 6.27 -8.96 -4.84
N ASP B 66 6.15 -8.62 -3.56
CA ASP B 66 7.18 -7.89 -2.84
C ASP B 66 8.52 -8.62 -2.86
N LYS B 67 8.45 -9.92 -3.06
CA LYS B 67 9.65 -10.76 -3.10
C LYS B 67 10.35 -10.65 -4.45
N CYS B 68 9.62 -10.91 -5.52
CA CYS B 68 10.17 -10.87 -6.87
C CYS B 68 10.39 -9.43 -7.38
N LEU B 69 9.75 -8.45 -6.74
CA LEU B 69 9.89 -7.04 -7.15
C LEU B 69 11.35 -6.60 -7.23
N LYS B 70 12.19 -7.06 -6.32
CA LYS B 70 13.60 -6.69 -6.32
C LYS B 70 14.38 -7.52 -7.33
N PHE B 71 13.77 -8.57 -7.84
CA PHE B 71 14.43 -9.45 -8.79
C PHE B 71 14.51 -8.81 -10.17
N TYR B 72 13.38 -8.29 -10.66
CA TYR B 72 13.32 -7.67 -11.98
C TYR B 72 12.50 -6.39 -11.93
ZN ZN C . -7.84 2.13 16.27
ZN ZN D . 6.85 -13.52 -6.94
#